data_9BJ3
#
_entry.id   9BJ3
#
_cell.length_a   1.00
_cell.length_b   1.00
_cell.length_c   1.00
_cell.angle_alpha   90.00
_cell.angle_beta   90.00
_cell.angle_gamma   90.00
#
_symmetry.space_group_name_H-M   'P 1'
#
loop_
_entity.id
_entity.type
_entity.pdbx_description
1 polymer 'Spike glycoprotein'
2 polymer 'C1596 Fab Heavy Chain'
3 polymer 'C1596 Light Chain'
4 branched 2-acetamido-2-deoxy-beta-D-glucopyranose-(1-4)-2-acetamido-2-deoxy-beta-D-glucopyranose
5 branched alpha-D-mannopyranose-(1-3)-beta-D-mannopyranose-(1-4)-2-acetamido-2-deoxy-beta-D-glucopyranose-(1-4)-2-acetamido-2-deoxy-beta-D-glucopyranose
6 branched beta-D-mannopyranose-(1-4)-2-acetamido-2-deoxy-beta-D-glucopyranose-(1-4)-2-acetamido-2-deoxy-beta-D-glucopyranose
7 non-polymer 2-acetamido-2-deoxy-beta-D-glucopyranose
#
loop_
_entity_poly.entity_id
_entity_poly.type
_entity_poly.pdbx_seq_one_letter_code
_entity_poly.pdbx_strand_id
1 'polypeptide(L)'
;MFVFLVLLPLVSSQCVNLTTRTQLPPAYTNSFTRGVYYPDKVFRSSVLHSTQDLFLPFFSNVTWFHAIHVSGTNGTKRFD
NPVLPFNDGVYFASTEKSNIIRGWIFGTTLDSKTQSLLIVNNATNVVIKVCEFQFCNDPFLGVYYHKNNKSWMESEFRVY
SSANNCTFEYVSQPFLMDLEGKQGNFKNLREFVFKNIDGYFKIYSKHTPINLVRDLPQGFSALEPLVDLPIGINITRFQT
LLALHRSYLTPGDSSSGWTAGAAAYYVGYLQPRTFLLKYNENGTITDAVDCALDPLSETKCTLKSFTVEKGIYQTSNFRV
QPTESIVRFPNITNLCPFGEVFNATRFASVYAWNRKRISNCVADYSVLYNSASFSTFKCYGVSPTKLNDLCFTNVYADSF
VIRGDEVRQIAPGQTGKIADYNYKLPDDFTGCVIAWNSNNLDSKVGGNYNYLYRLFRKSNLKPFERDISTEIYQAGSTPC
NGVEGFNCYFPLQSYGFQPTNGVGYQPYRVVVLSFELLHAPATVCGPKKSTNLVKNKCVNFNFNGLTGTGVLTESNKKFL
PFQQFGRDIADTTDAVRDPQTLEILDITPCSFGGVSVITPGTNTSNQVAVLYQDVNCTEVPVAIHADQLTPTWRVYSTGS
NVFQTRAGCLIGAEHVNNSYECDIPIGAGICASYQTQTNSPASVASQSIIAYTMSLGAENSVAYSNNSIAIPTNFTISVT
TEILPVSMTKTSVDCTMYICGDSTECSNLLLQYGSFCTQLNRALTGIAVEQDKNTQEVFAQVKQIYKTPPIKDFGGFNFS
QILPDPSKPSKRSPIEDLLFNKVTLADAGFIKQYGDCLGDIAARDLICAQKFNGLTVLPPLLTDEMIAQYTSALLAGTIT
SGWTFGAGPALQIPFPMQMAYRFNGIGVTQNVLYENQKLIANQFNSAIGKIQDSLSSTPSALGKLQDVVNQNAQALNTLV
KQLSSNFGAISSVLNDILSRLDPPEAEVQIDRLITGRLQSLQTYVTQQLIRAAEIRASANLAATKMSECVLGQSKRVDFC
GKGYHLMSFPQSAPHGVVFLHVTYVPAQEKNFTTAPAICHDGKAHFPREGVFVSNGTHWFVTQRNFYEPQIITTDNTFVS
GNCDVVIGIVNNTVYDPLQPELDSFKEELDKYFKNHTSPDVDLGDISGINASVVNIQKEIDRLNEVAKNLNESLIDLQEL
GKYEQYIKWPSGRLVPRGSPGSGYIPEAPRDGQAYVRKDGEWVLLSTFLGHHHHHHGLNDIFEAQKIEWHE
;
A,B,S
2 'polypeptide(L)'
;QVQLVQSGAEVKKPGSSVKVSCKASGGTFINYAVTWVRQAPGQGLEWMGGIIPILGIPNYAQKFQGRVTITADKSTSTAY
MELSSLRSEDTAVYYCARVPQAGAAQGHYYYYYGMDVWGQGTTVTVSSASTKGPSVFPLAPSSKSTSGGTAALGCLVKDY
FPEPVTVSWNSGALTSGVHTFPAVLQSSGLYSLSSVVTVPSSSLGTQTYICNVNHKPSNTKVDKRVEPKSCDKTHHHHHH
;
C,E,H
3 'polypeptide(L)'
;EIVLTQSPGTLSLSPGERATLSCRASQSVTSSYLAWYQQKPGQAPRLLIYGASSRVTGIPDRFSGSGSGTDFTLTISRLE
PEDFAVYYCQQYGSSPLTFGGGTKVEIKRTVAAPSVFIFPPSDEQLKSGTASVVCLLNNFYPREAKVQWKVDNALQSGNS
QESVTEQDSKDSTYSLSSTLTLSKADYEKHKVYACEVTHQGLSSPVTKSFNRGEC
;
D,F,L
#
loop_
_chem_comp.id
_chem_comp.type
_chem_comp.name
_chem_comp.formula
BMA D-saccharide, beta linking beta-D-mannopyranose 'C6 H12 O6'
MAN D-saccharide, alpha linking alpha-D-mannopyranose 'C6 H12 O6'
NAG D-saccharide, beta linking 2-acetamido-2-deoxy-beta-D-glucopyranose 'C8 H15 N O6'
#
# COMPACT_ATOMS: atom_id res chain seq x y z
N GLN A 14 -39.36 7.15 -57.85
CA GLN A 14 -40.15 6.10 -58.50
C GLN A 14 -40.82 5.21 -57.46
N CYS A 15 -41.12 5.79 -56.30
CA CYS A 15 -41.73 5.04 -55.21
C CYS A 15 -43.22 4.80 -55.48
N VAL A 16 -43.76 3.81 -54.78
CA VAL A 16 -45.18 3.46 -54.89
C VAL A 16 -45.72 3.22 -53.49
N ASN A 17 -46.89 3.79 -53.20
CA ASN A 17 -47.53 3.56 -51.91
C ASN A 17 -48.14 2.15 -51.86
N LEU A 18 -47.96 1.50 -50.73
CA LEU A 18 -48.41 0.12 -50.55
C LEU A 18 -49.35 -0.06 -49.38
N THR A 19 -49.02 0.48 -48.22
CA THR A 19 -49.79 0.22 -47.01
C THR A 19 -51.17 0.85 -47.10
N THR A 20 -52.16 0.17 -46.50
CA THR A 20 -53.53 0.65 -46.47
C THR A 20 -54.26 -0.04 -45.31
N ARG A 21 -55.08 0.73 -44.60
CA ARG A 21 -55.95 0.22 -43.54
C ARG A 21 -55.19 -0.64 -42.52
N THR A 22 -54.20 0.00 -41.89
CA THR A 22 -53.45 -0.67 -40.83
C THR A 22 -54.41 -1.11 -39.71
N GLN A 23 -54.23 -2.34 -39.25
CA GLN A 23 -55.17 -2.96 -38.33
C GLN A 23 -54.40 -3.88 -37.39
N LEU A 24 -55.11 -4.86 -36.80
CA LEU A 24 -54.81 -5.61 -35.58
C LEU A 24 -53.32 -5.86 -35.36
N PRO A 25 -52.83 -5.59 -34.15
CA PRO A 25 -51.38 -5.70 -33.88
C PRO A 25 -50.93 -7.15 -33.91
N PRO A 26 -49.60 -7.39 -33.94
CA PRO A 26 -49.10 -8.77 -34.02
C PRO A 26 -49.34 -9.58 -32.76
N ALA A 27 -48.83 -10.82 -32.75
CA ALA A 27 -48.97 -11.74 -31.63
C ALA A 27 -47.62 -11.96 -30.96
N TYR A 28 -47.60 -12.75 -29.89
CA TYR A 28 -46.41 -12.94 -29.08
C TYR A 28 -46.20 -14.43 -28.85
N THR A 29 -44.92 -14.82 -28.75
CA THR A 29 -44.60 -16.23 -28.62
C THR A 29 -43.50 -16.42 -27.59
N ASN A 30 -43.48 -17.58 -26.95
CA ASN A 30 -42.40 -17.92 -26.02
C ASN A 30 -41.10 -18.13 -26.80
N SER A 31 -39.98 -17.94 -26.08
CA SER A 31 -38.67 -18.04 -26.70
C SER A 31 -37.86 -19.24 -26.22
N PHE A 32 -38.19 -19.84 -25.09
CA PHE A 32 -37.49 -21.00 -24.52
C PHE A 32 -36.04 -20.59 -24.31
N THR A 33 -35.06 -21.39 -24.72
CA THR A 33 -33.64 -21.07 -24.58
C THR A 33 -33.06 -20.91 -25.99
N ARG A 34 -33.17 -19.69 -26.52
CA ARG A 34 -32.70 -19.39 -27.87
C ARG A 34 -31.94 -18.07 -27.85
N GLY A 35 -30.97 -17.96 -28.76
CA GLY A 35 -30.23 -16.72 -28.91
C GLY A 35 -28.92 -16.67 -28.14
N VAL A 36 -28.12 -17.72 -28.24
CA VAL A 36 -26.81 -17.80 -27.61
C VAL A 36 -25.75 -17.81 -28.70
N TYR A 37 -24.72 -16.99 -28.54
CA TYR A 37 -23.65 -16.86 -29.52
C TYR A 37 -22.30 -16.96 -28.84
N TYR A 38 -21.27 -17.23 -29.64
CA TYR A 38 -19.91 -17.32 -29.13
C TYR A 38 -19.40 -15.91 -28.82
N PRO A 39 -19.00 -15.62 -27.58
CA PRO A 39 -18.61 -14.25 -27.24
C PRO A 39 -17.27 -13.83 -27.82
N ASP A 40 -16.36 -14.76 -28.04
CA ASP A 40 -15.01 -14.41 -28.49
C ASP A 40 -14.48 -15.51 -29.39
N LYS A 41 -13.17 -15.51 -29.63
CA LYS A 41 -12.55 -16.46 -30.53
C LYS A 41 -11.49 -17.29 -29.79
N VAL A 42 -11.82 -17.76 -28.60
CA VAL A 42 -10.90 -18.53 -27.77
C VAL A 42 -11.42 -19.96 -27.66
N PHE A 43 -10.51 -20.92 -27.81
CA PHE A 43 -10.86 -22.33 -27.75
C PHE A 43 -10.74 -22.84 -26.32
N ARG A 44 -11.82 -23.47 -25.83
CA ARG A 44 -11.85 -24.05 -24.49
C ARG A 44 -12.43 -25.45 -24.58
N SER A 45 -11.99 -26.31 -23.66
CA SER A 45 -12.43 -27.70 -23.64
C SER A 45 -12.67 -28.15 -22.21
N SER A 46 -13.84 -28.76 -21.97
CA SER A 46 -14.20 -29.33 -20.68
C SER A 46 -14.05 -28.32 -19.55
N VAL A 47 -14.86 -27.26 -19.62
CA VAL A 47 -14.77 -26.16 -18.67
C VAL A 47 -16.11 -25.44 -18.60
N LEU A 48 -16.30 -24.66 -17.53
CA LEU A 48 -17.46 -23.79 -17.37
C LEU A 48 -16.96 -22.36 -17.28
N HIS A 49 -17.52 -21.48 -18.12
CA HIS A 49 -17.09 -20.10 -18.21
C HIS A 49 -18.25 -19.17 -17.87
N SER A 50 -17.99 -18.21 -16.98
CA SER A 50 -18.98 -17.22 -16.60
C SER A 50 -18.67 -15.92 -17.31
N THR A 51 -19.65 -15.38 -18.04
CA THR A 51 -19.43 -14.20 -18.85
C THR A 51 -20.62 -13.26 -18.76
N GLN A 52 -20.32 -11.96 -18.74
CA GLN A 52 -21.33 -10.91 -18.76
C GLN A 52 -21.32 -10.25 -20.13
N ASP A 53 -22.50 -10.17 -20.75
CA ASP A 53 -22.61 -9.62 -22.09
C ASP A 53 -24.04 -9.16 -22.32
N LEU A 54 -24.39 -8.92 -23.58
CA LEU A 54 -25.75 -8.59 -23.97
C LEU A 54 -26.41 -9.84 -24.53
N PHE A 55 -27.37 -10.39 -23.79
CA PHE A 55 -28.01 -11.65 -24.15
C PHE A 55 -29.52 -11.47 -24.17
N LEU A 56 -30.20 -12.44 -24.80
CA LEU A 56 -31.65 -12.49 -24.81
C LEU A 56 -32.12 -13.35 -23.64
N PRO A 57 -32.93 -12.83 -22.72
CA PRO A 57 -33.28 -13.59 -21.52
C PRO A 57 -34.09 -14.83 -21.84
N PHE A 58 -33.93 -15.84 -20.98
CA PHE A 58 -34.66 -17.10 -21.14
C PHE A 58 -36.14 -16.91 -20.82
N PHE A 59 -36.99 -17.60 -21.56
CA PHE A 59 -38.43 -17.65 -21.31
C PHE A 59 -39.05 -16.25 -21.30
N SER A 60 -39.05 -15.62 -22.47
CA SER A 60 -39.68 -14.32 -22.65
C SER A 60 -40.69 -14.39 -23.80
N ASN A 61 -41.27 -13.24 -24.12
CA ASN A 61 -42.12 -13.07 -25.30
C ASN A 61 -41.36 -12.37 -26.40
N VAL A 62 -41.36 -12.98 -27.59
CA VAL A 62 -40.83 -12.39 -28.81
C VAL A 62 -42.02 -12.05 -29.70
N THR A 63 -41.89 -10.99 -30.48
CA THR A 63 -43.02 -10.53 -31.29
C THR A 63 -43.02 -11.21 -32.64
N TRP A 64 -44.21 -11.60 -33.11
CA TRP A 64 -44.39 -12.38 -34.32
C TRP A 64 -45.16 -11.53 -35.33
N PHE A 65 -44.47 -11.03 -36.35
CA PHE A 65 -45.06 -10.17 -37.36
C PHE A 65 -45.46 -10.96 -38.60
N HIS A 66 -46.67 -10.67 -39.09
CA HIS A 66 -47.17 -11.15 -40.38
C HIS A 66 -46.99 -9.99 -41.35
N ALA A 67 -45.88 -9.98 -42.09
CA ALA A 67 -45.60 -8.88 -43.00
C ALA A 67 -46.66 -8.77 -44.09
N ILE A 68 -47.06 -9.91 -44.67
CA ILE A 68 -48.06 -9.95 -45.72
C ILE A 68 -49.08 -11.03 -45.37
N HIS A 69 -50.36 -10.68 -45.40
CA HIS A 69 -51.43 -11.60 -45.06
C HIS A 69 -52.40 -11.68 -46.23
N VAL A 70 -52.71 -12.89 -46.67
CA VAL A 70 -53.66 -13.15 -47.75
C VAL A 70 -54.88 -13.83 -47.13
N SER A 71 -55.98 -13.09 -47.03
CA SER A 71 -57.20 -13.59 -46.41
C SER A 71 -58.17 -14.17 -47.44
N GLY A 72 -58.59 -13.36 -48.40
CA GLY A 72 -59.56 -13.78 -49.39
C GLY A 72 -58.99 -14.77 -50.41
N THR A 76 -57.31 -11.06 -51.63
CA THR A 76 -57.00 -9.81 -50.95
C THR A 76 -55.60 -9.83 -50.37
N LYS A 77 -55.06 -8.65 -50.05
CA LYS A 77 -53.70 -8.54 -49.53
C LYS A 77 -53.67 -7.52 -48.41
N ARG A 78 -52.67 -7.65 -47.54
CA ARG A 78 -52.48 -6.74 -46.42
C ARG A 78 -50.98 -6.55 -46.23
N PHE A 79 -50.47 -5.39 -46.62
CA PHE A 79 -49.05 -5.07 -46.55
C PHE A 79 -48.81 -4.08 -45.42
N ASP A 80 -47.97 -4.47 -44.45
CA ASP A 80 -47.60 -3.56 -43.37
C ASP A 80 -46.32 -4.08 -42.74
N ASN A 81 -45.22 -3.34 -42.91
CA ASN A 81 -43.97 -3.61 -42.21
C ASN A 81 -43.53 -2.32 -41.53
N PRO A 82 -43.39 -2.30 -40.22
CA PRO A 82 -43.14 -1.04 -39.51
C PRO A 82 -41.65 -0.74 -39.33
N VAL A 83 -41.39 0.44 -38.80
CA VAL A 83 -40.03 0.88 -38.46
C VAL A 83 -39.88 0.77 -36.94
N LEU A 84 -38.92 -0.03 -36.49
CA LEU A 84 -38.75 -0.36 -35.10
C LEU A 84 -37.45 0.22 -34.54
N PRO A 85 -37.37 0.43 -33.23
CA PRO A 85 -36.14 0.97 -32.64
C PRO A 85 -35.03 -0.08 -32.61
N PHE A 86 -33.85 0.38 -32.19
CA PHE A 86 -32.64 -0.44 -32.12
C PHE A 86 -31.93 -0.09 -30.81
N ASN A 87 -32.25 -0.82 -29.75
CA ASN A 87 -31.80 -0.43 -28.41
C ASN A 87 -30.37 -0.90 -28.13
N ASP A 88 -30.15 -2.22 -28.11
CA ASP A 88 -28.83 -2.74 -27.81
C ASP A 88 -28.47 -3.88 -28.76
N GLY A 89 -29.11 -3.95 -29.90
CA GLY A 89 -29.04 -5.11 -30.79
C GLY A 89 -30.39 -5.81 -30.86
N VAL A 90 -30.50 -6.69 -31.85
CA VAL A 90 -31.74 -7.39 -32.11
C VAL A 90 -31.46 -8.84 -32.47
N TYR A 91 -32.39 -9.70 -32.07
CA TYR A 91 -32.43 -11.12 -32.45
C TYR A 91 -33.57 -11.27 -33.44
N PHE A 92 -33.25 -11.76 -34.64
CA PHE A 92 -34.18 -11.86 -35.75
C PHE A 92 -34.30 -13.33 -36.15
N ALA A 93 -35.52 -13.81 -36.30
CA ALA A 93 -35.74 -15.21 -36.62
C ALA A 93 -36.74 -15.32 -37.77
N SER A 94 -36.48 -16.26 -38.67
CA SER A 94 -37.37 -16.48 -39.80
C SER A 94 -37.41 -17.96 -40.15
N THR A 95 -38.50 -18.36 -40.82
CA THR A 95 -38.64 -19.74 -41.28
C THR A 95 -39.30 -19.82 -42.65
N GLU A 96 -39.39 -18.72 -43.39
CA GLU A 96 -40.10 -18.72 -44.66
C GLU A 96 -39.28 -19.42 -45.73
N LYS A 97 -39.97 -20.25 -46.52
CA LYS A 97 -39.32 -21.04 -47.57
C LYS A 97 -39.52 -20.39 -48.93
N SER A 98 -38.81 -19.28 -49.14
CA SER A 98 -38.80 -18.57 -50.41
C SER A 98 -37.78 -17.44 -50.31
N ASN A 99 -37.56 -16.76 -51.43
CA ASN A 99 -36.65 -15.61 -51.50
C ASN A 99 -37.48 -14.32 -51.47
N ILE A 100 -37.93 -13.96 -50.28
CA ILE A 100 -38.70 -12.74 -50.06
C ILE A 100 -37.98 -11.78 -49.12
N ILE A 101 -37.54 -12.28 -47.97
CA ILE A 101 -36.76 -11.45 -47.04
C ILE A 101 -35.34 -11.35 -47.61
N ARG A 102 -34.96 -10.14 -48.04
CA ARG A 102 -33.74 -9.96 -48.82
C ARG A 102 -32.96 -8.73 -48.38
N GLY A 103 -32.78 -8.56 -47.07
CA GLY A 103 -31.86 -7.53 -46.60
C GLY A 103 -32.47 -6.66 -45.53
N TRP A 104 -31.75 -5.60 -45.19
CA TRP A 104 -32.11 -4.73 -44.09
C TRP A 104 -31.58 -3.32 -44.31
N ILE A 105 -32.17 -2.36 -43.58
CA ILE A 105 -31.77 -0.97 -43.57
C ILE A 105 -31.58 -0.54 -42.11
N PHE A 106 -30.50 0.18 -41.84
CA PHE A 106 -30.24 0.74 -40.52
C PHE A 106 -29.89 2.22 -40.65
N GLY A 107 -30.36 3.02 -39.69
CA GLY A 107 -30.03 4.43 -39.70
C GLY A 107 -30.72 5.15 -38.55
N THR A 108 -30.56 6.47 -38.54
CA THR A 108 -31.21 7.30 -37.53
C THR A 108 -32.28 8.21 -38.12
N THR A 109 -31.94 9.02 -39.12
CA THR A 109 -32.91 9.91 -39.75
C THR A 109 -33.56 9.27 -40.96
N LEU A 110 -32.87 8.31 -41.60
CA LEU A 110 -33.37 7.65 -42.81
C LEU A 110 -33.68 8.67 -43.91
N ASP A 111 -32.84 9.70 -44.01
CA ASP A 111 -32.97 10.74 -45.02
C ASP A 111 -31.58 11.06 -45.55
N SER A 112 -31.49 12.13 -46.34
CA SER A 112 -30.24 12.51 -46.99
C SER A 112 -29.36 13.42 -46.14
N LYS A 113 -29.77 13.72 -44.91
CA LYS A 113 -28.96 14.55 -44.03
C LYS A 113 -27.92 13.74 -43.25
N THR A 114 -28.00 12.41 -43.28
CA THR A 114 -27.07 11.56 -42.56
C THR A 114 -26.82 10.30 -43.38
N GLN A 115 -25.91 9.47 -42.91
CA GLN A 115 -25.54 8.22 -43.57
C GLN A 115 -26.39 7.07 -43.03
N SER A 116 -26.53 6.03 -43.85
CA SER A 116 -27.34 4.88 -43.47
C SER A 116 -26.73 3.61 -44.06
N LEU A 117 -26.91 2.50 -43.36
CA LEU A 117 -26.50 1.20 -43.84
C LEU A 117 -27.50 0.68 -44.87
N LEU A 118 -27.06 -0.30 -45.66
CA LEU A 118 -27.95 -1.02 -46.56
C LEU A 118 -27.34 -2.38 -46.84
N ILE A 119 -28.05 -3.45 -46.47
CA ILE A 119 -27.60 -4.81 -46.72
C ILE A 119 -28.60 -5.45 -47.67
N VAL A 120 -28.11 -5.92 -48.82
CA VAL A 120 -28.94 -6.52 -49.86
C VAL A 120 -28.34 -7.87 -50.24
N ASN A 121 -29.20 -8.83 -50.60
CA ASN A 121 -28.78 -10.16 -51.02
C ASN A 121 -29.66 -10.56 -52.21
N ASN A 122 -29.08 -11.27 -53.17
CA ASN A 122 -29.80 -11.63 -54.39
C ASN A 122 -29.50 -13.07 -54.80
N ALA A 123 -29.21 -13.95 -53.84
CA ALA A 123 -28.96 -15.38 -54.04
C ALA A 123 -27.69 -15.66 -54.85
N THR A 124 -26.90 -14.63 -55.16
CA THR A 124 -25.60 -14.83 -55.80
C THR A 124 -24.48 -14.06 -55.10
N ASN A 125 -24.74 -12.87 -54.56
CA ASN A 125 -23.77 -12.14 -53.79
C ASN A 125 -24.50 -11.42 -52.66
N VAL A 126 -23.74 -11.00 -51.65
CA VAL A 126 -24.24 -10.12 -50.61
C VAL A 126 -23.51 -8.79 -50.77
N VAL A 127 -24.28 -7.70 -50.81
CA VAL A 127 -23.76 -6.36 -51.00
C VAL A 127 -24.11 -5.52 -49.78
N ILE A 128 -23.09 -4.94 -49.15
CA ILE A 128 -23.24 -4.09 -47.98
C ILE A 128 -22.68 -2.73 -48.35
N LYS A 129 -23.52 -1.69 -48.22
CA LYS A 129 -23.11 -0.34 -48.54
C LYS A 129 -23.45 0.60 -47.39
N VAL A 130 -22.67 1.66 -47.27
CA VAL A 130 -22.89 2.70 -46.28
C VAL A 130 -22.93 4.02 -47.05
N CYS A 131 -24.12 4.44 -47.46
CA CYS A 131 -24.22 5.71 -48.16
C CYS A 131 -25.29 6.65 -47.63
N GLU A 132 -25.37 7.84 -48.23
CA GLU A 132 -26.32 8.87 -47.85
C GLU A 132 -27.55 8.71 -48.71
N PHE A 133 -28.35 7.70 -48.38
CA PHE A 133 -29.54 7.40 -49.15
C PHE A 133 -30.68 8.33 -48.76
N GLN A 134 -31.67 8.41 -49.66
CA GLN A 134 -32.94 9.06 -49.39
C GLN A 134 -34.02 8.03 -49.71
N PHE A 135 -34.41 7.26 -48.68
CA PHE A 135 -35.28 6.12 -48.90
C PHE A 135 -36.70 6.57 -49.19
N CYS A 136 -37.43 5.74 -49.92
CA CYS A 136 -38.84 5.98 -50.17
C CYS A 136 -39.65 5.74 -48.89
N ASN A 137 -40.93 6.11 -48.93
CA ASN A 137 -41.80 5.89 -47.79
C ASN A 137 -42.11 4.41 -47.58
N ASP A 138 -42.21 3.63 -48.65
CA ASP A 138 -42.45 2.19 -48.59
C ASP A 138 -41.41 1.50 -49.45
N PRO A 139 -40.17 1.39 -48.96
CA PRO A 139 -39.11 0.79 -49.78
C PRO A 139 -39.30 -0.70 -49.95
N PHE A 140 -39.09 -1.17 -51.18
CA PHE A 140 -39.13 -2.59 -51.49
C PHE A 140 -38.32 -2.83 -52.77
N LEU A 141 -37.92 -4.08 -52.96
CA LEU A 141 -37.11 -4.47 -54.11
C LEU A 141 -38.01 -5.03 -55.20
N GLY A 142 -37.93 -4.45 -56.39
CA GLY A 142 -38.79 -4.85 -57.48
C GLY A 142 -38.09 -5.64 -58.57
N VAL A 143 -38.42 -6.91 -58.71
CA VAL A 143 -37.93 -7.74 -59.80
C VAL A 143 -39.01 -7.79 -60.88
N TYR A 144 -38.64 -7.41 -62.10
CA TYR A 144 -39.58 -7.31 -63.21
C TYR A 144 -39.07 -8.14 -64.37
N TYR A 145 -39.90 -9.09 -64.82
CA TYR A 145 -39.52 -9.98 -65.90
C TYR A 145 -39.67 -9.29 -67.25
N HIS A 146 -38.73 -9.58 -68.14
CA HIS A 146 -38.75 -9.00 -69.49
C HIS A 146 -39.30 -9.99 -70.51
N ASN A 149 -39.89 -13.57 -70.45
CA ASN A 149 -39.16 -14.07 -69.29
C ASN A 149 -40.06 -14.12 -68.06
N LYS A 150 -39.65 -14.91 -67.07
CA LYS A 150 -40.37 -15.03 -65.81
C LYS A 150 -39.54 -14.58 -64.62
N SER A 151 -38.31 -15.08 -64.49
CA SER A 151 -37.39 -14.69 -63.42
C SER A 151 -36.03 -14.39 -64.03
N TRP A 152 -35.07 -14.08 -63.15
CA TRP A 152 -33.69 -13.78 -63.55
C TRP A 152 -33.65 -12.60 -64.53
N MET A 153 -34.12 -11.45 -64.06
CA MET A 153 -34.15 -10.25 -64.88
C MET A 153 -33.54 -9.07 -64.14
N GLU A 154 -33.70 -7.87 -64.68
CA GLU A 154 -33.12 -6.67 -64.08
C GLU A 154 -33.88 -6.32 -62.81
N SER A 155 -33.30 -6.68 -61.66
CA SER A 155 -33.89 -6.37 -60.36
C SER A 155 -33.67 -4.90 -60.07
N GLU A 156 -34.71 -4.08 -60.27
CA GLU A 156 -34.59 -2.65 -60.10
C GLU A 156 -34.46 -2.30 -58.62
N PHE A 157 -34.18 -1.03 -58.36
CA PHE A 157 -34.00 -0.53 -56.99
C PHE A 157 -35.04 0.56 -56.73
N ARG A 158 -36.16 0.17 -56.12
CA ARG A 158 -37.15 1.10 -55.63
C ARG A 158 -36.89 1.49 -54.18
N VAL A 159 -35.76 1.06 -53.60
CA VAL A 159 -35.47 1.36 -52.22
C VAL A 159 -35.22 2.85 -52.02
N TYR A 160 -34.42 3.46 -52.90
CA TYR A 160 -34.06 4.86 -52.73
C TYR A 160 -34.20 5.64 -54.03
N SER A 161 -33.77 6.90 -54.02
CA SER A 161 -33.73 7.71 -55.24
C SER A 161 -32.47 8.55 -55.33
N SER A 162 -31.53 8.40 -54.39
CA SER A 162 -30.30 9.19 -54.40
C SER A 162 -29.27 8.49 -53.52
N ALA A 163 -28.02 8.52 -53.98
CA ALA A 163 -26.92 7.93 -53.22
C ALA A 163 -25.66 8.73 -53.55
N ASN A 164 -25.29 9.65 -52.66
CA ASN A 164 -24.14 10.51 -52.85
C ASN A 164 -23.16 10.41 -51.69
N ASN A 165 -21.89 10.70 -51.98
CA ASN A 165 -20.87 10.99 -50.97
C ASN A 165 -20.85 9.88 -49.92
N CYS A 166 -20.41 8.70 -50.35
CA CYS A 166 -20.50 7.51 -49.50
C CYS A 166 -19.23 6.68 -49.59
N THR A 167 -18.83 6.10 -48.47
CA THR A 167 -17.46 5.62 -48.27
C THR A 167 -17.41 4.17 -47.76
N PHE A 168 -18.17 3.26 -48.37
CA PHE A 168 -18.03 1.85 -47.99
C PHE A 168 -18.66 0.97 -49.06
N GLU A 169 -18.17 -0.26 -49.13
CA GLU A 169 -18.67 -1.28 -50.05
C GLU A 169 -18.10 -2.63 -49.64
N TYR A 170 -18.94 -3.65 -49.67
CA TYR A 170 -18.50 -5.00 -49.30
C TYR A 170 -19.33 -6.02 -50.07
N VAL A 171 -18.66 -6.87 -50.84
CA VAL A 171 -19.31 -7.90 -51.65
C VAL A 171 -18.78 -9.26 -51.23
N SER A 172 -19.68 -10.22 -51.04
CA SER A 172 -19.24 -11.55 -50.61
C SER A 172 -20.30 -12.57 -50.99
N GLN A 173 -20.18 -13.78 -50.42
CA GLN A 173 -21.10 -14.89 -50.63
C GLN A 173 -22.40 -14.68 -49.85
N PRO A 174 -23.52 -15.21 -50.36
CA PRO A 174 -24.82 -14.88 -49.77
C PRO A 174 -24.94 -15.30 -48.31
N PHE A 175 -25.71 -14.50 -47.56
CA PHE A 175 -26.00 -14.82 -46.16
C PHE A 175 -27.03 -15.93 -46.05
N LEU A 176 -28.22 -15.71 -46.60
CA LEU A 176 -29.31 -16.69 -46.55
C LEU A 176 -29.11 -17.72 -47.64
N MET A 177 -28.21 -18.66 -47.38
CA MET A 177 -27.91 -19.73 -48.33
C MET A 177 -28.97 -20.82 -48.29
N LYS A 187 -37.91 -26.35 -42.02
CA LYS A 187 -37.79 -25.66 -43.29
C LYS A 187 -36.66 -24.64 -43.25
N ASN A 188 -35.53 -25.04 -42.66
CA ASN A 188 -34.32 -24.21 -42.56
C ASN A 188 -34.63 -22.89 -41.84
N LEU A 189 -35.01 -23.04 -40.57
CA LEU A 189 -35.11 -21.90 -39.68
C LEU A 189 -33.78 -21.16 -39.60
N ARG A 190 -33.84 -19.84 -39.74
CA ARG A 190 -32.66 -18.98 -39.78
C ARG A 190 -32.72 -17.96 -38.65
N GLU A 191 -31.59 -17.81 -37.95
CA GLU A 191 -31.49 -16.88 -36.83
C GLU A 191 -30.30 -15.96 -37.04
N PHE A 192 -30.51 -14.68 -36.72
CA PHE A 192 -29.50 -13.65 -36.83
C PHE A 192 -29.47 -12.82 -35.55
N VAL A 193 -28.28 -12.35 -35.21
CA VAL A 193 -28.07 -11.43 -34.09
C VAL A 193 -27.24 -10.26 -34.58
N PHE A 194 -27.71 -9.04 -34.31
CA PHE A 194 -27.04 -7.83 -34.79
C PHE A 194 -26.50 -7.04 -33.59
N LYS A 195 -25.31 -6.45 -33.76
CA LYS A 195 -24.74 -5.62 -32.72
C LYS A 195 -23.95 -4.47 -33.34
N ASN A 196 -23.84 -3.38 -32.58
CA ASN A 196 -23.11 -2.19 -33.02
C ASN A 196 -22.41 -1.59 -31.80
N ILE A 197 -21.11 -1.81 -31.69
CA ILE A 197 -20.32 -1.37 -30.55
C ILE A 197 -19.03 -0.73 -31.05
N ASP A 198 -18.74 0.49 -30.58
CA ASP A 198 -17.47 1.16 -30.81
C ASP A 198 -17.12 1.26 -32.29
N GLY A 199 -18.10 1.66 -33.10
CA GLY A 199 -17.88 1.78 -34.53
C GLY A 199 -17.56 0.46 -35.18
N TYR A 200 -18.30 -0.59 -34.82
CA TYR A 200 -18.11 -1.91 -35.38
C TYR A 200 -19.45 -2.61 -35.43
N PHE A 201 -19.89 -2.99 -36.62
CA PHE A 201 -21.15 -3.69 -36.82
C PHE A 201 -20.87 -5.19 -36.92
N LYS A 202 -21.37 -5.95 -35.95
CA LYS A 202 -21.11 -7.38 -35.83
C LYS A 202 -22.38 -8.16 -36.10
N ILE A 203 -22.24 -9.24 -36.87
CA ILE A 203 -23.38 -10.07 -37.27
C ILE A 203 -23.09 -11.52 -36.91
N TYR A 204 -24.09 -12.19 -36.33
CA TYR A 204 -24.04 -13.62 -36.06
C TYR A 204 -25.23 -14.31 -36.72
N SER A 205 -25.02 -15.54 -37.17
CA SER A 205 -26.05 -16.24 -37.93
C SER A 205 -25.99 -17.73 -37.66
N LYS A 206 -27.12 -18.40 -37.90
CA LYS A 206 -27.19 -19.85 -37.78
C LYS A 206 -28.44 -20.38 -38.48
N HIS A 207 -28.28 -21.49 -39.20
CA HIS A 207 -29.38 -22.16 -39.89
C HIS A 207 -29.56 -23.56 -39.32
N THR A 208 -30.83 -24.00 -39.23
CA THR A 208 -31.10 -25.35 -38.75
C THR A 208 -32.47 -25.82 -39.23
N PRO A 209 -32.63 -27.09 -39.61
CA PRO A 209 -33.93 -27.56 -40.09
C PRO A 209 -34.84 -28.07 -38.98
N ILE A 210 -36.11 -27.71 -39.06
CA ILE A 210 -37.11 -28.02 -38.06
C ILE A 210 -38.33 -28.63 -38.74
N ASN A 211 -39.31 -29.04 -37.92
CA ASN A 211 -40.54 -29.62 -38.45
C ASN A 211 -41.80 -29.14 -37.74
N LEU A 212 -41.70 -28.10 -36.90
CA LEU A 212 -42.87 -27.60 -36.20
C LEU A 212 -43.79 -26.82 -37.14
N VAL A 213 -45.05 -26.70 -36.74
CA VAL A 213 -46.04 -26.00 -37.57
C VAL A 213 -45.82 -24.49 -37.49
N ARG A 214 -45.99 -23.92 -36.30
CA ARG A 214 -45.71 -22.50 -36.09
C ARG A 214 -45.30 -22.31 -34.63
N ASP A 215 -44.00 -22.32 -34.37
CA ASP A 215 -43.43 -22.16 -33.04
C ASP A 215 -41.92 -22.13 -33.17
N LEU A 216 -41.25 -21.85 -32.05
CA LEU A 216 -39.80 -21.96 -31.96
C LEU A 216 -39.42 -23.28 -31.31
N PRO A 217 -38.45 -24.00 -31.85
CA PRO A 217 -38.13 -25.33 -31.32
C PRO A 217 -37.55 -25.26 -29.91
N GLN A 218 -37.72 -26.37 -29.19
CA GLN A 218 -37.20 -26.50 -27.82
C GLN A 218 -35.92 -27.32 -27.89
N GLY A 219 -34.82 -26.63 -28.18
CA GLY A 219 -33.52 -27.25 -28.27
C GLY A 219 -32.44 -26.30 -27.79
N PHE A 220 -31.26 -26.41 -28.39
CA PHE A 220 -30.15 -25.52 -28.03
C PHE A 220 -29.18 -25.46 -29.19
N SER A 221 -28.97 -24.27 -29.75
CA SER A 221 -27.97 -24.06 -30.78
C SER A 221 -27.23 -22.75 -30.50
N ALA A 222 -25.97 -22.70 -30.90
CA ALA A 222 -25.12 -21.54 -30.69
C ALA A 222 -24.79 -20.88 -32.02
N LEU A 223 -24.85 -19.56 -32.05
CA LEU A 223 -24.63 -18.79 -33.27
C LEU A 223 -23.15 -18.49 -33.44
N GLU A 224 -22.71 -18.45 -34.69
CA GLU A 224 -21.31 -18.26 -35.03
C GLU A 224 -21.11 -16.91 -35.74
N PRO A 225 -19.99 -16.24 -35.49
CA PRO A 225 -19.77 -14.91 -36.06
C PRO A 225 -19.72 -14.93 -37.58
N LEU A 226 -20.19 -13.85 -38.19
CA LEU A 226 -20.17 -13.71 -39.64
C LEU A 226 -19.27 -12.55 -40.10
N VAL A 227 -19.55 -11.32 -39.67
CA VAL A 227 -18.81 -10.14 -40.11
C VAL A 227 -18.70 -9.14 -38.97
N ASP A 228 -17.65 -8.31 -39.06
CA ASP A 228 -17.28 -7.33 -38.05
C ASP A 228 -16.95 -6.00 -38.74
N LEU A 229 -17.86 -5.53 -39.58
CA LEU A 229 -17.57 -4.40 -40.47
C LEU A 229 -17.21 -3.14 -39.68
N PRO A 230 -16.17 -2.39 -40.10
CA PRO A 230 -15.73 -1.19 -39.38
C PRO A 230 -16.36 0.11 -39.87
N ILE A 231 -17.68 0.22 -39.71
CA ILE A 231 -18.39 1.46 -40.04
C ILE A 231 -18.26 2.43 -38.86
N GLY A 232 -18.53 3.71 -39.11
CA GLY A 232 -18.40 4.70 -38.07
C GLY A 232 -19.62 5.58 -37.89
N ILE A 233 -20.82 5.01 -38.06
CA ILE A 233 -22.05 5.80 -38.03
C ILE A 233 -22.82 5.54 -36.75
N ASN A 234 -23.88 6.30 -36.51
CA ASN A 234 -24.77 6.12 -35.37
C ASN A 234 -26.01 5.39 -35.85
N ILE A 235 -26.56 4.50 -35.03
CA ILE A 235 -27.71 3.69 -35.43
C ILE A 235 -28.79 3.78 -34.35
N THR A 236 -30.01 4.12 -34.75
CA THR A 236 -31.14 4.24 -33.83
C THR A 236 -32.37 3.42 -34.24
N ARG A 237 -32.65 3.31 -35.53
CA ARG A 237 -33.79 2.56 -36.04
C ARG A 237 -33.37 1.67 -37.20
N PHE A 238 -34.23 0.70 -37.52
CA PHE A 238 -33.94 -0.28 -38.54
C PHE A 238 -35.24 -0.73 -39.18
N GLN A 239 -35.12 -1.30 -40.39
CA GLN A 239 -36.28 -1.75 -41.13
C GLN A 239 -35.90 -2.92 -42.03
N THR A 240 -36.90 -3.70 -42.43
CA THR A 240 -36.73 -4.94 -43.16
C THR A 240 -37.20 -4.77 -44.60
N LEU A 241 -36.43 -5.32 -45.54
CA LEU A 241 -36.76 -5.27 -46.96
C LEU A 241 -37.45 -6.55 -47.42
N LEU A 242 -38.37 -6.38 -48.38
CA LEU A 242 -39.07 -7.50 -49.01
C LEU A 242 -39.11 -7.25 -50.50
N ALA A 243 -38.79 -8.29 -51.29
CA ALA A 243 -38.86 -8.24 -52.75
C ALA A 243 -40.07 -9.06 -53.19
N LEU A 244 -41.15 -8.39 -53.59
CA LEU A 244 -42.41 -9.10 -53.75
C LEU A 244 -42.52 -9.79 -55.11
N HIS A 245 -42.72 -9.01 -56.17
CA HIS A 245 -42.92 -9.53 -57.52
C HIS A 245 -43.06 -8.40 -58.53
N ARG A 246 -43.38 -8.74 -59.78
CA ARG A 246 -43.96 -7.77 -60.71
C ARG A 246 -44.87 -8.55 -61.67
N SER A 247 -46.18 -8.36 -61.54
CA SER A 247 -47.15 -9.02 -62.40
C SER A 247 -48.47 -8.27 -62.42
N SER A 255 -50.05 1.22 -58.12
CA SER A 255 -50.30 0.98 -56.70
C SER A 255 -50.52 -0.50 -56.44
N SER A 256 -51.31 -1.15 -57.31
CA SER A 256 -51.64 -2.56 -57.16
C SER A 256 -51.12 -3.38 -58.35
N GLY A 257 -49.96 -3.01 -58.87
CA GLY A 257 -49.37 -3.73 -59.99
C GLY A 257 -48.33 -4.73 -59.56
N TRP A 258 -48.33 -5.10 -58.28
CA TRP A 258 -47.35 -6.02 -57.74
C TRP A 258 -48.06 -7.01 -56.81
N THR A 259 -47.45 -8.18 -56.62
CA THR A 259 -48.04 -9.24 -55.81
C THR A 259 -46.96 -9.88 -54.95
N ALA A 260 -47.40 -10.71 -54.02
CA ALA A 260 -46.49 -11.45 -53.14
C ALA A 260 -47.27 -12.58 -52.50
N GLY A 261 -46.54 -13.55 -51.93
CA GLY A 261 -47.17 -14.71 -51.35
C GLY A 261 -47.48 -14.63 -49.87
N ALA A 262 -46.47 -14.39 -49.04
CA ALA A 262 -46.62 -14.34 -47.59
C ALA A 262 -45.28 -13.99 -46.97
N ALA A 263 -45.29 -13.70 -45.67
CA ALA A 263 -44.09 -13.41 -44.90
C ALA A 263 -44.46 -13.32 -43.43
N ALA A 264 -43.49 -13.62 -42.57
CA ALA A 264 -43.65 -13.57 -41.11
C ALA A 264 -42.28 -13.74 -40.47
N TYR A 265 -42.04 -13.03 -39.38
CA TYR A 265 -40.74 -13.10 -38.72
C TYR A 265 -40.89 -12.79 -37.23
N TYR A 266 -39.89 -13.22 -36.46
CA TYR A 266 -39.87 -13.03 -35.02
C TYR A 266 -38.76 -12.07 -34.63
N VAL A 267 -39.10 -11.15 -33.73
CA VAL A 267 -38.19 -10.09 -33.30
C VAL A 267 -38.06 -10.14 -31.78
N GLY A 268 -36.82 -10.01 -31.29
CA GLY A 268 -36.56 -9.90 -29.87
C GLY A 268 -35.40 -8.95 -29.59
N TYR A 269 -35.34 -8.48 -28.35
CA TYR A 269 -34.37 -7.48 -27.93
C TYR A 269 -33.43 -8.04 -26.88
N LEU A 270 -32.20 -7.52 -26.84
CA LEU A 270 -31.16 -7.99 -25.95
C LEU A 270 -31.04 -7.07 -24.74
N GLN A 271 -30.62 -7.65 -23.61
CA GLN A 271 -30.38 -6.93 -22.38
C GLN A 271 -29.06 -7.37 -21.76
N PRO A 272 -28.42 -6.50 -20.97
CA PRO A 272 -27.17 -6.90 -20.31
C PRO A 272 -27.39 -7.92 -19.21
N ARG A 273 -26.90 -9.14 -19.40
CA ARG A 273 -27.06 -10.23 -18.46
C ARG A 273 -25.72 -10.93 -18.23
N THR A 274 -25.74 -11.92 -17.33
CA THR A 274 -24.61 -12.77 -17.02
C THR A 274 -25.01 -14.22 -17.20
N PHE A 275 -24.21 -14.97 -17.94
CA PHE A 275 -24.49 -16.36 -18.27
C PHE A 275 -23.34 -17.25 -17.83
N LEU A 276 -23.65 -18.53 -17.66
CA LEU A 276 -22.64 -19.56 -17.37
C LEU A 276 -22.72 -20.61 -18.46
N LEU A 277 -21.69 -20.69 -19.29
CA LEU A 277 -21.65 -21.58 -20.45
C LEU A 277 -20.77 -22.79 -20.16
N LYS A 278 -21.08 -23.90 -20.84
CA LYS A 278 -20.36 -25.16 -20.66
C LYS A 278 -19.75 -25.58 -21.98
N TYR A 279 -18.45 -25.88 -21.97
CA TYR A 279 -17.74 -26.39 -23.13
C TYR A 279 -17.43 -27.86 -22.92
N ASN A 280 -17.64 -28.67 -23.96
CA ASN A 280 -17.32 -30.09 -23.88
C ASN A 280 -15.85 -30.32 -24.17
N GLU A 281 -15.44 -31.59 -24.20
CA GLU A 281 -14.03 -31.91 -24.45
C GLU A 281 -13.63 -31.51 -25.86
N ASN A 282 -14.57 -31.53 -26.81
CA ASN A 282 -14.35 -31.03 -28.15
C ASN A 282 -14.70 -29.54 -28.15
N GLY A 283 -14.80 -28.91 -29.31
CA GLY A 283 -14.80 -27.47 -29.37
C GLY A 283 -16.13 -26.75 -29.22
N THR A 284 -17.23 -27.45 -28.98
CA THR A 284 -18.56 -26.87 -29.08
C THR A 284 -19.09 -26.44 -27.71
N ILE A 285 -20.10 -25.57 -27.73
CA ILE A 285 -20.84 -25.17 -26.53
C ILE A 285 -22.09 -26.05 -26.44
N THR A 286 -22.34 -26.58 -25.25
CA THR A 286 -23.44 -27.52 -25.06
C THR A 286 -24.57 -27.00 -24.17
N ASP A 287 -24.27 -26.31 -23.07
CA ASP A 287 -25.30 -25.90 -22.13
C ASP A 287 -25.01 -24.49 -21.63
N ALA A 288 -26.06 -23.83 -21.15
CA ALA A 288 -25.94 -22.49 -20.60
C ALA A 288 -26.94 -22.34 -19.47
N VAL A 289 -26.61 -21.47 -18.52
CA VAL A 289 -27.44 -21.19 -17.36
C VAL A 289 -27.53 -19.67 -17.19
N ASP A 290 -28.75 -19.16 -17.03
CA ASP A 290 -28.99 -17.73 -16.83
C ASP A 290 -29.15 -17.47 -15.34
N CYS A 291 -28.29 -16.61 -14.79
CA CYS A 291 -28.27 -16.38 -13.34
C CYS A 291 -29.17 -15.21 -12.94
N ALA A 292 -30.39 -15.19 -13.46
CA ALA A 292 -31.40 -14.26 -12.95
C ALA A 292 -32.80 -14.86 -12.94
N LEU A 293 -32.97 -16.12 -13.34
CA LEU A 293 -34.32 -16.67 -13.50
C LEU A 293 -34.96 -17.01 -12.16
N ASP A 294 -34.19 -17.59 -11.25
CA ASP A 294 -34.72 -18.10 -10.00
C ASP A 294 -33.56 -18.30 -9.03
N PRO A 295 -33.84 -18.48 -7.73
CA PRO A 295 -32.74 -18.66 -6.76
C PRO A 295 -31.84 -19.85 -7.06
N LEU A 296 -32.39 -20.93 -7.61
CA LEU A 296 -31.56 -22.11 -7.89
C LEU A 296 -30.49 -21.80 -8.93
N SER A 297 -30.85 -21.04 -9.97
CA SER A 297 -29.85 -20.63 -10.96
C SER A 297 -28.79 -19.75 -10.34
N GLU A 298 -29.18 -18.85 -9.43
CA GLU A 298 -28.21 -18.03 -8.73
C GLU A 298 -27.25 -18.87 -7.90
N THR A 299 -27.76 -19.89 -7.21
CA THR A 299 -26.88 -20.79 -6.45
C THR A 299 -25.93 -21.54 -7.38
N LYS A 300 -26.45 -22.06 -8.50
CA LYS A 300 -25.59 -22.77 -9.45
C LYS A 300 -24.49 -21.86 -9.99
N CYS A 301 -24.83 -20.60 -10.28
CA CYS A 301 -23.82 -19.69 -10.81
C CYS A 301 -22.82 -19.25 -9.75
N THR A 302 -23.24 -19.10 -8.49
CA THR A 302 -22.31 -18.71 -7.45
C THR A 302 -21.43 -19.87 -7.00
N LEU A 303 -21.83 -21.12 -7.25
CA LEU A 303 -20.97 -22.26 -6.97
C LEU A 303 -20.16 -22.71 -8.19
N LYS A 304 -20.39 -22.11 -9.36
CA LYS A 304 -19.68 -22.46 -10.59
C LYS A 304 -19.80 -23.96 -10.90
N SER A 305 -21.01 -24.49 -10.75
CA SER A 305 -21.27 -25.89 -11.02
C SER A 305 -22.71 -26.06 -11.47
N PHE A 306 -22.97 -27.16 -12.16
CA PHE A 306 -24.31 -27.51 -12.59
C PHE A 306 -25.06 -28.38 -11.60
N THR A 307 -24.39 -28.82 -10.53
CA THR A 307 -25.01 -29.62 -9.48
C THR A 307 -24.72 -28.98 -8.13
N VAL A 308 -25.68 -29.09 -7.21
CA VAL A 308 -25.58 -28.49 -5.88
C VAL A 308 -25.81 -29.58 -4.84
N GLU A 309 -24.98 -29.61 -3.81
CA GLU A 309 -25.18 -30.53 -2.71
C GLU A 309 -26.10 -29.91 -1.66
N LYS A 310 -26.60 -30.76 -0.77
CA LYS A 310 -27.54 -30.31 0.25
C LYS A 310 -26.84 -29.39 1.24
N GLY A 311 -27.50 -28.27 1.57
CA GLY A 311 -26.94 -27.33 2.51
C GLY A 311 -27.67 -25.99 2.41
N ILE A 312 -27.04 -24.97 2.97
CA ILE A 312 -27.53 -23.61 2.92
C ILE A 312 -26.39 -22.72 2.43
N TYR A 313 -26.65 -21.92 1.39
CA TYR A 313 -25.65 -21.10 0.75
C TYR A 313 -26.09 -19.64 0.73
N GLN A 314 -25.12 -18.75 0.86
CA GLN A 314 -25.36 -17.31 0.80
C GLN A 314 -25.07 -16.83 -0.62
N THR A 315 -26.04 -16.15 -1.22
CA THR A 315 -25.97 -15.79 -2.64
C THR A 315 -25.79 -14.29 -2.86
N SER A 316 -26.64 -13.45 -2.28
CA SER A 316 -26.63 -12.04 -2.64
C SER A 316 -27.13 -11.21 -1.46
N ASN A 317 -27.20 -9.90 -1.67
CA ASN A 317 -27.60 -8.94 -0.65
C ASN A 317 -28.94 -8.32 -1.04
N PHE A 318 -29.62 -7.78 -0.05
CA PHE A 318 -30.95 -7.20 -0.22
C PHE A 318 -30.93 -5.76 0.29
N ARG A 319 -31.44 -4.84 -0.53
CA ARG A 319 -31.40 -3.42 -0.25
C ARG A 319 -32.75 -2.79 -0.55
N VAL A 320 -32.97 -1.60 0.00
CA VAL A 320 -34.16 -0.81 -0.25
C VAL A 320 -33.75 0.50 -0.92
N GLN A 321 -34.52 0.93 -1.94
CA GLN A 321 -34.12 2.07 -2.75
C GLN A 321 -34.91 3.33 -2.36
N PRO A 322 -34.31 4.51 -2.54
CA PRO A 322 -35.01 5.75 -2.22
C PRO A 322 -36.22 5.96 -3.11
N THR A 323 -37.23 6.65 -2.56
CA THR A 323 -38.49 6.88 -3.25
C THR A 323 -38.76 8.34 -3.58
N GLU A 324 -37.91 9.26 -3.16
CA GLU A 324 -38.08 10.68 -3.45
C GLU A 324 -36.80 11.42 -3.05
N SER A 325 -36.81 12.74 -3.25
CA SER A 325 -35.70 13.60 -2.90
C SER A 325 -36.22 14.81 -2.14
N ILE A 326 -35.42 15.32 -1.21
CA ILE A 326 -35.81 16.40 -0.33
C ILE A 326 -34.66 17.41 -0.23
N VAL A 327 -35.00 18.70 -0.33
CA VAL A 327 -34.06 19.78 -0.10
C VAL A 327 -34.72 20.78 0.84
N ARG A 328 -34.04 21.12 1.92
CA ARG A 328 -34.55 22.06 2.92
C ARG A 328 -33.51 23.14 3.17
N PHE A 329 -33.93 24.39 3.11
CA PHE A 329 -33.08 25.55 3.31
C PHE A 329 -33.84 26.60 4.11
N PRO A 330 -33.12 27.54 4.75
CA PRO A 330 -33.80 28.62 5.49
C PRO A 330 -34.57 29.57 4.58
N ASN A 331 -35.30 30.49 5.20
CA ASN A 331 -36.23 31.35 4.48
C ASN A 331 -35.47 32.31 3.58
N ILE A 332 -36.15 32.80 2.55
CA ILE A 332 -35.54 33.69 1.57
C ILE A 332 -35.81 35.14 1.98
N THR A 333 -34.77 35.79 2.51
CA THR A 333 -34.84 37.17 2.93
C THR A 333 -33.62 37.90 2.39
N ASN A 334 -33.49 39.18 2.77
CA ASN A 334 -32.38 40.03 2.34
C ASN A 334 -32.27 40.07 0.83
N LEU A 335 -33.41 40.29 0.17
CA LEU A 335 -33.42 40.36 -1.28
C LEU A 335 -32.58 41.53 -1.77
N CYS A 336 -31.83 41.29 -2.84
CA CYS A 336 -30.81 42.24 -3.24
C CYS A 336 -31.41 43.25 -4.22
N PRO A 337 -31.19 44.56 -4.01
CA PRO A 337 -31.96 45.59 -4.75
C PRO A 337 -31.62 45.65 -6.23
N PHE A 338 -32.12 44.67 -6.98
CA PHE A 338 -32.02 44.71 -8.43
C PHE A 338 -33.10 45.56 -9.08
N GLY A 339 -34.15 45.92 -8.33
CA GLY A 339 -35.22 46.73 -8.86
C GLY A 339 -34.95 48.22 -8.88
N GLU A 340 -33.79 48.66 -8.43
CA GLU A 340 -33.45 50.07 -8.41
C GLU A 340 -32.72 50.52 -9.67
N VAL A 341 -31.89 49.65 -10.25
CA VAL A 341 -31.17 50.00 -11.47
C VAL A 341 -31.97 49.71 -12.73
N PHE A 342 -33.03 48.90 -12.64
CA PHE A 342 -33.88 48.61 -13.79
C PHE A 342 -35.10 49.52 -13.82
N ASN A 343 -35.87 49.53 -12.73
CA ASN A 343 -37.03 50.41 -12.61
C ASN A 343 -36.59 51.70 -11.94
N ALA A 344 -36.42 52.76 -12.73
CA ALA A 344 -36.00 54.06 -12.21
C ALA A 344 -36.45 55.13 -13.19
N THR A 345 -37.00 56.23 -12.66
CA THR A 345 -37.56 57.27 -13.51
C THR A 345 -36.48 58.05 -14.27
N ARG A 346 -35.23 58.04 -13.79
CA ARG A 346 -34.15 58.79 -14.41
C ARG A 346 -33.01 57.85 -14.76
N PHE A 347 -32.43 58.07 -15.94
CA PHE A 347 -31.32 57.25 -16.43
C PHE A 347 -30.17 58.16 -16.84
N ALA A 348 -28.96 57.61 -16.77
CA ALA A 348 -27.75 58.37 -17.04
C ALA A 348 -27.54 58.52 -18.54
N SER A 349 -26.38 59.05 -18.93
CA SER A 349 -26.03 59.28 -20.32
C SER A 349 -24.89 58.34 -20.73
N VAL A 350 -24.52 58.42 -22.00
CA VAL A 350 -23.45 57.54 -22.51
C VAL A 350 -22.10 57.96 -21.93
N TYR A 351 -21.81 59.25 -21.90
CA TYR A 351 -20.52 59.73 -21.42
C TYR A 351 -20.42 59.77 -19.91
N ALA A 352 -21.54 59.72 -19.20
CA ALA A 352 -21.56 59.69 -17.74
C ALA A 352 -22.43 58.51 -17.30
N TRP A 353 -21.79 57.46 -16.80
CA TRP A 353 -22.50 56.24 -16.43
C TRP A 353 -23.15 56.43 -15.05
N ASN A 354 -23.71 55.34 -14.52
CA ASN A 354 -24.26 55.30 -13.17
C ASN A 354 -23.80 54.02 -12.48
N ARG A 355 -22.49 53.76 -12.54
CA ARG A 355 -21.93 52.54 -11.99
C ARG A 355 -22.27 52.39 -10.51
N LYS A 356 -22.77 51.22 -10.14
CA LYS A 356 -23.22 50.93 -8.79
C LYS A 356 -22.61 49.62 -8.33
N ARG A 357 -22.15 49.61 -7.07
CA ARG A 357 -21.55 48.45 -6.43
C ARG A 357 -22.61 47.69 -5.64
N ILE A 358 -22.52 46.37 -5.66
CA ILE A 358 -23.48 45.49 -5.02
C ILE A 358 -22.71 44.39 -4.29
N SER A 359 -23.01 44.22 -3.00
CA SER A 359 -22.40 43.19 -2.19
C SER A 359 -23.26 42.96 -0.96
N ASN A 360 -23.07 41.80 -0.32
CA ASN A 360 -23.80 41.41 0.87
C ASN A 360 -25.32 41.44 0.63
N CYS A 361 -25.75 40.64 -0.33
CA CYS A 361 -27.16 40.55 -0.70
C CYS A 361 -27.38 39.22 -1.39
N VAL A 362 -28.65 38.90 -1.64
CA VAL A 362 -29.05 37.67 -2.32
C VAL A 362 -29.72 38.06 -3.64
N ALA A 363 -29.06 37.72 -4.74
CA ALA A 363 -29.46 38.17 -6.07
C ALA A 363 -30.39 37.17 -6.73
N ASP A 364 -31.55 37.64 -7.17
CA ASP A 364 -32.55 36.81 -7.83
C ASP A 364 -32.35 36.95 -9.35
N TYR A 365 -31.47 36.11 -9.90
CA TYR A 365 -31.17 36.18 -11.32
C TYR A 365 -32.34 35.68 -12.18
N SER A 366 -33.07 34.68 -11.70
CA SER A 366 -34.11 34.05 -12.51
C SER A 366 -35.23 35.01 -12.88
N VAL A 367 -35.39 36.11 -12.15
CA VAL A 367 -36.39 37.11 -12.51
C VAL A 367 -36.02 37.79 -13.83
N LEU A 368 -34.73 38.00 -14.06
CA LEU A 368 -34.30 38.79 -15.21
C LEU A 368 -34.51 38.03 -16.53
N TYR A 369 -34.09 36.77 -16.59
CA TYR A 369 -34.13 36.04 -17.84
C TYR A 369 -35.42 35.26 -18.07
N ASN A 370 -36.40 35.37 -17.15
CA ASN A 370 -37.71 34.77 -17.34
C ASN A 370 -38.78 35.80 -17.65
N SER A 371 -38.40 37.01 -18.01
CA SER A 371 -39.34 38.09 -18.28
C SER A 371 -39.48 38.30 -19.77
N ALA A 372 -40.72 38.51 -20.22
CA ALA A 372 -41.01 38.77 -21.63
C ALA A 372 -41.03 40.26 -21.93
N SER A 373 -39.97 40.97 -21.55
CA SER A 373 -39.87 42.39 -21.82
C SER A 373 -38.47 42.85 -22.22
N PHE A 374 -37.50 41.94 -22.34
CA PHE A 374 -36.13 42.28 -22.70
C PHE A 374 -35.85 41.78 -24.11
N SER A 375 -35.33 42.68 -24.96
CA SER A 375 -35.08 42.38 -26.36
C SER A 375 -33.63 42.03 -26.67
N THR A 376 -32.78 41.93 -25.65
CA THR A 376 -31.37 41.60 -25.88
C THR A 376 -30.81 41.02 -24.59
N PHE A 377 -30.34 39.76 -24.64
CA PHE A 377 -29.82 39.10 -23.46
C PHE A 377 -28.59 38.25 -23.77
N LYS A 378 -27.83 38.59 -24.81
CA LYS A 378 -26.63 37.83 -25.14
C LYS A 378 -25.63 37.89 -23.99
N CYS A 379 -25.37 36.74 -23.36
CA CYS A 379 -24.59 36.72 -22.12
C CYS A 379 -23.32 35.90 -22.33
N TYR A 380 -22.18 36.60 -22.40
CA TYR A 380 -20.88 36.00 -22.60
C TYR A 380 -20.27 35.61 -21.26
N GLY A 381 -19.23 34.77 -21.33
CA GLY A 381 -18.46 34.37 -20.17
C GLY A 381 -19.03 33.24 -19.35
N VAL A 382 -20.31 33.35 -18.98
CA VAL A 382 -20.99 32.35 -18.17
C VAL A 382 -22.34 32.02 -18.80
N SER A 383 -22.89 30.89 -18.40
CA SER A 383 -24.22 30.53 -18.89
C SER A 383 -25.29 31.21 -18.04
N PRO A 384 -26.39 31.66 -18.66
CA PRO A 384 -27.42 32.38 -17.89
C PRO A 384 -28.10 31.53 -16.83
N THR A 385 -28.08 30.20 -16.96
CA THR A 385 -28.79 29.34 -16.03
C THR A 385 -27.94 28.94 -14.83
N LYS A 386 -26.63 28.81 -15.00
CA LYS A 386 -25.75 28.42 -13.90
C LYS A 386 -25.41 29.57 -12.97
N LEU A 387 -25.82 30.80 -13.33
CA LEU A 387 -25.54 31.96 -12.48
C LEU A 387 -26.18 31.85 -11.11
N ASN A 388 -27.17 30.97 -10.95
CA ASN A 388 -27.81 30.75 -9.67
C ASN A 388 -27.01 29.83 -8.75
N ASP A 389 -25.88 29.30 -9.21
CA ASP A 389 -25.05 28.39 -8.43
C ASP A 389 -23.61 28.90 -8.36
N LEU A 390 -23.44 30.21 -8.38
CA LEU A 390 -22.12 30.81 -8.29
C LEU A 390 -22.13 31.92 -7.25
N CYS A 391 -21.05 32.00 -6.46
CA CYS A 391 -20.90 33.00 -5.42
C CYS A 391 -19.74 33.91 -5.77
N PHE A 392 -19.98 35.22 -5.75
CA PHE A 392 -18.98 36.22 -6.05
C PHE A 392 -18.78 37.13 -4.85
N THR A 393 -17.80 38.03 -4.98
CA THR A 393 -17.52 39.02 -3.95
C THR A 393 -18.24 40.33 -4.18
N ASN A 394 -18.15 40.87 -5.40
CA ASN A 394 -18.76 42.15 -5.74
C ASN A 394 -19.38 42.06 -7.12
N VAL A 395 -20.45 42.85 -7.31
CA VAL A 395 -21.12 42.95 -8.60
C VAL A 395 -21.26 44.42 -8.96
N TYR A 396 -20.86 44.77 -10.18
CA TYR A 396 -20.91 46.15 -10.65
C TYR A 396 -21.93 46.27 -11.77
N ALA A 397 -22.78 47.29 -11.69
CA ALA A 397 -23.86 47.49 -12.65
C ALA A 397 -23.76 48.89 -13.26
N ASP A 398 -23.85 48.97 -14.59
CA ASP A 398 -23.81 50.23 -15.32
C ASP A 398 -25.19 50.52 -15.92
N SER A 399 -25.29 51.63 -16.64
CA SER A 399 -26.55 52.05 -17.24
C SER A 399 -26.30 53.07 -18.34
N PHE A 400 -26.72 52.74 -19.56
CA PHE A 400 -26.61 53.63 -20.71
C PHE A 400 -27.99 53.80 -21.36
N VAL A 401 -28.14 54.92 -22.07
CA VAL A 401 -29.29 55.14 -22.94
C VAL A 401 -28.75 55.56 -24.31
N ILE A 402 -28.79 54.64 -25.28
CA ILE A 402 -28.17 54.86 -26.58
C ILE A 402 -29.19 54.70 -27.69
N ARG A 403 -28.74 54.81 -28.94
CA ARG A 403 -29.59 54.54 -30.08
C ARG A 403 -29.71 53.04 -30.31
N GLY A 404 -30.73 52.66 -31.09
CA GLY A 404 -30.99 51.25 -31.35
C GLY A 404 -30.00 50.58 -32.29
N ASP A 405 -29.17 51.35 -32.98
CA ASP A 405 -28.23 50.79 -33.95
C ASP A 405 -26.93 50.33 -33.30
N GLU A 406 -26.49 50.97 -32.23
CA GLU A 406 -25.22 50.66 -31.58
C GLU A 406 -25.35 49.66 -30.44
N VAL A 407 -26.55 49.10 -30.23
CA VAL A 407 -26.71 48.11 -29.17
C VAL A 407 -25.85 46.89 -29.43
N ARG A 408 -25.56 46.60 -30.70
CA ARG A 408 -24.68 45.49 -31.05
C ARG A 408 -23.21 45.78 -30.78
N GLN A 409 -22.85 47.04 -30.55
CA GLN A 409 -21.45 47.42 -30.38
C GLN A 409 -20.93 47.19 -28.96
N ILE A 410 -21.79 46.84 -28.02
CA ILE A 410 -21.37 46.53 -26.66
C ILE A 410 -21.04 45.04 -26.63
N ALA A 411 -19.78 44.70 -26.82
CA ALA A 411 -19.34 43.31 -26.92
C ALA A 411 -17.86 43.26 -26.56
N PRO A 412 -17.34 42.09 -26.20
CA PRO A 412 -15.90 41.98 -25.94
C PRO A 412 -15.03 42.40 -27.11
N GLY A 413 -15.47 42.14 -28.34
CA GLY A 413 -14.74 42.62 -29.50
C GLY A 413 -15.61 43.42 -30.44
N GLN A 414 -15.33 44.72 -30.56
CA GLN A 414 -16.08 45.62 -31.43
C GLN A 414 -15.38 46.97 -31.45
N THR A 415 -15.62 47.72 -32.51
CA THR A 415 -15.02 49.05 -32.68
C THR A 415 -16.06 49.99 -33.28
N GLY A 416 -15.80 51.27 -33.13
CA GLY A 416 -16.69 52.30 -33.65
C GLY A 416 -16.55 53.57 -32.84
N LYS A 417 -17.63 54.37 -32.86
CA LYS A 417 -17.64 55.61 -32.09
C LYS A 417 -17.85 55.36 -30.61
N ILE A 418 -18.98 54.74 -30.26
CA ILE A 418 -19.29 54.45 -28.86
C ILE A 418 -18.31 53.43 -28.30
N ALA A 419 -17.94 52.44 -29.11
CA ALA A 419 -17.07 51.36 -28.63
C ALA A 419 -15.68 51.88 -28.25
N ASP A 420 -15.15 52.82 -29.02
CA ASP A 420 -13.78 53.28 -28.81
C ASP A 420 -13.67 54.61 -28.08
N TYR A 421 -14.75 55.39 -28.01
CA TYR A 421 -14.68 56.73 -27.43
C TYR A 421 -15.44 56.86 -26.12
N ASN A 422 -16.62 56.26 -26.01
CA ASN A 422 -17.47 56.42 -24.83
C ASN A 422 -17.35 55.24 -23.87
N TYR A 423 -17.63 54.02 -24.35
CA TYR A 423 -17.60 52.84 -23.50
C TYR A 423 -16.88 51.71 -24.21
N LYS A 424 -15.93 51.07 -23.52
CA LYS A 424 -15.19 49.95 -24.06
C LYS A 424 -15.17 48.83 -23.02
N LEU A 425 -15.05 47.59 -23.51
CA LEU A 425 -15.06 46.41 -22.67
C LEU A 425 -13.85 45.54 -22.98
N PRO A 426 -13.35 44.80 -22.00
CA PRO A 426 -12.22 43.89 -22.23
C PRO A 426 -12.69 42.63 -22.94
N ASP A 427 -11.74 41.76 -23.23
CA ASP A 427 -12.01 40.49 -23.92
C ASP A 427 -12.24 39.34 -22.95
N ASP A 428 -12.23 39.59 -21.64
CA ASP A 428 -12.53 38.60 -20.61
C ASP A 428 -13.60 39.15 -19.69
N PHE A 429 -14.68 39.67 -20.28
CA PHE A 429 -15.69 40.40 -19.54
C PHE A 429 -16.35 39.54 -18.47
N THR A 430 -16.80 38.34 -18.84
CA THR A 430 -17.54 37.45 -17.95
C THR A 430 -18.76 38.13 -17.34
N GLY A 431 -19.45 38.95 -18.15
CA GLY A 431 -20.70 39.57 -17.76
C GLY A 431 -21.61 39.65 -18.95
N CYS A 432 -22.72 40.41 -18.87
CA CYS A 432 -23.57 40.56 -20.03
C CYS A 432 -24.41 41.82 -19.98
N VAL A 433 -25.15 42.03 -21.07
CA VAL A 433 -25.51 43.34 -21.60
C VAL A 433 -27.02 43.45 -21.70
N ILE A 434 -27.74 42.93 -20.71
CA ILE A 434 -29.20 43.00 -20.67
C ILE A 434 -29.66 44.41 -21.07
N ALA A 435 -30.53 44.48 -22.08
CA ALA A 435 -30.97 45.75 -22.63
C ALA A 435 -32.36 45.59 -23.20
N TRP A 436 -33.05 46.71 -23.36
CA TRP A 436 -34.42 46.70 -23.87
C TRP A 436 -34.76 48.05 -24.48
N ASN A 437 -35.99 48.15 -24.97
CA ASN A 437 -36.47 49.28 -25.75
C ASN A 437 -37.53 50.05 -24.96
N SER A 438 -37.51 51.37 -25.11
CA SER A 438 -38.49 52.24 -24.45
C SER A 438 -38.65 53.51 -25.27
N ASN A 439 -39.85 53.73 -25.79
CA ASN A 439 -40.14 54.91 -26.60
C ASN A 439 -41.38 55.67 -26.19
N ASN A 440 -42.31 55.05 -25.46
CA ASN A 440 -43.52 55.74 -25.03
C ASN A 440 -43.32 56.56 -23.75
N LEU A 441 -42.17 56.45 -23.10
CA LEU A 441 -41.90 57.18 -21.87
C LEU A 441 -40.65 58.04 -21.93
N ASP A 442 -39.60 57.60 -22.61
CA ASP A 442 -38.36 58.36 -22.70
C ASP A 442 -38.41 59.44 -23.77
N SER A 443 -39.50 59.55 -24.53
CA SER A 443 -39.65 60.57 -25.55
C SER A 443 -40.94 61.33 -25.31
N LYS A 444 -40.95 62.59 -25.69
CA LYS A 444 -42.10 63.47 -25.53
C LYS A 444 -42.56 63.95 -26.90
N VAL A 445 -43.54 64.86 -26.90
CA VAL A 445 -44.04 65.43 -28.15
C VAL A 445 -42.95 66.24 -28.83
N GLY A 446 -42.22 67.05 -28.07
CA GLY A 446 -41.15 67.87 -28.60
C GLY A 446 -39.79 67.22 -28.70
N GLY A 447 -39.69 65.94 -28.38
CA GLY A 447 -38.42 65.23 -28.43
C GLY A 447 -37.60 65.28 -27.16
N ASN A 448 -37.38 66.49 -26.62
CA ASN A 448 -36.64 66.69 -25.38
C ASN A 448 -35.22 66.11 -25.50
N TYR A 449 -34.44 66.73 -26.39
CA TYR A 449 -33.10 66.26 -26.69
C TYR A 449 -32.16 66.53 -25.52
N ASN A 450 -32.31 65.77 -24.44
CA ASN A 450 -31.52 65.98 -23.23
C ASN A 450 -30.47 64.88 -23.03
N TYR A 451 -30.22 64.08 -24.07
CA TYR A 451 -29.20 63.04 -24.02
C TYR A 451 -28.07 63.41 -24.96
N LEU A 452 -26.87 63.54 -24.42
CA LEU A 452 -25.71 64.04 -25.15
C LEU A 452 -24.66 62.95 -25.29
N TYR A 453 -23.73 63.17 -26.22
CA TYR A 453 -22.62 62.24 -26.42
C TYR A 453 -21.48 62.99 -27.10
N ARG A 454 -20.28 62.43 -26.97
CA ARG A 454 -19.07 62.97 -27.56
C ARG A 454 -18.81 62.34 -28.93
N LEU A 455 -18.06 63.05 -29.75
CA LEU A 455 -17.80 62.61 -31.12
C LEU A 455 -16.32 62.47 -31.46
N PHE A 456 -15.47 63.37 -30.96
CA PHE A 456 -14.06 63.40 -31.31
C PHE A 456 -13.20 63.28 -30.06
N ARG A 457 -12.14 62.49 -30.15
CA ARG A 457 -11.19 62.30 -29.06
C ARG A 457 -9.78 62.31 -29.62
N LYS A 458 -8.83 62.70 -28.76
CA LYS A 458 -7.44 62.76 -29.19
C LYS A 458 -6.81 61.37 -29.29
N SER A 459 -7.39 60.37 -28.64
CA SER A 459 -6.85 59.02 -28.68
C SER A 459 -7.95 58.04 -28.32
N ASN A 460 -7.71 56.77 -28.62
CA ASN A 460 -8.68 55.72 -28.29
C ASN A 460 -8.75 55.52 -26.78
N LEU A 461 -9.98 55.32 -26.29
CA LEU A 461 -10.19 55.15 -24.85
C LEU A 461 -10.12 53.68 -24.48
N LYS A 462 -9.27 53.36 -23.51
CA LYS A 462 -9.11 52.00 -23.05
C LYS A 462 -10.32 51.58 -22.19
N PRO A 463 -10.58 50.27 -22.11
CA PRO A 463 -11.74 49.81 -21.32
C PRO A 463 -11.61 50.15 -19.85
N PHE A 464 -12.76 50.28 -19.20
CA PHE A 464 -12.84 50.54 -17.75
C PHE A 464 -12.19 51.87 -17.38
N GLU A 465 -12.48 52.90 -18.17
CA GLU A 465 -11.95 54.24 -17.91
C GLU A 465 -12.78 55.25 -18.69
N ARG A 466 -13.27 56.27 -17.99
CA ARG A 466 -14.03 57.33 -18.62
C ARG A 466 -13.91 58.59 -17.78
N ASP A 467 -13.84 59.74 -18.46
CA ASP A 467 -13.74 61.04 -17.82
C ASP A 467 -15.05 61.79 -17.98
N ILE A 468 -15.33 62.68 -17.01
CA ILE A 468 -16.54 63.49 -17.08
C ILE A 468 -16.50 64.41 -18.29
N SER A 469 -15.36 65.05 -18.53
CA SER A 469 -15.19 65.93 -19.68
C SER A 469 -13.79 65.82 -20.25
N PHE A 490 -18.50 73.40 -29.38
CA PHE A 490 -19.25 72.42 -28.61
C PHE A 490 -18.78 71.00 -28.90
N PRO A 491 -18.16 70.36 -27.90
CA PRO A 491 -17.69 68.99 -28.07
C PRO A 491 -18.75 67.91 -27.84
N LEU A 492 -19.97 68.29 -27.49
CA LEU A 492 -21.04 67.35 -27.21
C LEU A 492 -22.22 67.64 -28.12
N GLN A 493 -22.92 66.58 -28.53
CA GLN A 493 -24.09 66.71 -29.38
C GLN A 493 -25.24 65.89 -28.81
N SER A 494 -26.46 66.39 -28.98
CA SER A 494 -27.64 65.73 -28.44
C SER A 494 -28.20 64.71 -29.44
N TYR A 495 -29.14 63.91 -28.96
CA TYR A 495 -29.81 62.89 -29.76
C TYR A 495 -31.24 63.34 -30.08
N GLY A 496 -31.64 63.11 -31.33
CA GLY A 496 -32.96 63.50 -31.77
C GLY A 496 -34.08 62.71 -31.11
N PHE A 497 -34.13 61.40 -31.36
CA PHE A 497 -35.14 60.51 -30.79
C PHE A 497 -36.55 61.00 -31.11
N GLN A 498 -36.78 61.40 -32.36
CA GLN A 498 -38.10 61.85 -32.78
C GLN A 498 -39.09 60.70 -32.67
N PRO A 499 -40.25 60.91 -32.02
CA PRO A 499 -41.17 59.78 -31.80
C PRO A 499 -41.98 59.42 -33.03
N THR A 500 -41.33 59.38 -34.19
CA THR A 500 -41.93 58.86 -35.41
C THR A 500 -41.00 57.97 -36.22
N ASN A 501 -39.68 58.04 -36.02
CA ASN A 501 -38.74 57.28 -36.82
C ASN A 501 -38.84 55.79 -36.52
N GLY A 502 -38.38 54.99 -37.49
CA GLY A 502 -38.39 53.54 -37.35
C GLY A 502 -37.29 53.05 -36.41
N VAL A 503 -37.31 51.74 -36.18
CA VAL A 503 -36.34 51.13 -35.30
C VAL A 503 -34.94 51.27 -35.89
N GLY A 504 -33.94 51.35 -35.01
CA GLY A 504 -32.57 51.66 -35.40
C GLY A 504 -32.11 53.03 -34.95
N TYR A 505 -33.03 53.89 -34.52
CA TYR A 505 -32.68 55.19 -33.97
C TYR A 505 -33.42 55.51 -32.68
N GLN A 506 -34.45 54.75 -32.32
CA GLN A 506 -35.22 55.00 -31.12
C GLN A 506 -34.37 54.72 -29.88
N PRO A 507 -34.69 55.35 -28.75
CA PRO A 507 -33.89 55.14 -27.53
C PRO A 507 -33.94 53.68 -27.07
N TYR A 508 -32.80 53.19 -26.59
CA TYR A 508 -32.67 51.85 -26.05
C TYR A 508 -31.86 51.93 -24.77
N ARG A 509 -32.36 51.30 -23.71
CA ARG A 509 -31.69 51.31 -22.42
C ARG A 509 -30.87 50.04 -22.24
N VAL A 510 -29.64 50.20 -21.74
CA VAL A 510 -28.69 49.11 -21.62
C VAL A 510 -28.21 49.05 -20.17
N VAL A 511 -28.23 47.85 -19.59
CA VAL A 511 -27.69 47.61 -18.26
C VAL A 511 -26.60 46.56 -18.38
N VAL A 512 -25.42 46.86 -17.84
CA VAL A 512 -24.23 46.02 -17.98
C VAL A 512 -23.78 45.58 -16.59
N LEU A 513 -23.58 44.28 -16.41
CA LEU A 513 -23.23 43.70 -15.12
C LEU A 513 -21.91 42.96 -15.20
N SER A 514 -21.14 43.06 -14.12
CA SER A 514 -19.85 42.38 -14.02
C SER A 514 -19.70 41.79 -12.62
N PHE A 515 -19.01 40.66 -12.55
CA PHE A 515 -18.79 39.93 -11.31
C PHE A 515 -17.31 39.87 -11.01
N GLU A 516 -16.94 40.03 -9.74
CA GLU A 516 -15.54 40.05 -9.35
C GLU A 516 -15.33 39.16 -8.12
N LEU A 517 -14.19 38.46 -8.09
CA LEU A 517 -13.83 37.55 -7.00
C LEU A 517 -12.42 37.87 -6.55
N LEU A 518 -12.30 38.63 -5.47
CA LEU A 518 -11.02 38.90 -4.83
C LEU A 518 -10.88 38.04 -3.58
N HIS A 519 -9.75 38.17 -2.89
CA HIS A 519 -9.45 37.38 -1.70
C HIS A 519 -10.37 37.85 -0.57
N ALA A 520 -11.59 37.31 -0.54
CA ALA A 520 -12.61 37.75 0.38
C ALA A 520 -13.63 36.63 0.54
N PRO A 521 -14.42 36.65 1.62
CA PRO A 521 -15.37 35.55 1.87
C PRO A 521 -16.45 35.38 0.81
N ALA A 522 -16.54 36.27 -0.18
CA ALA A 522 -17.47 36.12 -1.30
C ALA A 522 -18.92 36.04 -0.81
N THR A 523 -19.37 37.17 -0.24
CA THR A 523 -20.69 37.21 0.39
C THR A 523 -21.82 36.95 -0.60
N VAL A 524 -21.73 37.52 -1.80
CA VAL A 524 -22.84 37.48 -2.74
C VAL A 524 -23.06 36.04 -3.23
N CYS A 525 -24.30 35.57 -3.13
CA CYS A 525 -24.65 34.23 -3.56
C CYS A 525 -26.09 34.23 -4.08
N GLY A 526 -26.44 33.15 -4.79
CA GLY A 526 -27.75 33.02 -5.36
C GLY A 526 -28.75 32.35 -4.43
N PRO A 527 -30.02 32.38 -4.80
CA PRO A 527 -31.07 31.81 -3.94
C PRO A 527 -31.04 30.29 -3.95
N LYS A 528 -31.64 29.71 -2.92
CA LYS A 528 -31.75 28.27 -2.77
C LYS A 528 -33.19 27.90 -2.46
N LYS A 529 -33.76 27.00 -3.25
CA LYS A 529 -35.15 26.60 -3.12
C LYS A 529 -35.30 25.38 -2.20
N SER A 530 -36.55 25.05 -1.87
CA SER A 530 -36.85 24.00 -0.91
C SER A 530 -37.89 23.05 -1.49
N THR A 531 -38.35 22.12 -0.65
CA THR A 531 -39.28 21.07 -1.07
C THR A 531 -40.31 20.90 0.04
N ASN A 532 -41.22 19.92 -0.06
CA ASN A 532 -42.38 19.81 0.81
C ASN A 532 -42.17 18.95 2.04
N LEU A 533 -40.97 18.37 2.23
CA LEU A 533 -40.62 17.62 3.44
C LEU A 533 -41.57 16.44 3.67
N VAL A 534 -41.49 15.46 2.78
CA VAL A 534 -42.18 14.19 2.96
C VAL A 534 -41.54 13.46 4.13
N LYS A 535 -42.20 12.41 4.64
CA LYS A 535 -41.73 11.75 5.84
C LYS A 535 -42.04 10.26 5.78
N ASN A 536 -41.35 9.51 6.64
CA ASN A 536 -41.61 8.09 6.94
C ASN A 536 -41.27 7.17 5.78
N LYS A 537 -40.53 7.64 4.77
CA LYS A 537 -40.06 6.79 3.69
C LYS A 537 -38.56 6.94 3.57
N CYS A 538 -37.89 5.87 3.15
CA CYS A 538 -36.45 5.92 2.90
C CYS A 538 -36.22 6.82 1.68
N VAL A 539 -35.80 8.06 1.92
CA VAL A 539 -35.63 9.07 0.90
C VAL A 539 -34.22 9.65 1.01
N ASN A 540 -33.91 10.59 0.13
CA ASN A 540 -32.66 11.33 0.13
C ASN A 540 -32.93 12.74 0.62
N PHE A 541 -32.10 13.23 1.54
CA PHE A 541 -32.31 14.54 2.13
C PHE A 541 -31.06 15.40 2.00
N ASN A 542 -31.29 16.72 1.91
CA ASN A 542 -30.22 17.72 1.88
C ASN A 542 -30.61 18.81 2.87
N PHE A 543 -30.21 18.63 4.13
CA PHE A 543 -30.54 19.56 5.20
C PHE A 543 -29.42 20.58 5.35
N ASN A 544 -29.55 21.71 4.66
CA ASN A 544 -28.67 22.88 4.78
C ASN A 544 -27.21 22.55 4.52
N GLY A 545 -26.91 21.40 3.93
CA GLY A 545 -25.54 21.00 3.68
C GLY A 545 -25.25 19.58 4.08
N LEU A 546 -26.18 18.96 4.81
CA LEU A 546 -26.06 17.57 5.24
C LEU A 546 -26.77 16.68 4.23
N THR A 547 -26.02 15.79 3.59
CA THR A 547 -26.55 14.87 2.60
C THR A 547 -26.61 13.46 3.17
N GLY A 548 -27.57 12.69 2.70
CA GLY A 548 -27.71 11.32 3.15
C GLY A 548 -29.04 10.73 2.73
N THR A 549 -29.19 9.45 3.04
CA THR A 549 -30.39 8.69 2.75
C THR A 549 -30.89 8.02 4.02
N GLY A 550 -32.21 7.97 4.17
CA GLY A 550 -32.78 7.30 5.31
C GLY A 550 -34.22 7.69 5.53
N VAL A 551 -34.71 7.38 6.73
CA VAL A 551 -36.10 7.57 7.13
C VAL A 551 -36.12 8.58 8.27
N LEU A 552 -37.03 9.54 8.19
CA LEU A 552 -37.17 10.59 9.19
C LEU A 552 -38.42 10.36 10.03
N THR A 553 -38.36 10.78 11.29
CA THR A 553 -39.47 10.63 12.22
C THR A 553 -39.31 11.65 13.33
N GLU A 554 -40.37 11.80 14.13
CA GLU A 554 -40.32 12.71 15.27
C GLU A 554 -39.43 12.15 16.37
N SER A 555 -39.05 13.03 17.29
CA SER A 555 -38.13 12.66 18.36
C SER A 555 -38.52 13.41 19.64
N ASN A 556 -37.89 13.01 20.74
CA ASN A 556 -38.11 13.63 22.04
C ASN A 556 -36.89 14.39 22.54
N LYS A 557 -35.82 14.48 21.76
CA LYS A 557 -34.64 15.20 22.19
C LYS A 557 -34.89 16.70 22.21
N LYS A 558 -34.12 17.41 23.03
CA LYS A 558 -34.21 18.86 23.17
C LYS A 558 -32.85 19.46 22.91
N PHE A 559 -32.79 20.39 21.96
CA PHE A 559 -31.56 21.08 21.59
C PHE A 559 -31.47 22.43 22.29
N LEU A 560 -30.24 22.83 22.62
CA LEU A 560 -30.02 24.21 23.01
C LEU A 560 -30.24 25.11 21.79
N PRO A 561 -30.77 26.32 21.97
CA PRO A 561 -31.25 27.09 20.81
C PRO A 561 -30.13 27.73 20.00
N PHE A 562 -29.03 27.00 19.80
CA PHE A 562 -28.06 27.34 18.78
C PHE A 562 -27.50 26.14 18.04
N GLN A 563 -27.80 24.91 18.47
CA GLN A 563 -27.26 23.70 17.87
C GLN A 563 -28.14 23.24 16.72
N GLN A 564 -27.51 22.75 15.66
CA GLN A 564 -28.20 22.38 14.43
C GLN A 564 -28.46 20.88 14.32
N PHE A 565 -27.46 20.05 14.58
CA PHE A 565 -27.61 18.60 14.46
C PHE A 565 -26.88 17.91 15.61
N GLY A 566 -27.06 16.59 15.68
CA GLY A 566 -26.43 15.80 16.72
C GLY A 566 -25.60 14.68 16.12
N ARG A 567 -24.80 14.06 16.98
CA ARG A 567 -23.88 13.01 16.55
C ARG A 567 -23.86 11.90 17.58
N ASP A 568 -23.49 10.70 17.12
CA ASP A 568 -23.46 9.51 17.94
C ASP A 568 -22.04 9.27 18.48
N ILE A 569 -21.84 8.10 19.09
CA ILE A 569 -20.53 7.78 19.66
C ILE A 569 -19.47 7.69 18.56
N ALA A 570 -19.81 7.05 17.44
CA ALA A 570 -18.87 6.87 16.34
C ALA A 570 -18.90 8.03 15.35
N ASP A 571 -19.36 9.21 15.77
CA ASP A 571 -19.37 10.42 14.95
C ASP A 571 -20.21 10.23 13.68
N THR A 572 -21.38 9.63 13.84
CA THR A 572 -22.36 9.51 12.76
C THR A 572 -23.59 10.33 13.10
N THR A 573 -24.10 11.08 12.12
CA THR A 573 -25.24 11.95 12.36
C THR A 573 -26.48 11.14 12.74
N ASP A 574 -27.19 11.62 13.75
CA ASP A 574 -28.37 10.94 14.27
C ASP A 574 -29.63 11.78 14.15
N ALA A 575 -29.58 13.06 14.47
CA ALA A 575 -30.74 13.92 14.45
C ALA A 575 -30.41 15.23 13.76
N VAL A 576 -31.45 15.89 13.26
CA VAL A 576 -31.34 17.16 12.55
C VAL A 576 -32.48 18.07 13.00
N ARG A 577 -32.40 19.34 12.59
CA ARG A 577 -33.41 20.33 12.91
C ARG A 577 -33.85 21.02 11.62
N ASP A 578 -35.15 21.12 11.42
CA ASP A 578 -35.68 21.73 10.20
C ASP A 578 -35.43 23.23 10.22
N PRO A 579 -34.77 23.79 9.19
CA PRO A 579 -34.50 25.23 9.20
C PRO A 579 -35.74 26.11 9.25
N GLN A 580 -36.86 25.68 8.67
CA GLN A 580 -38.03 26.53 8.56
C GLN A 580 -39.03 26.35 9.69
N THR A 581 -39.12 25.15 10.27
CA THR A 581 -40.07 24.89 11.35
C THR A 581 -39.41 24.72 12.72
N LEU A 582 -38.09 24.56 12.76
CA LEU A 582 -37.34 24.47 14.02
C LEU A 582 -37.82 23.30 14.88
N GLU A 583 -37.95 22.14 14.24
CA GLU A 583 -38.34 20.91 14.93
C GLU A 583 -37.26 19.86 14.74
N ILE A 584 -37.17 18.94 15.70
CA ILE A 584 -36.12 17.92 15.74
C ILE A 584 -36.63 16.67 15.04
N LEU A 585 -35.82 16.13 14.13
CA LEU A 585 -36.14 14.91 13.41
C LEU A 585 -35.01 13.90 13.57
N ASP A 586 -35.39 12.63 13.63
CA ASP A 586 -34.45 11.52 13.72
C ASP A 586 -34.12 10.99 12.33
N ILE A 587 -33.05 10.21 12.26
CA ILE A 587 -32.58 9.60 11.02
C ILE A 587 -32.33 8.13 11.28
N THR A 588 -32.98 7.26 10.50
CA THR A 588 -32.82 5.81 10.66
C THR A 588 -32.59 5.20 9.29
N PRO A 589 -31.53 4.41 9.12
CA PRO A 589 -31.27 3.80 7.80
C PRO A 589 -32.38 2.84 7.39
N CYS A 590 -32.68 2.84 6.10
CA CYS A 590 -33.67 1.92 5.58
C CYS A 590 -33.06 0.53 5.43
N SER A 591 -33.92 -0.47 5.26
CA SER A 591 -33.56 -1.86 5.50
C SER A 591 -32.44 -2.33 4.56
N PHE A 592 -31.74 -3.36 5.01
CA PHE A 592 -30.60 -3.96 4.33
C PHE A 592 -30.32 -5.30 4.97
N GLY A 593 -29.82 -6.24 4.19
CA GLY A 593 -29.53 -7.56 4.72
C GLY A 593 -28.97 -8.49 3.65
N GLY A 594 -28.99 -9.79 3.97
CA GLY A 594 -28.51 -10.81 3.06
C GLY A 594 -29.57 -11.85 2.78
N VAL A 595 -29.35 -12.61 1.71
CA VAL A 595 -30.29 -13.63 1.25
C VAL A 595 -29.58 -14.97 1.23
N SER A 596 -30.23 -15.99 1.79
CA SER A 596 -29.69 -17.35 1.80
C SER A 596 -30.71 -18.29 1.18
N VAL A 597 -30.20 -19.35 0.54
CA VAL A 597 -31.02 -20.34 -0.15
C VAL A 597 -30.82 -21.69 0.53
N ILE A 598 -31.93 -22.33 0.90
CA ILE A 598 -31.91 -23.64 1.53
C ILE A 598 -32.44 -24.64 0.51
N THR A 599 -31.64 -25.64 0.17
CA THR A 599 -31.99 -26.64 -0.82
C THR A 599 -31.57 -28.03 -0.38
N PRO A 600 -32.35 -29.05 -0.71
CA PRO A 600 -31.86 -30.44 -0.58
C PRO A 600 -30.91 -30.79 -1.71
N GLY A 601 -30.49 -32.06 -1.78
CA GLY A 601 -29.61 -32.46 -2.88
C GLY A 601 -30.29 -32.27 -4.23
N THR A 602 -29.45 -32.16 -5.27
CA THR A 602 -29.96 -31.77 -6.57
C THR A 602 -30.64 -32.91 -7.33
N ASN A 603 -30.29 -34.16 -7.06
CA ASN A 603 -31.00 -35.21 -7.78
C ASN A 603 -32.36 -35.49 -7.15
N THR A 604 -32.57 -35.02 -5.92
CA THR A 604 -33.79 -35.31 -5.18
C THR A 604 -34.96 -34.46 -5.67
N SER A 605 -34.81 -33.14 -5.62
CA SER A 605 -35.88 -32.23 -6.00
C SER A 605 -35.28 -30.92 -6.49
N ASN A 606 -36.15 -30.06 -7.03
CA ASN A 606 -35.76 -28.75 -7.54
C ASN A 606 -36.39 -27.61 -6.76
N GLN A 607 -36.95 -27.89 -5.59
CA GLN A 607 -37.56 -26.87 -4.75
C GLN A 607 -36.52 -26.27 -3.80
N VAL A 608 -36.75 -25.01 -3.42
CA VAL A 608 -35.85 -24.27 -2.54
C VAL A 608 -36.68 -23.45 -1.56
N ALA A 609 -36.01 -22.98 -0.51
CA ALA A 609 -36.58 -22.02 0.42
C ALA A 609 -35.63 -20.85 0.54
N VAL A 610 -36.17 -19.67 0.85
CA VAL A 610 -35.40 -18.44 0.87
C VAL A 610 -35.46 -17.82 2.26
N LEU A 611 -34.30 -17.50 2.82
CA LEU A 611 -34.20 -16.86 4.12
C LEU A 611 -33.66 -15.45 3.92
N TYR A 612 -34.42 -14.46 4.40
CA TYR A 612 -33.97 -13.07 4.42
C TYR A 612 -33.47 -12.79 5.83
N GLN A 613 -32.22 -12.35 5.94
CA GLN A 613 -31.58 -12.25 7.24
C GLN A 613 -31.93 -10.95 7.96
N ASP A 614 -32.27 -11.07 9.25
CA ASP A 614 -32.42 -9.94 10.17
C ASP A 614 -33.40 -8.87 9.68
N VAL A 615 -34.30 -9.24 8.78
CA VAL A 615 -35.26 -8.30 8.20
C VAL A 615 -36.66 -8.72 8.61
N ASN A 616 -37.35 -7.84 9.34
CA ASN A 616 -38.78 -7.98 9.54
C ASN A 616 -39.48 -7.87 8.20
N CYS A 617 -40.08 -8.97 7.75
CA CYS A 617 -40.61 -9.04 6.39
C CYS A 617 -42.10 -8.71 6.34
N THR A 618 -42.55 -7.81 7.22
CA THR A 618 -43.73 -7.01 6.94
C THR A 618 -43.39 -5.86 6.01
N GLU A 619 -42.12 -5.69 5.68
CA GLU A 619 -41.63 -4.64 4.80
C GLU A 619 -40.90 -5.19 3.59
N VAL A 620 -40.85 -6.52 3.43
CA VAL A 620 -40.19 -7.12 2.27
C VAL A 620 -40.95 -6.74 1.00
N PRO A 621 -40.26 -6.37 -0.08
CA PRO A 621 -40.97 -6.04 -1.32
C PRO A 621 -41.79 -7.20 -1.87
N VAL A 622 -41.33 -8.43 -1.69
CA VAL A 622 -42.06 -9.59 -2.17
C VAL A 622 -43.31 -9.84 -1.33
N GLY A 639 -43.60 -16.78 -3.63
CA GLY A 639 -44.68 -16.62 -2.66
C GLY A 639 -45.16 -17.95 -2.10
N SER A 640 -44.87 -18.17 -0.83
CA SER A 640 -45.26 -19.41 -0.15
C SER A 640 -45.51 -19.08 1.33
N ASN A 641 -45.53 -20.11 2.17
CA ASN A 641 -45.71 -19.90 3.59
C ASN A 641 -44.60 -19.00 4.14
N VAL A 642 -44.99 -18.02 4.94
CA VAL A 642 -44.07 -17.04 5.52
C VAL A 642 -43.98 -17.29 7.01
N PHE A 643 -42.75 -17.42 7.51
CA PHE A 643 -42.55 -17.72 8.92
C PHE A 643 -41.39 -16.90 9.46
N GLN A 644 -41.60 -16.23 10.59
CA GLN A 644 -40.64 -15.29 11.15
C GLN A 644 -39.82 -15.96 12.25
N THR A 645 -38.50 -15.87 12.15
CA THR A 645 -37.58 -16.46 13.10
C THR A 645 -36.80 -15.35 13.79
N ARG A 646 -35.87 -15.73 14.67
CA ARG A 646 -34.95 -14.76 15.24
C ARG A 646 -33.74 -14.48 14.36
N ALA A 647 -33.56 -15.25 13.28
CA ALA A 647 -32.47 -15.05 12.34
C ALA A 647 -32.94 -14.37 11.06
N GLY A 648 -34.16 -13.85 11.03
CA GLY A 648 -34.76 -13.25 9.86
C GLY A 648 -36.14 -13.82 9.62
N CYS A 649 -36.44 -14.09 8.36
CA CYS A 649 -37.70 -14.79 8.07
C CYS A 649 -37.56 -15.64 6.82
N LEU A 650 -38.40 -16.68 6.77
CA LEU A 650 -38.30 -17.78 5.82
C LEU A 650 -39.53 -17.82 4.94
N ILE A 651 -39.31 -18.00 3.64
CA ILE A 651 -40.37 -18.15 2.66
C ILE A 651 -40.14 -19.47 1.93
N GLY A 652 -41.16 -20.33 1.91
CA GLY A 652 -41.10 -21.59 1.22
C GLY A 652 -41.10 -22.83 2.09
N ALA A 653 -41.27 -22.70 3.40
CA ALA A 653 -41.25 -23.83 4.31
C ALA A 653 -42.45 -23.77 5.25
N GLU A 654 -42.88 -24.95 5.68
CA GLU A 654 -43.98 -25.08 6.63
C GLU A 654 -43.43 -25.37 8.02
N HIS A 655 -44.02 -24.75 9.03
CA HIS A 655 -43.59 -24.89 10.42
C HIS A 655 -44.19 -26.17 10.97
N VAL A 656 -43.42 -27.26 10.89
CA VAL A 656 -43.87 -28.56 11.37
C VAL A 656 -44.01 -28.45 12.89
N ASN A 657 -44.63 -29.43 13.54
CA ASN A 657 -45.27 -29.13 14.81
C ASN A 657 -44.50 -29.83 15.90
N ASN A 658 -43.65 -30.80 15.53
CA ASN A 658 -42.88 -31.69 16.38
C ASN A 658 -41.41 -31.24 16.46
N SER A 659 -40.53 -32.15 16.86
CA SER A 659 -39.08 -31.90 16.89
C SER A 659 -38.33 -33.17 16.48
N TYR A 660 -37.23 -32.98 15.74
CA TYR A 660 -36.30 -34.06 15.44
C TYR A 660 -34.85 -33.60 15.59
N GLU A 661 -33.92 -34.44 15.13
CA GLU A 661 -32.52 -34.03 15.08
C GLU A 661 -32.31 -33.00 13.96
N CYS A 662 -31.27 -32.18 14.13
CA CYS A 662 -30.98 -31.14 13.17
C CYS A 662 -30.39 -31.72 11.89
N ASP A 663 -30.87 -31.21 10.75
CA ASP A 663 -30.37 -31.60 9.44
C ASP A 663 -29.67 -30.45 8.74
N ILE A 664 -30.33 -29.31 8.59
CA ILE A 664 -29.73 -28.12 8.02
C ILE A 664 -29.85 -26.99 9.02
N PRO A 665 -28.75 -26.56 9.65
CA PRO A 665 -28.85 -25.48 10.63
C PRO A 665 -29.28 -24.16 9.99
N ILE A 666 -30.07 -23.40 10.73
CA ILE A 666 -30.53 -22.08 10.30
C ILE A 666 -30.14 -21.00 11.30
N GLY A 667 -30.38 -21.24 12.57
CA GLY A 667 -30.02 -20.30 13.63
C GLY A 667 -31.02 -20.32 14.76
N ALA A 668 -30.57 -19.87 15.94
CA ALA A 668 -31.41 -19.72 17.13
C ALA A 668 -32.11 -21.03 17.51
N GLY A 669 -31.53 -22.17 17.14
CA GLY A 669 -32.12 -23.44 17.45
C GLY A 669 -33.18 -23.92 16.48
N ILE A 670 -33.21 -23.40 15.27
CA ILE A 670 -34.19 -23.78 14.26
C ILE A 670 -33.48 -24.54 13.15
N CYS A 671 -34.05 -25.68 12.76
CA CYS A 671 -33.50 -26.50 11.69
C CYS A 671 -34.57 -26.72 10.62
N ALA A 672 -34.13 -27.14 9.44
CA ALA A 672 -35.02 -27.40 8.32
C ALA A 672 -34.61 -28.69 7.63
N SER A 673 -35.61 -29.37 7.04
CA SER A 673 -35.34 -30.65 6.39
C SER A 673 -36.41 -30.94 5.35
N TYR A 674 -36.08 -31.82 4.43
CA TYR A 674 -36.97 -32.27 3.37
C TYR A 674 -37.69 -33.52 3.85
N GLN A 675 -39.00 -33.42 4.05
CA GLN A 675 -39.77 -34.48 4.67
C GLN A 675 -40.80 -35.06 3.70
N THR A 676 -41.38 -36.20 4.09
CA THR A 676 -42.31 -36.95 3.26
C THR A 676 -43.59 -37.17 4.04
N GLN A 677 -44.70 -36.60 3.56
CA GLN A 677 -46.02 -36.84 4.11
C GLN A 677 -47.10 -36.25 3.21
N SER A 686 -47.03 -36.66 -0.92
CA SER A 686 -46.31 -35.49 -1.41
C SER A 686 -45.11 -35.17 -0.52
N GLN A 687 -44.17 -34.42 -1.08
CA GLN A 687 -42.95 -34.04 -0.38
C GLN A 687 -42.90 -32.52 -0.23
N SER A 688 -42.22 -32.06 0.82
CA SER A 688 -42.12 -30.64 1.10
C SER A 688 -40.92 -30.37 2.00
N ILE A 689 -40.70 -29.10 2.30
CA ILE A 689 -39.63 -28.65 3.18
C ILE A 689 -40.27 -28.13 4.46
N ILE A 690 -39.79 -28.62 5.61
CA ILE A 690 -40.35 -28.27 6.89
C ILE A 690 -39.27 -27.67 7.78
N ALA A 691 -39.71 -26.83 8.71
CA ALA A 691 -38.83 -26.17 9.67
C ALA A 691 -39.34 -26.46 11.08
N TYR A 692 -38.41 -26.71 12.00
CA TYR A 692 -38.75 -27.11 13.36
C TYR A 692 -37.67 -26.65 14.32
N THR A 693 -37.86 -26.97 15.60
CA THR A 693 -36.89 -26.71 16.65
C THR A 693 -36.20 -28.02 17.00
N MET A 694 -34.87 -28.00 17.00
CA MET A 694 -34.10 -29.23 17.19
C MET A 694 -34.28 -29.77 18.60
N SER A 695 -34.18 -31.09 18.72
CA SER A 695 -34.21 -31.79 19.99
C SER A 695 -32.80 -32.24 20.36
N LEU A 696 -32.60 -32.54 21.65
CA LEU A 696 -31.29 -32.88 22.16
C LEU A 696 -31.10 -34.37 22.44
N GLY A 697 -32.18 -35.10 22.72
CA GLY A 697 -32.05 -36.51 23.00
C GLY A 697 -33.32 -37.06 23.62
N ALA A 698 -33.20 -38.28 24.16
CA ALA A 698 -34.31 -38.99 24.77
C ALA A 698 -34.08 -39.13 26.27
N GLU A 699 -35.17 -39.02 27.04
CA GLU A 699 -35.06 -39.07 28.49
C GLU A 699 -34.67 -40.47 28.95
N ASN A 700 -33.75 -40.52 29.91
CA ASN A 700 -33.23 -41.78 30.44
C ASN A 700 -33.14 -41.72 31.96
N SER A 701 -34.24 -41.33 32.60
CA SER A 701 -34.25 -41.25 34.06
C SER A 701 -33.86 -42.59 34.68
N VAL A 702 -32.93 -42.54 35.63
CA VAL A 702 -32.35 -43.73 36.24
C VAL A 702 -33.10 -44.03 37.54
N ALA A 703 -33.27 -45.32 37.83
CA ALA A 703 -33.96 -45.76 39.04
C ALA A 703 -32.98 -45.68 40.21
N TYR A 704 -33.07 -44.59 40.96
CA TYR A 704 -32.18 -44.36 42.10
C TYR A 704 -32.88 -44.67 43.42
N SER A 705 -32.21 -45.45 44.26
CA SER A 705 -32.61 -45.69 45.65
C SER A 705 -31.34 -45.67 46.50
N ASN A 706 -31.49 -45.87 47.81
CA ASN A 706 -30.30 -45.98 48.64
C ASN A 706 -29.94 -47.43 48.93
N ASN A 707 -30.49 -48.39 48.19
CA ASN A 707 -30.24 -49.79 48.49
C ASN A 707 -30.05 -50.66 47.25
N SER A 708 -29.99 -50.09 46.05
CA SER A 708 -29.97 -50.87 44.82
C SER A 708 -28.73 -50.56 44.00
N ILE A 709 -28.14 -51.61 43.44
CA ILE A 709 -26.97 -51.50 42.57
C ILE A 709 -27.20 -52.37 41.35
N ALA A 710 -26.57 -52.00 40.24
CA ALA A 710 -26.66 -52.72 38.98
C ALA A 710 -25.27 -53.13 38.52
N ILE A 711 -25.11 -54.40 38.18
CA ILE A 711 -23.81 -54.95 37.80
C ILE A 711 -23.92 -55.62 36.43
N PRO A 712 -23.05 -55.29 35.48
CA PRO A 712 -23.09 -55.94 34.16
C PRO A 712 -22.70 -57.40 34.24
N THR A 713 -23.11 -58.16 33.22
CA THR A 713 -22.88 -59.59 33.22
C THR A 713 -22.19 -60.13 31.99
N ASN A 714 -22.08 -59.37 30.90
CA ASN A 714 -21.49 -59.98 29.71
C ASN A 714 -21.04 -58.81 28.84
N PHE A 715 -20.13 -59.07 27.90
CA PHE A 715 -19.34 -57.96 27.37
C PHE A 715 -19.20 -58.01 25.86
N THR A 716 -18.74 -56.89 25.30
CA THR A 716 -18.47 -56.75 23.88
C THR A 716 -17.11 -56.09 23.65
N ILE A 717 -16.53 -56.36 22.49
CA ILE A 717 -15.26 -55.77 22.06
C ILE A 717 -15.54 -54.83 20.89
N SER A 718 -15.03 -53.60 20.98
CA SER A 718 -15.34 -52.58 19.99
C SER A 718 -14.06 -52.01 19.39
N VAL A 719 -14.11 -51.71 18.09
CA VAL A 719 -12.99 -51.12 17.36
C VAL A 719 -13.48 -49.85 16.67
N THR A 720 -12.78 -48.74 16.90
CA THR A 720 -13.12 -47.45 16.32
C THR A 720 -11.91 -46.89 15.57
N THR A 721 -12.13 -45.83 14.80
CA THR A 721 -11.09 -45.24 13.97
C THR A 721 -10.98 -43.74 14.24
N GLU A 722 -9.79 -43.21 13.99
CA GLU A 722 -9.52 -41.78 14.14
C GLU A 722 -8.51 -41.36 13.08
N ILE A 723 -8.71 -40.19 12.49
CA ILE A 723 -7.92 -39.72 11.35
C ILE A 723 -7.29 -38.38 11.71
N LEU A 724 -5.98 -38.24 11.44
CA LEU A 724 -5.29 -37.00 11.77
C LEU A 724 -4.33 -36.56 10.65
N PRO A 725 -4.43 -35.32 10.18
CA PRO A 725 -3.44 -34.81 9.21
C PRO A 725 -2.12 -34.49 9.89
N VAL A 726 -1.03 -34.60 9.13
CA VAL A 726 0.30 -34.48 9.70
C VAL A 726 1.13 -33.42 8.99
N SER A 727 0.88 -33.18 7.70
CA SER A 727 1.73 -32.29 6.92
C SER A 727 0.97 -31.79 5.70
N MET A 728 1.63 -30.93 4.93
CA MET A 728 1.06 -30.37 3.71
C MET A 728 2.17 -30.30 2.66
N THR A 729 1.91 -29.57 1.58
CA THR A 729 2.79 -29.55 0.41
C THR A 729 3.80 -28.41 0.52
N LYS A 730 5.03 -28.67 0.08
CA LYS A 730 6.11 -27.70 0.07
C LYS A 730 6.16 -27.01 -1.29
N THR A 731 5.92 -25.71 -1.31
CA THR A 731 5.94 -24.92 -2.52
C THR A 731 6.89 -23.74 -2.36
N SER A 732 7.37 -23.22 -3.48
CA SER A 732 8.22 -22.03 -3.46
C SER A 732 7.91 -21.16 -4.66
N VAL A 733 7.98 -19.85 -4.45
CA VAL A 733 7.67 -18.84 -5.46
C VAL A 733 8.83 -17.87 -5.53
N ASP A 734 9.21 -17.50 -6.75
CA ASP A 734 10.29 -16.54 -6.97
C ASP A 734 9.70 -15.14 -7.08
N CYS A 735 10.14 -14.24 -6.20
CA CYS A 735 9.56 -12.90 -6.14
C CYS A 735 9.88 -12.10 -7.39
N THR A 736 11.15 -12.04 -7.78
CA THR A 736 11.56 -11.22 -8.91
C THR A 736 10.92 -11.69 -10.22
N MET A 737 10.88 -13.00 -10.45
CA MET A 737 10.28 -13.51 -11.68
C MET A 737 8.76 -13.38 -11.66
N TYR A 738 8.15 -13.46 -10.49
CA TYR A 738 6.70 -13.28 -10.41
C TYR A 738 6.31 -11.85 -10.70
N ILE A 739 7.04 -10.87 -10.17
CA ILE A 739 6.66 -9.48 -10.34
C ILE A 739 7.06 -8.98 -11.72
N CYS A 740 8.35 -8.99 -12.03
CA CYS A 740 8.87 -8.49 -13.31
C CYS A 740 9.42 -9.67 -14.09
N GLY A 741 8.61 -10.17 -15.03
CA GLY A 741 9.04 -11.27 -15.88
C GLY A 741 10.10 -10.86 -16.88
N ASP A 742 11.33 -11.34 -16.68
CA ASP A 742 12.51 -11.18 -17.54
C ASP A 742 12.56 -9.82 -18.23
N SER A 743 12.32 -8.75 -17.47
CA SER A 743 12.41 -7.39 -17.97
C SER A 743 13.45 -6.63 -17.15
N THR A 744 14.44 -6.05 -17.82
CA THR A 744 15.53 -5.40 -17.10
C THR A 744 15.10 -4.06 -16.53
N GLU A 745 14.29 -3.31 -17.27
CA GLU A 745 13.82 -2.01 -16.78
C GLU A 745 12.82 -2.15 -15.64
N CYS A 746 12.08 -3.26 -15.57
CA CYS A 746 11.24 -3.52 -14.41
C CYS A 746 12.08 -3.95 -13.21
N SER A 747 13.10 -4.78 -13.44
CA SER A 747 13.97 -5.24 -12.36
C SER A 747 14.83 -4.12 -11.80
N ASN A 748 15.15 -3.11 -12.59
CA ASN A 748 15.90 -1.96 -12.08
C ASN A 748 15.04 -1.04 -11.24
N LEU A 749 13.75 -0.91 -11.57
CA LEU A 749 12.83 -0.17 -10.72
C LEU A 749 12.48 -0.93 -9.45
N LEU A 750 12.45 -2.26 -9.50
CA LEU A 750 12.16 -3.07 -8.31
C LEU A 750 13.27 -2.97 -7.27
N LEU A 751 14.48 -2.56 -7.66
CA LEU A 751 15.60 -2.51 -6.73
C LEU A 751 15.50 -1.38 -5.71
N GLN A 752 14.60 -0.42 -5.90
CA GLN A 752 14.51 0.72 -5.00
C GLN A 752 13.66 0.45 -3.77
N TYR A 753 13.02 -0.71 -3.67
CA TYR A 753 12.14 -1.01 -2.56
C TYR A 753 12.83 -1.74 -1.41
N GLY A 754 14.11 -2.06 -1.55
CA GLY A 754 14.86 -2.65 -0.46
C GLY A 754 14.95 -4.16 -0.57
N SER A 755 14.65 -4.87 0.51
CA SER A 755 14.81 -6.31 0.62
C SER A 755 13.49 -7.00 0.94
N PHE A 756 12.44 -6.64 0.21
CA PHE A 756 11.12 -7.19 0.51
C PHE A 756 11.00 -8.64 0.08
N CYS A 757 11.69 -9.03 -1.00
CA CYS A 757 11.52 -10.37 -1.55
C CYS A 757 12.30 -11.43 -0.75
N THR A 758 13.44 -11.05 -0.18
CA THR A 758 14.25 -11.99 0.59
C THR A 758 13.51 -12.50 1.82
N GLN A 759 12.76 -11.63 2.49
CA GLN A 759 11.99 -12.04 3.65
C GLN A 759 10.93 -13.08 3.28
N LEU A 760 10.24 -12.87 2.16
CA LEU A 760 9.25 -13.83 1.69
C LEU A 760 9.90 -15.18 1.37
N ASN A 761 11.04 -15.14 0.67
CA ASN A 761 11.75 -16.39 0.36
C ASN A 761 12.16 -17.11 1.64
N ARG A 762 12.67 -16.38 2.62
CA ARG A 762 13.07 -16.97 3.90
C ARG A 762 11.90 -17.60 4.63
N ALA A 763 10.75 -16.93 4.67
CA ALA A 763 9.58 -17.48 5.34
C ALA A 763 9.11 -18.78 4.68
N LEU A 764 9.04 -18.77 3.33
CA LEU A 764 8.64 -19.98 2.64
C LEU A 764 9.63 -21.12 2.84
N THR A 765 10.93 -20.82 2.84
CA THR A 765 11.93 -21.85 3.10
C THR A 765 11.76 -22.43 4.51
N GLY A 766 11.49 -21.56 5.50
CA GLY A 766 11.27 -22.06 6.85
C GLY A 766 10.06 -22.98 6.96
N ILE A 767 8.96 -22.62 6.29
CA ILE A 767 7.79 -23.49 6.29
C ILE A 767 8.13 -24.84 5.67
N ALA A 768 8.81 -24.81 4.51
CA ALA A 768 9.16 -26.06 3.84
C ALA A 768 10.06 -26.93 4.71
N VAL A 769 10.97 -26.32 5.46
CA VAL A 769 11.84 -27.09 6.35
C VAL A 769 11.04 -27.69 7.50
N GLU A 770 10.09 -26.94 8.07
CA GLU A 770 9.30 -27.45 9.19
C GLU A 770 8.46 -28.65 8.77
N GLN A 771 8.01 -28.67 7.50
CA GLN A 771 7.14 -29.75 7.04
C GLN A 771 7.78 -31.14 7.12
N ASP A 772 9.12 -31.22 7.19
CA ASP A 772 9.76 -32.53 7.29
C ASP A 772 9.93 -32.99 8.73
N LYS A 773 10.29 -32.06 9.62
CA LYS A 773 10.31 -32.37 11.05
C LYS A 773 8.94 -32.81 11.53
N ASN A 774 7.87 -32.27 10.94
CA ASN A 774 6.53 -32.70 11.32
C ASN A 774 6.34 -34.21 11.15
N THR A 775 6.79 -34.76 10.02
CA THR A 775 6.66 -36.20 9.80
C THR A 775 7.68 -36.99 10.61
N GLN A 776 8.90 -36.48 10.72
CA GLN A 776 9.94 -37.21 11.45
C GLN A 776 9.59 -37.40 12.92
N GLU A 777 9.01 -36.37 13.56
CA GLU A 777 8.65 -36.50 14.97
C GLU A 777 7.51 -37.48 15.21
N VAL A 778 6.73 -37.81 14.18
CA VAL A 778 5.60 -38.71 14.34
C VAL A 778 5.99 -40.15 14.03
N PHE A 779 6.58 -40.40 12.86
CA PHE A 779 6.74 -41.79 12.44
C PHE A 779 8.03 -42.44 12.95
N ALA A 780 9.12 -41.68 13.06
CA ALA A 780 10.41 -42.25 13.46
C ALA A 780 10.50 -42.29 14.99
N GLN A 781 9.90 -43.35 15.56
CA GLN A 781 9.93 -43.57 16.99
C GLN A 781 10.67 -44.84 17.38
N VAL A 782 11.17 -45.61 16.42
CA VAL A 782 11.95 -46.80 16.68
C VAL A 782 13.19 -46.78 15.80
N LYS A 783 14.34 -47.11 16.37
CA LYS A 783 15.60 -47.17 15.64
C LYS A 783 15.95 -48.60 15.22
N GLN A 784 14.97 -49.50 15.23
CA GLN A 784 15.19 -50.89 14.89
C GLN A 784 13.99 -51.40 14.10
N ILE A 785 14.22 -52.44 13.30
CA ILE A 785 13.21 -53.01 12.42
C ILE A 785 12.87 -54.39 12.92
N TYR A 786 11.57 -54.65 13.15
CA TYR A 786 11.09 -55.90 13.67
C TYR A 786 10.29 -56.64 12.61
N LYS A 787 10.27 -57.97 12.70
CA LYS A 787 9.55 -58.82 11.78
C LYS A 787 8.69 -59.83 12.55
N THR A 788 7.58 -60.22 11.93
CA THR A 788 6.71 -61.24 12.47
C THR A 788 7.21 -62.64 12.08
N PRO A 789 6.87 -63.66 12.86
CA PRO A 789 7.33 -65.01 12.52
C PRO A 789 6.69 -65.49 11.23
N PRO A 790 7.34 -66.40 10.50
CA PRO A 790 6.75 -66.88 9.24
C PRO A 790 5.39 -67.53 9.40
N ILE A 791 5.14 -68.21 10.53
CA ILE A 791 3.86 -68.85 10.80
C ILE A 791 3.06 -67.94 11.72
N LYS A 792 1.75 -67.86 11.48
CA LYS A 792 0.85 -66.97 12.20
C LYS A 792 -0.08 -67.82 13.07
N ASP A 793 0.36 -68.10 14.30
CA ASP A 793 -0.43 -68.84 15.28
C ASP A 793 -0.49 -68.00 16.55
N PHE A 794 -1.50 -67.14 16.64
CA PHE A 794 -1.63 -66.20 17.75
C PHE A 794 -2.81 -66.55 18.66
N GLY A 795 -3.20 -67.82 18.70
CA GLY A 795 -4.22 -68.28 19.61
C GLY A 795 -5.66 -68.13 19.15
N GLY A 796 -5.90 -67.62 17.95
CA GLY A 796 -7.26 -67.52 17.45
C GLY A 796 -7.59 -66.20 16.81
N PHE A 797 -6.82 -65.17 17.17
CA PHE A 797 -6.90 -63.86 16.53
C PHE A 797 -6.07 -63.95 15.25
N ASN A 798 -6.52 -63.31 14.16
CA ASN A 798 -5.64 -63.13 13.01
C ASN A 798 -5.68 -61.67 12.54
N PHE A 799 -4.48 -61.15 12.29
CA PHE A 799 -4.26 -59.75 11.93
C PHE A 799 -4.11 -59.57 10.42
N SER A 800 -4.70 -60.46 9.62
CA SER A 800 -4.43 -60.50 8.19
C SER A 800 -4.86 -59.23 7.47
N GLN A 801 -5.76 -58.44 8.07
CA GLN A 801 -6.24 -57.22 7.42
C GLN A 801 -5.37 -56.01 7.70
N ILE A 802 -4.39 -56.12 8.59
CA ILE A 802 -3.50 -55.01 8.92
C ILE A 802 -2.04 -55.30 8.62
N LEU A 803 -1.65 -56.57 8.41
CA LEU A 803 -0.27 -56.88 8.07
C LEU A 803 -0.07 -56.80 6.55
N PRO A 804 1.15 -56.49 6.10
CA PRO A 804 1.40 -56.41 4.66
C PRO A 804 1.33 -57.78 4.01
N ASP A 805 0.98 -57.78 2.72
CA ASP A 805 0.93 -59.00 1.93
C ASP A 805 2.03 -58.99 0.88
N PRO A 806 2.87 -60.03 0.82
CA PRO A 806 3.99 -60.01 -0.14
C PRO A 806 3.55 -60.03 -1.59
N SER A 807 2.32 -60.43 -1.90
CA SER A 807 1.88 -60.54 -3.28
C SER A 807 1.89 -59.19 -3.99
N LYS A 808 1.41 -58.15 -3.31
CA LYS A 808 1.32 -56.84 -3.93
C LYS A 808 2.72 -56.25 -4.12
N PRO A 809 2.98 -55.61 -5.25
CA PRO A 809 4.30 -54.98 -5.46
C PRO A 809 4.62 -53.88 -4.47
N SER A 810 3.62 -53.14 -4.01
CA SER A 810 3.86 -51.99 -3.13
C SER A 810 4.03 -52.38 -1.66
N LYS A 811 3.70 -53.61 -1.30
CA LYS A 811 3.85 -54.11 0.08
C LYS A 811 3.06 -53.24 1.06
N ARG A 812 1.75 -53.22 0.86
CA ARG A 812 0.84 -52.46 1.70
C ARG A 812 -0.29 -53.36 2.18
N SER A 813 -0.79 -53.08 3.38
CA SER A 813 -1.87 -53.86 3.94
C SER A 813 -3.16 -53.61 3.17
N PRO A 814 -4.11 -54.55 3.23
CA PRO A 814 -5.38 -54.35 2.52
C PRO A 814 -6.12 -53.09 2.93
N ILE A 815 -6.07 -52.72 4.20
CA ILE A 815 -6.76 -51.52 4.65
C ILE A 815 -6.11 -50.27 4.09
N GLU A 816 -4.77 -50.23 4.06
CA GLU A 816 -4.07 -49.09 3.51
C GLU A 816 -4.37 -48.89 2.03
N ASP A 817 -4.63 -49.97 1.29
CA ASP A 817 -4.99 -49.83 -0.13
C ASP A 817 -6.29 -49.05 -0.29
N LEU A 818 -7.28 -49.32 0.56
CA LEU A 818 -8.52 -48.57 0.49
C LEU A 818 -8.30 -47.09 0.75
N LEU A 819 -7.45 -46.77 1.74
CA LEU A 819 -7.18 -45.37 2.05
C LEU A 819 -6.43 -44.68 0.91
N PHE A 820 -5.49 -45.37 0.27
CA PHE A 820 -4.68 -44.71 -0.76
C PHE A 820 -5.48 -44.45 -2.03
N ASN A 821 -6.31 -45.39 -2.46
CA ASN A 821 -7.18 -45.14 -3.61
C ASN A 821 -8.54 -44.59 -3.18
N LYS A 822 -8.50 -43.61 -2.28
CA LYS A 822 -9.71 -42.87 -1.89
C LYS A 822 -9.48 -41.37 -1.79
N VAL A 823 -8.26 -40.90 -1.61
CA VAL A 823 -7.95 -39.48 -1.52
C VAL A 823 -7.29 -39.08 -2.82
N THR A 824 -7.98 -38.26 -3.61
CA THR A 824 -7.48 -37.84 -4.92
C THR A 824 -7.54 -36.33 -5.06
N PHE A 852 5.72 -21.42 -15.41
CA PHE A 852 4.51 -21.25 -14.62
C PHE A 852 4.67 -20.10 -13.63
N ASN A 853 5.27 -19.01 -14.10
CA ASN A 853 5.48 -17.78 -13.33
C ASN A 853 6.40 -17.99 -12.13
N GLY A 854 7.20 -19.05 -12.12
CA GLY A 854 8.19 -19.25 -11.08
C GLY A 854 7.75 -20.05 -9.88
N LEU A 855 6.63 -20.76 -9.96
CA LEU A 855 6.15 -21.59 -8.86
C LEU A 855 6.68 -23.01 -9.03
N THR A 856 7.22 -23.58 -7.96
CA THR A 856 7.71 -24.94 -8.00
C THR A 856 7.33 -25.68 -6.72
N VAL A 857 7.32 -27.01 -6.82
CA VAL A 857 6.95 -27.89 -5.71
C VAL A 857 8.09 -28.86 -5.47
N LEU A 858 8.55 -28.95 -4.20
CA LEU A 858 9.67 -29.80 -3.83
C LEU A 858 9.18 -31.16 -3.32
N PRO A 859 9.96 -32.22 -3.51
CA PRO A 859 9.54 -33.55 -3.07
C PRO A 859 9.90 -33.79 -1.61
N PRO A 860 9.10 -34.57 -0.90
CA PRO A 860 9.43 -34.88 0.50
C PRO A 860 10.64 -35.79 0.59
N LEU A 861 11.30 -35.74 1.75
CA LEU A 861 12.52 -36.51 1.96
C LEU A 861 12.21 -37.99 2.15
N LEU A 862 11.12 -38.31 2.85
CA LEU A 862 10.74 -39.69 3.11
C LEU A 862 9.69 -40.12 2.09
N THR A 863 10.02 -41.15 1.32
CA THR A 863 9.09 -41.66 0.32
C THR A 863 7.98 -42.47 0.98
N ASP A 864 6.92 -42.72 0.21
CA ASP A 864 5.76 -43.43 0.73
C ASP A 864 6.07 -44.89 1.04
N GLU A 865 7.20 -45.41 0.56
CA GLU A 865 7.57 -46.80 0.82
C GLU A 865 8.43 -46.97 2.06
N MET A 866 8.81 -45.88 2.72
CA MET A 866 9.54 -45.94 3.98
C MET A 866 8.62 -45.74 5.18
N ILE A 867 7.59 -44.90 5.03
CA ILE A 867 6.60 -44.74 6.08
C ILE A 867 5.89 -46.07 6.33
N ALA A 868 5.59 -46.82 5.27
CA ALA A 868 5.02 -48.14 5.42
C ALA A 868 5.95 -49.10 6.15
N GLN A 869 7.25 -49.03 5.89
CA GLN A 869 8.20 -49.86 6.64
C GLN A 869 8.20 -49.50 8.12
N TYR A 870 8.15 -48.20 8.44
CA TYR A 870 8.09 -47.78 9.84
C TYR A 870 6.82 -48.29 10.51
N THR A 871 5.67 -48.16 9.84
CA THR A 871 4.40 -48.60 10.40
C THR A 871 4.40 -50.12 10.60
N SER A 872 4.94 -50.86 9.63
CA SER A 872 5.04 -52.31 9.76
C SER A 872 5.97 -52.71 10.89
N ALA A 873 7.07 -51.99 11.09
CA ALA A 873 7.94 -52.26 12.23
C ALA A 873 7.22 -52.07 13.54
N LEU A 874 6.46 -50.97 13.68
CA LEU A 874 5.67 -50.77 14.90
C LEU A 874 4.64 -51.88 15.10
N LEU A 875 3.92 -52.25 14.04
CA LEU A 875 2.90 -53.28 14.16
C LEU A 875 3.49 -54.62 14.54
N ALA A 876 4.64 -54.99 13.95
CA ALA A 876 5.26 -56.26 14.25
C ALA A 876 5.94 -56.26 15.61
N GLY A 877 6.34 -55.09 16.12
CA GLY A 877 6.89 -55.03 17.46
C GLY A 877 5.83 -55.10 18.54
N THR A 878 4.64 -54.58 18.23
CA THR A 878 3.56 -54.61 19.23
C THR A 878 3.09 -56.03 19.49
N ILE A 879 2.95 -56.85 18.45
CA ILE A 879 2.33 -58.17 18.60
C ILE A 879 3.25 -59.11 19.36
N THR A 880 4.55 -59.11 19.04
CA THR A 880 5.45 -60.12 19.57
C THR A 880 5.96 -59.81 20.98
N SER A 881 6.01 -58.53 21.35
CA SER A 881 6.60 -58.14 22.64
C SER A 881 5.59 -57.51 23.58
N GLY A 882 4.79 -56.55 23.10
CA GLY A 882 3.86 -55.85 23.96
C GLY A 882 4.23 -54.41 24.14
N TRP A 883 4.32 -53.95 25.39
CA TRP A 883 4.78 -52.60 25.70
C TRP A 883 6.23 -52.58 26.18
N THR A 884 6.92 -53.72 26.12
CA THR A 884 8.29 -53.79 26.62
C THR A 884 9.31 -53.28 25.62
N PHE A 885 8.94 -53.12 24.36
CA PHE A 885 9.88 -52.66 23.33
C PHE A 885 9.96 -51.14 23.24
N GLY A 886 9.16 -50.42 24.00
CA GLY A 886 9.20 -48.98 24.05
C GLY A 886 9.93 -48.39 25.24
N ALA A 887 10.43 -49.24 26.14
CA ALA A 887 11.14 -48.76 27.33
C ALA A 887 12.39 -49.60 27.60
N GLY A 888 13.03 -50.11 26.56
CA GLY A 888 14.20 -50.93 26.71
C GLY A 888 14.28 -52.02 25.67
N PRO A 889 14.97 -53.12 26.00
CA PRO A 889 15.04 -54.25 25.06
C PRO A 889 13.70 -54.95 24.94
N ALA A 890 13.49 -55.57 23.78
CA ALA A 890 12.23 -56.25 23.51
C ALA A 890 12.21 -57.63 24.14
N LEU A 891 11.13 -57.95 24.84
CA LEU A 891 10.95 -59.23 25.50
C LEU A 891 9.71 -59.90 24.94
N GLN A 892 9.82 -61.17 24.59
CA GLN A 892 8.72 -61.88 23.95
C GLN A 892 7.78 -62.49 24.97
N ILE A 893 6.51 -62.61 24.59
CA ILE A 893 5.46 -63.14 25.46
C ILE A 893 4.30 -63.59 24.58
N PRO A 894 3.65 -64.72 24.88
CA PRO A 894 2.50 -65.15 24.08
C PRO A 894 1.36 -64.13 24.11
N PHE A 895 0.66 -64.03 22.99
CA PHE A 895 -0.42 -63.05 22.86
C PHE A 895 -1.58 -63.30 23.83
N PRO A 896 -2.11 -64.52 23.98
CA PRO A 896 -3.17 -64.72 24.98
C PRO A 896 -2.74 -64.38 26.39
N MET A 897 -1.44 -64.52 26.70
CA MET A 897 -0.95 -64.16 28.03
C MET A 897 -0.86 -62.64 28.18
N GLN A 898 -0.59 -61.93 27.09
CA GLN A 898 -0.54 -60.46 27.15
C GLN A 898 -1.94 -59.87 27.22
N MET A 899 -2.93 -60.54 26.62
CA MET A 899 -4.31 -60.07 26.75
C MET A 899 -4.79 -60.16 28.19
N ALA A 900 -4.34 -61.17 28.95
CA ALA A 900 -4.65 -61.21 30.37
C ALA A 900 -4.01 -60.05 31.12
N TYR A 901 -2.78 -59.70 30.77
CA TYR A 901 -2.13 -58.53 31.38
C TYR A 901 -2.93 -57.27 31.12
N ARG A 902 -3.40 -57.09 29.89
CA ARG A 902 -4.20 -55.91 29.56
C ARG A 902 -5.59 -55.94 30.18
N PHE A 903 -6.13 -57.14 30.44
CA PHE A 903 -7.39 -57.24 31.18
C PHE A 903 -7.22 -56.86 32.64
N ASN A 904 -6.07 -57.20 33.24
CA ASN A 904 -5.84 -56.84 34.64
C ASN A 904 -5.75 -55.32 34.83
N GLY A 905 -5.43 -54.58 33.77
CA GLY A 905 -5.23 -53.15 33.89
C GLY A 905 -6.49 -52.31 33.90
N ILE A 906 -7.66 -52.93 33.73
CA ILE A 906 -8.93 -52.20 33.74
C ILE A 906 -9.82 -52.61 34.89
N GLY A 907 -9.41 -53.59 35.70
CA GLY A 907 -10.17 -54.00 36.86
C GLY A 907 -10.83 -55.36 36.79
N VAL A 908 -10.61 -56.12 35.73
CA VAL A 908 -11.21 -57.44 35.55
C VAL A 908 -10.13 -58.49 35.77
N THR A 909 -10.48 -59.54 36.50
CA THR A 909 -9.54 -60.60 36.81
C THR A 909 -9.13 -61.34 35.53
N GLN A 910 -7.96 -61.97 35.57
CA GLN A 910 -7.39 -62.60 34.40
C GLN A 910 -7.96 -63.99 34.12
N ASN A 911 -8.73 -64.56 35.04
CA ASN A 911 -9.38 -65.84 34.78
C ASN A 911 -10.63 -65.69 33.92
N VAL A 912 -11.08 -64.46 33.68
CA VAL A 912 -12.23 -64.25 32.81
C VAL A 912 -11.86 -64.53 31.36
N LEU A 913 -10.66 -64.11 30.93
CA LEU A 913 -10.27 -64.28 29.54
C LEU A 913 -10.00 -65.74 29.20
N TYR A 914 -9.30 -66.46 30.08
CA TYR A 914 -8.92 -67.83 29.78
C TYR A 914 -10.12 -68.76 29.63
N GLU A 915 -11.27 -68.39 30.19
CA GLU A 915 -12.48 -69.19 30.08
C GLU A 915 -13.44 -68.67 29.03
N ASN A 916 -13.07 -67.60 28.32
CA ASN A 916 -13.87 -67.07 27.21
C ASN A 916 -13.00 -66.69 26.03
N GLN A 917 -11.97 -67.49 25.74
CA GLN A 917 -10.98 -67.12 24.74
C GLN A 917 -11.56 -67.14 23.33
N LYS A 918 -12.27 -68.22 22.98
CA LYS A 918 -12.79 -68.36 21.62
C LYS A 918 -13.80 -67.28 21.29
N LEU A 919 -14.70 -66.97 22.23
CA LEU A 919 -15.70 -65.94 21.99
C LEU A 919 -15.06 -64.58 21.80
N ILE A 920 -14.04 -64.25 22.62
CA ILE A 920 -13.36 -62.97 22.48
C ILE A 920 -12.63 -62.88 21.15
N ALA A 921 -11.98 -63.97 20.74
CA ALA A 921 -11.29 -63.96 19.44
C ALA A 921 -12.28 -63.78 18.29
N ASN A 922 -13.42 -64.47 18.35
CA ASN A 922 -14.44 -64.32 17.32
C ASN A 922 -14.98 -62.89 17.27
N GLN A 923 -15.24 -62.30 18.43
CA GLN A 923 -15.70 -60.91 18.47
C GLN A 923 -14.66 -59.97 17.90
N PHE A 924 -13.39 -60.16 18.23
CA PHE A 924 -12.34 -59.29 17.69
C PHE A 924 -12.26 -59.41 16.18
N ASN A 925 -12.30 -60.63 15.64
CA ASN A 925 -12.24 -60.81 14.20
C ASN A 925 -13.45 -60.19 13.51
N SER A 926 -14.65 -60.40 14.06
CA SER A 926 -15.85 -59.81 13.46
C SER A 926 -15.80 -58.29 13.51
N ALA A 927 -15.32 -57.71 14.62
CA ALA A 927 -15.25 -56.26 14.74
C ALA A 927 -14.23 -55.67 13.78
N ILE A 928 -13.08 -56.32 13.62
CA ILE A 928 -12.07 -55.80 12.68
C ILE A 928 -12.47 -56.04 11.24
N GLY A 929 -13.39 -56.98 10.98
CA GLY A 929 -13.83 -57.21 9.62
C GLY A 929 -14.81 -56.20 9.06
N LYS A 930 -15.35 -55.32 9.91
CA LYS A 930 -16.33 -54.34 9.47
C LYS A 930 -15.75 -52.95 9.22
N ILE A 931 -14.45 -52.77 9.44
CA ILE A 931 -13.83 -51.46 9.23
C ILE A 931 -13.77 -51.13 7.74
N GLN A 932 -13.41 -52.14 6.93
CA GLN A 932 -13.29 -51.93 5.49
C GLN A 932 -14.61 -51.50 4.88
N ASP A 933 -15.71 -52.14 5.28
CA ASP A 933 -17.02 -51.77 4.75
C ASP A 933 -17.38 -50.34 5.13
N SER A 934 -17.12 -49.96 6.38
CA SER A 934 -17.45 -48.61 6.84
C SER A 934 -16.64 -47.57 6.08
N LEU A 935 -15.36 -47.87 5.80
CA LEU A 935 -14.53 -46.91 5.08
C LEU A 935 -14.91 -46.83 3.60
N SER A 936 -15.16 -47.98 2.97
CA SER A 936 -15.39 -48.00 1.53
C SER A 936 -16.78 -47.48 1.18
N SER A 937 -17.80 -47.90 1.93
CA SER A 937 -19.17 -47.52 1.58
C SER A 937 -19.39 -46.02 1.71
N THR A 938 -18.94 -45.44 2.82
CA THR A 938 -19.07 -44.01 3.02
C THR A 938 -17.95 -43.27 2.29
N PRO A 939 -18.25 -42.39 1.34
CA PRO A 939 -17.18 -41.73 0.59
C PRO A 939 -16.55 -40.56 1.35
N SER A 940 -17.33 -39.92 2.22
CA SER A 940 -16.89 -38.75 2.95
C SER A 940 -16.19 -39.09 4.26
N ALA A 941 -15.71 -40.33 4.40
CA ALA A 941 -15.02 -40.72 5.63
C ALA A 941 -13.72 -39.93 5.82
N LEU A 942 -12.93 -39.78 4.75
CA LEU A 942 -11.67 -39.07 4.82
C LEU A 942 -11.85 -37.61 4.41
N GLY A 943 -12.74 -36.92 5.15
CA GLY A 943 -13.00 -35.52 4.87
C GLY A 943 -11.98 -34.57 5.46
N LYS A 944 -11.28 -34.98 6.50
CA LYS A 944 -10.26 -34.12 7.11
C LYS A 944 -9.00 -34.06 6.26
N LEU A 945 -8.61 -35.19 5.65
CA LEU A 945 -7.43 -35.19 4.79
C LEU A 945 -7.71 -34.51 3.46
N GLN A 946 -8.87 -34.75 2.87
CA GLN A 946 -9.26 -34.07 1.64
C GLN A 946 -9.92 -32.73 1.96
N ASP A 947 -9.23 -31.94 2.78
CA ASP A 947 -9.65 -30.58 3.09
C ASP A 947 -8.48 -29.60 3.05
N VAL A 948 -7.26 -30.02 3.36
CA VAL A 948 -6.09 -29.18 3.20
C VAL A 948 -5.57 -29.18 1.77
N VAL A 949 -5.91 -30.21 0.99
CA VAL A 949 -5.57 -30.22 -0.44
C VAL A 949 -6.40 -29.19 -1.18
N ASN A 950 -7.70 -29.12 -0.89
CA ASN A 950 -8.56 -28.14 -1.55
C ASN A 950 -8.19 -26.72 -1.16
N GLN A 951 -7.88 -26.50 0.12
CA GLN A 951 -7.54 -25.16 0.58
C GLN A 951 -6.19 -24.70 0.03
N ASN A 952 -5.23 -25.62 -0.09
CA ASN A 952 -3.91 -25.23 -0.56
C ASN A 952 -3.91 -24.94 -2.06
N ALA A 953 -4.60 -25.76 -2.85
CA ALA A 953 -4.64 -25.55 -4.29
C ALA A 953 -5.42 -24.30 -4.65
N GLN A 954 -6.60 -24.11 -4.06
CA GLN A 954 -7.42 -22.94 -4.39
C GLN A 954 -6.70 -21.64 -4.09
N ALA A 955 -6.06 -21.54 -2.93
CA ALA A 955 -5.32 -20.32 -2.60
C ALA A 955 -4.19 -20.07 -3.58
N LEU A 956 -3.73 -21.11 -4.27
CA LEU A 956 -2.74 -20.90 -5.33
C LEU A 956 -3.37 -20.27 -6.57
N ASN A 957 -4.56 -20.73 -6.96
CA ASN A 957 -5.18 -20.24 -8.18
C ASN A 957 -5.39 -18.74 -8.12
N THR A 958 -5.93 -18.24 -6.99
CA THR A 958 -6.17 -16.81 -6.85
C THR A 958 -4.89 -16.00 -7.03
N LEU A 959 -3.73 -16.60 -6.75
CA LEU A 959 -2.47 -15.92 -7.02
C LEU A 959 -2.28 -15.69 -8.52
N VAL A 960 -2.39 -16.76 -9.32
CA VAL A 960 -2.09 -16.65 -10.75
C VAL A 960 -3.07 -15.73 -11.43
N LYS A 961 -4.36 -15.84 -11.10
CA LYS A 961 -5.38 -14.98 -11.67
C LYS A 961 -5.19 -13.52 -11.32
N GLN A 962 -4.28 -13.19 -10.41
CA GLN A 962 -4.00 -11.79 -10.11
C GLN A 962 -2.96 -11.20 -11.06
N LEU A 963 -2.48 -11.95 -12.04
CA LEU A 963 -1.56 -11.41 -13.03
C LEU A 963 -2.26 -10.76 -14.22
N SER A 964 -3.59 -10.72 -14.21
CA SER A 964 -4.37 -10.15 -15.31
C SER A 964 -5.25 -9.00 -14.82
N SER A 965 -4.69 -8.13 -13.98
CA SER A 965 -5.40 -6.99 -13.44
C SER A 965 -4.65 -5.70 -13.78
N ASN A 966 -5.41 -4.68 -14.16
CA ASN A 966 -4.79 -3.40 -14.52
C ASN A 966 -4.16 -2.71 -13.31
N PHE A 967 -4.84 -2.78 -12.16
CA PHE A 967 -4.38 -2.13 -10.93
C PHE A 967 -4.24 -0.62 -11.11
N GLY A 968 -5.01 -0.04 -12.03
CA GLY A 968 -4.97 1.38 -12.30
C GLY A 968 -4.20 1.77 -13.55
N ALA A 969 -3.48 0.84 -14.16
CA ALA A 969 -2.72 1.13 -15.37
C ALA A 969 -3.63 0.98 -16.59
N ILE A 970 -3.05 1.02 -17.79
CA ILE A 970 -3.81 0.88 -19.02
C ILE A 970 -3.82 -0.55 -19.55
N SER A 971 -2.91 -1.41 -19.10
CA SER A 971 -2.87 -2.79 -19.56
C SER A 971 -2.17 -3.64 -18.51
N SER A 972 -2.42 -4.95 -18.56
CA SER A 972 -1.82 -5.91 -17.66
C SER A 972 -0.60 -6.60 -18.26
N VAL A 973 -0.18 -6.20 -19.46
CA VAL A 973 0.94 -6.81 -20.15
C VAL A 973 2.11 -5.84 -20.14
N LEU A 974 3.26 -6.30 -19.64
CA LEU A 974 4.44 -5.44 -19.58
C LEU A 974 5.00 -5.14 -20.96
N ASN A 975 5.06 -6.15 -21.83
CA ASN A 975 5.63 -5.96 -23.15
C ASN A 975 4.74 -5.09 -24.03
N ASP A 976 3.43 -5.08 -23.78
CA ASP A 976 2.53 -4.25 -24.56
C ASP A 976 2.76 -2.77 -24.28
N ILE A 977 2.81 -2.39 -23.01
CA ILE A 977 3.05 -0.99 -22.66
C ILE A 977 4.49 -0.60 -22.99
N LEU A 978 5.44 -1.52 -22.79
CA LEU A 978 6.84 -1.20 -23.00
C LEU A 978 7.17 -0.88 -24.44
N SER A 979 6.32 -1.27 -25.39
CA SER A 979 6.55 -1.02 -26.81
C SER A 979 5.60 0.02 -27.38
N ARG A 980 4.94 0.81 -26.53
CA ARG A 980 3.97 1.79 -27.01
C ARG A 980 4.06 3.13 -26.28
N LEU A 981 5.08 3.35 -25.46
CA LEU A 981 5.18 4.60 -24.70
C LEU A 981 6.64 4.96 -24.53
N ASP A 982 6.88 6.26 -24.30
CA ASP A 982 8.24 6.77 -24.12
C ASP A 982 8.75 6.43 -22.73
N PRO A 983 10.07 6.28 -22.57
CA PRO A 983 10.65 5.91 -21.27
C PRO A 983 10.26 6.87 -20.15
N PRO A 984 10.21 8.19 -20.39
CA PRO A 984 9.75 9.08 -19.30
C PRO A 984 8.34 8.77 -18.82
N GLU A 985 7.46 8.30 -19.70
CA GLU A 985 6.08 8.00 -19.32
C GLU A 985 5.85 6.51 -19.08
N ALA A 986 6.79 5.64 -19.49
CA ALA A 986 6.64 4.21 -19.25
C ALA A 986 7.04 3.79 -17.84
N GLU A 987 7.70 4.66 -17.09
CA GLU A 987 8.14 4.36 -15.74
C GLU A 987 7.12 4.77 -14.68
N VAL A 988 5.97 5.28 -15.09
CA VAL A 988 4.91 5.68 -14.17
C VAL A 988 3.83 4.62 -14.05
N GLN A 989 3.41 4.05 -15.18
CA GLN A 989 2.36 3.04 -15.16
C GLN A 989 2.91 1.68 -14.70
N ILE A 990 4.21 1.47 -14.81
CA ILE A 990 4.81 0.22 -14.38
C ILE A 990 4.76 0.08 -12.86
N ASP A 991 4.94 1.20 -12.14
CA ASP A 991 4.97 1.18 -10.69
C ASP A 991 3.65 0.73 -10.08
N ARG A 992 2.52 1.07 -10.72
CA ARG A 992 1.22 0.57 -10.24
C ARG A 992 1.15 -0.95 -10.28
N LEU A 993 1.56 -1.55 -11.40
CA LEU A 993 1.60 -3.00 -11.50
C LEU A 993 2.54 -3.58 -10.45
N ILE A 994 3.70 -2.95 -10.26
CA ILE A 994 4.67 -3.46 -9.29
C ILE A 994 4.07 -3.47 -7.89
N THR A 995 3.43 -2.36 -7.50
CA THR A 995 2.84 -2.27 -6.16
C THR A 995 1.72 -3.29 -5.96
N GLY A 996 0.82 -3.40 -6.95
CA GLY A 996 -0.27 -4.35 -6.84
C GLY A 996 0.22 -5.79 -6.73
N ARG A 997 1.20 -6.16 -7.56
CA ARG A 997 1.72 -7.52 -7.53
C ARG A 997 2.46 -7.79 -6.22
N LEU A 998 3.19 -6.80 -5.70
CA LEU A 998 3.85 -6.98 -4.41
C LEU A 998 2.85 -7.22 -3.28
N GLN A 999 1.77 -6.44 -3.24
CA GLN A 999 0.75 -6.65 -2.22
C GLN A 999 0.09 -8.01 -2.35
N SER A 1000 -0.23 -8.42 -3.59
CA SER A 1000 -0.83 -9.73 -3.82
C SER A 1000 0.09 -10.85 -3.40
N LEU A 1001 1.41 -10.67 -3.56
CA LEU A 1001 2.37 -11.68 -3.10
C LEU A 1001 2.51 -11.70 -1.59
N GLN A 1002 2.44 -10.55 -0.92
CA GLN A 1002 2.54 -10.52 0.53
C GLN A 1002 1.36 -11.17 1.24
N THR A 1003 0.14 -10.96 0.72
CA THR A 1003 -1.03 -11.54 1.36
C THR A 1003 -0.94 -13.07 1.39
N TYR A 1004 -0.47 -13.66 0.30
CA TYR A 1004 -0.35 -15.12 0.22
C TYR A 1004 0.60 -15.66 1.27
N VAL A 1005 1.75 -15.01 1.47
CA VAL A 1005 2.73 -15.48 2.45
C VAL A 1005 2.17 -15.36 3.86
N THR A 1006 1.50 -14.23 4.16
CA THR A 1006 0.91 -14.08 5.49
C THR A 1006 -0.11 -15.19 5.78
N GLN A 1007 -1.02 -15.43 4.82
CA GLN A 1007 -2.03 -16.46 5.02
C GLN A 1007 -1.41 -17.86 5.10
N GLN A 1008 -0.32 -18.11 4.37
CA GLN A 1008 0.35 -19.40 4.46
C GLN A 1008 1.00 -19.62 5.82
N LEU A 1009 1.63 -18.59 6.39
CA LEU A 1009 2.16 -18.73 7.74
C LEU A 1009 1.04 -19.01 8.75
N ILE A 1010 -0.07 -18.27 8.65
CA ILE A 1010 -1.16 -18.50 9.59
C ILE A 1010 -1.71 -19.92 9.45
N ARG A 1011 -1.86 -20.41 8.22
CA ARG A 1011 -2.36 -21.76 8.01
C ARG A 1011 -1.39 -22.81 8.52
N ALA A 1012 -0.10 -22.64 8.26
CA ALA A 1012 0.90 -23.61 8.70
C ALA A 1012 1.09 -23.62 10.21
N ALA A 1013 0.61 -22.58 10.92
CA ALA A 1013 0.71 -22.58 12.37
C ALA A 1013 -0.11 -23.66 13.06
N GLU A 1014 -1.04 -24.34 12.36
CA GLU A 1014 -1.94 -25.30 13.01
C GLU A 1014 -1.69 -26.75 12.61
N ILE A 1015 -1.09 -26.99 11.44
CA ILE A 1015 -0.69 -28.36 11.10
C ILE A 1015 0.34 -28.86 12.09
N ARG A 1016 1.19 -27.97 12.59
CA ARG A 1016 2.12 -28.32 13.66
C ARG A 1016 1.39 -28.70 14.94
N ALA A 1017 0.31 -27.99 15.28
CA ALA A 1017 -0.46 -28.34 16.46
C ALA A 1017 -1.10 -29.71 16.33
N SER A 1018 -1.58 -30.05 15.13
CA SER A 1018 -2.13 -31.38 14.90
C SER A 1018 -1.06 -32.48 14.93
N ALA A 1019 0.12 -32.22 14.37
CA ALA A 1019 1.21 -33.18 14.40
C ALA A 1019 1.78 -33.37 15.79
N ASN A 1020 1.67 -32.37 16.66
CA ASN A 1020 2.08 -32.52 18.05
C ASN A 1020 1.12 -33.36 18.87
N LEU A 1021 -0.13 -33.51 18.41
CA LEU A 1021 -1.09 -34.40 19.06
C LEU A 1021 -1.00 -35.82 18.51
N ALA A 1022 -0.74 -35.95 17.20
CA ALA A 1022 -0.55 -37.29 16.64
C ALA A 1022 0.65 -37.99 17.26
N ALA A 1023 1.75 -37.26 17.51
CA ALA A 1023 2.94 -37.84 18.09
C ALA A 1023 2.73 -38.25 19.55
N THR A 1024 1.78 -37.60 20.24
CA THR A 1024 1.46 -38.01 21.61
C THR A 1024 0.52 -39.21 21.64
N LYS A 1025 -0.44 -39.25 20.71
CA LYS A 1025 -1.30 -40.42 20.61
C LYS A 1025 -0.52 -41.66 20.18
N MET A 1026 0.53 -41.50 19.38
CA MET A 1026 1.37 -42.64 19.05
C MET A 1026 2.15 -43.14 20.27
N SER A 1027 2.61 -42.23 21.12
CA SER A 1027 3.39 -42.61 22.29
C SER A 1027 2.56 -43.21 23.42
N GLU A 1028 1.34 -42.71 23.65
CA GLU A 1028 0.57 -43.13 24.81
C GLU A 1028 -0.47 -44.19 24.51
N CYS A 1029 -1.04 -44.23 23.30
CA CYS A 1029 -2.03 -45.24 22.96
C CYS A 1029 -1.41 -46.49 22.35
N VAL A 1030 -0.36 -46.33 21.54
CA VAL A 1030 0.21 -47.46 20.81
C VAL A 1030 1.31 -48.15 21.59
N LEU A 1031 2.19 -47.38 22.23
CA LEU A 1031 3.33 -47.95 22.96
C LEU A 1031 2.98 -48.29 24.41
N GLY A 1032 1.75 -48.07 24.84
CA GLY A 1032 1.35 -48.40 26.18
C GLY A 1032 -0.16 -48.47 26.30
N GLN A 1033 -0.63 -48.62 27.53
CA GLN A 1033 -2.04 -48.65 27.85
C GLN A 1033 -2.40 -47.39 28.63
N SER A 1034 -3.42 -46.69 28.18
CA SER A 1034 -3.77 -45.38 28.72
C SER A 1034 -4.91 -45.46 29.71
N LYS A 1035 -4.88 -44.57 30.71
CA LYS A 1035 -5.95 -44.44 31.68
C LYS A 1035 -6.74 -43.15 31.53
N ARG A 1036 -6.30 -42.23 30.66
CA ARG A 1036 -7.05 -41.00 30.44
C ARG A 1036 -8.36 -41.30 29.74
N VAL A 1037 -9.42 -40.65 30.19
CA VAL A 1037 -10.77 -40.93 29.71
C VAL A 1037 -10.98 -40.28 28.35
N ASP A 1038 -11.52 -41.05 27.40
CA ASP A 1038 -11.88 -40.57 26.07
C ASP A 1038 -10.66 -40.06 25.29
N PHE A 1039 -9.47 -40.56 25.62
CA PHE A 1039 -8.27 -40.21 24.86
C PHE A 1039 -8.04 -41.19 23.72
N CYS A 1040 -7.84 -42.46 24.05
CA CYS A 1040 -7.69 -43.51 23.04
C CYS A 1040 -9.02 -44.24 22.86
N GLY A 1041 -10.02 -43.50 22.38
CA GLY A 1041 -11.32 -44.07 22.10
C GLY A 1041 -12.29 -44.00 23.26
N LYS A 1042 -13.51 -44.43 23.00
CA LYS A 1042 -14.60 -44.41 23.96
C LYS A 1042 -14.80 -45.80 24.55
N GLY A 1043 -14.58 -45.92 25.86
CA GLY A 1043 -14.67 -47.18 26.58
C GLY A 1043 -13.45 -47.34 27.46
N TYR A 1044 -13.15 -48.60 27.80
CA TYR A 1044 -11.94 -48.94 28.54
C TYR A 1044 -10.88 -49.40 27.55
N HIS A 1045 -9.77 -48.69 27.50
CA HIS A 1045 -8.76 -48.92 26.46
C HIS A 1045 -8.11 -50.28 26.62
N LEU A 1046 -7.98 -50.98 25.49
CA LEU A 1046 -7.20 -52.22 25.43
C LEU A 1046 -6.00 -52.09 24.52
N MET A 1047 -6.18 -51.76 23.24
CA MET A 1047 -5.06 -51.69 22.30
C MET A 1047 -5.31 -50.60 21.27
N SER A 1048 -4.31 -50.36 20.42
CA SER A 1048 -4.39 -49.40 19.33
C SER A 1048 -3.39 -49.80 18.25
N PHE A 1049 -3.78 -49.58 17.00
CA PHE A 1049 -2.98 -49.94 15.84
C PHE A 1049 -2.88 -48.77 14.86
N PRO A 1050 -1.68 -48.50 14.33
CA PRO A 1050 -1.51 -47.41 13.37
C PRO A 1050 -1.59 -47.85 11.92
N GLN A 1051 -2.01 -46.92 11.07
CA GLN A 1051 -1.96 -47.06 9.62
C GLN A 1051 -1.63 -45.69 9.02
N SER A 1052 -1.08 -45.70 7.81
CA SER A 1052 -0.64 -44.48 7.14
C SER A 1052 -1.60 -44.14 6.02
N ALA A 1053 -1.78 -42.84 5.78
CA ALA A 1053 -2.61 -42.31 4.72
C ALA A 1053 -1.89 -41.12 4.10
N PRO A 1054 -2.24 -40.74 2.87
CA PRO A 1054 -1.56 -39.61 2.23
C PRO A 1054 -1.65 -38.36 3.10
N HIS A 1055 -0.49 -37.91 3.59
CA HIS A 1055 -0.39 -36.73 4.44
C HIS A 1055 -1.18 -36.88 5.74
N GLY A 1056 -1.19 -38.09 6.29
CA GLY A 1056 -1.91 -38.27 7.54
C GLY A 1056 -1.75 -39.67 8.10
N VAL A 1057 -2.34 -39.86 9.28
CA VAL A 1057 -2.27 -41.11 10.02
C VAL A 1057 -3.68 -41.50 10.45
N VAL A 1058 -3.87 -42.81 10.65
CA VAL A 1058 -5.14 -43.38 11.07
C VAL A 1058 -4.87 -44.32 12.24
N PHE A 1059 -5.69 -44.20 13.29
CA PHE A 1059 -5.57 -45.04 14.47
C PHE A 1059 -6.82 -45.90 14.61
N LEU A 1060 -6.61 -47.18 14.92
CA LEU A 1060 -7.70 -48.11 15.20
C LEU A 1060 -7.60 -48.47 16.69
N HIS A 1061 -8.62 -48.09 17.46
CA HIS A 1061 -8.64 -48.28 18.90
C HIS A 1061 -9.54 -49.45 19.24
N VAL A 1062 -9.02 -50.37 20.07
CA VAL A 1062 -9.76 -51.55 20.51
C VAL A 1062 -10.02 -51.38 22.01
N THR A 1063 -11.30 -51.40 22.38
CA THR A 1063 -11.76 -51.12 23.74
C THR A 1063 -12.67 -52.24 24.23
N TYR A 1064 -13.29 -52.02 25.38
CA TYR A 1064 -14.09 -53.01 26.10
C TYR A 1064 -15.38 -52.36 26.57
N VAL A 1065 -16.52 -53.01 26.30
CA VAL A 1065 -17.81 -52.43 26.67
C VAL A 1065 -18.65 -53.43 27.46
N PRO A 1066 -19.19 -53.04 28.61
CA PRO A 1066 -20.08 -53.94 29.36
C PRO A 1066 -21.48 -53.96 28.76
N ALA A 1067 -22.27 -54.95 29.19
CA ALA A 1067 -23.63 -55.13 28.70
C ALA A 1067 -24.34 -56.19 29.54
N GLN A 1068 -25.67 -56.22 29.39
CA GLN A 1068 -26.55 -57.17 30.07
C GLN A 1068 -26.47 -57.03 31.60
N GLU A 1069 -26.91 -55.85 32.06
CA GLU A 1069 -26.93 -55.52 33.48
C GLU A 1069 -28.01 -56.31 34.20
N LYS A 1070 -28.12 -56.09 35.51
CA LYS A 1070 -29.12 -56.80 36.33
C LYS A 1070 -29.44 -55.93 37.55
N ASN A 1071 -30.10 -56.55 38.53
CA ASN A 1071 -30.62 -55.87 39.72
C ASN A 1071 -30.17 -56.61 40.96
N PHE A 1072 -29.72 -55.86 41.98
CA PHE A 1072 -29.29 -56.45 43.24
C PHE A 1072 -29.51 -55.48 44.37
N THR A 1073 -29.48 -56.00 45.59
CA THR A 1073 -29.57 -55.23 46.82
C THR A 1073 -28.21 -55.22 47.50
N THR A 1074 -27.79 -54.06 48.01
CA THR A 1074 -26.44 -53.87 48.50
C THR A 1074 -26.46 -53.41 49.96
N ALA A 1075 -25.33 -53.63 50.63
CA ALA A 1075 -25.09 -53.21 52.01
C ALA A 1075 -23.65 -52.74 52.14
N PRO A 1076 -23.37 -51.82 53.06
CA PRO A 1076 -22.00 -51.30 53.19
C PRO A 1076 -21.09 -52.18 54.03
N ALA A 1077 -21.65 -52.94 54.97
CA ALA A 1077 -20.85 -53.77 55.85
C ALA A 1077 -21.71 -54.89 56.41
N ILE A 1078 -21.05 -55.88 56.99
CA ILE A 1078 -21.69 -57.06 57.57
C ILE A 1078 -21.25 -57.16 59.03
N CYS A 1079 -22.21 -57.19 59.95
CA CYS A 1079 -21.93 -57.20 61.38
C CYS A 1079 -22.01 -58.64 61.88
N HIS A 1080 -20.84 -59.24 62.13
CA HIS A 1080 -20.75 -60.51 62.85
C HIS A 1080 -20.85 -60.24 64.34
N ASP A 1081 -20.48 -61.21 65.17
CA ASP A 1081 -20.67 -61.06 66.61
C ASP A 1081 -19.74 -59.97 67.15
N GLY A 1082 -20.24 -58.75 67.23
CA GLY A 1082 -19.51 -57.63 67.78
C GLY A 1082 -18.46 -57.03 66.89
N LYS A 1083 -18.38 -57.43 65.62
CA LYS A 1083 -17.37 -56.94 64.71
C LYS A 1083 -17.99 -56.55 63.38
N ALA A 1084 -17.35 -55.62 62.68
CA ALA A 1084 -17.79 -55.15 61.37
C ALA A 1084 -16.78 -55.57 60.32
N HIS A 1085 -17.27 -56.22 59.26
CA HIS A 1085 -16.43 -56.73 58.18
C HIS A 1085 -16.66 -55.92 56.91
N PHE A 1086 -15.57 -55.46 56.30
CA PHE A 1086 -15.60 -54.71 55.06
C PHE A 1086 -14.99 -55.53 53.93
N PRO A 1087 -15.48 -55.38 52.70
CA PRO A 1087 -14.95 -56.19 51.59
C PRO A 1087 -13.55 -55.72 51.19
N ARG A 1088 -12.69 -56.70 50.90
CA ARG A 1088 -11.30 -56.38 50.59
C ARG A 1088 -11.18 -55.80 49.18
N GLU A 1089 -11.86 -56.40 48.19
CA GLU A 1089 -11.69 -55.98 46.81
C GLU A 1089 -12.98 -55.89 46.01
N GLY A 1090 -14.13 -56.23 46.59
CA GLY A 1090 -15.37 -56.31 45.83
C GLY A 1090 -16.48 -55.51 46.48
N VAL A 1091 -17.70 -56.05 46.38
CA VAL A 1091 -18.91 -55.39 46.86
C VAL A 1091 -19.90 -56.48 47.23
N PHE A 1092 -20.72 -56.18 48.24
CA PHE A 1092 -21.72 -57.11 48.74
C PHE A 1092 -23.00 -56.97 47.92
N VAL A 1093 -23.60 -58.12 47.57
CA VAL A 1093 -24.84 -58.18 46.82
C VAL A 1093 -25.72 -59.27 47.41
N SER A 1094 -26.99 -59.26 47.02
CA SER A 1094 -27.95 -60.26 47.46
C SER A 1094 -28.90 -60.60 46.33
N ASN A 1095 -29.43 -61.83 46.36
CA ASN A 1095 -30.39 -62.30 45.36
C ASN A 1095 -31.76 -62.55 45.99
N GLY A 1096 -32.00 -61.98 47.17
CA GLY A 1096 -33.28 -62.12 47.83
C GLY A 1096 -33.22 -62.79 49.18
N THR A 1097 -32.40 -63.83 49.31
CA THR A 1097 -32.28 -64.56 50.56
C THR A 1097 -30.85 -64.68 51.05
N HIS A 1098 -29.88 -64.83 50.15
CA HIS A 1098 -28.50 -65.06 50.51
C HIS A 1098 -27.62 -63.92 50.00
N TRP A 1099 -26.50 -63.72 50.68
CA TRP A 1099 -25.57 -62.63 50.40
C TRP A 1099 -24.27 -63.18 49.84
N PHE A 1100 -23.70 -62.44 48.88
CA PHE A 1100 -22.45 -62.82 48.25
C PHE A 1100 -21.57 -61.58 48.10
N VAL A 1101 -20.31 -61.81 47.77
CA VAL A 1101 -19.36 -60.75 47.48
C VAL A 1101 -18.83 -60.96 46.07
N THR A 1102 -18.86 -59.92 45.25
CA THR A 1102 -18.46 -60.04 43.85
C THR A 1102 -17.56 -58.88 43.46
N GLN A 1103 -16.85 -59.05 42.34
CA GLN A 1103 -16.07 -57.95 41.81
C GLN A 1103 -16.99 -56.92 41.16
N ARG A 1104 -16.43 -55.74 40.88
CA ARG A 1104 -17.26 -54.59 40.54
C ARG A 1104 -17.64 -54.54 39.06
N ASN A 1105 -16.80 -55.09 38.18
CA ASN A 1105 -17.02 -54.97 36.74
C ASN A 1105 -17.54 -56.24 36.10
N PHE A 1106 -17.82 -57.28 36.87
CA PHE A 1106 -18.31 -58.53 36.32
C PHE A 1106 -18.98 -59.32 37.42
N TYR A 1107 -20.08 -59.99 37.08
CA TYR A 1107 -20.85 -60.73 38.08
C TYR A 1107 -20.22 -62.10 38.31
N GLU A 1108 -19.76 -62.33 39.54
CA GLU A 1108 -19.16 -63.60 39.93
C GLU A 1108 -19.30 -63.78 41.43
N PRO A 1109 -20.42 -64.33 41.91
CA PRO A 1109 -20.65 -64.39 43.36
C PRO A 1109 -19.82 -65.47 44.02
N GLN A 1110 -19.33 -65.16 45.22
CA GLN A 1110 -18.59 -66.11 46.04
C GLN A 1110 -19.09 -66.02 47.47
N ILE A 1111 -18.89 -67.11 48.21
CA ILE A 1111 -19.33 -67.17 49.60
C ILE A 1111 -18.41 -66.30 50.46
N ILE A 1112 -19.01 -65.54 51.38
CA ILE A 1112 -18.25 -64.64 52.22
C ILE A 1112 -17.42 -65.44 53.22
N THR A 1113 -16.12 -65.14 53.29
CA THR A 1113 -15.24 -65.79 54.23
C THR A 1113 -14.36 -64.77 54.93
N THR A 1114 -13.36 -65.23 55.68
CA THR A 1114 -12.42 -64.35 56.36
C THR A 1114 -11.21 -64.02 55.50
N ASP A 1115 -11.16 -64.50 54.26
CA ASP A 1115 -10.04 -64.24 53.36
C ASP A 1115 -10.36 -63.19 52.31
N ASN A 1116 -11.59 -62.65 52.29
CA ASN A 1116 -11.95 -61.58 51.38
C ASN A 1116 -12.59 -60.40 52.12
N THR A 1117 -12.46 -60.37 53.44
CA THR A 1117 -12.99 -59.28 54.26
C THR A 1117 -11.98 -58.93 55.34
N PHE A 1118 -12.08 -57.69 55.83
CA PHE A 1118 -11.22 -57.25 56.93
C PHE A 1118 -12.06 -56.54 57.99
N VAL A 1119 -11.60 -56.63 59.23
CA VAL A 1119 -12.37 -56.15 60.39
C VAL A 1119 -11.86 -54.79 60.82
N SER A 1120 -12.78 -53.89 61.17
CA SER A 1120 -12.42 -52.58 61.68
C SER A 1120 -13.57 -52.07 62.56
N GLY A 1121 -13.41 -52.17 63.87
CA GLY A 1121 -14.38 -51.61 64.79
C GLY A 1121 -15.50 -52.57 65.16
N ASN A 1122 -16.62 -51.97 65.54
CA ASN A 1122 -17.83 -52.71 65.91
C ASN A 1122 -19.03 -52.11 65.20
N CYS A 1123 -20.08 -52.92 65.06
CA CYS A 1123 -21.25 -52.55 64.28
C CYS A 1123 -22.19 -51.68 65.12
N ASP A 1124 -21.71 -50.46 65.39
CA ASP A 1124 -22.53 -49.47 66.08
C ASP A 1124 -22.36 -48.05 65.55
N VAL A 1125 -21.55 -47.83 64.51
CA VAL A 1125 -21.30 -46.49 64.02
C VAL A 1125 -21.71 -46.38 62.55
N VAL A 1126 -21.70 -47.50 61.84
CA VAL A 1126 -22.01 -47.50 60.41
C VAL A 1126 -23.51 -47.47 60.23
N ILE A 1127 -23.97 -46.71 59.24
CA ILE A 1127 -25.39 -46.58 58.92
C ILE A 1127 -25.71 -47.53 57.78
N GLY A 1128 -26.59 -48.49 58.03
CA GLY A 1128 -26.96 -49.47 57.04
C GLY A 1128 -26.32 -50.83 57.21
N ILE A 1129 -25.61 -51.08 58.31
CA ILE A 1129 -24.97 -52.37 58.52
C ILE A 1129 -26.04 -53.42 58.78
N VAL A 1130 -25.82 -54.61 58.22
CA VAL A 1130 -26.80 -55.69 58.26
C VAL A 1130 -26.18 -56.88 58.98
N ASN A 1131 -27.00 -57.90 59.25
CA ASN A 1131 -26.56 -59.13 59.88
C ASN A 1131 -26.47 -60.30 58.91
N ASN A 1132 -25.41 -61.09 59.07
CA ASN A 1132 -25.17 -62.33 58.34
C ASN A 1132 -24.13 -63.11 59.14
N THR A 1133 -23.59 -64.18 58.55
CA THR A 1133 -22.52 -64.96 59.14
C THR A 1133 -21.34 -65.04 58.19
N VAL A 1134 -20.14 -65.12 58.77
CA VAL A 1134 -18.89 -65.17 58.02
C VAL A 1134 -18.23 -66.52 58.27
N TYR A 1135 -17.95 -67.24 57.18
CA TYR A 1135 -17.41 -68.59 57.28
C TYR A 1135 -15.90 -68.53 57.52
N ASP A 1136 -15.42 -69.33 58.47
CA ASP A 1136 -14.00 -69.40 58.79
C ASP A 1136 -13.43 -70.71 58.28
N PRO A 1137 -12.50 -70.69 57.32
CA PRO A 1137 -12.00 -71.92 56.70
C PRO A 1137 -10.87 -72.61 57.47
N LEU A 1138 -11.01 -72.67 58.78
CA LEU A 1138 -10.04 -73.38 59.61
C LEU A 1138 -10.67 -74.41 60.53
N GLN A 1139 -11.86 -74.12 61.07
CA GLN A 1139 -12.49 -75.03 62.03
C GLN A 1139 -12.82 -76.38 61.43
N PRO A 1140 -13.42 -76.50 60.23
CA PRO A 1140 -13.68 -77.84 59.67
C PRO A 1140 -12.42 -78.67 59.47
N GLU A 1141 -11.26 -78.02 59.27
CA GLU A 1141 -10.02 -78.77 59.14
C GLU A 1141 -9.67 -79.51 60.42
N LEU A 1142 -9.92 -78.89 61.57
CA LEU A 1142 -9.65 -79.53 62.85
C LEU A 1142 -10.69 -79.12 63.89
N GLN B 14 57.00 19.12 -36.88
CA GLN B 14 58.33 18.78 -36.40
C GLN B 14 58.31 17.36 -35.84
N CYS B 15 57.47 16.51 -36.43
CA CYS B 15 57.38 15.11 -36.02
C CYS B 15 58.41 14.27 -36.79
N VAL B 16 58.69 13.09 -36.25
CA VAL B 16 59.62 12.15 -36.85
C VAL B 16 58.99 10.77 -36.84
N ASN B 17 59.06 10.08 -37.98
CA ASN B 17 58.58 8.71 -38.05
C ASN B 17 59.54 7.77 -37.35
N LEU B 18 58.98 6.82 -36.60
CA LEU B 18 59.78 5.89 -35.80
C LEU B 18 59.51 4.43 -36.13
N THR B 19 58.23 4.04 -36.22
CA THR B 19 57.90 2.63 -36.35
C THR B 19 58.33 2.08 -37.71
N THR B 20 58.73 0.81 -37.73
CA THR B 20 59.14 0.13 -38.95
C THR B 20 59.02 -1.37 -38.74
N ARG B 21 58.51 -2.07 -39.75
CA ARG B 21 58.43 -3.53 -39.80
C ARG B 21 57.78 -4.11 -38.53
N THR B 22 56.51 -3.72 -38.34
CA THR B 22 55.73 -4.27 -37.25
C THR B 22 55.65 -5.79 -37.38
N GLN B 23 55.81 -6.49 -36.26
CA GLN B 23 56.00 -7.93 -36.26
C GLN B 23 55.37 -8.50 -34.98
N LEU B 24 55.81 -9.69 -34.59
CA LEU B 24 55.17 -10.64 -33.68
C LEU B 24 54.40 -9.99 -32.54
N PRO B 25 53.17 -10.43 -32.30
CA PRO B 25 52.31 -9.80 -31.28
C PRO B 25 52.84 -10.05 -29.89
N PRO B 26 52.33 -9.32 -28.88
CA PRO B 26 52.83 -9.48 -27.51
C PRO B 26 52.48 -10.81 -26.87
N ALA B 27 52.86 -10.98 -25.61
CA ALA B 27 52.62 -12.20 -24.85
C ALA B 27 51.58 -11.95 -23.75
N TYR B 28 51.24 -13.00 -23.01
CA TYR B 28 50.17 -12.94 -22.03
C TYR B 28 50.66 -13.55 -20.73
N THR B 29 50.14 -13.04 -19.62
CA THR B 29 50.59 -13.45 -18.29
C THR B 29 49.39 -13.60 -17.36
N ASN B 30 49.53 -14.44 -16.34
CA ASN B 30 48.50 -14.55 -15.33
C ASN B 30 48.50 -13.30 -14.45
N SER B 31 47.35 -13.04 -13.82
CA SER B 31 47.18 -11.85 -13.00
C SER B 31 47.02 -12.13 -11.52
N PHE B 32 46.67 -13.35 -11.13
CA PHE B 32 46.51 -13.75 -9.73
C PHE B 32 45.42 -12.86 -9.13
N THR B 33 45.63 -12.29 -7.94
CA THR B 33 44.66 -11.40 -7.30
C THR B 33 45.30 -10.01 -7.22
N ARG B 34 45.12 -9.23 -8.29
CA ARG B 34 45.70 -7.91 -8.38
C ARG B 34 44.66 -6.94 -8.94
N GLY B 35 44.75 -5.68 -8.50
CA GLY B 35 43.88 -4.64 -9.01
C GLY B 35 42.66 -4.37 -8.16
N VAL B 36 42.87 -4.22 -6.86
CA VAL B 36 41.81 -3.89 -5.91
C VAL B 36 42.07 -2.50 -5.36
N TYR B 37 41.04 -1.67 -5.33
CA TYR B 37 41.16 -0.29 -4.87
C TYR B 37 40.05 0.02 -3.87
N TYR B 38 40.26 1.08 -3.11
CA TYR B 38 39.26 1.52 -2.13
C TYR B 38 38.09 2.16 -2.87
N PRO B 39 36.86 1.65 -2.72
CA PRO B 39 35.76 2.18 -3.52
C PRO B 39 35.28 3.55 -3.07
N ASP B 40 35.46 3.91 -1.81
CA ASP B 40 34.92 5.17 -1.30
C ASP B 40 35.86 5.69 -0.21
N LYS B 41 35.37 6.66 0.58
CA LYS B 41 36.16 7.29 1.62
C LYS B 41 35.53 7.09 2.99
N VAL B 42 35.10 5.86 3.28
CA VAL B 42 34.42 5.53 4.53
C VAL B 42 35.31 4.60 5.34
N PHE B 43 35.46 4.91 6.62
CA PHE B 43 36.30 4.10 7.52
C PHE B 43 35.46 2.98 8.13
N ARG B 44 35.95 1.75 7.99
CA ARG B 44 35.31 0.58 8.58
C ARG B 44 36.35 -0.26 9.29
N SER B 45 35.92 -0.95 10.34
CA SER B 45 36.81 -1.75 11.17
C SER B 45 36.14 -3.08 11.52
N SER B 46 36.87 -4.17 11.29
CA SER B 46 36.43 -5.52 11.65
C SER B 46 35.04 -5.82 11.09
N VAL B 47 34.96 -5.86 9.75
CA VAL B 47 33.69 -6.04 9.07
C VAL B 47 33.95 -6.64 7.69
N LEU B 48 32.91 -7.22 7.10
CA LEU B 48 32.94 -7.69 5.73
C LEU B 48 31.91 -6.90 4.92
N HIS B 49 32.34 -6.31 3.81
CA HIS B 49 31.50 -5.45 3.00
C HIS B 49 31.38 -6.00 1.59
N SER B 50 30.14 -6.09 1.10
CA SER B 50 29.86 -6.59 -0.24
C SER B 50 29.53 -5.40 -1.14
N THR B 51 30.26 -5.28 -2.26
CA THR B 51 30.09 -4.13 -3.13
C THR B 51 30.12 -4.57 -4.59
N GLN B 52 29.37 -3.85 -5.42
CA GLN B 52 29.37 -4.05 -6.87
C GLN B 52 30.01 -2.84 -7.53
N ASP B 53 31.00 -3.09 -8.39
CA ASP B 53 31.73 -2.01 -9.04
C ASP B 53 32.37 -2.56 -10.31
N LEU B 54 33.32 -1.80 -10.86
CA LEU B 54 34.11 -2.24 -12.00
C LEU B 54 35.47 -2.73 -11.49
N PHE B 55 35.70 -4.04 -11.59
CA PHE B 55 36.89 -4.67 -11.05
C PHE B 55 37.58 -5.50 -12.13
N LEU B 56 38.84 -5.83 -11.88
CA LEU B 56 39.58 -6.74 -12.73
C LEU B 56 39.40 -8.17 -12.22
N PRO B 57 38.88 -9.09 -13.02
CA PRO B 57 38.56 -10.42 -12.51
C PRO B 57 39.80 -11.17 -12.05
N PHE B 58 39.62 -12.02 -11.04
CA PHE B 58 40.72 -12.83 -10.53
C PHE B 58 41.15 -13.86 -11.55
N PHE B 59 42.46 -14.12 -11.59
CA PHE B 59 43.06 -15.10 -12.49
C PHE B 59 42.69 -14.79 -13.94
N SER B 60 42.99 -13.57 -14.32
CA SER B 60 42.72 -13.03 -15.64
C SER B 60 44.03 -12.97 -16.43
N ASN B 61 43.96 -12.54 -17.68
CA ASN B 61 44.93 -12.96 -18.68
C ASN B 61 45.45 -11.71 -19.36
N VAL B 62 46.50 -11.10 -18.80
CA VAL B 62 46.84 -9.70 -19.05
C VAL B 62 47.91 -9.64 -20.14
N THR B 63 47.91 -8.54 -20.90
CA THR B 63 48.80 -8.41 -22.05
C THR B 63 50.11 -7.73 -21.66
N TRP B 64 51.22 -8.25 -22.17
CA TRP B 64 52.57 -7.79 -21.83
C TRP B 64 53.22 -7.23 -23.09
N PHE B 65 53.38 -5.91 -23.14
CA PHE B 65 53.97 -5.24 -24.30
C PHE B 65 55.43 -4.92 -24.06
N HIS B 66 56.25 -5.23 -25.06
CA HIS B 66 57.64 -4.81 -25.16
C HIS B 66 57.66 -3.59 -26.07
N ALA B 67 57.62 -2.40 -25.46
CA ALA B 67 57.56 -1.17 -26.25
C ALA B 67 58.81 -0.99 -27.10
N ILE B 68 59.99 -1.26 -26.53
CA ILE B 68 61.25 -1.17 -27.25
C ILE B 68 62.04 -2.44 -27.00
N HIS B 69 62.52 -3.06 -28.06
CA HIS B 69 63.26 -4.31 -27.98
C HIS B 69 64.62 -4.13 -28.66
N VAL B 70 65.68 -4.53 -27.97
CA VAL B 70 67.05 -4.45 -28.49
C VAL B 70 67.55 -5.88 -28.66
N SER B 71 67.64 -6.32 -29.92
CA SER B 71 68.06 -7.68 -30.24
C SER B 71 69.55 -7.78 -30.53
N GLY B 72 70.03 -7.03 -31.51
CA GLY B 72 71.43 -7.09 -31.90
C GLY B 72 72.37 -6.40 -30.92
N THR B 76 70.76 -2.94 -32.65
CA THR B 76 69.50 -2.76 -33.37
C THR B 76 68.39 -2.33 -32.42
N LYS B 77 67.30 -1.79 -32.98
CA LYS B 77 66.20 -1.30 -32.17
C LYS B 77 64.88 -1.67 -32.84
N ARG B 78 63.83 -1.71 -32.03
CA ARG B 78 62.48 -2.03 -32.50
C ARG B 78 61.49 -1.19 -31.70
N PHE B 79 60.91 -0.19 -32.35
CA PHE B 79 59.98 0.74 -31.69
C PHE B 79 58.58 0.47 -32.19
N ASP B 80 57.67 0.15 -31.27
CA ASP B 80 56.26 -0.02 -31.61
C ASP B 80 55.42 0.11 -30.35
N ASN B 81 54.62 1.18 -30.27
CA ASN B 81 53.63 1.34 -29.20
C ASN B 81 52.29 1.63 -29.86
N PRO B 82 51.28 0.80 -29.64
CA PRO B 82 50.02 0.94 -30.38
C PRO B 82 49.01 1.84 -29.67
N VAL B 83 47.90 2.08 -30.37
CA VAL B 83 46.77 2.82 -29.83
C VAL B 83 45.68 1.82 -29.48
N LEU B 84 45.26 1.80 -28.23
CA LEU B 84 44.35 0.80 -27.70
C LEU B 84 43.02 1.43 -27.28
N PRO B 85 41.94 0.65 -27.26
CA PRO B 85 40.64 1.19 -26.84
C PRO B 85 40.59 1.44 -25.33
N PHE B 86 39.48 2.05 -24.91
CA PHE B 86 39.25 2.41 -23.51
C PHE B 86 37.78 2.08 -23.21
N ASN B 87 37.55 0.85 -22.71
CA ASN B 87 36.18 0.35 -22.58
C ASN B 87 35.52 0.84 -21.30
N ASP B 88 36.05 0.43 -20.14
CA ASP B 88 35.44 0.83 -18.87
C ASP B 88 36.51 1.26 -17.87
N GLY B 89 37.67 1.70 -18.34
CA GLY B 89 38.83 1.90 -17.50
C GLY B 89 39.88 0.84 -17.79
N VAL B 90 41.10 1.13 -17.31
CA VAL B 90 42.23 0.24 -17.56
C VAL B 90 43.06 0.11 -16.30
N TYR B 91 43.71 -1.05 -16.19
CA TYR B 91 44.69 -1.36 -15.16
C TYR B 91 46.05 -1.43 -15.85
N PHE B 92 46.98 -0.60 -15.40
CA PHE B 92 48.29 -0.43 -16.01
C PHE B 92 49.36 -0.80 -15.00
N ALA B 93 50.33 -1.61 -15.41
CA ALA B 93 51.37 -2.05 -14.50
C ALA B 93 52.73 -1.89 -15.17
N SER B 94 53.71 -1.45 -14.37
CA SER B 94 55.06 -1.27 -14.90
C SER B 94 56.07 -1.64 -13.81
N THR B 95 57.28 -1.98 -14.26
CA THR B 95 58.37 -2.28 -13.33
C THR B 95 59.70 -1.76 -13.83
N GLU B 96 59.72 -0.90 -14.85
CA GLU B 96 60.98 -0.45 -15.43
C GLU B 96 61.70 0.52 -14.49
N LYS B 97 63.01 0.34 -14.36
CA LYS B 97 63.82 1.15 -13.44
C LYS B 97 64.56 2.23 -14.23
N SER B 98 63.80 3.23 -14.66
CA SER B 98 64.34 4.40 -15.36
C SER B 98 63.20 5.39 -15.58
N ASN B 99 63.56 6.56 -16.10
CA ASN B 99 62.59 7.61 -16.43
C ASN B 99 62.31 7.56 -17.93
N ILE B 100 61.47 6.59 -18.33
CA ILE B 100 61.08 6.41 -19.72
C ILE B 100 59.58 6.61 -19.91
N ILE B 101 58.77 5.86 -19.15
CA ILE B 101 57.33 6.04 -19.20
C ILE B 101 56.99 7.33 -18.47
N ARG B 102 56.50 8.33 -19.20
CA ARG B 102 56.37 9.68 -18.66
C ARG B 102 55.06 10.32 -19.08
N GLY B 103 53.95 9.60 -18.95
CA GLY B 103 52.66 10.22 -19.12
C GLY B 103 51.75 9.44 -20.05
N TRP B 104 50.62 10.06 -20.39
CA TRP B 104 49.58 9.40 -21.16
C TRP B 104 48.77 10.42 -21.97
N ILE B 105 48.09 9.91 -22.99
CA ILE B 105 47.18 10.68 -23.84
C ILE B 105 45.84 9.96 -23.90
N PHE B 106 44.76 10.72 -23.74
CA PHE B 106 43.41 10.18 -23.86
C PHE B 106 42.60 11.05 -24.79
N GLY B 107 41.75 10.42 -25.61
CA GLY B 107 40.90 11.18 -26.50
C GLY B 107 40.03 10.25 -27.32
N THR B 108 39.29 10.84 -28.26
CA THR B 108 38.46 10.06 -29.18
C THR B 108 38.94 10.14 -30.61
N THR B 109 39.08 11.35 -31.16
CA THR B 109 39.56 11.53 -32.52
C THR B 109 41.07 11.72 -32.57
N LEU B 110 41.67 12.24 -31.49
CA LEU B 110 43.11 12.54 -31.43
C LEU B 110 43.51 13.50 -32.54
N ASP B 111 42.65 14.48 -32.81
CA ASP B 111 42.91 15.50 -33.82
C ASP B 111 42.44 16.83 -33.26
N SER B 112 42.42 17.85 -34.11
CA SER B 112 42.09 19.22 -33.69
C SER B 112 40.60 19.50 -33.75
N LYS B 113 39.77 18.53 -34.11
CA LYS B 113 38.33 18.72 -34.15
C LYS B 113 37.67 18.49 -32.80
N THR B 114 38.39 17.96 -31.82
CA THR B 114 37.85 17.70 -30.50
C THR B 114 38.95 17.93 -29.46
N GLN B 115 38.57 17.86 -28.19
CA GLN B 115 39.48 18.05 -27.08
C GLN B 115 40.09 16.72 -26.65
N SER B 116 41.28 16.81 -26.05
CA SER B 116 41.99 15.62 -25.62
C SER B 116 42.73 15.91 -24.32
N LEU B 117 42.89 14.87 -23.51
CA LEU B 117 43.67 14.96 -22.28
C LEU B 117 45.16 14.83 -22.60
N LEU B 118 45.98 15.26 -21.64
CA LEU B 118 47.43 15.06 -21.73
C LEU B 118 48.01 15.10 -20.33
N ILE B 119 48.67 14.03 -19.92
CA ILE B 119 49.29 13.94 -18.61
C ILE B 119 50.79 13.74 -18.82
N VAL B 120 51.60 14.64 -18.25
CA VAL B 120 53.04 14.64 -18.41
C VAL B 120 53.68 14.77 -17.03
N ASN B 121 54.88 14.21 -16.88
CA ASN B 121 55.64 14.27 -15.63
C ASN B 121 57.12 14.39 -16.04
N ASN B 122 57.91 15.14 -15.25
CA ASN B 122 59.31 15.29 -15.59
C ASN B 122 60.19 15.08 -14.36
N ALA B 123 59.69 14.31 -13.39
CA ALA B 123 60.36 14.03 -12.11
C ALA B 123 60.49 15.26 -11.22
N THR B 124 59.84 16.37 -11.57
CA THR B 124 59.75 17.52 -10.68
C THR B 124 58.32 18.02 -10.48
N ASN B 125 57.48 17.98 -11.51
CA ASN B 125 56.07 18.33 -11.38
C ASN B 125 55.26 17.40 -12.29
N VAL B 126 53.97 17.30 -11.98
CA VAL B 126 53.02 16.62 -12.87
C VAL B 126 52.11 17.69 -13.45
N VAL B 127 51.98 17.67 -14.77
CA VAL B 127 51.19 18.66 -15.51
C VAL B 127 50.07 17.91 -16.24
N ILE B 128 48.84 18.33 -15.98
CA ILE B 128 47.65 17.76 -16.61
C ILE B 128 46.98 18.88 -17.38
N LYS B 129 46.77 18.68 -18.67
CA LYS B 129 46.14 19.68 -19.52
C LYS B 129 45.03 19.04 -20.34
N VAL B 130 44.03 19.85 -20.66
CA VAL B 130 42.91 19.43 -21.49
C VAL B 130 42.80 20.47 -22.60
N CYS B 131 43.50 20.25 -23.71
CA CYS B 131 43.36 21.12 -24.86
C CYS B 131 43.03 20.44 -26.17
N GLU B 132 42.86 21.25 -27.22
CA GLU B 132 42.54 20.78 -28.56
C GLU B 132 43.85 20.56 -29.30
N PHE B 133 44.52 19.46 -28.96
CA PHE B 133 45.81 19.17 -29.54
C PHE B 133 45.65 18.57 -30.93
N GLN B 134 46.74 18.60 -31.70
CA GLN B 134 46.85 17.90 -32.97
C GLN B 134 48.11 17.06 -32.87
N PHE B 135 47.96 15.83 -32.40
CA PHE B 135 49.13 15.00 -32.10
C PHE B 135 49.80 14.52 -33.37
N CYS B 136 51.10 14.26 -33.26
CA CYS B 136 51.84 13.68 -34.37
C CYS B 136 51.47 12.21 -34.53
N ASN B 137 51.93 11.59 -35.62
CA ASN B 137 51.67 10.19 -35.86
C ASN B 137 52.40 9.28 -34.88
N ASP B 138 53.61 9.66 -34.46
CA ASP B 138 54.39 8.91 -33.48
C ASP B 138 54.85 9.88 -32.40
N PRO B 139 53.96 10.26 -31.49
CA PRO B 139 54.33 11.23 -30.46
C PRO B 139 55.29 10.65 -29.45
N PHE B 140 56.28 11.46 -29.08
CA PHE B 140 57.23 11.09 -28.04
C PHE B 140 57.86 12.37 -27.49
N LEU B 141 58.46 12.26 -26.31
CA LEU B 141 59.05 13.39 -25.63
C LEU B 141 60.56 13.39 -25.88
N GLY B 142 61.07 14.51 -26.41
CA GLY B 142 62.47 14.60 -26.75
C GLY B 142 63.28 15.48 -25.84
N VAL B 143 64.17 14.87 -25.06
CA VAL B 143 65.13 15.62 -24.23
C VAL B 143 66.43 15.69 -25.00
N TYR B 144 66.94 16.91 -25.19
CA TYR B 144 68.13 17.16 -26.00
C TYR B 144 69.12 17.97 -25.18
N TYR B 145 70.30 17.40 -24.94
CA TYR B 145 71.32 18.04 -24.14
C TYR B 145 72.01 19.14 -24.93
N HIS B 146 72.36 20.22 -24.25
CA HIS B 146 73.04 21.35 -24.87
C HIS B 146 74.54 21.34 -24.56
N ASN B 149 76.59 19.52 -22.19
CA ASN B 149 75.65 18.95 -21.23
C ASN B 149 75.25 17.53 -21.62
N LYS B 150 74.74 16.78 -20.64
CA LYS B 150 74.26 15.42 -20.86
C LYS B 150 72.78 15.27 -20.54
N SER B 151 72.33 15.79 -19.41
CA SER B 151 70.93 15.75 -19.01
C SER B 151 70.54 17.12 -18.46
N TRP B 152 69.28 17.22 -17.99
CA TRP B 152 68.73 18.44 -17.42
C TRP B 152 68.83 19.60 -18.42
N MET B 153 68.13 19.44 -19.53
CA MET B 153 68.11 20.45 -20.58
C MET B 153 66.70 20.76 -21.03
N GLU B 154 66.56 21.51 -22.11
CA GLU B 154 65.24 21.91 -22.62
C GLU B 154 64.54 20.71 -23.21
N SER B 155 63.61 20.13 -22.44
CA SER B 155 62.83 18.98 -22.90
C SER B 155 61.78 19.49 -23.88
N GLU B 156 62.03 19.31 -25.16
CA GLU B 156 61.14 19.82 -26.19
C GLU B 156 59.85 19.00 -26.22
N PHE B 157 58.89 19.48 -27.00
CA PHE B 157 57.58 18.85 -27.14
C PHE B 157 57.37 18.43 -28.58
N ARG B 158 57.68 17.17 -28.89
CA ARG B 158 57.35 16.56 -30.16
C ARG B 158 55.99 15.89 -30.14
N VAL B 159 55.24 16.04 -29.05
CA VAL B 159 53.94 15.38 -28.92
C VAL B 159 52.94 15.97 -29.90
N TYR B 160 52.87 17.30 -29.98
CA TYR B 160 51.85 17.95 -30.81
C TYR B 160 52.45 19.08 -31.63
N SER B 161 51.59 19.84 -32.32
CA SER B 161 52.01 21.03 -33.03
C SER B 161 51.01 22.18 -32.91
N SER B 162 49.99 22.05 -32.07
CA SER B 162 48.99 23.11 -31.92
C SER B 162 48.23 22.89 -30.63
N ALA B 163 47.85 23.99 -29.98
CA ALA B 163 47.06 23.94 -28.75
C ALA B 163 46.23 25.22 -28.70
N ASN B 164 44.95 25.10 -29.06
CA ASN B 164 44.01 26.21 -29.01
C ASN B 164 42.79 25.80 -28.21
N ASN B 165 42.07 26.81 -27.70
CA ASN B 165 40.76 26.60 -27.09
C ASN B 165 40.85 25.50 -26.03
N CYS B 166 41.47 25.81 -24.90
CA CYS B 166 41.61 24.81 -23.85
C CYS B 166 41.41 25.39 -22.47
N THR B 167 40.69 24.65 -21.64
CA THR B 167 40.06 25.18 -20.44
C THR B 167 40.39 24.34 -19.19
N PHE B 168 41.65 23.96 -19.03
CA PHE B 168 42.04 23.20 -17.85
C PHE B 168 43.55 23.22 -17.71
N GLU B 169 44.01 23.09 -16.47
CA GLU B 169 45.43 23.02 -16.14
C GLU B 169 45.56 22.57 -14.70
N TYR B 170 46.52 21.68 -14.45
CA TYR B 170 46.72 21.16 -13.10
C TYR B 170 48.19 20.83 -12.92
N VAL B 171 48.82 21.42 -11.91
CA VAL B 171 50.24 21.21 -11.62
C VAL B 171 50.35 20.71 -10.18
N SER B 172 51.14 19.66 -9.99
CA SER B 172 51.29 19.10 -8.64
C SER B 172 52.61 18.33 -8.55
N GLN B 173 52.74 17.53 -7.48
CA GLN B 173 53.91 16.69 -7.21
C GLN B 173 53.88 15.45 -8.09
N PRO B 174 55.06 14.91 -8.44
CA PRO B 174 55.11 13.84 -9.45
C PRO B 174 54.34 12.59 -9.03
N PHE B 175 53.82 11.89 -10.04
CA PHE B 175 53.13 10.63 -9.81
C PHE B 175 54.10 9.49 -9.57
N LEU B 176 54.96 9.21 -10.56
CA LEU B 176 55.94 8.13 -10.47
C LEU B 176 57.16 8.64 -9.69
N MET B 177 57.02 8.65 -8.38
CA MET B 177 58.09 9.08 -7.49
C MET B 177 59.14 8.00 -7.31
N LYS B 187 61.83 -3.93 -7.82
CA LYS B 187 62.33 -2.70 -8.43
C LYS B 187 61.23 -1.64 -8.52
N ASN B 188 60.45 -1.53 -7.43
CA ASN B 188 59.37 -0.54 -7.32
C ASN B 188 58.35 -0.72 -8.45
N LEU B 189 57.71 -1.89 -8.42
CA LEU B 189 56.55 -2.14 -9.28
C LEU B 189 55.46 -1.10 -9.01
N ARG B 190 54.93 -0.52 -10.08
CA ARG B 190 53.96 0.56 -10.00
C ARG B 190 52.67 0.13 -10.71
N GLU B 191 51.54 0.38 -10.05
CA GLU B 191 50.24 0.02 -10.58
C GLU B 191 49.32 1.23 -10.57
N PHE B 192 48.57 1.38 -11.66
CA PHE B 192 47.63 2.48 -11.85
C PHE B 192 46.29 1.92 -12.32
N VAL B 193 45.22 2.60 -11.92
CA VAL B 193 43.87 2.28 -12.38
C VAL B 193 43.21 3.58 -12.82
N PHE B 194 42.63 3.58 -14.02
CA PHE B 194 42.03 4.78 -14.60
C PHE B 194 40.52 4.60 -14.73
N LYS B 195 39.76 5.67 -14.48
CA LYS B 195 38.31 5.60 -14.65
C LYS B 195 37.79 6.96 -15.12
N ASN B 196 36.65 6.92 -15.80
CA ASN B 196 36.02 8.13 -16.35
C ASN B 196 34.51 7.93 -16.23
N ILE B 197 33.90 8.58 -15.23
CA ILE B 197 32.48 8.41 -14.96
C ILE B 197 31.87 9.78 -14.68
N ASP B 198 30.76 10.10 -15.37
CA ASP B 198 29.95 11.28 -15.11
C ASP B 198 30.78 12.57 -15.17
N GLY B 199 31.65 12.66 -16.18
CA GLY B 199 32.49 13.84 -16.32
C GLY B 199 33.46 14.00 -15.16
N TYR B 200 34.09 12.89 -14.78
CA TYR B 200 35.07 12.91 -13.69
C TYR B 200 36.13 11.86 -13.99
N PHE B 201 37.38 12.28 -14.12
CA PHE B 201 38.50 11.38 -14.38
C PHE B 201 39.16 11.05 -13.04
N LYS B 202 39.11 9.77 -12.67
CA LYS B 202 39.61 9.30 -11.38
C LYS B 202 40.82 8.41 -11.59
N ILE B 203 41.84 8.62 -10.76
CA ILE B 203 43.10 7.88 -10.86
C ILE B 203 43.42 7.23 -9.52
N TYR B 204 43.84 5.97 -9.56
CA TYR B 204 44.34 5.26 -8.39
C TYR B 204 45.74 4.74 -8.67
N SER B 205 46.57 4.71 -7.64
CA SER B 205 47.97 4.34 -7.84
C SER B 205 48.50 3.62 -6.60
N LYS B 206 49.58 2.86 -6.81
CA LYS B 206 50.26 2.17 -5.71
C LYS B 206 51.65 1.74 -6.16
N HIS B 207 52.61 1.82 -5.24
CA HIS B 207 53.99 1.39 -5.48
C HIS B 207 54.38 0.32 -4.47
N THR B 208 55.17 -0.66 -4.91
CA THR B 208 55.63 -1.69 -3.99
C THR B 208 56.88 -2.36 -4.54
N PRO B 209 57.88 -2.69 -3.70
CA PRO B 209 59.10 -3.31 -4.21
C PRO B 209 59.02 -4.83 -4.24
N ILE B 210 59.52 -5.40 -5.33
CA ILE B 210 59.46 -6.83 -5.59
C ILE B 210 60.85 -7.33 -5.97
N ASN B 211 60.96 -8.65 -6.17
CA ASN B 211 62.23 -9.25 -6.55
C ASN B 211 62.10 -10.33 -7.62
N LEU B 212 60.94 -10.45 -8.27
CA LEU B 212 60.76 -11.46 -9.30
C LEU B 212 61.47 -11.06 -10.59
N VAL B 213 61.76 -12.06 -11.42
CA VAL B 213 62.48 -11.81 -12.67
C VAL B 213 61.55 -11.17 -13.70
N ARG B 214 60.51 -11.88 -14.10
CA ARG B 214 59.50 -11.31 -15.01
C ARG B 214 58.18 -12.02 -14.73
N ASP B 215 57.36 -11.39 -13.88
CA ASP B 215 56.04 -11.91 -13.50
C ASP B 215 55.39 -10.89 -12.59
N LEU B 216 54.11 -11.15 -12.27
CA LEU B 216 53.40 -10.37 -11.28
C LEU B 216 53.41 -11.10 -9.94
N PRO B 217 53.69 -10.41 -8.84
CA PRO B 217 53.82 -11.10 -7.55
C PRO B 217 52.51 -11.70 -7.08
N GLN B 218 52.63 -12.74 -6.25
CA GLN B 218 51.48 -13.43 -5.68
C GLN B 218 51.30 -12.92 -4.25
N GLY B 219 50.64 -11.78 -4.14
CA GLY B 219 50.37 -11.16 -2.85
C GLY B 219 49.02 -10.48 -2.86
N PHE B 220 48.91 -9.39 -2.11
CA PHE B 220 47.66 -8.63 -2.07
C PHE B 220 47.97 -7.20 -1.63
N SER B 221 47.66 -6.23 -2.49
CA SER B 221 47.80 -4.82 -2.16
C SER B 221 46.57 -4.07 -2.68
N ALA B 222 46.22 -3.00 -1.98
CA ALA B 222 45.06 -2.19 -2.32
C ALA B 222 45.51 -0.81 -2.77
N LEU B 223 44.89 -0.32 -3.85
CA LEU B 223 45.26 0.96 -4.44
C LEU B 223 44.50 2.10 -3.77
N GLU B 224 45.15 3.25 -3.68
CA GLU B 224 44.58 4.40 -2.99
C GLU B 224 44.31 5.54 -3.98
N PRO B 225 43.25 6.31 -3.75
CA PRO B 225 42.88 7.36 -4.71
C PRO B 225 43.96 8.44 -4.84
N LEU B 226 44.08 8.97 -6.05
CA LEU B 226 45.03 10.05 -6.31
C LEU B 226 44.34 11.35 -6.71
N VAL B 227 43.55 11.37 -7.78
CA VAL B 227 42.90 12.59 -8.26
C VAL B 227 41.54 12.26 -8.84
N ASP B 228 40.67 13.27 -8.84
CA ASP B 228 39.28 13.19 -9.26
C ASP B 228 38.93 14.38 -10.16
N LEU B 229 39.74 14.57 -11.20
CA LEU B 229 39.67 15.80 -12.00
C LEU B 229 38.31 15.96 -12.65
N PRO B 230 37.70 17.16 -12.62
CA PRO B 230 36.36 17.41 -13.19
C PRO B 230 36.37 17.88 -14.65
N ILE B 231 36.85 17.01 -15.55
CA ILE B 231 36.81 17.31 -16.98
C ILE B 231 35.43 16.95 -17.54
N GLY B 232 35.14 17.42 -18.75
CA GLY B 232 33.84 17.17 -19.34
C GLY B 232 33.82 16.63 -20.76
N ILE B 233 34.70 15.67 -21.07
CA ILE B 233 34.81 15.14 -22.43
C ILE B 233 34.45 13.67 -22.46
N ASN B 234 34.21 13.13 -23.66
CA ASN B 234 34.18 11.69 -23.89
C ASN B 234 35.58 11.19 -24.17
N ILE B 235 35.86 9.96 -23.75
CA ILE B 235 37.14 9.31 -23.99
C ILE B 235 36.87 7.95 -24.62
N THR B 236 37.58 7.64 -25.70
CA THR B 236 37.38 6.38 -26.38
C THR B 236 38.67 5.57 -26.55
N ARG B 237 39.78 6.24 -26.83
CA ARG B 237 41.07 5.60 -27.02
C ARG B 237 42.13 6.32 -26.18
N PHE B 238 43.25 5.63 -25.99
CA PHE B 238 44.33 6.14 -25.15
C PHE B 238 45.66 5.62 -25.68
N GLN B 239 46.74 6.30 -25.31
CA GLN B 239 48.07 5.96 -25.77
C GLN B 239 49.09 6.36 -24.71
N THR B 240 50.26 5.72 -24.79
CA THR B 240 51.32 5.85 -23.80
C THR B 240 52.49 6.63 -24.37
N LEU B 241 53.05 7.54 -23.58
CA LEU B 241 54.18 8.36 -23.99
C LEU B 241 55.50 7.79 -23.48
N LEU B 242 56.54 7.93 -24.30
CA LEU B 242 57.89 7.52 -23.94
C LEU B 242 58.86 8.63 -24.33
N ALA B 243 59.80 8.95 -23.42
CA ALA B 243 60.84 9.93 -23.67
C ALA B 243 62.16 9.18 -23.83
N LEU B 244 62.64 9.08 -25.07
CA LEU B 244 63.74 8.16 -25.34
C LEU B 244 65.11 8.76 -25.02
N HIS B 245 65.57 9.70 -25.86
CA HIS B 245 66.89 10.30 -25.72
C HIS B 245 67.10 11.36 -26.80
N ARG B 246 68.32 11.88 -26.88
CA ARG B 246 68.79 12.56 -28.10
C ARG B 246 70.30 12.39 -28.16
N SER B 247 70.76 11.59 -29.12
CA SER B 247 72.19 11.34 -29.29
C SER B 247 72.48 10.82 -30.70
N SER B 255 65.39 10.56 -38.56
CA SER B 255 64.64 9.32 -38.38
C SER B 255 65.30 8.43 -37.34
N SER B 256 66.62 8.31 -37.43
CA SER B 256 67.39 7.46 -36.53
C SER B 256 68.39 8.27 -35.70
N GLY B 257 68.01 9.48 -35.33
CA GLY B 257 68.88 10.33 -34.53
C GLY B 257 68.57 10.29 -33.05
N TRP B 258 67.84 9.26 -32.62
CA TRP B 258 67.45 9.11 -31.23
C TRP B 258 67.63 7.65 -30.81
N THR B 259 67.80 7.44 -29.51
CA THR B 259 68.05 6.12 -28.96
C THR B 259 67.22 5.93 -27.69
N ALA B 260 67.19 4.69 -27.20
CA ALA B 260 66.50 4.35 -25.96
C ALA B 260 66.99 2.99 -25.50
N GLY B 261 66.71 2.68 -24.23
CA GLY B 261 67.20 1.44 -23.67
C GLY B 261 66.26 0.26 -23.75
N ALA B 262 65.06 0.39 -23.21
CA ALA B 262 64.08 -0.70 -23.17
C ALA B 262 62.80 -0.18 -22.53
N ALA B 263 61.74 -0.98 -22.62
CA ALA B 263 60.45 -0.68 -22.02
C ALA B 263 59.54 -1.89 -22.15
N ALA B 264 58.61 -2.01 -21.21
CA ALA B 264 57.63 -3.10 -21.19
C ALA B 264 56.58 -2.77 -20.13
N TYR B 265 55.33 -3.12 -20.41
CA TYR B 265 54.26 -2.82 -19.47
C TYR B 265 53.11 -3.82 -19.64
N TYR B 266 52.29 -3.92 -18.60
CA TYR B 266 51.17 -4.85 -18.56
C TYR B 266 49.85 -4.07 -18.58
N VAL B 267 48.93 -4.55 -19.40
CA VAL B 267 47.63 -3.91 -19.61
C VAL B 267 46.52 -4.91 -19.31
N GLY B 268 45.49 -4.45 -18.59
CA GLY B 268 44.30 -5.24 -18.36
C GLY B 268 43.06 -4.35 -18.34
N TYR B 269 41.90 -4.99 -18.52
CA TYR B 269 40.63 -4.30 -18.66
C TYR B 269 39.69 -4.68 -17.52
N LEU B 270 38.80 -3.74 -17.16
CA LEU B 270 37.87 -3.91 -16.05
C LEU B 270 36.50 -4.33 -16.55
N GLN B 271 35.78 -5.07 -15.71
CA GLN B 271 34.43 -5.51 -15.97
C GLN B 271 33.56 -5.31 -14.74
N PRO B 272 32.24 -5.14 -14.92
CA PRO B 272 31.36 -5.00 -13.75
C PRO B 272 31.20 -6.30 -12.97
N ARG B 273 31.70 -6.32 -11.74
CA ARG B 273 31.65 -7.50 -10.88
C ARG B 273 31.18 -7.11 -9.49
N THR B 274 31.06 -8.13 -8.64
CA THR B 274 30.69 -7.98 -7.24
C THR B 274 31.74 -8.68 -6.38
N PHE B 275 32.26 -7.96 -5.38
CA PHE B 275 33.33 -8.44 -4.52
C PHE B 275 32.89 -8.37 -3.06
N LEU B 276 33.56 -9.17 -2.24
CA LEU B 276 33.37 -9.17 -0.79
C LEU B 276 34.71 -8.88 -0.14
N LEU B 277 34.84 -7.72 0.49
CA LEU B 277 36.10 -7.26 1.07
C LEU B 277 36.06 -7.38 2.59
N LYS B 278 37.24 -7.52 3.18
CA LYS B 278 37.40 -7.69 4.62
C LYS B 278 38.25 -6.55 5.17
N TYR B 279 37.75 -5.90 6.22
CA TYR B 279 38.47 -4.85 6.92
C TYR B 279 38.91 -5.37 8.29
N ASN B 280 40.17 -5.13 8.64
CA ASN B 280 40.64 -5.50 9.97
C ASN B 280 40.32 -4.38 10.97
N GLU B 281 40.74 -4.59 12.23
CA GLU B 281 40.27 -3.77 13.32
C GLU B 281 40.74 -2.32 13.21
N ASN B 282 41.96 -2.11 12.75
CA ASN B 282 42.44 -0.81 12.31
C ASN B 282 42.36 -0.78 10.78
N GLY B 283 42.88 0.25 10.12
CA GLY B 283 42.21 0.81 8.96
C GLY B 283 42.36 0.17 7.58
N THR B 284 43.07 -0.94 7.43
CA THR B 284 43.43 -1.43 6.09
C THR B 284 42.45 -2.50 5.61
N ILE B 285 42.50 -2.76 4.30
CA ILE B 285 41.81 -3.88 3.66
C ILE B 285 42.79 -5.04 3.54
N THR B 286 42.36 -6.23 3.94
CA THR B 286 43.23 -7.41 4.00
C THR B 286 42.90 -8.51 3.00
N ASP B 287 41.62 -8.81 2.76
CA ASP B 287 41.25 -9.93 1.90
C ASP B 287 40.04 -9.56 1.07
N ALA B 288 39.89 -10.26 -0.06
CA ALA B 288 38.76 -10.06 -0.94
C ALA B 288 38.38 -11.39 -1.57
N VAL B 289 37.10 -11.52 -1.92
CA VAL B 289 36.55 -12.72 -2.54
C VAL B 289 35.71 -12.30 -3.74
N ASP B 290 35.93 -12.96 -4.87
CA ASP B 290 35.20 -12.69 -6.11
C ASP B 290 34.08 -13.71 -6.24
N CYS B 291 32.84 -13.24 -6.32
CA CYS B 291 31.68 -14.14 -6.32
C CYS B 291 31.26 -14.51 -7.74
N ALA B 292 32.22 -14.90 -8.57
CA ALA B 292 31.90 -15.50 -9.86
C ALA B 292 32.89 -16.59 -10.27
N LEU B 293 33.89 -16.91 -9.45
CA LEU B 293 34.94 -17.82 -9.87
C LEU B 293 34.47 -19.27 -9.85
N ASP B 294 33.74 -19.66 -8.82
CA ASP B 294 33.37 -21.06 -8.62
C ASP B 294 32.20 -21.10 -7.64
N PRO B 295 31.52 -22.25 -7.54
CA PRO B 295 30.38 -22.33 -6.60
C PRO B 295 30.73 -22.03 -5.16
N LEU B 296 31.94 -22.40 -4.71
CA LEU B 296 32.32 -22.16 -3.33
C LEU B 296 32.38 -20.67 -3.02
N SER B 297 32.90 -19.86 -3.95
CA SER B 297 32.90 -18.42 -3.77
C SER B 297 31.47 -17.87 -3.71
N GLU B 298 30.58 -18.40 -4.53
CA GLU B 298 29.18 -17.98 -4.48
C GLU B 298 28.55 -18.30 -3.12
N THR B 299 28.83 -19.48 -2.58
CA THR B 299 28.33 -19.81 -1.25
C THR B 299 28.90 -18.88 -0.18
N LYS B 300 30.20 -18.61 -0.25
CA LYS B 300 30.82 -17.71 0.73
C LYS B 300 30.21 -16.32 0.65
N CYS B 301 29.92 -15.84 -0.56
CA CYS B 301 29.34 -14.51 -0.71
C CYS B 301 27.88 -14.47 -0.30
N THR B 302 27.12 -15.54 -0.53
CA THR B 302 25.73 -15.54 -0.13
C THR B 302 25.55 -15.76 1.36
N LEU B 303 26.54 -16.33 2.05
CA LEU B 303 26.51 -16.42 3.50
C LEU B 303 27.18 -15.25 4.21
N LYS B 304 27.82 -14.35 3.46
CA LYS B 304 28.52 -13.19 4.04
C LYS B 304 29.55 -13.63 5.09
N SER B 305 30.30 -14.68 4.76
CA SER B 305 31.33 -15.20 5.65
C SER B 305 32.43 -15.84 4.84
N PHE B 306 33.61 -15.94 5.45
CA PHE B 306 34.75 -16.59 4.82
C PHE B 306 34.84 -18.08 5.13
N THR B 307 33.98 -18.59 6.02
CA THR B 307 33.94 -20.00 6.36
C THR B 307 32.51 -20.52 6.21
N VAL B 308 32.38 -21.77 5.79
CA VAL B 308 31.10 -22.41 5.54
C VAL B 308 31.03 -23.70 6.35
N GLU B 309 29.91 -23.92 7.02
CA GLU B 309 29.69 -25.16 7.73
C GLU B 309 29.08 -26.21 6.80
N LYS B 310 29.15 -27.47 7.23
CA LYS B 310 28.65 -28.57 6.42
C LYS B 310 27.13 -28.47 6.24
N GLY B 311 26.67 -28.66 5.02
CA GLY B 311 25.25 -28.60 4.74
C GLY B 311 25.01 -28.45 3.24
N ILE B 312 23.79 -28.06 2.91
CA ILE B 312 23.39 -27.79 1.53
C ILE B 312 22.72 -26.43 1.49
N TYR B 313 23.19 -25.56 0.61
CA TYR B 313 22.72 -24.18 0.53
C TYR B 313 22.24 -23.87 -0.88
N GLN B 314 21.20 -23.04 -0.96
CA GLN B 314 20.66 -22.59 -2.23
C GLN B 314 21.27 -21.24 -2.58
N THR B 315 21.85 -21.15 -3.78
CA THR B 315 22.63 -19.98 -4.18
C THR B 315 21.97 -19.15 -5.27
N SER B 316 21.53 -19.76 -6.37
CA SER B 316 21.09 -18.96 -7.51
C SER B 316 20.10 -19.77 -8.34
N ASN B 317 19.63 -19.17 -9.43
CA ASN B 317 18.64 -19.75 -10.32
C ASN B 317 19.28 -20.04 -11.66
N PHE B 318 18.66 -20.96 -12.41
CA PHE B 318 19.14 -21.41 -13.70
C PHE B 318 18.05 -21.18 -14.75
N ARG B 319 18.43 -20.55 -15.86
CA ARG B 319 17.49 -20.17 -16.91
C ARG B 319 18.07 -20.54 -18.27
N VAL B 320 17.19 -20.58 -19.26
CA VAL B 320 17.56 -20.83 -20.65
C VAL B 320 17.16 -19.62 -21.47
N GLN B 321 18.06 -19.20 -22.41
CA GLN B 321 17.86 -17.96 -23.13
C GLN B 321 17.34 -18.21 -24.54
N PRO B 322 16.59 -17.27 -25.10
CA PRO B 322 16.10 -17.44 -26.47
C PRO B 322 17.22 -17.46 -27.49
N THR B 323 16.99 -18.18 -28.59
CA THR B 323 17.99 -18.38 -29.62
C THR B 323 17.63 -17.77 -30.97
N GLU B 324 16.44 -17.18 -31.10
CA GLU B 324 16.03 -16.55 -32.35
C GLU B 324 14.73 -15.78 -32.08
N SER B 325 14.22 -15.14 -33.13
CA SER B 325 12.98 -14.38 -33.08
C SER B 325 12.10 -14.76 -34.26
N ILE B 326 10.78 -14.68 -34.05
CA ILE B 326 9.81 -15.13 -35.04
C ILE B 326 8.66 -14.13 -35.10
N VAL B 327 8.24 -13.78 -36.32
CA VAL B 327 7.07 -12.94 -36.55
C VAL B 327 6.24 -13.60 -37.64
N ARG B 328 4.95 -13.79 -37.38
CA ARG B 328 4.03 -14.43 -38.31
C ARG B 328 2.80 -13.57 -38.50
N PHE B 329 2.44 -13.33 -39.76
CA PHE B 329 1.29 -12.53 -40.14
C PHE B 329 0.64 -13.17 -41.36
N PRO B 330 -0.66 -12.93 -41.60
CA PRO B 330 -1.30 -13.50 -42.79
C PRO B 330 -0.69 -13.02 -44.11
N ASN B 331 -1.17 -13.56 -45.24
CA ASN B 331 -0.67 -13.10 -46.52
C ASN B 331 -0.96 -11.61 -46.73
N ILE B 332 -0.26 -11.03 -47.70
CA ILE B 332 -0.42 -9.63 -48.05
C ILE B 332 -1.33 -9.56 -49.27
N THR B 333 -2.52 -8.99 -49.09
CA THR B 333 -3.47 -8.78 -50.17
C THR B 333 -4.05 -7.38 -50.04
N ASN B 334 -5.02 -7.08 -50.90
CA ASN B 334 -5.68 -5.78 -50.92
C ASN B 334 -4.67 -4.64 -51.06
N LEU B 335 -3.75 -4.80 -52.01
CA LEU B 335 -2.73 -3.79 -52.24
C LEU B 335 -3.36 -2.49 -52.68
N CYS B 336 -2.86 -1.39 -52.15
CA CYS B 336 -3.54 -0.11 -52.29
C CYS B 336 -3.05 0.60 -53.56
N PRO B 337 -3.97 1.11 -54.39
CA PRO B 337 -3.59 1.56 -55.74
C PRO B 337 -2.74 2.83 -55.75
N PHE B 338 -1.47 2.66 -55.41
CA PHE B 338 -0.50 3.75 -55.53
C PHE B 338 0.04 3.88 -56.95
N GLY B 339 -0.16 2.88 -57.80
CA GLY B 339 0.33 2.93 -59.16
C GLY B 339 -0.53 3.70 -60.13
N GLU B 340 -1.64 4.28 -59.67
CA GLU B 340 -2.52 5.06 -60.54
C GLU B 340 -2.19 6.54 -60.53
N VAL B 341 -1.78 7.08 -59.38
CA VAL B 341 -1.43 8.49 -59.31
C VAL B 341 0.01 8.77 -59.74
N PHE B 342 0.86 7.75 -59.78
CA PHE B 342 2.25 7.92 -60.22
C PHE B 342 2.40 7.58 -61.70
N ASN B 343 1.90 6.43 -62.11
CA ASN B 343 1.95 6.00 -63.51
C ASN B 343 0.60 6.31 -64.15
N ALA B 344 0.56 7.35 -64.99
CA ALA B 344 -0.65 7.75 -65.69
C ALA B 344 -0.25 8.58 -66.90
N THR B 345 -0.88 8.31 -68.04
CA THR B 345 -0.51 8.97 -69.28
C THR B 345 -0.87 10.46 -69.27
N ARG B 346 -1.83 10.87 -68.44
CA ARG B 346 -2.28 12.25 -68.39
C ARG B 346 -2.11 12.80 -66.98
N PHE B 347 -1.65 14.05 -66.90
CA PHE B 347 -1.44 14.72 -65.63
C PHE B 347 -2.18 16.06 -65.65
N ALA B 348 -2.55 16.52 -64.45
CA ALA B 348 -3.35 17.73 -64.31
C ALA B 348 -2.45 18.96 -64.44
N SER B 349 -3.02 20.13 -64.17
CA SER B 349 -2.32 21.41 -64.26
C SER B 349 -2.11 21.98 -62.86
N VAL B 350 -1.42 23.13 -62.82
CA VAL B 350 -1.15 23.78 -61.53
C VAL B 350 -2.44 24.35 -60.93
N TYR B 351 -3.26 25.01 -61.76
CA TYR B 351 -4.46 25.65 -61.25
C TYR B 351 -5.62 24.67 -61.07
N ALA B 352 -5.54 23.48 -61.66
CA ALA B 352 -6.55 22.44 -61.49
C ALA B 352 -5.85 21.15 -61.08
N TRP B 353 -5.99 20.78 -59.81
CA TRP B 353 -5.29 19.62 -59.28
C TRP B 353 -6.03 18.35 -59.67
N ASN B 354 -5.58 17.22 -59.13
CA ASN B 354 -6.24 15.93 -59.30
C ASN B 354 -6.33 15.22 -57.96
N ARG B 355 -6.80 15.95 -56.94
CA ARG B 355 -6.86 15.42 -55.58
C ARG B 355 -7.67 14.14 -55.54
N LYS B 356 -7.10 13.11 -54.92
CA LYS B 356 -7.69 11.79 -54.84
C LYS B 356 -7.68 11.31 -53.40
N ARG B 357 -8.81 10.74 -52.97
CA ARG B 357 -8.99 10.21 -51.62
C ARG B 357 -8.68 8.73 -51.61
N ILE B 358 -8.05 8.28 -50.53
CA ILE B 358 -7.58 6.90 -50.38
C ILE B 358 -7.92 6.42 -48.97
N SER B 359 -8.61 5.28 -48.89
CA SER B 359 -8.96 4.67 -47.62
C SER B 359 -9.28 3.20 -47.87
N ASN B 360 -9.23 2.42 -46.79
CA ASN B 360 -9.52 0.98 -46.82
C ASN B 360 -8.61 0.25 -47.82
N CYS B 361 -7.32 0.35 -47.57
CA CYS B 361 -6.31 -0.30 -48.40
C CYS B 361 -5.04 -0.49 -47.60
N VAL B 362 -4.08 -1.20 -48.17
CA VAL B 362 -2.78 -1.46 -47.55
C VAL B 362 -1.71 -0.78 -48.40
N ALA B 363 -1.11 0.27 -47.86
CA ALA B 363 -0.19 1.11 -48.60
C ALA B 363 1.23 0.60 -48.48
N ASP B 364 1.90 0.41 -49.62
CA ASP B 364 3.28 -0.06 -49.67
C ASP B 364 4.19 1.16 -49.81
N TYR B 365 4.56 1.75 -48.67
CA TYR B 365 5.38 2.96 -48.69
C TYR B 365 6.81 2.67 -49.14
N SER B 366 7.36 1.51 -48.76
CA SER B 366 8.77 1.21 -49.01
C SER B 366 9.11 1.16 -50.49
N VAL B 367 8.11 0.96 -51.35
CA VAL B 367 8.37 0.98 -52.80
C VAL B 367 8.78 2.38 -53.25
N LEU B 368 8.19 3.41 -52.64
CA LEU B 368 8.40 4.77 -53.12
C LEU B 368 9.81 5.27 -52.81
N TYR B 369 10.28 5.06 -51.59
CA TYR B 369 11.56 5.63 -51.15
C TYR B 369 12.75 4.72 -51.40
N ASN B 370 12.53 3.54 -51.98
CA ASN B 370 13.62 2.65 -52.36
C ASN B 370 13.86 2.62 -53.86
N SER B 371 13.27 3.55 -54.60
CA SER B 371 13.40 3.60 -56.05
C SER B 371 14.42 4.64 -56.46
N ALA B 372 15.26 4.29 -57.44
CA ALA B 372 16.27 5.21 -57.97
C ALA B 372 15.75 5.98 -59.17
N SER B 373 14.60 6.63 -59.01
CA SER B 373 14.04 7.44 -60.08
C SER B 373 13.39 8.73 -59.59
N PHE B 374 13.45 9.04 -58.29
CA PHE B 374 12.85 10.24 -57.73
C PHE B 374 13.95 11.20 -57.30
N SER B 375 13.87 12.45 -57.76
CA SER B 375 14.90 13.44 -57.53
C SER B 375 14.58 14.40 -56.39
N THR B 376 13.49 14.18 -55.67
CA THR B 376 13.14 15.06 -54.55
C THR B 376 12.26 14.29 -53.59
N PHE B 377 12.75 14.10 -52.36
CA PHE B 377 11.98 13.35 -51.37
C PHE B 377 12.06 13.98 -49.98
N LYS B 378 12.45 15.25 -49.88
CA LYS B 378 12.53 15.92 -48.58
C LYS B 378 11.14 16.03 -47.98
N CYS B 379 10.88 15.28 -46.90
CA CYS B 379 9.52 14.93 -46.53
C CYS B 379 9.30 15.23 -45.05
N TYR B 380 8.46 16.23 -44.77
CA TYR B 380 8.35 16.83 -43.45
C TYR B 380 7.32 16.10 -42.58
N GLY B 381 7.35 16.45 -41.30
CA GLY B 381 6.34 16.04 -40.34
C GLY B 381 6.55 14.69 -39.72
N VAL B 382 6.86 13.68 -40.55
CA VAL B 382 7.11 12.33 -40.09
C VAL B 382 8.39 11.83 -40.75
N SER B 383 8.97 10.78 -40.17
CA SER B 383 10.15 10.20 -40.79
C SER B 383 9.73 9.24 -41.91
N PRO B 384 10.50 9.19 -42.99
CA PRO B 384 10.11 8.31 -44.12
C PRO B 384 10.10 6.83 -43.77
N THR B 385 10.84 6.42 -42.73
CA THR B 385 10.95 5.00 -42.40
C THR B 385 9.85 4.54 -41.45
N LYS B 386 9.42 5.38 -40.52
CA LYS B 386 8.40 5.00 -39.55
C LYS B 386 7.00 5.02 -40.15
N LEU B 387 6.85 5.49 -41.38
CA LEU B 387 5.54 5.52 -42.03
C LEU B 387 4.94 4.13 -42.19
N ASN B 388 5.75 3.08 -42.11
CA ASN B 388 5.27 1.71 -42.19
C ASN B 388 4.68 1.21 -40.89
N ASP B 389 4.72 2.01 -39.82
CA ASP B 389 4.19 1.63 -38.53
C ASP B 389 3.22 2.71 -38.03
N LEU B 390 2.38 3.22 -38.92
CA LEU B 390 1.39 4.23 -38.58
C LEU B 390 0.09 3.93 -39.33
N CYS B 391 -1.02 4.07 -38.62
CA CYS B 391 -2.34 3.82 -39.18
C CYS B 391 -3.13 5.12 -39.21
N PHE B 392 -3.66 5.48 -40.39
CA PHE B 392 -4.43 6.70 -40.57
C PHE B 392 -5.84 6.35 -41.02
N THR B 393 -6.70 7.38 -41.06
CA THR B 393 -8.06 7.22 -41.54
C THR B 393 -8.17 7.47 -43.05
N ASN B 394 -7.64 8.60 -43.51
CA ASN B 394 -7.74 8.96 -44.92
C ASN B 394 -6.41 9.54 -45.39
N VAL B 395 -6.10 9.28 -46.67
CA VAL B 395 -4.89 9.77 -47.31
C VAL B 395 -5.28 10.48 -48.60
N TYR B 396 -4.76 11.68 -48.81
CA TYR B 396 -5.08 12.48 -49.98
C TYR B 396 -3.83 12.69 -50.83
N ALA B 397 -3.97 12.51 -52.14
CA ALA B 397 -2.86 12.64 -53.08
C ALA B 397 -3.19 13.68 -54.14
N ASP B 398 -2.29 14.63 -54.34
CA ASP B 398 -2.42 15.66 -55.36
C ASP B 398 -1.45 15.39 -56.52
N SER B 399 -1.45 16.28 -57.50
CA SER B 399 -0.61 16.09 -58.68
C SER B 399 -0.46 17.42 -59.42
N PHE B 400 0.77 17.89 -59.55
CA PHE B 400 1.11 19.10 -60.28
C PHE B 400 2.16 18.79 -61.35
N VAL B 401 2.17 19.62 -62.39
CA VAL B 401 3.25 19.61 -63.37
C VAL B 401 3.76 21.04 -63.51
N ILE B 402 4.93 21.33 -62.92
CA ILE B 402 5.42 22.69 -62.85
C ILE B 402 6.81 22.79 -63.48
N ARG B 403 7.41 23.97 -63.41
CA ARG B 403 8.79 24.13 -63.86
C ARG B 403 9.75 23.63 -62.80
N GLY B 404 11.01 23.42 -63.22
CA GLY B 404 12.01 22.89 -62.32
C GLY B 404 12.52 23.87 -61.29
N ASP B 405 12.21 25.16 -61.44
CA ASP B 405 12.70 26.18 -60.51
C ASP B 405 11.82 26.33 -59.27
N GLU B 406 10.52 26.10 -59.39
CA GLU B 406 9.58 26.29 -58.29
C GLU B 406 9.34 25.03 -57.48
N VAL B 407 10.06 23.94 -57.77
CA VAL B 407 9.89 22.71 -57.00
C VAL B 407 10.26 22.94 -55.54
N ARG B 408 11.16 23.89 -55.27
CA ARG B 408 11.53 24.23 -53.91
C ARG B 408 10.45 25.04 -53.18
N GLN B 409 9.48 25.59 -53.91
CA GLN B 409 8.48 26.47 -53.30
C GLN B 409 7.34 25.71 -52.65
N ILE B 410 7.26 24.39 -52.80
CA ILE B 410 6.25 23.58 -52.14
C ILE B 410 6.83 23.17 -50.79
N ALA B 411 6.49 23.94 -49.75
CA ALA B 411 7.03 23.72 -48.42
C ALA B 411 6.07 24.34 -47.41
N PRO B 412 6.16 23.94 -46.14
CA PRO B 412 5.31 24.58 -45.12
C PRO B 412 5.53 26.08 -45.03
N GLY B 413 6.75 26.57 -45.24
CA GLY B 413 7.00 27.98 -45.26
C GLY B 413 7.70 28.44 -46.53
N GLN B 414 6.99 29.21 -47.36
CA GLN B 414 7.53 29.70 -48.62
C GLN B 414 6.53 30.69 -49.21
N THR B 415 7.03 31.57 -50.07
CA THR B 415 6.20 32.56 -50.73
C THR B 415 6.67 32.73 -52.17
N GLY B 416 5.78 33.26 -53.00
CA GLY B 416 6.08 33.48 -54.40
C GLY B 416 4.79 33.52 -55.21
N LYS B 417 4.93 33.21 -56.50
CA LYS B 417 3.77 33.18 -57.38
C LYS B 417 2.94 31.92 -57.17
N ILE B 418 3.55 30.76 -57.36
CA ILE B 418 2.83 29.49 -57.18
C ILE B 418 2.47 29.30 -55.71
N ALA B 419 3.36 29.70 -54.80
CA ALA B 419 3.13 29.48 -53.38
C ALA B 419 1.92 30.26 -52.87
N ASP B 420 1.73 31.48 -53.36
CA ASP B 420 0.67 32.34 -52.84
C ASP B 420 -0.57 32.42 -53.72
N TYR B 421 -0.48 32.03 -54.99
CA TYR B 421 -1.58 32.19 -55.92
C TYR B 421 -2.21 30.88 -56.36
N ASN B 422 -1.41 29.84 -56.61
CA ASN B 422 -1.91 28.57 -57.13
C ASN B 422 -2.06 27.52 -56.04
N TYR B 423 -0.98 27.20 -55.34
CA TYR B 423 -1.00 26.17 -54.31
C TYR B 423 -0.28 26.66 -53.07
N LYS B 424 -0.92 26.49 -51.91
CA LYS B 424 -0.34 26.86 -50.63
C LYS B 424 -0.54 25.72 -49.64
N LEU B 425 0.36 25.64 -48.67
CA LEU B 425 0.36 24.58 -47.67
C LEU B 425 0.43 25.18 -46.28
N PRO B 426 -0.15 24.52 -45.28
CA PRO B 426 -0.09 25.00 -43.90
C PRO B 426 1.28 24.71 -43.29
N ASP B 427 1.45 25.14 -42.05
CA ASP B 427 2.70 24.95 -41.33
C ASP B 427 2.70 23.70 -40.47
N ASP B 428 1.64 22.91 -40.51
CA ASP B 428 1.55 21.63 -39.84
C ASP B 428 1.13 20.55 -40.85
N PHE B 429 1.82 20.55 -41.98
CA PHE B 429 1.42 19.70 -43.10
C PHE B 429 1.40 18.23 -42.72
N THR B 430 2.48 17.75 -42.09
CA THR B 430 2.64 16.33 -41.75
C THR B 430 2.46 15.44 -42.98
N GLY B 431 2.84 15.95 -44.15
CA GLY B 431 2.81 15.17 -45.37
C GLY B 431 4.05 15.46 -46.18
N CYS B 432 4.14 14.96 -47.41
CA CYS B 432 5.38 15.22 -48.15
C CYS B 432 5.22 15.05 -49.66
N VAL B 433 6.30 15.43 -50.34
CA VAL B 433 6.27 16.14 -51.62
C VAL B 433 7.07 15.39 -52.68
N ILE B 434 7.01 14.06 -52.68
CA ILE B 434 7.67 13.24 -53.69
C ILE B 434 7.49 13.84 -55.08
N ALA B 435 8.59 14.04 -55.80
CA ALA B 435 8.55 14.67 -57.11
C ALA B 435 9.73 14.17 -57.95
N TRP B 436 9.61 14.30 -59.26
CA TRP B 436 10.65 13.83 -60.16
C TRP B 436 10.57 14.58 -61.49
N ASN B 437 11.47 14.21 -62.41
CA ASN B 437 11.68 14.90 -63.67
C ASN B 437 11.27 14.03 -64.83
N SER B 438 10.69 14.66 -65.86
CA SER B 438 10.27 13.95 -67.07
C SER B 438 10.30 14.92 -68.23
N ASN B 439 11.16 14.65 -69.22
CA ASN B 439 11.29 15.50 -70.39
C ASN B 439 11.24 14.77 -71.71
N ASN B 440 11.45 13.45 -71.74
CA ASN B 440 11.40 12.69 -72.98
C ASN B 440 9.99 12.25 -73.35
N LEU B 441 9.01 12.47 -72.47
CA LEU B 441 7.63 12.06 -72.72
C LEU B 441 6.63 13.20 -72.62
N ASP B 442 6.84 14.13 -71.70
CA ASP B 442 5.91 15.24 -71.53
C ASP B 442 6.17 16.39 -72.50
N SER B 443 7.20 16.29 -73.35
CA SER B 443 7.50 17.30 -74.35
C SER B 443 7.60 16.65 -75.71
N LYS B 444 7.21 17.40 -76.74
CA LYS B 444 7.24 16.93 -78.12
C LYS B 444 8.19 17.80 -78.94
N VAL B 445 8.22 17.56 -80.25
CA VAL B 445 9.07 18.35 -81.13
C VAL B 445 8.61 19.80 -81.15
N GLY B 446 7.30 20.03 -81.24
CA GLY B 446 6.73 21.36 -81.27
C GLY B 446 6.46 21.97 -79.92
N GLY B 447 6.83 21.30 -78.84
CA GLY B 447 6.59 21.81 -77.49
C GLY B 447 5.25 21.44 -76.89
N ASN B 448 4.17 21.64 -77.65
CA ASN B 448 2.81 21.32 -77.21
C ASN B 448 2.48 22.04 -75.90
N TYR B 449 2.42 23.37 -76.01
CA TYR B 449 2.23 24.22 -74.84
C TYR B 449 0.81 24.09 -74.32
N ASN B 450 0.50 22.96 -73.68
CA ASN B 450 -0.85 22.67 -73.19
C ASN B 450 -0.94 22.73 -71.66
N TYR B 451 0.07 23.28 -71.00
CA TYR B 451 0.07 23.44 -69.56
C TYR B 451 -0.01 24.92 -69.22
N LEU B 452 -1.14 25.33 -68.65
CA LEU B 452 -1.42 26.74 -68.40
C LEU B 452 -1.30 27.06 -66.91
N TYR B 453 -1.11 28.33 -66.62
CA TYR B 453 -1.07 28.80 -65.24
C TYR B 453 -1.51 30.25 -65.18
N ARG B 454 -1.92 30.67 -63.98
CA ARG B 454 -2.38 32.02 -63.71
C ARG B 454 -1.24 32.87 -63.15
N LEU B 455 -1.40 34.19 -63.25
CA LEU B 455 -0.34 35.12 -62.87
C LEU B 455 -0.77 36.15 -61.84
N PHE B 456 -1.99 36.67 -61.94
CA PHE B 456 -2.43 37.77 -61.09
C PHE B 456 -3.70 37.39 -60.33
N ARG B 457 -3.76 37.79 -59.06
CA ARG B 457 -4.92 37.55 -58.21
C ARG B 457 -5.19 38.79 -57.38
N LYS B 458 -6.46 38.98 -57.00
CA LYS B 458 -6.84 40.15 -56.22
C LYS B 458 -6.41 40.03 -54.76
N SER B 459 -6.11 38.82 -54.28
CA SER B 459 -5.69 38.64 -52.90
C SER B 459 -4.93 37.33 -52.80
N ASN B 460 -4.19 37.18 -51.70
CA ASN B 460 -3.43 35.97 -51.46
C ASN B 460 -4.37 34.79 -51.21
N LEU B 461 -4.03 33.63 -51.76
CA LEU B 461 -4.85 32.45 -51.61
C LEU B 461 -4.41 31.66 -50.37
N LYS B 462 -5.37 31.37 -49.49
CA LYS B 462 -5.09 30.61 -48.29
C LYS B 462 -4.88 29.14 -48.64
N PRO B 463 -4.16 28.39 -47.79
CA PRO B 463 -3.92 26.97 -48.07
C PRO B 463 -5.20 26.16 -48.09
N PHE B 464 -5.17 25.06 -48.85
CA PHE B 464 -6.28 24.12 -48.95
C PHE B 464 -7.53 24.80 -49.51
N GLU B 465 -7.35 25.57 -50.58
CA GLU B 465 -8.46 26.25 -51.24
C GLU B 465 -8.00 26.68 -52.62
N ARG B 466 -8.77 26.29 -53.64
CA ARG B 466 -8.48 26.68 -55.02
C ARG B 466 -9.76 26.66 -55.83
N ASP B 467 -9.89 27.62 -56.73
CA ASP B 467 -11.04 27.74 -57.61
C ASP B 467 -10.65 27.36 -59.03
N ILE B 468 -11.65 26.88 -59.79
CA ILE B 468 -11.41 26.53 -61.18
C ILE B 468 -11.03 27.76 -61.99
N SER B 469 -11.74 28.86 -61.78
CA SER B 469 -11.44 30.11 -62.48
C SER B 469 -11.69 31.31 -61.56
N PHE B 490 -6.29 37.21 -72.19
CA PHE B 490 -6.09 35.84 -71.76
C PHE B 490 -5.43 35.78 -70.38
N PRO B 491 -6.19 35.35 -69.37
CA PRO B 491 -5.65 35.30 -68.00
C PRO B 491 -4.76 34.10 -67.71
N LEU B 492 -4.63 33.15 -68.64
CA LEU B 492 -3.84 31.96 -68.45
C LEU B 492 -2.74 31.91 -69.50
N GLN B 493 -1.52 31.59 -69.07
CA GLN B 493 -0.38 31.51 -69.97
C GLN B 493 0.19 30.10 -69.97
N SER B 494 0.63 29.65 -71.14
CA SER B 494 1.16 28.32 -71.31
C SER B 494 2.66 28.28 -71.01
N TYR B 495 3.20 27.07 -70.98
CA TYR B 495 4.61 26.82 -70.70
C TYR B 495 5.32 26.38 -71.98
N GLY B 496 6.51 26.94 -72.20
CA GLY B 496 7.29 26.61 -73.39
C GLY B 496 7.76 25.17 -73.45
N PHE B 497 8.61 24.78 -72.49
CA PHE B 497 9.12 23.41 -72.40
C PHE B 497 9.80 22.97 -73.70
N GLN B 498 10.62 23.85 -74.26
CA GLN B 498 11.36 23.50 -75.47
C GLN B 498 12.34 22.37 -75.16
N PRO B 499 12.38 21.30 -75.96
CA PRO B 499 13.24 20.16 -75.63
C PRO B 499 14.71 20.40 -75.95
N THR B 500 15.21 21.59 -75.64
CA THR B 500 16.63 21.89 -75.72
C THR B 500 17.16 22.67 -74.53
N ASN B 501 16.31 23.34 -73.75
CA ASN B 501 16.75 24.19 -72.66
C ASN B 501 17.34 23.36 -71.53
N GLY B 502 18.17 24.01 -70.71
CA GLY B 502 18.78 23.36 -69.57
C GLY B 502 17.82 23.21 -68.42
N VAL B 503 18.31 22.54 -67.36
CA VAL B 503 17.49 22.30 -66.18
C VAL B 503 17.18 23.63 -65.49
N GLY B 504 16.02 23.67 -64.83
CA GLY B 504 15.50 24.89 -64.25
C GLY B 504 14.25 25.40 -64.95
N TYR B 505 13.94 24.89 -66.13
CA TYR B 505 12.70 25.21 -66.83
C TYR B 505 11.98 23.99 -67.38
N GLN B 506 12.62 22.82 -67.40
CA GLN B 506 12.01 21.62 -67.93
C GLN B 506 10.87 21.16 -67.01
N PRO B 507 9.90 20.42 -67.56
CA PRO B 507 8.76 19.99 -66.75
C PRO B 507 9.18 19.07 -65.60
N TYR B 508 8.53 19.24 -64.46
CA TYR B 508 8.76 18.42 -63.28
C TYR B 508 7.41 18.05 -62.68
N ARG B 509 7.22 16.76 -62.41
CA ARG B 509 5.97 16.27 -61.86
C ARG B 509 6.08 16.15 -60.35
N VAL B 510 5.04 16.61 -59.65
CA VAL B 510 5.02 16.67 -58.20
C VAL B 510 3.79 15.94 -57.70
N VAL B 511 3.97 15.03 -56.74
CA VAL B 511 2.88 14.34 -56.07
C VAL B 511 2.95 14.68 -54.59
N VAL B 512 1.83 15.14 -54.04
CA VAL B 512 1.77 15.62 -52.66
C VAL B 512 0.78 14.75 -51.90
N LEU B 513 1.20 14.23 -50.76
CA LEU B 513 0.40 13.32 -49.96
C LEU B 513 0.17 13.88 -48.57
N SER B 514 -1.04 13.65 -48.05
CA SER B 514 -1.41 14.09 -46.72
C SER B 514 -2.20 12.98 -46.02
N PHE B 515 -2.09 12.94 -44.70
CA PHE B 515 -2.76 11.94 -43.87
C PHE B 515 -3.61 12.65 -42.83
N GLU B 516 -4.76 12.05 -42.50
CA GLU B 516 -5.53 12.56 -41.36
C GLU B 516 -6.03 11.43 -40.49
N LEU B 517 -6.36 11.76 -39.24
CA LEU B 517 -6.87 10.83 -38.24
C LEU B 517 -8.04 11.49 -37.52
N LEU B 518 -9.26 11.20 -37.96
CA LEU B 518 -10.45 11.71 -37.31
C LEU B 518 -11.06 10.60 -36.44
N HIS B 519 -12.26 10.85 -35.92
CA HIS B 519 -12.95 9.87 -35.08
C HIS B 519 -13.49 8.77 -35.98
N ALA B 520 -12.63 7.79 -36.27
CA ALA B 520 -12.97 6.68 -37.16
C ALA B 520 -12.03 5.53 -36.87
N PRO B 521 -12.38 4.31 -37.26
CA PRO B 521 -11.53 3.15 -36.94
C PRO B 521 -10.16 3.15 -37.60
N ALA B 522 -9.84 4.13 -38.44
CA ALA B 522 -8.50 4.29 -39.03
C ALA B 522 -8.10 3.03 -39.81
N THR B 523 -8.83 2.81 -40.91
CA THR B 523 -8.66 1.59 -41.70
C THR B 523 -7.27 1.49 -42.31
N VAL B 524 -6.74 2.61 -42.82
CA VAL B 524 -5.50 2.57 -43.58
C VAL B 524 -4.33 2.21 -42.66
N CYS B 525 -3.54 1.22 -43.07
CA CYS B 525 -2.39 0.76 -42.29
C CYS B 525 -1.31 0.26 -43.24
N GLY B 526 -0.10 0.14 -42.70
CA GLY B 526 1.04 -0.31 -43.47
C GLY B 526 1.21 -1.81 -43.49
N PRO B 527 2.13 -2.30 -44.31
CA PRO B 527 2.34 -3.75 -44.42
C PRO B 527 3.06 -4.33 -43.21
N LYS B 528 2.92 -5.64 -43.05
CA LYS B 528 3.58 -6.38 -41.99
C LYS B 528 4.27 -7.61 -42.58
N LYS B 529 5.56 -7.76 -42.28
CA LYS B 529 6.34 -8.84 -42.84
C LYS B 529 6.40 -10.03 -41.87
N SER B 530 6.92 -11.15 -42.37
CA SER B 530 6.93 -12.42 -41.64
C SER B 530 8.34 -13.00 -41.63
N THR B 531 8.45 -14.22 -41.10
CA THR B 531 9.73 -14.90 -40.96
C THR B 531 9.56 -16.37 -41.34
N ASN B 532 10.54 -17.22 -41.08
CA ASN B 532 10.58 -18.58 -41.62
C ASN B 532 10.02 -19.64 -40.66
N LEU B 533 9.61 -19.27 -39.45
CA LEU B 533 8.94 -20.19 -38.51
C LEU B 533 9.84 -21.38 -38.17
N VAL B 534 10.92 -21.09 -37.45
CA VAL B 534 11.77 -22.13 -36.87
C VAL B 534 10.99 -22.84 -35.78
N LYS B 535 11.48 -23.99 -35.32
CA LYS B 535 10.73 -24.80 -34.37
C LYS B 535 11.67 -25.51 -33.41
N ASN B 536 11.08 -25.99 -32.31
CA ASN B 536 11.71 -26.88 -31.33
C ASN B 536 12.82 -26.23 -30.53
N LYS B 537 12.93 -24.90 -30.56
CA LYS B 537 13.89 -24.18 -29.73
C LYS B 537 13.15 -23.13 -28.93
N CYS B 538 13.66 -22.83 -27.73
CA CYS B 538 13.09 -21.76 -26.92
C CYS B 538 13.40 -20.44 -27.62
N VAL B 539 12.40 -19.87 -28.28
CA VAL B 539 12.54 -18.67 -29.07
C VAL B 539 11.47 -17.66 -28.65
N ASN B 540 11.48 -16.51 -29.30
CA ASN B 540 10.48 -15.47 -29.10
C ASN B 540 9.57 -15.43 -30.31
N PHE B 541 8.25 -15.37 -30.07
CA PHE B 541 7.28 -15.41 -31.16
C PHE B 541 6.33 -14.23 -31.08
N ASN B 542 5.87 -13.80 -32.25
CA ASN B 542 4.86 -12.75 -32.39
C ASN B 542 3.81 -13.26 -33.37
N PHE B 543 2.80 -13.96 -32.83
CA PHE B 543 1.74 -14.56 -33.63
C PHE B 543 0.57 -13.59 -33.71
N ASN B 544 0.55 -12.77 -34.77
CA ASN B 544 -0.55 -11.89 -35.12
C ASN B 544 -0.93 -10.92 -33.99
N GLY B 545 -0.08 -10.76 -32.99
CA GLY B 545 -0.40 -9.91 -31.87
C GLY B 545 -0.11 -10.55 -30.53
N LEU B 546 0.15 -11.85 -30.53
CA LEU B 546 0.47 -12.59 -29.32
C LEU B 546 1.99 -12.67 -29.18
N THR B 547 2.51 -12.10 -28.09
CA THR B 547 3.93 -12.09 -27.81
C THR B 547 4.25 -13.06 -26.68
N GLY B 548 5.44 -13.65 -26.74
CA GLY B 548 5.86 -14.56 -25.71
C GLY B 548 7.13 -15.30 -26.11
N THR B 549 7.61 -16.10 -25.17
CA THR B 549 8.80 -16.92 -25.34
C THR B 549 8.47 -18.36 -25.00
N GLY B 550 9.07 -19.28 -25.74
CA GLY B 550 8.89 -20.68 -25.43
C GLY B 550 9.24 -21.57 -26.62
N VAL B 551 8.79 -22.81 -26.53
CA VAL B 551 9.09 -23.87 -27.48
C VAL B 551 7.79 -24.29 -28.15
N LEU B 552 7.83 -24.43 -29.47
CA LEU B 552 6.66 -24.81 -30.26
C LEU B 552 6.80 -26.25 -30.74
N THR B 553 5.66 -26.92 -30.89
CA THR B 553 5.63 -28.30 -31.36
C THR B 553 4.24 -28.58 -31.92
N GLU B 554 4.12 -29.73 -32.58
CA GLU B 554 2.84 -30.14 -33.14
C GLU B 554 1.88 -30.56 -32.02
N SER B 555 0.60 -30.64 -32.37
CA SER B 555 -0.44 -30.96 -31.40
C SER B 555 -1.52 -31.79 -32.07
N ASN B 556 -2.42 -32.33 -31.25
CA ASN B 556 -3.54 -33.13 -31.71
C ASN B 556 -4.89 -32.44 -31.50
N LYS B 557 -4.90 -31.21 -31.00
CA LYS B 557 -6.15 -30.50 -30.77
C LYS B 557 -6.78 -30.08 -32.10
N LYS B 558 -8.10 -29.92 -32.08
CA LYS B 558 -8.86 -29.52 -33.26
C LYS B 558 -9.67 -28.27 -32.92
N PHE B 559 -9.47 -27.23 -33.71
CA PHE B 559 -10.17 -25.96 -33.54
C PHE B 559 -11.37 -25.88 -34.46
N LEU B 560 -12.43 -25.21 -33.99
CA LEU B 560 -13.50 -24.83 -34.90
C LEU B 560 -12.97 -23.78 -35.86
N PRO B 561 -13.44 -23.77 -37.11
CA PRO B 561 -12.76 -22.96 -38.13
C PRO B 561 -13.06 -21.48 -38.04
N PHE B 562 -13.10 -20.94 -36.81
CA PHE B 562 -13.03 -19.51 -36.60
C PHE B 562 -12.17 -19.12 -35.39
N GLN B 563 -11.73 -20.08 -34.58
CA GLN B 563 -10.96 -19.80 -33.38
C GLN B 563 -9.47 -19.72 -33.69
N GLN B 564 -8.80 -18.78 -33.04
CA GLN B 564 -7.39 -18.50 -33.32
C GLN B 564 -6.44 -19.16 -32.32
N PHE B 565 -6.70 -19.01 -31.02
CA PHE B 565 -5.82 -19.56 -30.00
C PHE B 565 -6.65 -20.17 -28.88
N GLY B 566 -5.96 -20.84 -27.97
CA GLY B 566 -6.62 -21.48 -26.84
C GLY B 566 -6.06 -20.97 -25.52
N ARG B 567 -6.74 -21.34 -24.44
CA ARG B 567 -6.38 -20.87 -23.11
C ARG B 567 -6.57 -21.99 -22.11
N ASP B 568 -5.85 -21.89 -20.99
CA ASP B 568 -5.86 -22.89 -19.94
C ASP B 568 -6.84 -22.50 -18.84
N ILE B 569 -6.80 -23.23 -17.72
CA ILE B 569 -7.68 -22.94 -16.60
C ILE B 569 -7.38 -21.57 -16.01
N ALA B 570 -6.09 -21.25 -15.84
CA ALA B 570 -5.66 -19.98 -15.27
C ALA B 570 -5.53 -18.87 -16.30
N ASP B 571 -6.19 -19.01 -17.45
CA ASP B 571 -6.20 -17.99 -18.50
C ASP B 571 -4.80 -17.69 -19.02
N THR B 572 -4.02 -18.75 -19.26
CA THR B 572 -2.71 -18.64 -19.88
C THR B 572 -2.75 -19.32 -21.25
N THR B 573 -2.17 -18.66 -22.25
CA THR B 573 -2.20 -19.19 -23.61
C THR B 573 -1.45 -20.52 -23.69
N ASP B 574 -2.05 -21.48 -24.39
CA ASP B 574 -1.49 -22.82 -24.51
C ASP B 574 -1.19 -23.20 -25.96
N ALA B 575 -2.11 -22.90 -26.89
CA ALA B 575 -1.93 -23.26 -28.28
C ALA B 575 -2.24 -22.07 -29.18
N VAL B 576 -1.73 -22.12 -30.40
CA VAL B 576 -1.91 -21.08 -31.40
C VAL B 576 -2.13 -21.73 -32.76
N ARG B 577 -2.50 -20.92 -33.75
CA ARG B 577 -2.71 -21.38 -35.11
C ARG B 577 -1.93 -20.49 -36.06
N ASP B 578 -1.19 -21.12 -36.97
CA ASP B 578 -0.36 -20.36 -37.91
C ASP B 578 -1.24 -19.64 -38.92
N PRO B 579 -1.12 -18.32 -39.06
CA PRO B 579 -1.97 -17.61 -40.02
C PRO B 579 -1.82 -18.06 -41.46
N GLN B 580 -0.64 -18.50 -41.88
CA GLN B 580 -0.39 -18.82 -43.28
C GLN B 580 -0.62 -20.29 -43.62
N THR B 581 -0.38 -21.21 -42.69
CA THR B 581 -0.54 -22.64 -42.95
C THR B 581 -1.76 -23.24 -42.25
N LEU B 582 -2.37 -22.52 -41.31
CA LEU B 582 -3.59 -22.97 -40.62
C LEU B 582 -3.37 -24.31 -39.92
N GLU B 583 -2.27 -24.39 -39.17
CA GLU B 583 -1.96 -25.57 -38.37
C GLU B 583 -1.84 -25.18 -36.91
N ILE B 584 -2.12 -26.14 -36.03
CA ILE B 584 -2.16 -25.92 -34.59
C ILE B 584 -0.79 -26.21 -34.00
N LEU B 585 -0.28 -25.29 -33.19
CA LEU B 585 1.00 -25.44 -32.52
C LEU B 585 0.81 -25.27 -31.01
N ASP B 586 1.59 -26.03 -30.25
CA ASP B 586 1.62 -25.93 -28.80
C ASP B 586 2.71 -24.97 -28.34
N ILE B 587 2.61 -24.56 -27.08
CA ILE B 587 3.56 -23.65 -26.48
C ILE B 587 3.99 -24.23 -25.12
N THR B 588 5.29 -24.42 -24.94
CA THR B 588 5.82 -24.98 -23.70
C THR B 588 6.98 -24.10 -23.23
N PRO B 589 6.97 -23.64 -21.98
CA PRO B 589 8.08 -22.81 -21.50
C PRO B 589 9.39 -23.57 -21.50
N CYS B 590 10.47 -22.86 -21.83
CA CYS B 590 11.78 -23.48 -21.81
C CYS B 590 12.29 -23.55 -20.37
N SER B 591 13.35 -24.34 -20.18
CA SER B 591 13.71 -24.83 -18.85
C SER B 591 14.05 -23.69 -17.89
N PHE B 592 13.90 -24.00 -16.60
CA PHE B 592 14.12 -23.07 -15.50
C PHE B 592 14.17 -23.87 -14.21
N GLY B 593 14.94 -23.38 -13.25
CA GLY B 593 15.07 -24.09 -12.00
C GLY B 593 16.03 -23.39 -11.05
N GLY B 594 16.47 -24.14 -10.02
CA GLY B 594 17.37 -23.60 -9.03
C GLY B 594 18.63 -24.45 -8.92
N VAL B 595 19.65 -23.86 -8.31
CA VAL B 595 20.96 -24.49 -8.15
C VAL B 595 21.30 -24.56 -6.67
N SER B 596 21.72 -25.74 -6.21
CA SER B 596 22.12 -25.94 -4.83
C SER B 596 23.54 -26.48 -4.78
N VAL B 597 24.26 -26.15 -3.72
CA VAL B 597 25.65 -26.54 -3.55
C VAL B 597 25.75 -27.41 -2.30
N ILE B 598 26.36 -28.59 -2.45
CA ILE B 598 26.56 -29.52 -1.35
C ILE B 598 28.05 -29.53 -1.01
N THR B 599 28.38 -29.20 0.23
CA THR B 599 29.77 -29.09 0.67
C THR B 599 29.94 -29.66 2.06
N PRO B 600 31.07 -30.29 2.35
CA PRO B 600 31.43 -30.59 3.74
C PRO B 600 31.94 -29.34 4.44
N GLY B 601 32.49 -29.50 5.64
CA GLY B 601 33.06 -28.35 6.33
C GLY B 601 34.21 -27.73 5.56
N THR B 602 34.40 -26.43 5.77
CA THR B 602 35.40 -25.70 4.99
C THR B 602 36.84 -26.05 5.39
N ASN B 603 37.07 -26.46 6.64
CA ASN B 603 38.43 -26.86 7.00
C ASN B 603 38.77 -28.27 6.56
N THR B 604 37.75 -29.07 6.22
CA THR B 604 37.98 -30.46 5.82
C THR B 604 38.48 -30.54 4.39
N SER B 605 37.76 -29.91 3.46
CA SER B 605 38.13 -29.95 2.06
C SER B 605 37.52 -28.74 1.35
N ASN B 606 37.95 -28.53 0.10
CA ASN B 606 37.46 -27.44 -0.72
C ASN B 606 36.67 -27.92 -1.92
N GLN B 607 36.25 -29.19 -1.92
CA GLN B 607 35.46 -29.74 -3.01
C GLN B 607 33.97 -29.56 -2.74
N VAL B 608 33.19 -29.49 -3.80
CA VAL B 608 31.75 -29.28 -3.74
C VAL B 608 31.07 -30.15 -4.78
N ALA B 609 29.75 -30.30 -4.63
CA ALA B 609 28.91 -30.91 -5.63
C ALA B 609 27.75 -29.98 -5.94
N VAL B 610 27.22 -30.07 -7.16
CA VAL B 610 26.19 -29.13 -7.61
C VAL B 610 24.95 -29.92 -7.99
N LEU B 611 23.81 -29.49 -7.45
CA LEU B 611 22.51 -30.10 -7.76
C LEU B 611 21.68 -29.09 -8.55
N TYR B 612 21.24 -29.50 -9.74
CA TYR B 612 20.31 -28.71 -10.54
C TYR B 612 18.92 -29.29 -10.30
N GLN B 613 18.00 -28.45 -9.86
CA GLN B 613 16.70 -28.96 -9.42
C GLN B 613 15.75 -29.17 -10.59
N ASP B 614 15.04 -30.30 -10.56
CA ASP B 614 13.92 -30.64 -11.45
C ASP B 614 14.26 -30.43 -12.94
N VAL B 615 15.54 -30.50 -13.29
CA VAL B 615 15.97 -30.31 -14.67
C VAL B 615 16.57 -31.62 -15.17
N ASN B 616 15.97 -32.18 -16.21
CA ASN B 616 16.59 -33.27 -16.95
C ASN B 616 17.86 -32.73 -17.61
N CYS B 617 19.02 -33.17 -17.11
CA CYS B 617 20.28 -32.55 -17.51
C CYS B 617 20.98 -33.31 -18.63
N THR B 618 20.19 -33.87 -19.55
CA THR B 618 20.67 -34.08 -20.91
C THR B 618 20.68 -32.76 -21.69
N GLU B 619 20.14 -31.69 -21.10
CA GLU B 619 20.10 -30.37 -21.70
C GLU B 619 20.87 -29.34 -20.89
N VAL B 620 21.61 -29.77 -19.87
CA VAL B 620 22.43 -28.83 -19.09
C VAL B 620 23.56 -28.32 -19.96
N PRO B 621 23.88 -27.02 -19.92
CA PRO B 621 25.02 -26.53 -20.72
C PRO B 621 26.35 -27.18 -20.35
N VAL B 622 26.55 -27.51 -19.08
CA VAL B 622 27.80 -28.13 -18.64
C VAL B 622 27.88 -29.57 -19.14
N GLY B 639 32.75 -30.19 -14.43
CA GLY B 639 32.50 -31.44 -15.10
C GLY B 639 33.00 -32.65 -14.32
N SER B 640 32.07 -33.47 -13.85
CA SER B 640 32.40 -34.66 -13.07
C SER B 640 31.33 -35.70 -13.33
N ASN B 641 31.26 -36.72 -12.46
CA ASN B 641 30.24 -37.74 -12.60
C ASN B 641 28.84 -37.14 -12.56
N VAL B 642 27.98 -37.56 -13.48
CA VAL B 642 26.64 -37.05 -13.62
C VAL B 642 25.66 -38.14 -13.19
N PHE B 643 24.75 -37.81 -12.27
CA PHE B 643 23.80 -38.78 -11.78
C PHE B 643 22.42 -38.15 -11.68
N GLN B 644 21.41 -38.82 -12.22
CA GLN B 644 20.06 -38.27 -12.30
C GLN B 644 19.20 -38.80 -11.16
N THR B 645 18.63 -37.90 -10.36
CA THR B 645 17.77 -38.25 -9.24
C THR B 645 16.35 -37.80 -9.56
N ARG B 646 15.44 -38.00 -8.61
CA ARG B 646 14.10 -37.44 -8.73
C ARG B 646 14.07 -35.95 -8.46
N ALA B 647 14.90 -35.46 -7.55
CA ALA B 647 14.94 -34.04 -7.19
C ALA B 647 15.78 -33.21 -8.15
N GLY B 648 16.13 -33.76 -9.32
CA GLY B 648 16.94 -33.07 -10.30
C GLY B 648 18.10 -33.96 -10.73
N CYS B 649 19.29 -33.37 -10.81
CA CYS B 649 20.47 -34.17 -11.06
C CYS B 649 21.70 -33.55 -10.42
N LEU B 650 22.69 -34.42 -10.17
CA LEU B 650 23.85 -34.11 -9.36
C LEU B 650 25.11 -34.25 -10.20
N ILE B 651 26.01 -33.27 -10.07
CA ILE B 651 27.30 -33.27 -10.73
C ILE B 651 28.37 -33.13 -9.65
N GLY B 652 29.31 -34.07 -9.62
CA GLY B 652 30.41 -34.03 -8.68
C GLY B 652 30.41 -35.12 -7.63
N ALA B 653 29.49 -36.09 -7.69
CA ALA B 653 29.41 -37.14 -6.69
C ALA B 653 29.33 -38.50 -7.37
N GLU B 654 29.87 -39.51 -6.70
CA GLU B 654 29.82 -40.88 -7.17
C GLU B 654 28.72 -41.64 -6.47
N HIS B 655 28.02 -42.49 -7.22
CA HIS B 655 26.90 -43.25 -6.69
C HIS B 655 27.44 -44.49 -5.99
N VAL B 656 27.70 -44.37 -4.68
CA VAL B 656 28.07 -45.53 -3.89
C VAL B 656 26.85 -46.41 -3.80
N ASN B 657 27.02 -47.68 -3.45
CA ASN B 657 26.04 -48.66 -3.88
C ASN B 657 25.62 -49.51 -2.69
N ASN B 658 26.16 -49.22 -1.50
CA ASN B 658 25.68 -49.70 -0.21
C ASN B 658 24.68 -48.69 0.35
N SER B 659 24.35 -48.79 1.65
CA SER B 659 23.47 -47.82 2.29
C SER B 659 23.94 -47.58 3.72
N TYR B 660 23.91 -46.30 4.14
CA TYR B 660 24.20 -45.92 5.52
C TYR B 660 23.13 -44.97 6.06
N GLU B 661 23.38 -44.39 7.23
CA GLU B 661 22.49 -43.37 7.76
C GLU B 661 22.64 -42.07 6.98
N CYS B 662 21.58 -41.25 7.01
CA CYS B 662 21.60 -40.00 6.27
C CYS B 662 22.50 -38.98 6.95
N ASP B 663 23.30 -38.27 6.15
CA ASP B 663 24.17 -37.21 6.63
C ASP B 663 23.74 -35.85 6.11
N ILE B 664 23.60 -35.70 4.79
CA ILE B 664 23.11 -34.46 4.19
C ILE B 664 21.89 -34.81 3.34
N PRO B 665 20.69 -34.41 3.75
CA PRO B 665 19.50 -34.75 2.95
C PRO B 665 19.52 -34.05 1.59
N ILE B 666 19.01 -34.75 0.59
CA ILE B 666 18.89 -34.22 -0.77
C ILE B 666 17.44 -34.27 -1.25
N GLY B 667 16.78 -35.40 -1.08
CA GLY B 667 15.39 -35.56 -1.46
C GLY B 667 15.09 -36.97 -1.93
N ALA B 668 13.82 -37.35 -1.86
CA ALA B 668 13.32 -38.63 -2.35
C ALA B 668 14.06 -39.82 -1.74
N GLY B 669 14.62 -39.64 -0.54
CA GLY B 669 15.35 -40.70 0.11
C GLY B 669 16.79 -40.83 -0.29
N ILE B 670 17.40 -39.80 -0.86
CA ILE B 670 18.79 -39.82 -1.29
C ILE B 670 19.60 -38.91 -0.38
N CYS B 671 20.72 -39.41 0.11
CA CYS B 671 21.62 -38.65 0.96
C CYS B 671 23.02 -38.65 0.36
N ALA B 672 23.85 -37.72 0.83
CA ALA B 672 25.22 -37.59 0.36
C ALA B 672 26.15 -37.37 1.54
N SER B 673 27.41 -37.81 1.38
CA SER B 673 28.37 -37.70 2.46
C SER B 673 29.79 -37.73 1.91
N TYR B 674 30.72 -37.19 2.70
CA TYR B 674 32.14 -37.16 2.38
C TYR B 674 32.78 -38.40 3.00
N GLN B 675 33.34 -39.27 2.17
CA GLN B 675 33.84 -40.56 2.64
C GLN B 675 35.32 -40.73 2.29
N THR B 676 35.88 -41.84 2.78
CA THR B 676 37.30 -42.13 2.67
C THR B 676 37.47 -43.55 2.15
N GLN B 677 38.04 -43.69 0.96
CA GLN B 677 38.37 -45.00 0.39
C GLN B 677 39.29 -44.85 -0.82
N SER B 686 42.36 -41.97 -0.94
CA SER B 686 41.76 -40.76 -1.48
C SER B 686 40.38 -40.52 -0.87
N GLN B 687 39.92 -39.26 -0.93
CA GLN B 687 38.63 -38.87 -0.39
C GLN B 687 37.73 -38.39 -1.52
N SER B 688 36.42 -38.51 -1.31
CA SER B 688 35.46 -38.11 -2.34
C SER B 688 34.10 -37.90 -1.67
N ILE B 689 33.14 -37.48 -2.49
CA ILE B 689 31.76 -37.27 -2.08
C ILE B 689 30.90 -38.33 -2.75
N ILE B 690 30.09 -39.02 -1.96
CA ILE B 690 29.29 -40.13 -2.44
C ILE B 690 27.81 -39.86 -2.14
N ALA B 691 26.95 -40.47 -2.95
CA ALA B 691 25.51 -40.37 -2.80
C ALA B 691 24.91 -41.77 -2.73
N TYR B 692 23.94 -41.95 -1.85
CA TYR B 692 23.36 -43.26 -1.59
C TYR B 692 21.90 -43.10 -1.17
N THR B 693 21.26 -44.23 -0.89
CA THR B 693 19.90 -44.27 -0.37
C THR B 693 19.95 -44.59 1.12
N MET B 694 19.29 -43.77 1.92
CA MET B 694 19.37 -43.89 3.37
C MET B 694 18.72 -45.19 3.85
N SER B 695 19.25 -45.72 4.95
CA SER B 695 18.69 -46.88 5.62
C SER B 695 17.96 -46.47 6.88
N LEU B 696 17.12 -47.37 7.39
CA LEU B 696 16.27 -47.07 8.53
C LEU B 696 16.71 -47.74 9.82
N GLY B 697 17.42 -48.85 9.75
CA GLY B 697 17.87 -49.52 10.95
C GLY B 697 18.32 -50.93 10.65
N ALA B 698 18.48 -51.71 11.73
CA ALA B 698 18.95 -53.09 11.65
C ALA B 698 17.84 -54.04 12.06
N GLU B 699 17.77 -55.18 11.38
CA GLU B 699 16.72 -56.16 11.65
C GLU B 699 16.90 -56.79 13.03
N ASN B 700 15.80 -56.90 13.76
CA ASN B 700 15.81 -57.46 15.11
C ASN B 700 14.63 -58.42 15.29
N SER B 701 14.49 -59.36 14.35
CA SER B 701 13.42 -60.35 14.45
C SER B 701 13.47 -61.06 15.79
N VAL B 702 12.34 -61.07 16.48
CA VAL B 702 12.22 -61.62 17.83
C VAL B 702 11.86 -63.09 17.72
N ALA B 703 12.38 -63.89 18.67
CA ALA B 703 12.11 -65.32 18.71
C ALA B 703 10.75 -65.51 19.39
N TYR B 704 9.69 -65.29 18.61
CA TYR B 704 8.33 -65.45 19.10
C TYR B 704 7.95 -66.92 19.12
N SER B 705 7.37 -67.36 20.23
CA SER B 705 6.79 -68.68 20.35
C SER B 705 5.57 -68.57 21.27
N ASN B 706 4.86 -69.68 21.40
CA ASN B 706 3.71 -69.78 22.28
C ASN B 706 4.00 -70.57 23.56
N ASN B 707 5.28 -70.71 23.94
CA ASN B 707 5.60 -71.32 25.23
C ASN B 707 6.78 -70.67 25.93
N SER B 708 7.32 -69.56 25.40
CA SER B 708 8.56 -69.00 25.89
C SER B 708 8.37 -67.56 26.31
N ILE B 709 9.02 -67.18 27.42
CA ILE B 709 8.99 -65.82 27.94
C ILE B 709 10.40 -65.42 28.34
N ALA B 710 10.67 -64.12 28.32
CA ALA B 710 11.96 -63.56 28.67
C ALA B 710 11.81 -62.58 29.82
N ILE B 711 12.62 -62.75 30.86
CA ILE B 711 12.53 -61.93 32.07
C ILE B 711 13.90 -61.35 32.40
N PRO B 712 14.01 -60.04 32.63
CA PRO B 712 15.32 -59.44 32.93
C PRO B 712 15.82 -59.85 34.32
N THR B 713 17.14 -59.72 34.48
CA THR B 713 17.80 -60.07 35.74
C THR B 713 18.70 -58.98 36.30
N ASN B 714 18.73 -57.80 35.69
CA ASN B 714 19.55 -56.71 36.20
C ASN B 714 18.93 -55.40 35.73
N PHE B 715 19.42 -54.29 36.28
CA PHE B 715 18.87 -52.98 35.96
C PHE B 715 19.97 -51.94 35.90
N THR B 716 19.66 -50.82 35.23
CA THR B 716 20.51 -49.65 35.16
C THR B 716 19.69 -48.41 35.44
N ILE B 717 20.37 -47.37 35.93
CA ILE B 717 19.78 -46.08 36.23
C ILE B 717 20.29 -45.08 35.22
N SER B 718 19.37 -44.37 34.57
CA SER B 718 19.72 -43.47 33.46
C SER B 718 19.21 -42.07 33.75
N VAL B 719 20.01 -41.07 33.35
CA VAL B 719 19.67 -39.66 33.50
C VAL B 719 19.76 -38.99 32.14
N THR B 720 18.70 -38.31 31.74
CA THR B 720 18.63 -37.61 30.46
C THR B 720 18.28 -36.15 30.69
N THR B 721 18.44 -35.33 29.65
CA THR B 721 18.20 -33.90 29.74
C THR B 721 17.20 -33.45 28.68
N GLU B 722 16.53 -32.33 28.97
CA GLU B 722 15.57 -31.74 28.05
C GLU B 722 15.62 -30.22 28.23
N ILE B 723 15.55 -29.48 27.13
CA ILE B 723 15.73 -28.03 27.13
C ILE B 723 14.49 -27.37 26.52
N LEU B 724 13.97 -26.34 27.20
CA LEU B 724 12.77 -25.66 26.70
C LEU B 724 12.86 -24.15 26.84
N PRO B 725 12.61 -23.39 25.77
CA PRO B 725 12.55 -21.93 25.90
C PRO B 725 11.26 -21.48 26.55
N VAL B 726 11.32 -20.33 27.22
CA VAL B 726 10.19 -19.87 28.02
C VAL B 726 9.74 -18.46 27.63
N SER B 727 10.67 -17.63 27.15
CA SER B 727 10.34 -16.23 26.89
C SER B 727 11.36 -15.65 25.91
N MET B 728 11.15 -14.38 25.55
CA MET B 728 12.02 -13.66 24.65
C MET B 728 12.18 -12.22 25.15
N THR B 729 12.73 -11.36 24.31
CA THR B 729 13.09 -10.01 24.70
C THR B 729 11.94 -9.04 24.46
N LYS B 730 11.78 -8.08 25.38
CA LYS B 730 10.76 -7.05 25.29
C LYS B 730 11.36 -5.81 24.63
N THR B 731 10.81 -5.43 23.48
CA THR B 731 11.27 -4.25 22.75
C THR B 731 10.09 -3.35 22.45
N SER B 732 10.39 -2.07 22.19
CA SER B 732 9.37 -1.12 21.81
C SER B 732 9.94 -0.14 20.78
N VAL B 733 9.10 0.25 19.83
CA VAL B 733 9.47 1.17 18.75
C VAL B 733 8.46 2.30 18.71
N ASP B 734 8.95 3.52 18.52
CA ASP B 734 8.10 4.70 18.42
C ASP B 734 7.77 4.96 16.96
N CYS B 735 6.47 4.94 16.64
CA CYS B 735 6.05 5.07 15.24
C CYS B 735 6.37 6.44 14.68
N THR B 736 6.01 7.51 15.39
CA THR B 736 6.19 8.86 14.89
C THR B 736 7.67 9.19 14.69
N MET B 737 8.51 8.83 15.67
CA MET B 737 9.93 9.14 15.56
C MET B 737 10.61 8.25 14.53
N TYR B 738 10.11 7.03 14.33
CA TYR B 738 10.69 6.16 13.29
C TYR B 738 10.38 6.69 11.90
N ILE B 739 9.13 7.14 11.67
CA ILE B 739 8.75 7.57 10.33
C ILE B 739 9.29 8.97 10.03
N CYS B 740 8.86 9.95 10.82
CA CYS B 740 9.26 11.35 10.62
C CYS B 740 10.14 11.78 11.79
N GLY B 741 11.45 11.75 11.58
CA GLY B 741 12.39 12.17 12.59
C GLY B 741 12.37 13.66 12.82
N ASP B 742 11.87 14.08 13.99
CA ASP B 742 11.82 15.45 14.48
C ASP B 742 11.60 16.50 13.39
N SER B 743 10.65 16.24 12.50
CA SER B 743 10.28 17.16 11.43
C SER B 743 8.80 17.51 11.59
N THR B 744 8.50 18.80 11.70
CA THR B 744 7.12 19.22 11.94
C THR B 744 6.25 19.07 10.70
N GLU B 745 6.81 19.39 9.53
CA GLU B 745 6.05 19.26 8.29
C GLU B 745 5.80 17.81 7.89
N CYS B 746 6.66 16.88 8.31
CA CYS B 746 6.38 15.47 8.12
C CYS B 746 5.33 14.98 9.12
N SER B 747 5.41 15.44 10.36
CA SER B 747 4.45 15.06 11.39
C SER B 747 3.06 15.62 11.13
N ASN B 748 2.94 16.76 10.43
CA ASN B 748 1.65 17.29 10.06
C ASN B 748 1.01 16.53 8.91
N LEU B 749 1.83 16.02 7.98
CA LEU B 749 1.32 15.15 6.93
C LEU B 749 0.96 13.77 7.44
N LEU B 750 1.67 13.27 8.45
CA LEU B 750 1.37 11.97 9.02
C LEU B 750 0.04 11.94 9.75
N LEU B 751 -0.50 13.10 10.15
CA LEU B 751 -1.74 13.15 10.90
C LEU B 751 -2.98 12.83 10.07
N GLN B 752 -2.85 12.78 8.74
CA GLN B 752 -4.01 12.55 7.88
C GLN B 752 -4.34 11.08 7.70
N TYR B 753 -3.51 10.17 8.22
CA TYR B 753 -3.72 8.74 8.04
C TYR B 753 -4.50 8.09 9.18
N GLY B 754 -4.87 8.84 10.21
CA GLY B 754 -5.72 8.31 11.26
C GLY B 754 -4.92 7.85 12.46
N SER B 755 -5.19 6.63 12.92
CA SER B 755 -4.62 6.08 14.14
C SER B 755 -3.86 4.79 13.87
N PHE B 756 -2.99 4.80 12.85
CA PHE B 756 -2.28 3.59 12.47
C PHE B 756 -1.17 3.26 13.46
N CYS B 757 -0.63 4.25 14.16
CA CYS B 757 0.52 4.03 15.02
C CYS B 757 0.11 3.54 16.41
N THR B 758 -1.05 3.99 16.90
CA THR B 758 -1.51 3.58 18.22
C THR B 758 -1.77 2.09 18.28
N GLN B 759 -2.30 1.50 17.21
CA GLN B 759 -2.53 0.06 17.18
C GLN B 759 -1.23 -0.71 17.30
N LEU B 760 -0.20 -0.27 16.57
CA LEU B 760 1.11 -0.92 16.65
C LEU B 760 1.69 -0.82 18.07
N ASN B 761 1.60 0.37 18.67
CA ASN B 761 2.08 0.53 20.04
C ASN B 761 1.34 -0.37 21.01
N ARG B 762 0.02 -0.47 20.86
CA ARG B 762 -0.79 -1.34 21.71
C ARG B 762 -0.41 -2.81 21.55
N ALA B 763 -0.20 -3.28 20.32
CA ALA B 763 0.17 -4.67 20.10
C ALA B 763 1.52 -4.99 20.73
N LEU B 764 2.52 -4.10 20.53
CA LEU B 764 3.82 -4.33 21.15
C LEU B 764 3.74 -4.31 22.66
N THR B 765 2.96 -3.39 23.24
CA THR B 765 2.79 -3.37 24.70
C THR B 765 2.16 -4.67 25.19
N GLY B 766 1.16 -5.19 24.48
CA GLY B 766 0.56 -6.45 24.87
C GLY B 766 1.54 -7.61 24.84
N ILE B 767 2.38 -7.68 23.80
CA ILE B 767 3.40 -8.73 23.76
C ILE B 767 4.35 -8.60 24.95
N ALA B 768 4.81 -7.38 25.23
CA ALA B 768 5.72 -7.17 26.33
C ALA B 768 5.09 -7.58 27.66
N VAL B 769 3.80 -7.31 27.83
CA VAL B 769 3.11 -7.70 29.06
C VAL B 769 3.00 -9.22 29.17
N GLU B 770 2.70 -9.90 28.04
CA GLU B 770 2.57 -11.36 28.09
C GLU B 770 3.89 -12.03 28.45
N GLN B 771 5.00 -11.43 28.05
CA GLN B 771 6.31 -12.05 28.29
C GLN B 771 6.62 -12.25 29.77
N ASP B 772 5.95 -11.53 30.67
CA ASP B 772 6.22 -11.72 32.10
C ASP B 772 5.34 -12.79 32.72
N LYS B 773 4.07 -12.84 32.34
CA LYS B 773 3.20 -13.95 32.74
C LYS B 773 3.77 -15.28 32.28
N ASN B 774 4.45 -15.30 31.12
CA ASN B 774 5.07 -16.54 30.66
C ASN B 774 6.03 -17.12 31.71
N THR B 775 6.89 -16.28 32.28
CA THR B 775 7.84 -16.76 33.29
C THR B 775 7.16 -17.02 34.62
N GLN B 776 6.20 -16.15 35.00
CA GLN B 776 5.54 -16.31 36.30
C GLN B 776 4.77 -17.62 36.39
N GLU B 777 4.08 -18.01 35.32
CA GLU B 777 3.31 -19.26 35.36
C GLU B 777 4.19 -20.50 35.43
N VAL B 778 5.47 -20.39 35.09
CA VAL B 778 6.39 -21.54 35.09
C VAL B 778 7.14 -21.64 36.40
N PHE B 779 7.76 -20.56 36.86
CA PHE B 779 8.67 -20.70 37.99
C PHE B 779 8.01 -20.53 39.35
N ALA B 780 7.02 -19.63 39.47
CA ALA B 780 6.40 -19.35 40.76
C ALA B 780 5.28 -20.37 41.03
N GLN B 781 5.70 -21.54 41.49
CA GLN B 781 4.76 -22.61 41.85
C GLN B 781 4.76 -22.93 43.33
N VAL B 782 5.58 -22.25 44.14
CA VAL B 782 5.60 -22.45 45.58
C VAL B 782 5.61 -21.08 46.24
N LYS B 783 4.84 -20.94 47.32
CA LYS B 783 4.76 -19.69 48.07
C LYS B 783 5.59 -19.73 49.34
N GLN B 784 6.48 -20.72 49.47
CA GLN B 784 7.35 -20.84 50.63
C GLN B 784 8.76 -21.17 50.17
N ILE B 785 9.73 -20.86 51.01
CA ILE B 785 11.14 -21.06 50.71
C ILE B 785 11.66 -22.16 51.63
N TYR B 786 12.23 -23.20 51.03
CA TYR B 786 12.73 -24.36 51.76
C TYR B 786 14.26 -24.38 51.73
N LYS B 787 14.85 -24.97 52.76
CA LYS B 787 16.30 -25.10 52.87
C LYS B 787 16.67 -26.53 53.20
N THR B 788 17.86 -26.94 52.75
CA THR B 788 18.43 -28.23 53.06
C THR B 788 19.14 -28.19 54.42
N PRO B 789 19.26 -29.35 55.09
CA PRO B 789 19.96 -29.36 56.38
C PRO B 789 21.42 -29.03 56.20
N PRO B 790 22.08 -28.50 57.23
CA PRO B 790 23.51 -28.16 57.10
C PRO B 790 24.40 -29.35 56.77
N ILE B 791 24.07 -30.55 57.27
CA ILE B 791 24.82 -31.75 57.00
C ILE B 791 24.11 -32.54 55.90
N LYS B 792 24.89 -33.10 54.98
CA LYS B 792 24.37 -33.80 53.81
C LYS B 792 24.64 -35.30 53.99
N ASP B 793 23.69 -35.99 54.61
CA ASP B 793 23.76 -37.44 54.82
C ASP B 793 22.47 -38.03 54.28
N PHE B 794 22.45 -38.37 52.99
CA PHE B 794 21.27 -38.89 52.33
C PHE B 794 21.40 -40.37 51.98
N GLY B 795 22.17 -41.12 52.78
CA GLY B 795 22.25 -42.54 52.61
C GLY B 795 23.18 -43.02 51.52
N GLY B 796 23.87 -42.11 50.83
CA GLY B 796 24.83 -42.51 49.82
C GLY B 796 24.77 -41.69 48.56
N PHE B 797 23.65 -41.02 48.35
CA PHE B 797 23.46 -40.16 47.19
C PHE B 797 24.11 -38.82 47.45
N ASN B 798 24.62 -38.22 46.38
CA ASN B 798 25.55 -37.10 46.46
C ASN B 798 25.02 -36.10 45.43
N PHE B 799 24.32 -35.06 45.92
CA PHE B 799 23.69 -34.05 45.07
C PHE B 799 24.51 -32.77 44.95
N SER B 800 25.83 -32.87 45.09
CA SER B 800 26.67 -31.67 45.11
C SER B 800 26.68 -30.94 43.78
N GLN B 801 26.37 -31.63 42.67
CA GLN B 801 26.45 -31.02 41.35
C GLN B 801 25.20 -30.22 40.98
N ILE B 802 24.13 -30.31 41.76
CA ILE B 802 22.91 -29.58 41.46
C ILE B 802 22.53 -28.59 42.55
N LEU B 803 23.11 -28.67 43.75
CA LEU B 803 22.83 -27.72 44.81
C LEU B 803 23.76 -26.52 44.71
N PRO B 804 23.33 -25.35 45.18
CA PRO B 804 24.20 -24.17 45.12
C PRO B 804 25.38 -24.30 46.07
N ASP B 805 26.47 -23.61 45.71
CA ASP B 805 27.67 -23.56 46.54
C ASP B 805 27.86 -22.16 47.10
N PRO B 806 28.01 -22.02 48.41
CA PRO B 806 28.13 -20.66 48.99
C PRO B 806 29.39 -19.92 48.57
N SER B 807 30.42 -20.62 48.07
CA SER B 807 31.67 -19.96 47.74
C SER B 807 31.48 -18.94 46.61
N LYS B 808 30.73 -19.31 45.59
CA LYS B 808 30.56 -18.42 44.45
C LYS B 808 29.71 -17.21 44.84
N PRO B 809 30.06 -16.00 44.38
CA PRO B 809 29.25 -14.83 44.70
C PRO B 809 27.83 -14.90 44.15
N SER B 810 27.63 -15.53 43.00
CA SER B 810 26.31 -15.54 42.36
C SER B 810 25.38 -16.60 42.93
N LYS B 811 25.89 -17.54 43.73
CA LYS B 811 25.08 -18.59 44.35
C LYS B 811 24.34 -19.43 43.30
N ARG B 812 25.12 -20.07 42.43
CA ARG B 812 24.58 -20.91 41.39
C ARG B 812 25.26 -22.28 41.44
N SER B 813 24.51 -23.31 41.05
CA SER B 813 25.05 -24.66 41.05
C SER B 813 26.12 -24.81 39.97
N PRO B 814 27.02 -25.79 40.13
CA PRO B 814 28.06 -25.98 39.11
C PRO B 814 27.53 -26.22 37.72
N ILE B 815 26.40 -26.93 37.59
CA ILE B 815 25.84 -27.22 36.27
C ILE B 815 25.28 -25.93 35.64
N GLU B 816 24.62 -25.10 36.45
CA GLU B 816 24.08 -23.84 35.93
C GLU B 816 25.17 -22.91 35.42
N ASP B 817 26.37 -22.97 36.02
CA ASP B 817 27.48 -22.16 35.54
C ASP B 817 27.84 -22.52 34.11
N LEU B 818 27.87 -23.82 33.79
CA LEU B 818 28.16 -24.25 32.43
C LEU B 818 27.12 -23.72 31.45
N LEU B 819 25.84 -23.77 31.84
CA LEU B 819 24.79 -23.29 30.95
C LEU B 819 24.87 -21.78 30.75
N PHE B 820 25.20 -21.02 31.80
CA PHE B 820 25.20 -19.57 31.67
C PHE B 820 26.38 -19.06 30.84
N ASN B 821 27.56 -19.63 31.00
CA ASN B 821 28.68 -19.26 30.14
C ASN B 821 28.77 -20.17 28.92
N LYS B 822 27.63 -20.40 28.29
CA LYS B 822 27.58 -21.11 27.01
C LYS B 822 26.66 -20.47 25.98
N VAL B 823 25.69 -19.67 26.40
CA VAL B 823 24.76 -19.00 25.50
C VAL B 823 25.16 -17.54 25.43
N THR B 824 25.66 -17.11 24.28
CA THR B 824 26.13 -15.74 24.12
C THR B 824 25.52 -15.09 22.88
N PHE B 852 18.78 5.96 18.52
CA PHE B 852 18.76 4.75 17.69
C PHE B 852 17.41 4.58 16.99
N ASN B 853 16.89 5.69 16.47
CA ASN B 853 15.63 5.73 15.73
C ASN B 853 14.43 5.37 16.60
N GLY B 854 14.56 5.45 17.92
CA GLY B 854 13.43 5.25 18.80
C GLY B 854 13.18 3.83 19.27
N LEU B 855 14.16 2.94 19.14
CA LEU B 855 14.03 1.56 19.58
C LEU B 855 14.59 1.43 20.99
N THR B 856 13.82 0.82 21.89
CA THR B 856 14.29 0.61 23.26
C THR B 856 13.95 -0.80 23.71
N VAL B 857 14.68 -1.26 24.71
CA VAL B 857 14.51 -2.60 25.29
C VAL B 857 14.27 -2.45 26.78
N LEU B 858 13.19 -3.08 27.29
CA LEU B 858 12.80 -3.00 28.69
C LEU B 858 13.36 -4.17 29.48
N PRO B 859 13.62 -3.97 30.77
CA PRO B 859 14.19 -5.05 31.58
C PRO B 859 13.10 -5.94 32.16
N PRO B 860 13.38 -7.23 32.34
CA PRO B 860 12.39 -8.12 32.94
C PRO B 860 12.16 -7.80 34.41
N LEU B 861 10.98 -8.19 34.90
CA LEU B 861 10.62 -7.88 36.28
C LEU B 861 11.37 -8.77 37.27
N LEU B 862 11.58 -10.04 36.92
CA LEU B 862 12.28 -10.98 37.79
C LEU B 862 13.74 -11.07 37.37
N THR B 863 14.64 -10.75 38.28
CA THR B 863 16.07 -10.80 37.98
C THR B 863 16.56 -12.25 37.98
N ASP B 864 17.76 -12.44 37.45
CA ASP B 864 18.33 -13.78 37.35
C ASP B 864 18.70 -14.37 38.71
N GLU B 865 18.72 -13.55 39.76
CA GLU B 865 19.05 -14.03 41.10
C GLU B 865 17.81 -14.46 41.89
N MET B 866 16.61 -14.26 41.35
CA MET B 866 15.38 -14.72 41.99
C MET B 866 14.89 -16.04 41.41
N ILE B 867 15.08 -16.23 40.09
CA ILE B 867 14.75 -17.50 39.47
C ILE B 867 15.58 -18.63 40.07
N ALA B 868 16.86 -18.35 40.36
CA ALA B 868 17.71 -19.32 41.04
C ALA B 868 17.21 -19.64 42.44
N GLN B 869 16.71 -18.64 43.17
CA GLN B 869 16.12 -18.89 44.48
C GLN B 869 14.89 -19.79 44.38
N TYR B 870 14.04 -19.54 43.38
CA TYR B 870 12.87 -20.39 43.17
C TYR B 870 13.27 -21.82 42.85
N THR B 871 14.24 -21.99 41.95
CA THR B 871 14.69 -23.32 41.58
C THR B 871 15.31 -24.05 42.78
N SER B 872 16.11 -23.34 43.56
CA SER B 872 16.69 -23.92 44.76
C SER B 872 15.64 -24.31 45.79
N ALA B 873 14.59 -23.49 45.95
CA ALA B 873 13.49 -23.86 46.83
C ALA B 873 12.81 -25.14 46.38
N LEU B 874 12.53 -25.27 45.08
CA LEU B 874 11.95 -26.52 44.57
C LEU B 874 12.87 -27.71 44.80
N LEU B 875 14.17 -27.55 44.52
CA LEU B 875 15.11 -28.65 44.70
C LEU B 875 15.22 -29.07 46.16
N ALA B 876 15.26 -28.11 47.08
CA ALA B 876 15.35 -28.42 48.50
C ALA B 876 14.06 -28.98 49.06
N GLY B 877 12.91 -28.63 48.48
CA GLY B 877 11.66 -29.20 48.91
C GLY B 877 11.47 -30.62 48.42
N THR B 878 12.01 -30.93 47.24
CA THR B 878 11.86 -32.28 46.70
C THR B 878 12.62 -33.31 47.54
N ILE B 879 13.84 -32.98 47.96
CA ILE B 879 14.70 -33.97 48.62
C ILE B 879 14.17 -34.32 50.00
N THR B 880 13.77 -33.32 50.78
CA THR B 880 13.44 -33.55 52.18
C THR B 880 12.04 -34.08 52.41
N SER B 881 11.11 -33.83 51.49
CA SER B 881 9.72 -34.21 51.68
C SER B 881 9.23 -35.23 50.68
N GLY B 882 9.49 -35.03 49.40
CA GLY B 882 8.99 -35.93 48.37
C GLY B 882 7.96 -35.26 47.49
N TRP B 883 6.80 -35.89 47.33
CA TRP B 883 5.69 -35.29 46.61
C TRP B 883 4.61 -34.73 47.54
N THR B 884 4.87 -34.71 48.84
CA THR B 884 3.87 -34.27 49.81
C THR B 884 3.80 -32.75 49.94
N PHE B 885 4.80 -32.02 49.44
CA PHE B 885 4.82 -30.57 49.56
C PHE B 885 4.09 -29.87 48.42
N GLY B 886 3.60 -30.62 47.43
CA GLY B 886 2.84 -30.06 46.34
C GLY B 886 1.35 -30.24 46.45
N ALA B 887 0.86 -30.92 47.50
CA ALA B 887 -0.57 -31.14 47.69
C ALA B 887 -0.98 -30.85 49.14
N GLY B 888 -0.28 -29.94 49.80
CA GLY B 888 -0.58 -29.60 51.16
C GLY B 888 0.67 -29.26 51.95
N PRO B 889 0.63 -29.46 53.26
CA PRO B 889 1.81 -29.21 54.09
C PRO B 889 2.90 -30.24 53.83
N ALA B 890 4.14 -29.82 54.07
CA ALA B 890 5.30 -30.67 53.79
C ALA B 890 5.54 -31.64 54.94
N LEU B 891 5.77 -32.91 54.59
CA LEU B 891 6.05 -33.96 55.55
C LEU B 891 7.41 -34.57 55.24
N GLN B 892 8.23 -34.76 56.27
CA GLN B 892 9.58 -35.24 56.06
C GLN B 892 9.62 -36.77 56.06
N ILE B 893 10.59 -37.32 55.32
CA ILE B 893 10.76 -38.76 55.18
C ILE B 893 12.19 -39.03 54.71
N PRO B 894 12.85 -40.06 55.21
CA PRO B 894 14.21 -40.36 54.73
C PRO B 894 14.24 -40.68 53.25
N PHE B 895 15.33 -40.29 52.60
CA PHE B 895 15.47 -40.48 51.16
C PHE B 895 15.48 -41.96 50.74
N PRO B 896 16.23 -42.86 51.39
CA PRO B 896 16.14 -44.27 50.99
C PRO B 896 14.75 -44.85 51.16
N MET B 897 13.96 -44.34 52.11
CA MET B 897 12.60 -44.81 52.27
C MET B 897 11.68 -44.28 51.18
N GLN B 898 11.96 -43.08 50.66
CA GLN B 898 11.18 -42.54 49.56
C GLN B 898 11.53 -43.21 48.24
N MET B 899 12.79 -43.64 48.10
CA MET B 899 13.17 -44.38 46.89
C MET B 899 12.43 -45.71 46.80
N ALA B 900 12.17 -46.36 47.94
CA ALA B 900 11.35 -47.57 47.92
C ALA B 900 9.92 -47.27 47.51
N TYR B 901 9.36 -46.14 47.97
CA TYR B 901 8.03 -45.73 47.53
C TYR B 901 7.98 -45.54 46.02
N ARG B 902 9.01 -44.90 45.46
CA ARG B 902 9.04 -44.70 44.02
C ARG B 902 9.33 -45.98 43.24
N PHE B 903 10.02 -46.95 43.85
CA PHE B 903 10.17 -48.26 43.24
C PHE B 903 8.86 -49.03 43.22
N ASN B 904 8.02 -48.89 44.25
CA ASN B 904 6.73 -49.57 44.28
C ASN B 904 5.80 -49.07 43.17
N GLY B 905 6.02 -47.85 42.68
CA GLY B 905 5.12 -47.26 41.71
C GLY B 905 5.31 -47.71 40.28
N ILE B 906 6.33 -48.53 40.01
CA ILE B 906 6.59 -49.04 38.66
C ILE B 906 6.43 -50.54 38.56
N GLY B 907 6.17 -51.23 39.67
CA GLY B 907 5.91 -52.66 39.64
C GLY B 907 6.96 -53.52 40.30
N VAL B 908 8.01 -52.94 40.89
CA VAL B 908 9.08 -53.69 41.54
C VAL B 908 8.89 -53.60 43.05
N THR B 909 9.05 -54.73 43.72
CA THR B 909 8.90 -54.77 45.17
C THR B 909 9.98 -53.94 45.85
N GLN B 910 9.68 -53.50 47.07
CA GLN B 910 10.55 -52.57 47.79
C GLN B 910 11.72 -53.26 48.47
N ASN B 911 11.74 -54.60 48.54
CA ASN B 911 12.89 -55.29 49.09
C ASN B 911 14.04 -55.40 48.09
N VAL B 912 13.81 -55.04 46.83
CA VAL B 912 14.89 -55.03 45.85
C VAL B 912 15.88 -53.91 46.14
N LEU B 913 15.38 -52.74 46.51
CA LEU B 913 16.25 -51.58 46.73
C LEU B 913 17.09 -51.75 48.00
N TYR B 914 16.48 -52.23 49.08
CA TYR B 914 17.19 -52.32 50.35
C TYR B 914 18.36 -53.29 50.30
N GLU B 915 18.35 -54.24 49.37
CA GLU B 915 19.43 -55.20 49.22
C GLU B 915 20.40 -54.84 48.10
N ASN B 916 20.19 -53.71 47.43
CA ASN B 916 21.10 -53.22 46.40
C ASN B 916 21.32 -51.72 46.52
N GLN B 917 21.39 -51.21 47.75
CA GLN B 917 21.42 -49.76 47.96
C GLN B 917 22.72 -49.15 47.47
N LYS B 918 23.86 -49.75 47.82
CA LYS B 918 25.15 -49.17 47.46
C LYS B 918 25.35 -49.14 45.95
N LEU B 919 24.98 -50.22 45.27
CA LEU B 919 25.13 -50.28 43.82
C LEU B 919 24.26 -49.22 43.14
N ILE B 920 23.02 -49.05 43.61
CA ILE B 920 22.14 -48.05 43.03
C ILE B 920 22.68 -46.64 43.25
N ALA B 921 23.19 -46.37 44.46
CA ALA B 921 23.77 -45.06 44.74
C ALA B 921 24.98 -44.79 43.85
N ASN B 922 25.85 -45.79 43.68
CA ASN B 922 27.02 -45.63 42.83
C ASN B 922 26.61 -45.38 41.38
N GLN B 923 25.62 -46.12 40.88
CA GLN B 923 25.13 -45.89 39.52
C GLN B 923 24.55 -44.49 39.37
N PHE B 924 23.78 -44.03 40.35
CA PHE B 924 23.22 -42.69 40.27
C PHE B 924 24.30 -41.62 40.23
N ASN B 925 25.32 -41.75 41.09
CA ASN B 925 26.41 -40.77 41.11
C ASN B 925 27.18 -40.79 39.80
N SER B 926 27.49 -41.98 39.28
CA SER B 926 28.21 -42.07 38.02
C SER B 926 27.40 -41.49 36.87
N ALA B 927 26.09 -41.75 36.85
CA ALA B 927 25.24 -41.22 35.78
C ALA B 927 25.12 -39.71 35.84
N ILE B 928 24.97 -39.14 37.04
CA ILE B 928 24.86 -37.68 37.13
C ILE B 928 26.20 -37.00 36.89
N GLY B 929 27.31 -37.72 37.10
CA GLY B 929 28.62 -37.12 36.85
C GLY B 929 29.00 -36.95 35.40
N LYS B 930 28.25 -37.56 34.47
CA LYS B 930 28.56 -37.49 33.06
C LYS B 930 27.76 -36.42 32.32
N ILE B 931 26.85 -35.72 33.00
CA ILE B 931 26.05 -34.70 32.32
C ILE B 931 26.91 -33.49 31.96
N GLN B 932 27.80 -33.09 32.87
CA GLN B 932 28.65 -31.93 32.62
C GLN B 932 29.53 -32.13 31.40
N ASP B 933 30.12 -33.33 31.25
CA ASP B 933 30.96 -33.60 30.09
C ASP B 933 30.16 -33.55 28.80
N SER B 934 28.94 -34.12 28.81
CA SER B 934 28.11 -34.10 27.61
C SER B 934 27.72 -32.68 27.22
N LEU B 935 27.45 -31.83 28.22
CA LEU B 935 27.07 -30.46 27.90
C LEU B 935 28.26 -29.64 27.44
N SER B 936 29.40 -29.78 28.11
CA SER B 936 30.56 -28.94 27.82
C SER B 936 31.24 -29.33 26.51
N SER B 937 31.41 -30.64 26.27
CA SER B 937 32.15 -31.08 25.10
C SER B 937 31.42 -30.73 23.81
N THR B 938 30.11 -31.00 23.76
CA THR B 938 29.33 -30.66 22.59
C THR B 938 28.91 -29.19 22.65
N PRO B 939 29.30 -28.37 21.67
CA PRO B 939 28.97 -26.94 21.74
C PRO B 939 27.54 -26.63 21.32
N SER B 940 26.98 -27.46 20.42
CA SER B 940 25.65 -27.24 19.87
C SER B 940 24.55 -27.86 20.73
N ALA B 941 24.82 -28.14 22.00
CA ALA B 941 23.80 -28.73 22.86
C ALA B 941 22.64 -27.78 23.08
N LEU B 942 22.93 -26.50 23.32
CA LEU B 942 21.88 -25.50 23.56
C LEU B 942 21.54 -24.77 22.26
N GLY B 943 21.11 -25.56 21.27
CA GLY B 943 20.74 -24.98 19.99
C GLY B 943 19.33 -24.41 19.94
N LYS B 944 18.44 -24.86 20.84
CA LYS B 944 17.09 -24.33 20.87
C LYS B 944 17.05 -22.95 21.52
N LEU B 945 17.84 -22.73 22.56
CA LEU B 945 17.86 -21.43 23.22
C LEU B 945 18.60 -20.40 22.37
N GLN B 946 19.73 -20.78 21.78
CA GLN B 946 20.45 -19.90 20.86
C GLN B 946 19.88 -20.02 19.45
N ASP B 947 18.55 -19.90 19.35
CA ASP B 947 17.86 -19.84 18.08
C ASP B 947 16.79 -18.77 18.03
N VAL B 948 16.24 -18.33 19.16
CA VAL B 948 15.35 -17.18 19.18
C VAL B 948 16.13 -15.87 19.34
N VAL B 949 17.36 -15.93 19.84
CA VAL B 949 18.20 -14.74 19.91
C VAL B 949 18.64 -14.32 18.51
N ASN B 950 19.03 -15.29 17.67
CA ASN B 950 19.44 -14.99 16.31
C ASN B 950 18.26 -14.49 15.48
N GLN B 951 17.08 -15.11 15.65
CA GLN B 951 15.92 -14.71 14.87
C GLN B 951 15.41 -13.34 15.28
N ASN B 952 15.46 -13.02 16.58
CA ASN B 952 14.93 -11.74 17.05
C ASN B 952 15.85 -10.59 16.65
N ALA B 953 17.17 -10.78 16.77
CA ALA B 953 18.11 -9.72 16.42
C ALA B 953 18.11 -9.44 14.92
N GLN B 954 18.18 -10.50 14.09
CA GLN B 954 18.24 -10.31 12.65
C GLN B 954 17.02 -9.57 12.13
N ALA B 955 15.82 -9.96 12.58
CA ALA B 955 14.61 -9.27 12.14
C ALA B 955 14.63 -7.81 12.53
N LEU B 956 15.39 -7.45 13.57
CA LEU B 956 15.55 -6.04 13.91
C LEU B 956 16.44 -5.32 12.89
N ASN B 957 17.53 -5.95 12.46
CA ASN B 957 18.46 -5.29 11.56
C ASN B 957 17.78 -4.87 10.27
N THR B 958 17.00 -5.77 9.67
CA THR B 958 16.31 -5.46 8.42
C THR B 958 15.41 -4.25 8.57
N LEU B 959 14.93 -3.98 9.79
CA LEU B 959 14.15 -2.76 10.00
C LEU B 959 15.02 -1.52 9.78
N VAL B 960 16.16 -1.44 10.46
CA VAL B 960 16.97 -0.23 10.42
C VAL B 960 17.49 0.01 9.01
N LYS B 961 17.94 -1.05 8.33
CA LYS B 961 18.43 -0.92 6.97
C LYS B 961 17.36 -0.49 5.99
N GLN B 962 16.09 -0.47 6.38
CA GLN B 962 15.05 0.03 5.51
C GLN B 962 14.91 1.55 5.58
N LEU B 963 15.75 2.22 6.38
CA LEU B 963 15.73 3.68 6.42
C LEU B 963 16.58 4.33 5.35
N SER B 964 17.22 3.54 4.48
CA SER B 964 18.10 4.05 3.44
C SER B 964 17.61 3.63 2.06
N SER B 965 16.31 3.72 1.82
CA SER B 965 15.71 3.36 0.54
C SER B 965 14.93 4.55 -0.02
N ASN B 966 15.07 4.76 -1.32
CA ASN B 966 14.37 5.87 -1.97
C ASN B 966 12.87 5.67 -1.98
N PHE B 967 12.41 4.44 -2.21
CA PHE B 967 10.98 4.11 -2.29
C PHE B 967 10.29 4.89 -3.41
N GLY B 968 11.05 5.29 -4.42
CA GLY B 968 10.51 6.05 -5.53
C GLY B 968 10.80 7.54 -5.49
N ALA B 969 11.33 8.05 -4.39
CA ALA B 969 11.66 9.46 -4.26
C ALA B 969 13.06 9.71 -4.85
N ILE B 970 13.59 10.91 -4.65
CA ILE B 970 14.90 11.27 -5.16
C ILE B 970 16.01 11.08 -4.13
N SER B 971 15.68 10.99 -2.85
CA SER B 971 16.68 10.79 -1.81
C SER B 971 16.01 10.16 -0.60
N SER B 972 16.84 9.55 0.24
CA SER B 972 16.38 8.91 1.47
C SER B 972 16.55 9.79 2.70
N VAL B 973 16.99 11.04 2.52
CA VAL B 973 17.23 11.96 3.62
C VAL B 973 16.16 13.04 3.60
N LEU B 974 15.46 13.21 4.73
CA LEU B 974 14.39 14.20 4.78
C LEU B 974 14.95 15.62 4.75
N ASN B 975 16.03 15.88 5.49
CA ASN B 975 16.60 17.23 5.54
C ASN B 975 17.22 17.62 4.21
N ASP B 976 17.69 16.65 3.43
CA ASP B 976 18.28 16.97 2.13
C ASP B 976 17.23 17.49 1.15
N ILE B 977 16.11 16.78 1.03
CA ILE B 977 15.05 17.23 0.14
C ILE B 977 14.37 18.47 0.69
N LEU B 978 14.22 18.55 2.01
CA LEU B 978 13.51 19.67 2.62
C LEU B 978 14.21 21.01 2.40
N SER B 979 15.50 20.99 2.07
CA SER B 979 16.27 22.22 1.87
C SER B 979 16.63 22.46 0.42
N ARG B 980 15.98 21.76 -0.52
CA ARG B 980 16.29 21.90 -1.93
C ARG B 980 15.07 21.97 -2.82
N LEU B 981 13.86 22.09 -2.28
CA LEU B 981 12.66 22.09 -3.09
C LEU B 981 11.62 23.01 -2.44
N ASP B 982 10.69 23.49 -3.27
CA ASP B 982 9.64 24.37 -2.81
C ASP B 982 8.56 23.58 -2.07
N PRO B 983 7.87 24.22 -1.12
CA PRO B 983 6.84 23.53 -0.33
C PRO B 983 5.76 22.88 -1.19
N PRO B 984 5.29 23.51 -2.27
CA PRO B 984 4.30 22.82 -3.11
C PRO B 984 4.82 21.52 -3.71
N GLU B 985 6.12 21.42 -4.00
CA GLU B 985 6.68 20.21 -4.57
C GLU B 985 7.35 19.31 -3.54
N ALA B 986 7.62 19.83 -2.34
CA ALA B 986 8.25 19.03 -1.29
C ALA B 986 7.25 18.13 -0.56
N GLU B 987 5.95 18.36 -0.74
CA GLU B 987 4.93 17.56 -0.08
C GLU B 987 4.49 16.36 -0.91
N VAL B 988 5.10 16.14 -2.08
CA VAL B 988 4.77 15.02 -2.94
C VAL B 988 5.76 13.87 -2.77
N GLN B 989 7.05 14.20 -2.73
CA GLN B 989 8.08 13.17 -2.58
C GLN B 989 8.14 12.63 -1.15
N ILE B 990 7.67 13.43 -0.18
CA ILE B 990 7.71 13.00 1.22
C ILE B 990 6.71 11.86 1.45
N ASP B 991 5.56 11.90 0.78
CA ASP B 991 4.53 10.90 0.98
C ASP B 991 4.97 9.50 0.57
N ARG B 992 5.82 9.39 -0.46
CA ARG B 992 6.37 8.09 -0.84
C ARG B 992 7.19 7.48 0.29
N LEU B 993 8.08 8.28 0.89
CA LEU B 993 8.86 7.82 2.04
C LEU B 993 7.94 7.43 3.19
N ILE B 994 6.91 8.24 3.45
CA ILE B 994 6.00 7.95 4.55
C ILE B 994 5.31 6.61 4.34
N THR B 995 4.80 6.38 3.13
CA THR B 995 4.10 5.12 2.84
C THR B 995 5.04 3.92 2.96
N GLY B 996 6.23 4.02 2.37
CA GLY B 996 7.16 2.92 2.45
C GLY B 996 7.56 2.58 3.88
N ARG B 997 7.85 3.61 4.68
CA ARG B 997 8.24 3.38 6.07
C ARG B 997 7.09 2.82 6.89
N LEU B 998 5.86 3.28 6.64
CA LEU B 998 4.70 2.72 7.33
C LEU B 998 4.51 1.24 7.03
N GLN B 999 4.63 0.86 5.75
CA GLN B 999 4.51 -0.56 5.40
C GLN B 999 5.63 -1.40 6.01
N SER B 1000 6.86 -0.88 5.99
CA SER B 1000 7.98 -1.59 6.60
C SER B 1000 7.78 -1.76 8.11
N LEU B 1001 7.14 -0.78 8.76
CA LEU B 1001 6.84 -0.91 10.18
C LEU B 1001 5.71 -1.88 10.47
N GLN B 1002 4.70 -1.95 9.60
CA GLN B 1002 3.60 -2.89 9.78
C GLN B 1002 4.01 -4.34 9.64
N THR B 1003 4.88 -4.64 8.65
CA THR B 1003 5.29 -6.03 8.45
C THR B 1003 5.99 -6.58 9.68
N TYR B 1004 6.84 -5.77 10.33
CA TYR B 1004 7.57 -6.20 11.52
C TYR B 1004 6.61 -6.57 12.64
N VAL B 1005 5.59 -5.75 12.88
CA VAL B 1005 4.64 -6.04 13.96
C VAL B 1005 3.85 -7.30 13.68
N THR B 1006 3.42 -7.49 12.42
CA THR B 1006 2.69 -8.70 12.08
C THR B 1006 3.54 -9.95 12.34
N GLN B 1007 4.78 -9.93 11.85
CA GLN B 1007 5.66 -11.08 12.05
C GLN B 1007 5.99 -11.30 13.52
N GLN B 1008 6.10 -10.23 14.31
CA GLN B 1008 6.35 -10.40 15.74
C GLN B 1008 5.16 -11.03 16.46
N LEU B 1009 3.94 -10.64 16.13
CA LEU B 1009 2.78 -11.32 16.71
C LEU B 1009 2.77 -12.80 16.35
N ILE B 1010 3.01 -13.13 15.07
CA ILE B 1010 3.01 -14.52 14.65
C ILE B 1010 4.08 -15.31 15.40
N ARG B 1011 5.28 -14.73 15.54
CA ARG B 1011 6.36 -15.42 16.25
C ARG B 1011 6.04 -15.60 17.73
N ALA B 1012 5.51 -14.56 18.37
CA ALA B 1012 5.19 -14.65 19.80
C ALA B 1012 4.03 -15.59 20.09
N ALA B 1013 3.26 -15.95 19.08
CA ALA B 1013 2.16 -16.91 19.30
C ALA B 1013 2.63 -18.30 19.71
N GLU B 1014 3.92 -18.65 19.56
CA GLU B 1014 4.37 -20.01 19.83
C GLU B 1014 5.25 -20.14 21.08
N ILE B 1015 5.90 -19.05 21.51
CA ILE B 1015 6.61 -19.09 22.78
C ILE B 1015 5.64 -19.35 23.93
N ARG B 1016 4.41 -18.84 23.81
CA ARG B 1016 3.37 -19.16 24.77
C ARG B 1016 3.03 -20.65 24.77
N ALA B 1017 2.97 -21.26 23.57
CA ALA B 1017 2.70 -22.68 23.50
C ALA B 1017 3.80 -23.51 24.15
N SER B 1018 5.05 -23.10 23.98
CA SER B 1018 6.16 -23.78 24.66
C SER B 1018 6.15 -23.57 26.17
N ALA B 1019 5.83 -22.37 26.63
CA ALA B 1019 5.77 -22.10 28.06
C ALA B 1019 4.60 -22.78 28.73
N ASN B 1020 3.52 -23.08 27.99
CA ASN B 1020 2.41 -23.85 28.53
C ASN B 1020 2.75 -25.32 28.69
N LEU B 1021 3.72 -25.84 27.92
CA LEU B 1021 4.19 -27.20 28.10
C LEU B 1021 5.25 -27.31 29.19
N ALA B 1022 6.11 -26.30 29.31
CA ALA B 1022 7.08 -26.30 30.40
C ALA B 1022 6.40 -26.28 31.76
N ALA B 1023 5.33 -25.52 31.91
CA ALA B 1023 4.61 -25.46 33.18
C ALA B 1023 3.94 -26.78 33.52
N THR B 1024 3.46 -27.52 32.52
CA THR B 1024 2.89 -28.84 32.77
C THR B 1024 3.96 -29.87 33.13
N LYS B 1025 5.11 -29.83 32.45
CA LYS B 1025 6.20 -30.72 32.81
C LYS B 1025 6.74 -30.44 34.21
N MET B 1026 6.74 -29.18 34.65
CA MET B 1026 7.13 -28.88 36.02
C MET B 1026 6.14 -29.44 37.03
N SER B 1027 4.84 -29.41 36.70
CA SER B 1027 3.82 -29.90 37.62
C SER B 1027 3.75 -31.42 37.70
N GLU B 1028 3.96 -32.12 36.59
CA GLU B 1028 3.74 -33.57 36.57
C GLU B 1028 5.01 -34.40 36.70
N CYS B 1029 6.16 -33.91 36.23
CA CYS B 1029 7.40 -34.66 36.39
C CYS B 1029 8.12 -34.33 37.70
N VAL B 1030 8.10 -33.07 38.11
CA VAL B 1030 8.88 -32.64 39.28
C VAL B 1030 8.09 -32.79 40.58
N LEU B 1031 6.82 -32.41 40.59
CA LEU B 1031 6.01 -32.45 41.79
C LEU B 1031 5.34 -33.80 42.02
N GLY B 1032 5.54 -34.76 41.12
CA GLY B 1032 4.95 -36.07 41.28
C GLY B 1032 5.64 -37.08 40.41
N GLN B 1033 5.06 -38.28 40.35
CA GLN B 1033 5.56 -39.37 39.53
C GLN B 1033 4.55 -39.66 38.43
N SER B 1034 5.02 -39.70 37.19
CA SER B 1034 4.16 -39.78 36.03
C SER B 1034 4.05 -41.21 35.50
N LYS B 1035 2.89 -41.53 34.95
CA LYS B 1035 2.65 -42.80 34.28
C LYS B 1035 2.51 -42.67 32.77
N ARG B 1036 2.45 -41.46 32.24
CA ARG B 1036 2.36 -41.27 30.80
C ARG B 1036 3.68 -41.69 30.13
N VAL B 1037 3.55 -42.40 29.02
CA VAL B 1037 4.71 -43.00 28.36
C VAL B 1037 5.45 -41.93 27.57
N ASP B 1038 6.77 -41.89 27.72
CA ASP B 1038 7.66 -41.00 26.96
C ASP B 1038 7.35 -39.53 27.23
N PHE B 1039 6.79 -39.22 28.40
CA PHE B 1039 6.55 -37.84 28.78
C PHE B 1039 7.74 -37.30 29.59
N CYS B 1040 8.02 -37.91 30.74
CA CYS B 1040 9.15 -37.51 31.58
C CYS B 1040 10.33 -38.43 31.29
N GLY B 1041 10.81 -38.38 30.04
CA GLY B 1041 11.94 -39.19 29.63
C GLY B 1041 11.56 -40.56 29.10
N LYS B 1042 12.57 -41.28 28.64
CA LYS B 1042 12.40 -42.60 28.04
C LYS B 1042 12.78 -43.67 29.06
N GLY B 1043 11.82 -44.50 29.44
CA GLY B 1043 11.98 -45.54 30.42
C GLY B 1043 10.84 -45.51 31.41
N TYR B 1044 11.09 -46.05 32.60
CA TYR B 1044 10.13 -45.99 33.70
C TYR B 1044 10.53 -44.84 34.62
N HIS B 1045 9.65 -43.84 34.72
CA HIS B 1045 9.99 -42.60 35.41
C HIS B 1045 10.24 -42.83 36.90
N LEU B 1046 11.33 -42.24 37.40
CA LEU B 1046 11.60 -42.21 38.83
C LEU B 1046 11.60 -40.79 39.38
N MET B 1047 12.44 -39.89 38.86
CA MET B 1047 12.59 -38.56 39.43
C MET B 1047 12.85 -37.55 38.31
N SER B 1048 12.79 -36.27 38.66
CA SER B 1048 13.11 -35.17 37.74
C SER B 1048 13.60 -33.98 38.56
N PHE B 1049 14.56 -33.25 37.98
CA PHE B 1049 15.17 -32.09 38.63
C PHE B 1049 15.21 -30.91 37.68
N PRO B 1050 14.87 -29.71 38.15
CA PRO B 1050 14.92 -28.51 37.31
C PRO B 1050 16.21 -27.71 37.46
N GLN B 1051 16.57 -27.03 36.37
CA GLN B 1051 17.64 -26.05 36.34
C GLN B 1051 17.22 -24.91 35.42
N SER B 1052 17.82 -23.74 35.64
CA SER B 1052 17.47 -22.55 34.88
C SER B 1052 18.57 -22.21 33.88
N ALA B 1053 18.18 -21.64 32.75
CA ALA B 1053 19.09 -21.20 31.71
C ALA B 1053 18.58 -19.87 31.17
N PRO B 1054 19.44 -19.07 30.53
CA PRO B 1054 18.99 -17.79 29.99
C PRO B 1054 17.79 -17.97 29.06
N HIS B 1055 16.65 -17.43 29.49
CA HIS B 1055 15.40 -17.49 28.73
C HIS B 1055 14.93 -18.93 28.51
N GLY B 1056 15.17 -19.79 29.49
CA GLY B 1056 14.73 -21.17 29.32
C GLY B 1056 14.94 -22.00 30.57
N VAL B 1057 14.49 -23.25 30.48
CA VAL B 1057 14.56 -24.20 31.58
C VAL B 1057 15.14 -25.51 31.05
N VAL B 1058 15.74 -26.28 31.97
CA VAL B 1058 16.35 -27.56 31.66
C VAL B 1058 15.86 -28.58 32.68
N PHE B 1059 15.45 -29.75 32.21
CA PHE B 1059 14.98 -30.83 33.06
C PHE B 1059 15.94 -32.01 32.97
N LEU B 1060 16.25 -32.60 34.13
CA LEU B 1060 17.04 -33.82 34.22
C LEU B 1060 16.12 -34.92 34.71
N HIS B 1061 15.89 -35.93 33.87
CA HIS B 1061 14.97 -37.01 34.16
C HIS B 1061 15.75 -38.26 34.53
N VAL B 1062 15.40 -38.87 35.67
CA VAL B 1062 16.03 -40.08 36.17
C VAL B 1062 15.03 -41.22 36.04
N THR B 1063 15.41 -42.26 35.29
CA THR B 1063 14.53 -43.36 34.94
C THR B 1063 15.18 -44.69 35.31
N TYR B 1064 14.55 -45.78 34.88
CA TYR B 1064 14.93 -47.15 35.24
C TYR B 1064 14.89 -48.00 33.98
N VAL B 1065 15.97 -48.76 33.73
CA VAL B 1065 16.04 -49.58 32.51
C VAL B 1065 16.39 -51.02 32.85
N PRO B 1066 15.64 -52.00 32.36
CA PRO B 1066 16.00 -53.41 32.59
C PRO B 1066 17.15 -53.85 31.70
N ALA B 1067 17.75 -54.99 32.06
CA ALA B 1067 18.88 -55.53 31.32
C ALA B 1067 19.13 -56.98 31.74
N GLN B 1068 19.91 -57.67 30.91
CA GLN B 1068 20.35 -59.04 31.16
C GLN B 1068 19.16 -60.01 31.27
N GLU B 1069 18.47 -60.15 30.14
CA GLU B 1069 17.31 -61.03 30.04
C GLU B 1069 17.74 -62.49 30.03
N LYS B 1070 16.77 -63.39 29.94
CA LYS B 1070 17.03 -64.83 29.96
C LYS B 1070 15.91 -65.56 29.23
N ASN B 1071 15.86 -66.88 29.41
CA ASN B 1071 14.95 -67.77 28.70
C ASN B 1071 14.19 -68.63 29.70
N PHE B 1072 12.89 -68.79 29.49
CA PHE B 1072 12.07 -69.63 30.37
C PHE B 1072 10.88 -70.18 29.60
N THR B 1073 10.27 -71.22 30.18
CA THR B 1073 9.05 -71.82 29.66
C THR B 1073 7.89 -71.46 30.58
N THR B 1074 6.75 -71.10 29.99
CA THR B 1074 5.63 -70.56 30.74
C THR B 1074 4.37 -71.40 30.53
N ALA B 1075 3.44 -71.27 31.48
CA ALA B 1075 2.15 -71.92 31.45
C ALA B 1075 1.10 -70.95 31.99
N PRO B 1076 -0.16 -71.08 31.56
CA PRO B 1076 -1.18 -70.13 32.02
C PRO B 1076 -1.79 -70.50 33.36
N ALA B 1077 -1.81 -71.79 33.70
CA ALA B 1077 -2.43 -72.23 34.94
C ALA B 1077 -1.86 -73.59 35.33
N ILE B 1078 -2.08 -73.97 36.58
CA ILE B 1078 -1.59 -75.21 37.15
C ILE B 1078 -2.78 -76.00 37.67
N CYS B 1079 -2.94 -77.23 37.21
CA CYS B 1079 -4.09 -78.07 37.56
C CYS B 1079 -3.69 -79.01 38.68
N HIS B 1080 -4.15 -78.72 39.89
CA HIS B 1080 -4.06 -79.64 41.01
C HIS B 1080 -5.21 -80.64 40.91
N ASP B 1081 -5.47 -81.38 41.98
CA ASP B 1081 -6.49 -82.43 41.92
C ASP B 1081 -7.88 -81.84 41.71
N GLY B 1082 -8.29 -81.72 40.45
CA GLY B 1082 -9.62 -81.24 40.11
C GLY B 1082 -9.80 -79.74 40.18
N LYS B 1083 -8.74 -78.97 40.42
CA LYS B 1083 -8.83 -77.52 40.54
C LYS B 1083 -7.76 -76.84 39.71
N ALA B 1084 -8.05 -75.61 39.29
CA ALA B 1084 -7.12 -74.80 38.52
C ALA B 1084 -6.68 -73.60 39.34
N HIS B 1085 -5.38 -73.40 39.45
CA HIS B 1085 -4.80 -72.32 40.24
C HIS B 1085 -4.20 -71.27 39.33
N PHE B 1086 -4.53 -70.01 39.57
CA PHE B 1086 -4.00 -68.87 38.83
C PHE B 1086 -3.09 -68.04 39.73
N PRO B 1087 -2.04 -67.43 39.17
CA PRO B 1087 -1.12 -66.65 40.00
C PRO B 1087 -1.75 -65.34 40.47
N ARG B 1088 -1.50 -65.00 41.73
CA ARG B 1088 -2.13 -63.80 42.30
C ARG B 1088 -1.50 -62.53 41.75
N GLU B 1089 -0.17 -62.46 41.72
CA GLU B 1089 0.51 -61.23 41.32
C GLU B 1089 1.68 -61.44 40.38
N GLY B 1090 2.02 -62.68 40.01
CA GLY B 1090 3.21 -62.93 39.22
C GLY B 1090 2.90 -63.76 37.98
N VAL B 1091 3.86 -64.61 37.64
CA VAL B 1091 3.80 -65.42 36.43
C VAL B 1091 4.57 -66.71 36.68
N PHE B 1092 4.11 -67.79 36.06
CA PHE B 1092 4.73 -69.10 36.19
C PHE B 1092 5.87 -69.26 35.21
N VAL B 1093 6.98 -69.82 35.69
CA VAL B 1093 8.17 -70.08 34.87
C VAL B 1093 8.74 -71.44 35.25
N SER B 1094 9.64 -71.94 34.40
CA SER B 1094 10.30 -73.20 34.63
C SER B 1094 11.75 -73.11 34.19
N ASN B 1095 12.60 -73.92 34.82
CA ASN B 1095 14.02 -74.01 34.48
C ASN B 1095 14.38 -75.37 33.90
N GLY B 1096 13.39 -76.11 33.44
CA GLY B 1096 13.63 -77.39 32.81
C GLY B 1096 12.96 -78.56 33.51
N THR B 1097 13.01 -78.56 34.85
CA THR B 1097 12.41 -79.65 35.62
C THR B 1097 11.41 -79.17 36.66
N HIS B 1098 11.64 -78.02 37.28
CA HIS B 1098 10.80 -77.53 38.36
C HIS B 1098 10.16 -76.20 37.97
N TRP B 1099 9.01 -75.93 38.59
CA TRP B 1099 8.20 -74.75 38.28
C TRP B 1099 8.24 -73.78 39.44
N PHE B 1100 8.27 -72.49 39.12
CA PHE B 1100 8.29 -71.43 40.12
C PHE B 1100 7.35 -70.31 39.68
N VAL B 1101 7.08 -69.40 40.61
CA VAL B 1101 6.27 -68.22 40.33
C VAL B 1101 7.10 -66.99 40.70
N THR B 1102 7.19 -66.03 39.78
CA THR B 1102 8.04 -64.87 39.98
C THR B 1102 7.28 -63.60 39.58
N GLN B 1103 7.81 -62.46 40.02
CA GLN B 1103 7.25 -61.19 39.59
C GLN B 1103 7.66 -60.90 38.15
N ARG B 1104 6.99 -59.93 37.54
CA ARG B 1104 7.08 -59.74 36.10
C ARG B 1104 8.29 -58.92 35.67
N ASN B 1105 8.76 -58.01 36.52
CA ASN B 1105 9.83 -57.09 36.14
C ASN B 1105 11.18 -57.44 36.72
N PHE B 1106 11.30 -58.57 37.43
CA PHE B 1106 12.56 -58.94 38.04
C PHE B 1106 12.51 -60.43 38.36
N TYR B 1107 13.63 -61.12 38.15
CA TYR B 1107 13.67 -62.56 38.36
C TYR B 1107 13.88 -62.87 39.84
N GLU B 1108 12.91 -63.53 40.45
CA GLU B 1108 12.97 -63.93 41.85
C GLU B 1108 12.05 -65.13 42.07
N PRO B 1109 12.54 -66.35 41.84
CA PRO B 1109 11.64 -67.51 41.91
C PRO B 1109 11.30 -67.89 43.35
N GLN B 1110 10.05 -68.30 43.55
CA GLN B 1110 9.58 -68.79 44.83
C GLN B 1110 8.77 -70.05 44.62
N ILE B 1111 8.69 -70.87 45.67
CA ILE B 1111 7.95 -72.12 45.59
C ILE B 1111 6.45 -71.83 45.58
N ILE B 1112 5.73 -72.54 44.72
CA ILE B 1112 4.29 -72.34 44.58
C ILE B 1112 3.58 -72.83 45.83
N THR B 1113 2.73 -71.98 46.40
CA THR B 1113 1.94 -72.35 47.58
C THR B 1113 0.49 -71.90 47.40
N THR B 1114 -0.30 -72.01 48.45
CA THR B 1114 -1.69 -71.56 48.43
C THR B 1114 -1.84 -70.10 48.84
N ASP B 1115 -0.75 -69.40 49.11
CA ASP B 1115 -0.79 -68.00 49.50
C ASP B 1115 -0.40 -67.05 48.37
N ASN B 1116 -0.06 -67.57 47.18
CA ASN B 1116 0.22 -66.74 46.02
C ASN B 1116 -0.57 -67.19 44.80
N THR B 1117 -1.59 -68.03 45.00
CA THR B 1117 -2.44 -68.50 43.91
C THR B 1117 -3.88 -68.52 44.39
N PHE B 1118 -4.80 -68.42 43.43
CA PHE B 1118 -6.23 -68.50 43.73
C PHE B 1118 -6.91 -69.47 42.79
N VAL B 1119 -7.97 -70.12 43.28
CA VAL B 1119 -8.64 -71.21 42.58
C VAL B 1119 -9.87 -70.66 41.86
N SER B 1120 -10.11 -71.14 40.64
CA SER B 1120 -11.32 -70.76 39.90
C SER B 1120 -11.61 -71.87 38.89
N GLY B 1121 -12.59 -72.72 39.22
CA GLY B 1121 -13.06 -73.73 38.28
C GLY B 1121 -12.27 -75.02 38.36
N ASN B 1122 -12.31 -75.74 37.24
CA ASN B 1122 -11.61 -77.02 37.10
C ASN B 1122 -10.80 -77.01 35.81
N CYS B 1123 -9.76 -77.86 35.79
CA CYS B 1123 -8.81 -77.88 34.68
C CYS B 1123 -9.36 -78.69 33.52
N ASP B 1124 -10.40 -78.14 32.88
CA ASP B 1124 -10.97 -78.74 31.68
C ASP B 1124 -11.39 -77.71 30.63
N VAL B 1125 -11.17 -76.42 30.85
CA VAL B 1125 -11.63 -75.39 29.92
C VAL B 1125 -10.44 -74.59 29.41
N VAL B 1126 -9.38 -74.51 30.21
CA VAL B 1126 -8.21 -73.71 29.86
C VAL B 1126 -7.34 -74.49 28.88
N ILE B 1127 -6.76 -73.78 27.91
CA ILE B 1127 -5.90 -74.37 26.90
C ILE B 1127 -4.45 -74.13 27.31
N GLY B 1128 -3.74 -75.22 27.59
CA GLY B 1128 -2.36 -75.13 28.03
C GLY B 1128 -2.11 -75.42 29.48
N ILE B 1129 -3.12 -75.89 30.22
CA ILE B 1129 -2.94 -76.16 31.65
C ILE B 1129 -2.08 -77.41 31.82
N VAL B 1130 -1.28 -77.42 32.90
CA VAL B 1130 -0.28 -78.47 33.11
C VAL B 1130 -0.49 -79.12 34.47
N ASN B 1131 0.09 -80.31 34.61
CA ASN B 1131 0.17 -81.05 35.87
C ASN B 1131 1.20 -80.39 36.77
N ASN B 1132 0.94 -80.37 38.08
CA ASN B 1132 1.92 -80.02 39.11
C ASN B 1132 1.26 -80.16 40.47
N THR B 1133 2.00 -79.81 41.51
CA THR B 1133 1.55 -79.90 42.90
C THR B 1133 1.68 -78.53 43.56
N VAL B 1134 0.78 -78.26 44.50
CA VAL B 1134 0.75 -76.99 45.22
C VAL B 1134 0.93 -77.29 46.70
N TYR B 1135 1.92 -76.63 47.31
CA TYR B 1135 2.25 -76.88 48.71
C TYR B 1135 1.33 -76.09 49.62
N ASP B 1136 0.82 -76.76 50.66
CA ASP B 1136 -0.09 -76.15 51.63
C ASP B 1136 0.66 -75.95 52.94
N PRO B 1137 0.85 -74.71 53.40
CA PRO B 1137 1.67 -74.44 54.59
C PRO B 1137 0.90 -74.55 55.91
N LEU B 1138 0.07 -75.58 56.02
CA LEU B 1138 -0.65 -75.83 57.26
C LEU B 1138 -0.47 -77.26 57.77
N GLN B 1139 -0.41 -78.25 56.87
CA GLN B 1139 -0.31 -79.65 57.30
C GLN B 1139 0.96 -79.95 58.08
N PRO B 1140 2.16 -79.53 57.65
CA PRO B 1140 3.35 -79.81 58.46
C PRO B 1140 3.28 -79.23 59.87
N GLU B 1141 2.53 -78.14 60.06
CA GLU B 1141 2.39 -77.57 61.40
C GLU B 1141 1.69 -78.53 62.35
N LEU B 1142 0.67 -79.24 61.85
CA LEU B 1142 -0.05 -80.21 62.66
C LEU B 1142 -0.45 -81.42 61.83
N GLN C 1 -56.70 8.01 -38.58
CA GLN C 1 -57.81 7.38 -37.87
C GLN C 1 -57.39 6.96 -36.46
N VAL C 2 -56.19 7.36 -36.06
CA VAL C 2 -55.69 7.06 -34.73
C VAL C 2 -56.31 8.02 -33.73
N GLN C 3 -56.95 7.48 -32.70
CA GLN C 3 -57.58 8.29 -31.68
C GLN C 3 -57.31 7.70 -30.30
N LEU C 4 -57.19 8.59 -29.31
CA LEU C 4 -56.96 8.21 -27.93
C LEU C 4 -58.04 8.82 -27.05
N VAL C 5 -58.53 8.03 -26.09
CA VAL C 5 -59.56 8.45 -25.15
C VAL C 5 -59.08 8.16 -23.73
N GLN C 6 -59.46 9.02 -22.80
CA GLN C 6 -59.05 8.92 -21.40
C GLN C 6 -60.27 8.65 -20.52
N SER C 7 -60.01 8.57 -19.21
CA SER C 7 -61.04 8.31 -18.23
C SER C 7 -61.67 9.63 -17.78
N GLY C 8 -62.50 9.56 -16.73
CA GLY C 8 -63.22 10.73 -16.26
C GLY C 8 -62.47 11.51 -15.19
N ALA C 9 -63.10 12.60 -14.75
CA ALA C 9 -62.50 13.48 -13.75
C ALA C 9 -62.42 12.79 -12.40
N GLU C 10 -61.51 13.29 -11.56
CA GLU C 10 -61.26 12.71 -10.25
C GLU C 10 -61.11 13.82 -9.21
N VAL C 11 -61.60 13.55 -8.01
CA VAL C 11 -61.40 14.41 -6.85
C VAL C 11 -60.75 13.57 -5.76
N LYS C 12 -59.69 14.10 -5.16
CA LYS C 12 -58.86 13.35 -4.22
C LYS C 12 -58.52 14.23 -3.02
N LYS C 13 -58.03 13.56 -1.97
CA LYS C 13 -57.57 14.18 -0.74
C LYS C 13 -56.06 14.02 -0.65
N PRO C 14 -55.38 14.94 0.04
CA PRO C 14 -53.91 14.88 0.12
C PRO C 14 -53.43 13.58 0.73
N GLY C 15 -52.29 13.09 0.23
CA GLY C 15 -51.69 11.87 0.71
C GLY C 15 -52.11 10.62 -0.04
N SER C 16 -53.06 10.72 -0.96
CA SER C 16 -53.55 9.58 -1.73
C SER C 16 -52.77 9.46 -3.04
N SER C 17 -53.26 8.60 -3.93
CA SER C 17 -52.65 8.40 -5.24
C SER C 17 -53.75 8.27 -6.29
N VAL C 18 -53.40 8.60 -7.53
CA VAL C 18 -54.33 8.57 -8.64
C VAL C 18 -53.71 7.77 -9.79
N LYS C 19 -54.58 7.25 -10.64
CA LYS C 19 -54.17 6.46 -11.80
C LYS C 19 -55.05 6.83 -12.98
N VAL C 20 -54.44 7.24 -14.08
CA VAL C 20 -55.14 7.65 -15.29
C VAL C 20 -54.78 6.68 -16.41
N SER C 21 -55.74 6.43 -17.29
CA SER C 21 -55.58 5.47 -18.37
C SER C 21 -55.87 6.13 -19.71
N CYS C 22 -55.20 5.64 -20.74
CA CYS C 22 -55.29 6.17 -22.10
C CYS C 22 -55.42 5.00 -23.06
N LYS C 23 -56.52 4.96 -23.81
CA LYS C 23 -56.82 3.87 -24.74
C LYS C 23 -56.77 4.41 -26.16
N ALA C 24 -55.93 3.80 -26.98
CA ALA C 24 -55.73 4.23 -28.36
C ALA C 24 -56.25 3.15 -29.31
N SER C 25 -57.01 3.57 -30.32
CA SER C 25 -57.62 2.63 -31.26
C SER C 25 -57.43 3.12 -32.68
N GLY C 26 -57.06 2.20 -33.57
CA GLY C 26 -56.91 2.51 -34.98
C GLY C 26 -55.50 2.49 -35.52
N GLY C 27 -54.52 1.99 -34.76
CA GLY C 27 -53.15 1.99 -35.21
C GLY C 27 -52.36 0.86 -34.58
N THR C 28 -51.06 0.83 -34.90
CA THR C 28 -50.19 -0.22 -34.39
C THR C 28 -49.99 -0.10 -32.88
N PHE C 29 -49.67 1.12 -32.41
CA PHE C 29 -49.54 1.44 -30.99
C PHE C 29 -48.29 0.81 -30.39
N ILE C 30 -47.60 -0.04 -31.16
CA ILE C 30 -46.47 -0.80 -30.63
C ILE C 30 -45.17 -0.01 -30.75
N ASN C 31 -44.97 0.72 -31.85
CA ASN C 31 -43.73 1.44 -32.09
C ASN C 31 -43.88 2.95 -31.91
N TYR C 32 -44.97 3.40 -31.30
CA TYR C 32 -45.17 4.81 -31.00
C TYR C 32 -44.43 5.19 -29.72
N ALA C 33 -44.47 6.48 -29.42
CA ALA C 33 -43.97 7.02 -28.15
C ALA C 33 -45.10 7.78 -27.48
N VAL C 34 -45.65 7.19 -26.42
CA VAL C 34 -46.78 7.77 -25.69
C VAL C 34 -46.23 8.61 -24.55
N THR C 35 -46.58 9.89 -24.55
CA THR C 35 -46.07 10.85 -23.59
C THR C 35 -47.14 11.20 -22.56
N TRP C 36 -46.82 12.14 -21.68
CA TRP C 36 -47.80 12.66 -20.73
C TRP C 36 -47.49 14.13 -20.47
N VAL C 37 -48.50 15.00 -20.58
CA VAL C 37 -48.32 16.44 -20.46
C VAL C 37 -49.29 16.98 -19.44
N ARG C 38 -48.82 17.89 -18.58
CA ARG C 38 -49.65 18.49 -17.54
C ARG C 38 -49.75 19.99 -17.74
N GLN C 39 -50.97 20.52 -17.65
CA GLN C 39 -51.22 21.95 -17.76
C GLN C 39 -51.98 22.43 -16.53
N ALA C 40 -51.37 23.35 -15.78
CA ALA C 40 -52.02 23.93 -14.62
C ALA C 40 -52.96 25.06 -15.05
N PRO C 41 -53.96 25.39 -14.24
CA PRO C 41 -54.88 26.48 -14.61
C PRO C 41 -54.13 27.80 -14.72
N GLY C 42 -54.36 28.51 -15.83
CA GLY C 42 -53.72 29.79 -16.06
C GLY C 42 -52.20 29.73 -16.11
N GLN C 43 -51.65 28.64 -16.64
CA GLN C 43 -50.20 28.45 -16.71
C GLN C 43 -49.86 27.82 -18.05
N GLY C 44 -48.63 27.36 -18.19
CA GLY C 44 -48.16 26.71 -19.39
C GLY C 44 -48.29 25.21 -19.33
N LEU C 45 -47.46 24.54 -20.13
CA LEU C 45 -47.46 23.08 -20.21
C LEU C 45 -46.15 22.53 -19.66
N GLU C 46 -46.20 21.29 -19.18
CA GLU C 46 -45.05 20.64 -18.57
C GLU C 46 -44.93 19.23 -19.10
N TRP C 47 -43.72 18.69 -19.09
CA TRP C 47 -43.45 17.33 -19.53
C TRP C 47 -43.24 16.44 -18.33
N MET C 48 -43.86 15.26 -18.36
CA MET C 48 -43.80 14.30 -17.25
C MET C 48 -43.02 13.05 -17.62
N GLY C 49 -43.38 12.39 -18.70
CA GLY C 49 -42.69 11.17 -19.08
C GLY C 49 -43.25 10.61 -20.37
N GLY C 50 -42.69 9.48 -20.78
CA GLY C 50 -43.10 8.79 -21.99
C GLY C 50 -42.62 7.36 -22.00
N ILE C 51 -43.19 6.58 -22.91
CA ILE C 51 -42.88 5.15 -23.00
C ILE C 51 -43.08 4.68 -24.44
N ILE C 52 -42.27 3.72 -24.85
CA ILE C 52 -42.43 2.96 -26.08
C ILE C 52 -42.84 1.54 -25.70
N PRO C 53 -44.05 1.11 -26.03
CA PRO C 53 -44.54 -0.19 -25.51
C PRO C 53 -43.69 -1.39 -25.90
N ILE C 54 -43.10 -1.41 -27.09
CA ILE C 54 -42.35 -2.57 -27.52
C ILE C 54 -41.07 -2.74 -26.71
N LEU C 55 -40.43 -1.63 -26.33
CA LEU C 55 -39.19 -1.71 -25.56
C LEU C 55 -39.47 -2.11 -24.12
N GLY C 56 -40.24 -1.30 -23.41
CA GLY C 56 -40.61 -1.60 -22.04
C GLY C 56 -39.91 -0.82 -20.96
N ILE C 57 -39.13 0.20 -21.31
CA ILE C 57 -38.43 1.04 -20.35
C ILE C 57 -38.87 2.49 -20.58
N PRO C 58 -39.44 3.16 -19.58
CA PRO C 58 -39.89 4.53 -19.76
C PRO C 58 -38.80 5.53 -19.37
N ASN C 59 -39.05 6.80 -19.71
CA ASN C 59 -38.18 7.91 -19.36
C ASN C 59 -38.97 8.89 -18.50
N TYR C 60 -38.38 9.33 -17.40
CA TYR C 60 -39.03 10.21 -16.45
C TYR C 60 -38.28 11.54 -16.36
N ALA C 61 -39.04 12.59 -16.06
CA ALA C 61 -38.44 13.89 -15.76
C ALA C 61 -37.78 13.86 -14.38
N GLN C 62 -36.79 14.72 -14.18
CA GLN C 62 -36.06 14.74 -12.92
C GLN C 62 -36.95 15.18 -11.77
N LYS C 63 -37.82 16.17 -12.01
CA LYS C 63 -38.69 16.66 -10.95
C LYS C 63 -39.65 15.58 -10.45
N PHE C 64 -40.23 14.81 -11.38
CA PHE C 64 -41.15 13.74 -11.02
C PHE C 64 -40.43 12.39 -10.98
N GLN C 65 -39.48 12.27 -10.05
CA GLN C 65 -38.70 11.05 -9.87
C GLN C 65 -39.07 10.40 -8.55
N GLY C 66 -39.44 9.12 -8.61
CA GLY C 66 -39.90 8.40 -7.44
C GLY C 66 -41.35 8.65 -7.07
N ARG C 67 -42.05 9.51 -7.81
CA ARG C 67 -43.42 9.86 -7.52
C ARG C 67 -44.40 9.45 -8.62
N VAL C 68 -43.91 9.14 -9.82
CA VAL C 68 -44.77 8.80 -10.95
C VAL C 68 -44.32 7.46 -11.52
N THR C 69 -45.27 6.77 -12.18
CA THR C 69 -44.98 5.48 -12.79
C THR C 69 -45.82 5.33 -14.06
N ILE C 70 -45.16 4.99 -15.17
CA ILE C 70 -45.82 4.86 -16.46
C ILE C 70 -45.64 3.42 -16.94
N THR C 71 -46.76 2.79 -17.32
CA THR C 71 -46.75 1.43 -17.82
C THR C 71 -47.70 1.32 -19.02
N ALA C 72 -47.61 0.19 -19.72
CA ALA C 72 -48.44 -0.03 -20.89
C ALA C 72 -48.86 -1.49 -20.95
N ASP C 73 -50.02 -1.73 -21.56
CA ASP C 73 -50.56 -3.07 -21.78
C ASP C 73 -50.80 -3.23 -23.27
N LYS C 74 -50.04 -4.15 -23.88
CA LYS C 74 -50.09 -4.33 -25.33
C LYS C 74 -51.34 -5.09 -25.76
N SER C 75 -51.77 -6.08 -24.97
CA SER C 75 -52.91 -6.90 -25.35
C SER C 75 -54.18 -6.06 -25.42
N THR C 76 -54.46 -5.28 -24.38
CA THR C 76 -55.59 -4.37 -24.37
C THR C 76 -55.27 -3.01 -24.97
N SER C 77 -54.00 -2.75 -25.26
CA SER C 77 -53.55 -1.50 -25.90
C SER C 77 -53.98 -0.28 -25.07
N THR C 78 -53.43 -0.19 -23.86
CA THR C 78 -53.80 0.89 -22.96
C THR C 78 -52.61 1.28 -22.09
N ALA C 79 -52.39 2.58 -21.95
CA ALA C 79 -51.27 3.11 -21.17
C ALA C 79 -51.77 3.68 -19.85
N TYR C 80 -51.08 3.35 -18.77
CA TYR C 80 -51.43 3.81 -17.44
C TYR C 80 -50.33 4.71 -16.88
N MET C 81 -50.77 5.76 -16.17
CA MET C 81 -49.87 6.62 -15.42
C MET C 81 -50.39 6.75 -14.01
N GLU C 82 -49.52 6.54 -13.02
CA GLU C 82 -49.90 6.57 -11.62
C GLU C 82 -49.05 7.61 -10.90
N LEU C 83 -49.72 8.47 -10.13
CA LEU C 83 -49.06 9.52 -9.35
C LEU C 83 -49.39 9.32 -7.88
N SER C 84 -48.37 9.24 -7.04
CA SER C 84 -48.53 8.99 -5.62
C SER C 84 -48.07 10.18 -4.80
N SER C 85 -48.34 10.12 -3.50
CA SER C 85 -47.96 11.17 -2.55
C SER C 85 -48.46 12.54 -3.00
N LEU C 86 -49.79 12.64 -3.08
CA LEU C 86 -50.42 13.83 -3.62
C LEU C 86 -50.21 15.04 -2.72
N ARG C 87 -50.01 16.19 -3.35
CA ARG C 87 -49.96 17.49 -2.69
C ARG C 87 -51.13 18.34 -3.19
N SER C 88 -51.22 19.56 -2.69
CA SER C 88 -52.27 20.47 -3.12
C SER C 88 -51.93 21.21 -4.40
N GLU C 89 -50.69 21.09 -4.88
CA GLU C 89 -50.26 21.71 -6.12
C GLU C 89 -50.41 20.78 -7.33
N ASP C 90 -50.82 19.54 -7.12
CA ASP C 90 -51.03 18.59 -8.21
C ASP C 90 -52.48 18.61 -8.70
N THR C 91 -52.97 19.80 -9.02
CA THR C 91 -54.32 20.00 -9.55
C THR C 91 -54.19 20.67 -10.91
N ALA C 92 -54.43 19.91 -11.98
CA ALA C 92 -54.20 20.38 -13.33
C ALA C 92 -54.97 19.49 -14.30
N VAL C 93 -54.70 19.64 -15.60
CA VAL C 93 -55.29 18.82 -16.64
C VAL C 93 -54.18 18.02 -17.31
N TYR C 94 -54.47 16.75 -17.57
CA TYR C 94 -53.47 15.81 -18.09
C TYR C 94 -53.84 15.38 -19.51
N TYR C 95 -52.83 15.32 -20.38
CA TYR C 95 -52.98 15.00 -21.79
C TYR C 95 -52.06 13.86 -22.18
N CYS C 96 -52.52 13.06 -23.13
CA CYS C 96 -51.85 11.84 -23.56
C CYS C 96 -50.81 12.10 -24.65
N ALA C 97 -51.23 12.64 -25.79
CA ALA C 97 -50.34 12.96 -26.91
C ALA C 97 -49.66 11.73 -27.49
N ARG C 98 -49.02 11.89 -28.65
CA ARG C 98 -48.37 10.77 -29.33
C ARG C 98 -47.30 11.31 -30.28
N VAL C 99 -46.11 10.74 -30.21
CA VAL C 99 -45.01 11.05 -31.12
C VAL C 99 -44.89 9.89 -32.10
N PRO C 100 -45.05 10.12 -33.40
CA PRO C 100 -45.12 9.00 -34.35
C PRO C 100 -43.78 8.38 -34.68
N GLN C 101 -42.74 9.19 -34.75
CA GLN C 101 -41.41 8.74 -35.18
C GLN C 101 -40.45 8.86 -34.01
N ALA C 102 -40.17 7.74 -33.36
CA ALA C 102 -39.28 7.71 -32.20
C ALA C 102 -38.36 6.51 -32.30
N GLY C 103 -37.10 6.71 -31.89
CA GLY C 103 -36.13 5.65 -31.83
C GLY C 103 -35.50 5.56 -30.44
N ALA C 104 -34.57 4.61 -30.31
CA ALA C 104 -33.97 4.33 -29.01
C ALA C 104 -32.48 4.63 -28.97
N ALA C 105 -31.68 4.05 -29.87
CA ALA C 105 -30.22 4.04 -29.76
C ALA C 105 -29.90 3.44 -28.40
N GLN C 106 -29.19 4.13 -27.51
CA GLN C 106 -28.90 3.58 -26.20
C GLN C 106 -30.15 3.66 -25.33
N GLY C 107 -29.99 3.42 -24.02
CA GLY C 107 -31.11 3.40 -23.09
C GLY C 107 -32.00 4.63 -23.09
N HIS C 108 -31.57 5.68 -23.78
CA HIS C 108 -32.33 6.92 -23.86
C HIS C 108 -33.29 6.87 -25.06
N TYR C 109 -34.01 7.97 -25.29
CA TYR C 109 -34.95 8.10 -26.38
C TYR C 109 -34.55 9.23 -27.30
N TYR C 110 -34.89 9.07 -28.58
CA TYR C 110 -34.62 10.08 -29.60
C TYR C 110 -35.87 10.30 -30.43
N TYR C 111 -36.24 11.56 -30.62
CA TYR C 111 -37.45 11.94 -31.33
C TYR C 111 -37.10 12.67 -32.62
N TYR C 112 -37.86 12.39 -33.68
CA TYR C 112 -37.68 13.04 -34.97
C TYR C 112 -38.96 13.70 -35.47
N TYR C 113 -39.92 13.91 -34.59
CA TYR C 113 -41.21 14.52 -34.96
C TYR C 113 -41.87 15.05 -33.71
N GLY C 114 -42.85 15.94 -33.91
CA GLY C 114 -43.61 16.50 -32.82
C GLY C 114 -44.92 15.77 -32.61
N MET C 115 -45.53 15.98 -31.45
CA MET C 115 -46.79 15.35 -31.13
C MET C 115 -47.90 15.89 -32.05
N ASP C 116 -48.67 14.97 -32.64
CA ASP C 116 -49.68 15.33 -33.62
C ASP C 116 -51.10 14.99 -33.19
N VAL C 117 -51.30 13.91 -32.44
CA VAL C 117 -52.63 13.50 -31.99
C VAL C 117 -52.65 13.59 -30.48
N TRP C 118 -53.61 14.32 -29.94
CA TRP C 118 -53.75 14.55 -28.51
C TRP C 118 -55.00 13.88 -27.97
N GLY C 119 -55.04 13.75 -26.65
CA GLY C 119 -56.20 13.18 -25.99
C GLY C 119 -57.31 14.18 -25.80
N GLN C 120 -57.97 14.15 -24.65
CA GLN C 120 -59.06 15.08 -24.37
C GLN C 120 -58.85 15.86 -23.08
N GLY C 121 -58.26 15.25 -22.06
CA GLY C 121 -58.01 15.94 -20.82
C GLY C 121 -58.79 15.39 -19.65
N THR C 122 -58.10 15.11 -18.54
CA THR C 122 -58.70 14.60 -17.31
C THR C 122 -58.31 15.53 -16.17
N THR C 123 -59.30 16.11 -15.52
CA THR C 123 -59.05 17.04 -14.42
C THR C 123 -58.95 16.28 -13.10
N VAL C 124 -57.89 16.55 -12.35
CA VAL C 124 -57.66 15.91 -11.05
C VAL C 124 -57.64 17.05 -10.03
N THR C 125 -58.69 17.12 -9.20
CA THR C 125 -58.76 18.15 -8.18
C THR C 125 -58.43 17.56 -6.83
N VAL C 126 -57.37 18.05 -6.20
CA VAL C 126 -56.90 17.56 -4.91
C VAL C 126 -57.17 18.63 -3.87
N SER C 127 -57.96 18.30 -2.85
CA SER C 127 -58.31 19.25 -1.81
C SER C 127 -58.88 18.49 -0.62
N SER C 128 -59.39 19.23 0.36
CA SER C 128 -60.00 18.65 1.55
C SER C 128 -60.99 19.61 2.18
N GLU D 1 -30.53 22.11 -18.99
CA GLU D 1 -31.93 22.23 -19.40
C GLU D 1 -32.14 23.50 -20.22
N ILE D 2 -32.46 23.32 -21.50
CA ILE D 2 -32.69 24.45 -22.40
C ILE D 2 -33.98 25.15 -22.01
N VAL D 3 -33.92 26.47 -21.86
CA VAL D 3 -35.06 27.29 -21.46
C VAL D 3 -35.41 28.22 -22.62
N LEU D 4 -36.67 28.20 -23.03
CA LEU D 4 -37.15 29.02 -24.14
C LEU D 4 -37.97 30.19 -23.58
N THR D 5 -37.70 31.39 -24.08
CA THR D 5 -38.40 32.59 -23.66
C THR D 5 -39.03 33.26 -24.87
N GLN D 6 -40.32 33.58 -24.77
CA GLN D 6 -41.05 34.26 -25.84
C GLN D 6 -41.04 35.76 -25.53
N SER D 7 -40.36 36.52 -26.38
CA SER D 7 -40.10 37.93 -26.08
C SER D 7 -41.37 38.77 -25.95
N PRO D 8 -42.33 38.75 -26.88
CA PRO D 8 -43.52 39.59 -26.70
C PRO D 8 -44.54 38.88 -25.82
N GLY D 9 -44.86 39.50 -24.68
CA GLY D 9 -45.79 38.89 -23.76
C GLY D 9 -47.21 38.83 -24.29
N THR D 10 -47.64 39.88 -24.98
CA THR D 10 -48.99 39.95 -25.51
C THR D 10 -49.01 40.91 -26.69
N LEU D 11 -49.65 40.49 -27.78
CA LEU D 11 -49.73 41.27 -29.01
C LEU D 11 -51.17 41.64 -29.29
N SER D 12 -51.41 42.92 -29.55
CA SER D 12 -52.73 43.43 -29.94
C SER D 12 -52.61 43.95 -31.37
N LEU D 13 -53.46 43.43 -32.27
CA LEU D 13 -53.37 43.76 -33.68
C LEU D 13 -54.78 43.99 -34.22
N SER D 14 -54.89 44.11 -35.53
CA SER D 14 -56.12 44.35 -36.24
C SER D 14 -56.23 43.38 -37.41
N PRO D 15 -57.44 43.10 -37.89
CA PRO D 15 -57.60 42.19 -39.03
C PRO D 15 -56.88 42.71 -40.27
N GLY D 16 -56.31 41.79 -41.04
CA GLY D 16 -55.62 42.13 -42.27
C GLY D 16 -54.16 42.50 -42.11
N GLU D 17 -53.66 42.58 -40.88
CA GLU D 17 -52.27 42.93 -40.62
C GLU D 17 -51.42 41.67 -40.51
N ARG D 18 -50.15 41.84 -40.13
CA ARG D 18 -49.22 40.74 -39.98
C ARG D 18 -48.64 40.73 -38.57
N ALA D 19 -48.27 39.55 -38.11
CA ALA D 19 -47.73 39.35 -36.77
C ALA D 19 -46.30 38.82 -36.86
N THR D 20 -45.67 38.74 -35.69
CA THR D 20 -44.29 38.25 -35.59
C THR D 20 -44.06 37.80 -34.16
N LEU D 21 -43.73 36.53 -33.97
CA LEU D 21 -43.53 35.97 -32.64
C LEU D 21 -42.14 35.33 -32.56
N SER D 22 -41.48 35.51 -31.42
CA SER D 22 -40.11 35.07 -31.25
C SER D 22 -40.02 34.03 -30.12
N CYS D 23 -38.99 33.19 -30.20
CA CYS D 23 -38.77 32.16 -29.18
C CYS D 23 -37.25 32.00 -29.02
N ARG D 24 -36.70 32.62 -27.98
CA ARG D 24 -35.27 32.63 -27.75
C ARG D 24 -34.90 31.52 -26.76
N ALA D 25 -33.84 30.77 -27.07
CA ALA D 25 -33.37 29.68 -26.23
C ALA D 25 -32.12 30.07 -25.47
N SER D 26 -31.94 29.46 -24.29
CA SER D 26 -30.76 29.74 -23.48
C SER D 26 -29.49 29.23 -24.16
N GLN D 27 -29.56 28.07 -24.79
CA GLN D 27 -28.46 27.49 -25.54
C GLN D 27 -28.86 27.37 -27.01
N SER D 28 -28.01 26.73 -27.79
CA SER D 28 -28.29 26.48 -29.21
C SER D 28 -29.01 25.15 -29.34
N VAL D 29 -30.18 25.17 -30.00
CA VAL D 29 -30.97 23.96 -30.18
C VAL D 29 -30.24 23.02 -31.12
N THR D 30 -30.22 21.72 -30.77
CA THR D 30 -29.49 20.74 -31.55
C THR D 30 -30.23 20.44 -32.85
N SER D 31 -29.54 20.63 -33.98
CA SER D 31 -30.04 20.30 -35.31
C SER D 31 -31.29 21.10 -35.68
N SER D 32 -31.56 22.20 -34.97
CA SER D 32 -32.68 23.10 -35.26
C SER D 32 -34.01 22.33 -35.26
N TYR D 33 -34.35 21.78 -34.08
CA TYR D 33 -35.58 21.04 -33.89
C TYR D 33 -36.52 21.90 -33.06
N LEU D 34 -37.54 22.46 -33.72
CA LEU D 34 -38.50 23.30 -33.03
C LEU D 34 -39.88 23.09 -33.64
N ALA D 35 -40.91 23.14 -32.80
CA ALA D 35 -42.28 22.96 -33.20
C ALA D 35 -43.14 24.07 -32.62
N TRP D 36 -44.19 24.43 -33.35
CA TRP D 36 -45.10 25.51 -32.96
C TRP D 36 -46.50 24.94 -32.78
N TYR D 37 -47.12 25.25 -31.64
CA TYR D 37 -48.48 24.80 -31.33
C TYR D 37 -49.39 26.00 -31.15
N GLN D 38 -50.66 25.81 -31.50
CA GLN D 38 -51.69 26.83 -31.34
C GLN D 38 -52.84 26.22 -30.55
N GLN D 39 -53.19 26.86 -29.43
CA GLN D 39 -54.22 26.37 -28.52
C GLN D 39 -55.31 27.42 -28.34
N LYS D 40 -56.56 26.95 -28.37
CA LYS D 40 -57.77 27.71 -28.10
C LYS D 40 -58.37 27.25 -26.76
N PRO D 41 -59.12 28.13 -26.08
CA PRO D 41 -59.70 27.73 -24.78
C PRO D 41 -60.63 26.54 -24.92
N GLY D 42 -60.57 25.65 -23.94
CA GLY D 42 -61.43 24.48 -23.94
C GLY D 42 -61.09 23.42 -24.97
N GLN D 43 -59.87 23.43 -25.49
CA GLN D 43 -59.48 22.47 -26.51
C GLN D 43 -57.99 22.17 -26.40
N ALA D 44 -57.61 20.99 -26.87
CA ALA D 44 -56.22 20.57 -26.87
C ALA D 44 -55.42 21.35 -27.91
N PRO D 45 -54.10 21.46 -27.73
CA PRO D 45 -53.28 22.18 -28.72
C PRO D 45 -53.28 21.48 -30.07
N ARG D 46 -52.67 22.16 -31.05
CA ARG D 46 -52.62 21.67 -32.41
C ARG D 46 -51.26 22.02 -33.02
N LEU D 47 -50.66 21.05 -33.71
CA LEU D 47 -49.36 21.26 -34.33
C LEU D 47 -49.51 21.99 -35.66
N LEU D 48 -48.65 22.97 -35.89
CA LEU D 48 -48.64 23.73 -37.13
C LEU D 48 -47.35 23.59 -37.91
N ILE D 49 -46.20 23.74 -37.26
CA ILE D 49 -44.90 23.77 -37.92
C ILE D 49 -43.93 22.92 -37.11
N TYR D 50 -43.17 22.07 -37.80
CA TYR D 50 -42.12 21.27 -37.19
C TYR D 50 -40.83 21.44 -37.98
N GLY D 51 -39.70 21.35 -37.29
CA GLY D 51 -38.42 21.56 -37.91
C GLY D 51 -38.07 23.00 -38.17
N ALA D 52 -38.89 23.94 -37.71
CA ALA D 52 -38.69 25.39 -37.81
C ALA D 52 -38.87 25.90 -39.24
N SER D 53 -38.99 25.01 -40.19
CA SER D 53 -39.30 25.40 -41.56
C SER D 53 -40.44 24.60 -42.19
N SER D 54 -40.54 23.31 -41.90
CA SER D 54 -41.53 22.47 -42.53
C SER D 54 -42.93 22.73 -41.95
N ARG D 55 -43.93 22.49 -42.77
CA ARG D 55 -45.33 22.74 -42.41
C ARG D 55 -46.14 21.47 -42.59
N VAL D 56 -46.96 21.16 -41.59
CA VAL D 56 -47.86 20.00 -41.68
C VAL D 56 -48.92 20.27 -42.73
N THR D 57 -49.27 19.22 -43.47
CA THR D 57 -50.28 19.35 -44.52
C THR D 57 -51.63 19.70 -43.92
N GLY D 58 -52.42 20.48 -44.66
CA GLY D 58 -53.71 20.94 -44.22
C GLY D 58 -53.70 22.22 -43.42
N ILE D 59 -52.52 22.79 -43.14
CA ILE D 59 -52.41 24.05 -42.42
C ILE D 59 -52.39 25.19 -43.44
N PRO D 60 -53.24 26.22 -43.28
CA PRO D 60 -53.25 27.35 -44.22
C PRO D 60 -51.88 27.90 -44.57
N ASP D 61 -51.77 28.54 -45.74
CA ASP D 61 -50.51 29.01 -46.27
C ASP D 61 -50.06 30.34 -45.68
N ARG D 62 -50.88 30.98 -44.83
CA ARG D 62 -50.49 32.25 -44.24
C ARG D 62 -49.56 32.10 -43.05
N PHE D 63 -49.34 30.88 -42.57
CA PHE D 63 -48.41 30.63 -41.47
C PHE D 63 -47.04 30.28 -42.03
N SER D 64 -45.99 30.82 -41.40
CA SER D 64 -44.63 30.50 -41.81
C SER D 64 -43.71 30.62 -40.60
N GLY D 65 -42.54 29.99 -40.71
CA GLY D 65 -41.56 30.03 -39.65
C GLY D 65 -40.16 30.05 -40.21
N SER D 66 -39.24 30.53 -39.39
CA SER D 66 -37.83 30.64 -39.79
C SER D 66 -36.98 30.81 -38.54
N GLY D 67 -35.68 30.89 -38.75
CA GLY D 67 -34.72 31.08 -37.67
C GLY D 67 -33.83 29.86 -37.48
N SER D 68 -32.83 30.05 -36.63
CA SER D 68 -31.83 29.02 -36.35
C SER D 68 -31.01 29.50 -35.14
N GLY D 69 -29.98 28.72 -34.81
CA GLY D 69 -29.12 29.06 -33.69
C GLY D 69 -29.87 29.12 -32.38
N THR D 70 -30.02 30.32 -31.82
CA THR D 70 -30.81 30.54 -30.61
C THR D 70 -31.93 31.54 -30.84
N ASP D 71 -32.29 31.79 -32.09
CA ASP D 71 -33.35 32.76 -32.41
C ASP D 71 -34.27 32.16 -33.45
N PHE D 72 -35.56 32.04 -33.11
CA PHE D 72 -36.55 31.46 -33.99
C PHE D 72 -37.78 32.36 -34.02
N THR D 73 -38.41 32.46 -35.20
CA THR D 73 -39.50 33.39 -35.43
C THR D 73 -40.61 32.72 -36.22
N LEU D 74 -41.84 33.16 -35.94
CA LEU D 74 -43.04 32.71 -36.62
C LEU D 74 -43.83 33.91 -37.11
N THR D 75 -44.41 33.80 -38.31
CA THR D 75 -45.08 34.90 -38.97
C THR D 75 -46.43 34.47 -39.51
N ILE D 76 -47.44 35.32 -39.33
CA ILE D 76 -48.74 35.17 -39.96
C ILE D 76 -48.97 36.44 -40.78
N SER D 77 -48.92 36.31 -42.11
CA SER D 77 -48.90 37.48 -42.97
C SER D 77 -50.25 38.19 -43.00
N ARG D 78 -51.34 37.45 -43.12
CA ARG D 78 -52.68 38.02 -43.24
C ARG D 78 -53.54 37.44 -42.12
N LEU D 79 -53.82 38.25 -41.10
CA LEU D 79 -54.59 37.77 -39.97
C LEU D 79 -56.05 37.56 -40.35
N GLU D 80 -56.70 36.66 -39.61
CA GLU D 80 -58.09 36.31 -39.83
C GLU D 80 -58.77 36.18 -38.48
N PRO D 81 -60.10 36.28 -38.43
CA PRO D 81 -60.80 36.19 -37.13
C PRO D 81 -60.56 34.88 -36.41
N GLU D 82 -60.23 33.81 -37.12
CA GLU D 82 -59.99 32.50 -36.52
C GLU D 82 -58.56 32.30 -36.02
N ASP D 83 -57.71 33.32 -36.17
CA ASP D 83 -56.29 33.18 -35.85
C ASP D 83 -55.94 33.68 -34.45
N PHE D 84 -56.93 34.06 -33.65
CA PHE D 84 -56.68 34.65 -32.33
C PHE D 84 -56.75 33.56 -31.27
N ALA D 85 -55.60 33.18 -30.74
CA ALA D 85 -55.48 32.11 -29.75
C ALA D 85 -54.09 32.22 -29.13
N VAL D 86 -53.72 31.22 -28.33
CA VAL D 86 -52.41 31.19 -27.66
C VAL D 86 -51.46 30.35 -28.51
N TYR D 87 -50.17 30.68 -28.45
CA TYR D 87 -49.16 30.01 -29.26
C TYR D 87 -47.98 29.61 -28.38
N TYR D 88 -47.39 28.45 -28.69
CA TYR D 88 -46.30 27.89 -27.90
C TYR D 88 -45.20 27.37 -28.82
N CYS D 89 -43.96 27.44 -28.34
CA CYS D 89 -42.81 26.87 -29.03
C CYS D 89 -42.19 25.77 -28.18
N GLN D 90 -41.82 24.67 -28.81
CA GLN D 90 -41.28 23.50 -28.12
C GLN D 90 -40.04 23.00 -28.84
N GLN D 91 -39.06 22.54 -28.07
CA GLN D 91 -37.85 21.92 -28.61
C GLN D 91 -37.82 20.45 -28.26
N TYR D 92 -37.30 19.62 -29.17
CA TYR D 92 -37.20 18.19 -28.93
C TYR D 92 -35.86 17.63 -29.41
N GLY D 93 -34.82 18.47 -29.43
CA GLY D 93 -33.51 18.01 -29.82
C GLY D 93 -32.71 17.33 -28.71
N SER D 94 -33.19 17.41 -27.48
CA SER D 94 -32.53 16.76 -26.34
C SER D 94 -33.59 16.39 -25.32
N SER D 95 -33.16 16.05 -24.11
CA SER D 95 -34.06 15.70 -23.03
C SER D 95 -33.72 16.52 -21.79
N PRO D 96 -34.73 16.96 -21.02
CA PRO D 96 -36.17 16.77 -21.24
C PRO D 96 -36.75 17.75 -22.25
N LEU D 97 -37.89 17.44 -22.85
CA LEU D 97 -38.55 18.37 -23.74
C LEU D 97 -39.10 19.55 -22.94
N THR D 98 -38.88 20.76 -23.45
CA THR D 98 -39.28 21.98 -22.77
C THR D 98 -40.17 22.82 -23.68
N PHE D 99 -41.21 23.39 -23.10
CA PHE D 99 -42.14 24.25 -23.81
C PHE D 99 -41.80 25.72 -23.58
N GLY D 100 -42.50 26.59 -24.29
CA GLY D 100 -42.31 28.02 -24.14
C GLY D 100 -43.07 28.60 -22.97
N GLY D 101 -43.60 29.80 -23.14
CA GLY D 101 -44.37 30.44 -22.09
C GLY D 101 -45.73 30.94 -22.54
N GLY D 102 -45.93 31.01 -23.85
CA GLY D 102 -47.18 31.46 -24.40
C GLY D 102 -47.12 32.92 -24.83
N THR D 103 -47.96 33.27 -25.81
CA THR D 103 -48.03 34.64 -26.31
C THR D 103 -49.45 34.87 -26.80
N LYS D 104 -50.23 35.59 -26.02
CA LYS D 104 -51.62 35.87 -26.38
C LYS D 104 -51.69 36.80 -27.59
N VAL D 105 -52.57 36.45 -28.54
CA VAL D 105 -52.84 37.27 -29.71
C VAL D 105 -54.37 37.40 -29.79
N GLU D 106 -54.89 38.54 -29.37
CA GLU D 106 -56.33 38.74 -29.33
C GLU D 106 -56.66 40.22 -29.46
N ILE D 107 -57.91 40.51 -29.81
CA ILE D 107 -58.41 41.87 -29.89
C ILE D 107 -59.42 42.20 -28.81
N LYS D 108 -59.93 41.20 -28.09
CA LYS D 108 -60.90 41.41 -27.04
C LYS D 108 -60.23 41.35 -25.66
N GLN E 1 51.51 -4.39 -45.70
CA GLN E 1 51.88 -5.79 -45.84
C GLN E 1 50.88 -6.70 -45.13
N VAL E 2 49.79 -6.10 -44.63
CA VAL E 2 48.76 -6.86 -43.94
C VAL E 2 47.89 -7.55 -44.98
N GLN E 3 47.74 -8.87 -44.83
CA GLN E 3 46.93 -9.65 -45.76
C GLN E 3 46.13 -10.70 -44.99
N LEU E 4 44.90 -10.93 -45.45
CA LEU E 4 43.99 -11.89 -44.86
C LEU E 4 43.60 -12.93 -45.91
N VAL E 5 43.56 -14.19 -45.50
CA VAL E 5 43.20 -15.30 -46.36
C VAL E 5 42.10 -16.12 -45.69
N GLN E 6 41.19 -16.67 -46.49
CA GLN E 6 40.06 -17.42 -46.01
C GLN E 6 40.17 -18.89 -46.44
N SER E 7 39.15 -19.67 -46.08
CA SER E 7 39.11 -21.09 -46.41
C SER E 7 38.44 -21.28 -47.77
N GLY E 8 38.13 -22.53 -48.12
CA GLY E 8 37.57 -22.85 -49.42
C GLY E 8 36.05 -22.83 -49.43
N ALA E 9 35.51 -23.10 -50.62
CA ALA E 9 34.07 -23.07 -50.83
C ALA E 9 33.39 -24.23 -50.09
N GLU E 10 32.09 -24.06 -49.85
CA GLU E 10 31.31 -25.04 -49.11
C GLU E 10 29.95 -25.25 -49.75
N VAL E 11 29.49 -26.49 -49.75
CA VAL E 11 28.14 -26.86 -50.15
C VAL E 11 27.47 -27.54 -48.96
N LYS E 12 26.25 -27.10 -48.65
CA LYS E 12 25.55 -27.54 -47.45
C LYS E 12 24.10 -27.85 -47.75
N LYS E 13 23.45 -28.52 -46.82
CA LYS E 13 22.04 -28.88 -46.86
C LYS E 13 21.31 -28.10 -45.79
N PRO E 14 20.02 -27.82 -46.01
CA PRO E 14 19.28 -27.00 -45.03
C PRO E 14 19.24 -27.65 -43.66
N GLY E 15 19.26 -26.80 -42.63
CA GLY E 15 19.25 -27.24 -41.25
C GLY E 15 20.61 -27.45 -40.62
N SER E 16 21.68 -27.35 -41.39
CA SER E 16 23.03 -27.56 -40.90
C SER E 16 23.64 -26.22 -40.47
N SER E 17 24.95 -26.22 -40.22
CA SER E 17 25.67 -25.03 -39.83
C SER E 17 27.02 -25.01 -40.52
N VAL E 18 27.57 -23.79 -40.70
CA VAL E 18 28.84 -23.60 -41.38
C VAL E 18 29.73 -22.73 -40.50
N LYS E 19 31.04 -22.87 -40.72
CA LYS E 19 32.04 -22.12 -39.98
C LYS E 19 33.15 -21.70 -40.95
N VAL E 20 33.41 -20.39 -41.01
CA VAL E 20 34.42 -19.83 -41.90
C VAL E 20 35.51 -19.18 -41.06
N SER E 21 36.75 -19.29 -41.53
CA SER E 21 37.91 -18.80 -40.81
C SER E 21 38.65 -17.76 -41.66
N CYS E 22 39.31 -16.84 -40.97
CA CYS E 22 40.05 -15.75 -41.59
C CYS E 22 41.39 -15.61 -40.88
N LYS E 23 42.49 -15.77 -41.63
CA LYS E 23 43.83 -15.72 -41.07
C LYS E 23 44.54 -14.49 -41.62
N ALA E 24 45.02 -13.63 -40.72
CA ALA E 24 45.68 -12.39 -41.09
C ALA E 24 47.14 -12.46 -40.67
N SER E 25 48.04 -12.04 -41.57
CA SER E 25 49.46 -12.13 -41.32
C SER E 25 50.14 -10.83 -41.74
N GLY E 26 51.05 -10.34 -40.90
CA GLY E 26 51.83 -9.16 -41.20
C GLY E 26 51.53 -7.94 -40.37
N GLY E 27 50.71 -8.06 -39.31
CA GLY E 27 50.35 -6.92 -38.51
C GLY E 27 50.10 -7.31 -37.07
N THR E 28 49.70 -6.31 -36.27
CA THR E 28 49.44 -6.55 -34.85
C THR E 28 48.21 -7.43 -34.66
N PHE E 29 47.12 -7.10 -35.34
CA PHE E 29 45.88 -7.88 -35.35
C PHE E 29 45.15 -7.80 -34.01
N ILE E 30 45.78 -7.18 -33.02
CA ILE E 30 45.23 -7.15 -31.67
C ILE E 30 44.28 -5.98 -31.47
N ASN E 31 44.58 -4.83 -32.06
CA ASN E 31 43.78 -3.62 -31.88
C ASN E 31 42.98 -3.25 -33.11
N TYR E 32 42.84 -4.16 -34.08
CA TYR E 32 42.01 -3.95 -35.25
C TYR E 32 40.55 -4.25 -34.94
N ALA E 33 39.69 -3.96 -35.92
CA ALA E 33 38.29 -4.33 -35.88
C ALA E 33 37.99 -5.19 -37.10
N VAL E 34 37.82 -6.49 -36.87
CA VAL E 34 37.58 -7.45 -37.95
C VAL E 34 36.09 -7.58 -38.14
N THR E 35 35.62 -7.31 -39.35
CA THR E 35 34.20 -7.30 -39.66
C THR E 35 33.83 -8.54 -40.49
N TRP E 36 32.57 -8.60 -40.92
CA TRP E 36 32.12 -9.65 -41.83
C TRP E 36 31.05 -9.07 -42.74
N VAL E 37 31.20 -9.29 -44.05
CA VAL E 37 30.31 -8.70 -45.05
C VAL E 37 29.78 -9.81 -45.95
N ARG E 38 28.50 -9.76 -46.29
CA ARG E 38 27.86 -10.75 -47.15
C ARG E 38 27.31 -10.08 -48.40
N GLN E 39 27.57 -10.70 -49.56
CA GLN E 39 27.07 -10.21 -50.84
C GLN E 39 26.32 -11.34 -51.53
N ALA E 40 25.03 -11.14 -51.78
CA ALA E 40 24.24 -12.12 -52.51
C ALA E 40 24.44 -11.94 -54.01
N PRO E 41 24.21 -13.00 -54.80
CA PRO E 41 24.38 -12.88 -56.25
C PRO E 41 23.41 -11.85 -56.84
N GLY E 42 23.97 -10.94 -57.64
CA GLY E 42 23.16 -9.90 -58.27
C GLY E 42 22.48 -8.97 -57.30
N GLN E 43 23.12 -8.69 -56.16
CA GLN E 43 22.55 -7.84 -55.12
C GLN E 43 23.64 -6.93 -54.58
N GLY E 44 23.35 -6.27 -53.47
CA GLY E 44 24.30 -5.39 -52.82
C GLY E 44 25.09 -6.09 -51.72
N LEU E 45 25.57 -5.29 -50.79
CA LEU E 45 26.36 -5.78 -49.66
C LEU E 45 25.60 -5.59 -48.36
N GLU E 46 25.92 -6.43 -47.37
CA GLU E 46 25.25 -6.40 -46.09
C GLU E 46 26.29 -6.52 -44.98
N TRP E 47 25.94 -5.98 -43.81
CA TRP E 47 26.79 -6.04 -42.63
C TRP E 47 26.28 -7.12 -41.67
N MET E 48 27.20 -7.92 -41.16
CA MET E 48 26.87 -9.03 -40.26
C MET E 48 27.35 -8.79 -38.83
N GLY E 49 28.64 -8.49 -38.65
CA GLY E 49 29.16 -8.27 -37.32
C GLY E 49 30.63 -7.93 -37.37
N GLY E 50 31.21 -7.75 -36.19
CA GLY E 50 32.61 -7.42 -36.05
C GLY E 50 33.08 -7.68 -34.63
N ILE E 51 34.41 -7.69 -34.48
CA ILE E 51 35.04 -7.99 -33.20
C ILE E 51 36.39 -7.29 -33.12
N ILE E 52 36.75 -6.89 -31.90
CA ILE E 52 38.09 -6.41 -31.56
C ILE E 52 38.73 -7.48 -30.66
N PRO E 53 39.79 -8.15 -31.11
CA PRO E 53 40.31 -9.31 -30.36
C PRO E 53 40.75 -8.99 -28.94
N ILE E 54 41.32 -7.81 -28.69
CA ILE E 54 41.85 -7.50 -27.36
C ILE E 54 40.72 -7.35 -26.36
N LEU E 55 39.59 -6.79 -26.78
CA LEU E 55 38.46 -6.61 -25.86
C LEU E 55 37.76 -7.93 -25.58
N GLY E 56 37.24 -8.58 -26.60
CA GLY E 56 36.61 -9.88 -26.46
C GLY E 56 35.10 -9.90 -26.49
N ILE E 57 34.45 -8.80 -26.87
CA ILE E 57 33.00 -8.73 -26.98
C ILE E 57 32.65 -8.28 -28.39
N PRO E 58 31.89 -9.06 -29.16
CA PRO E 58 31.55 -8.66 -30.52
C PRO E 58 30.24 -7.89 -30.58
N ASN E 59 29.97 -7.32 -31.74
CA ASN E 59 28.73 -6.61 -32.03
C ASN E 59 28.02 -7.30 -33.18
N TYR E 60 26.72 -7.52 -33.03
CA TYR E 60 25.93 -8.25 -34.01
C TYR E 60 24.84 -7.35 -34.58
N ALA E 61 24.47 -7.62 -35.83
CA ALA E 61 23.31 -6.98 -36.42
C ALA E 61 22.03 -7.57 -35.85
N GLN E 62 20.97 -6.76 -35.86
CA GLN E 62 19.70 -7.19 -35.27
C GLN E 62 19.10 -8.36 -36.05
N LYS E 63 19.21 -8.34 -37.38
CA LYS E 63 18.64 -9.42 -38.18
C LYS E 63 19.30 -10.75 -37.89
N PHE E 64 20.63 -10.76 -37.75
CA PHE E 64 21.38 -11.97 -37.46
C PHE E 64 21.66 -12.08 -35.96
N GLN E 65 20.60 -12.21 -35.18
CA GLN E 65 20.70 -12.33 -33.73
C GLN E 65 20.28 -13.72 -33.30
N GLY E 66 21.15 -14.38 -32.54
CA GLY E 66 20.91 -15.76 -32.13
C GLY E 66 21.25 -16.79 -33.18
N ARG E 67 21.69 -16.37 -34.36
CA ARG E 67 21.99 -17.27 -35.46
C ARG E 67 23.45 -17.26 -35.87
N VAL E 68 24.21 -16.23 -35.48
CA VAL E 68 25.61 -16.10 -35.88
C VAL E 68 26.46 -15.96 -34.63
N THR E 69 27.74 -16.33 -34.75
CA THR E 69 28.67 -16.23 -33.64
C THR E 69 30.06 -15.93 -34.18
N ILE E 70 30.69 -14.88 -33.64
CA ILE E 70 32.01 -14.43 -34.09
C ILE E 70 32.98 -14.55 -32.92
N THR E 71 34.11 -15.22 -33.15
CA THR E 71 35.14 -15.39 -32.14
C THR E 71 36.52 -15.14 -32.78
N ALA E 72 37.53 -15.03 -31.92
CA ALA E 72 38.88 -14.78 -32.40
C ALA E 72 39.87 -15.57 -31.53
N ASP E 73 40.99 -15.95 -32.15
CA ASP E 73 42.07 -16.65 -31.47
C ASP E 73 43.34 -15.82 -31.65
N LYS E 74 43.85 -15.29 -30.53
CA LYS E 74 45.00 -14.39 -30.59
C LYS E 74 46.31 -15.14 -30.82
N SER E 75 46.45 -16.34 -30.23
CA SER E 75 47.68 -17.09 -30.34
C SER E 75 47.96 -17.48 -31.79
N THR E 76 46.97 -18.05 -32.46
CA THR E 76 47.09 -18.39 -33.87
C THR E 76 46.67 -17.25 -34.79
N SER E 77 46.11 -16.17 -34.24
CA SER E 77 45.72 -14.98 -35.00
C SER E 77 44.73 -15.33 -36.11
N THR E 78 43.56 -15.81 -35.71
CA THR E 78 42.57 -16.25 -36.70
C THR E 78 41.17 -16.01 -36.15
N ALA E 79 40.29 -15.48 -37.00
CA ALA E 79 38.92 -15.15 -36.63
C ALA E 79 37.95 -16.15 -37.23
N TYR E 80 36.99 -16.60 -36.41
CA TYR E 80 35.99 -17.57 -36.82
C TYR E 80 34.60 -16.93 -36.82
N MET E 81 33.80 -17.29 -37.82
CA MET E 81 32.39 -16.94 -37.86
C MET E 81 31.58 -18.20 -38.12
N GLU E 82 30.57 -18.44 -37.29
CA GLU E 82 29.74 -19.63 -37.39
C GLU E 82 28.29 -19.21 -37.60
N LEU E 83 27.64 -19.82 -38.58
CA LEU E 83 26.24 -19.56 -38.92
C LEU E 83 25.46 -20.87 -38.79
N SER E 84 24.39 -20.85 -38.00
CA SER E 84 23.59 -22.03 -37.74
C SER E 84 22.19 -21.85 -38.31
N SER E 85 21.42 -22.95 -38.28
CA SER E 85 20.04 -22.98 -38.74
C SER E 85 19.94 -22.45 -40.17
N LEU E 86 20.60 -23.15 -41.08
CA LEU E 86 20.72 -22.70 -42.46
C LEU E 86 19.37 -22.73 -43.17
N ARG E 87 19.14 -21.72 -44.00
CA ARG E 87 18.00 -21.66 -44.91
C ARG E 87 18.52 -21.69 -46.34
N SER E 88 17.59 -21.62 -47.30
CA SER E 88 17.97 -21.60 -48.71
C SER E 88 18.34 -20.20 -49.20
N GLU E 89 18.10 -19.17 -48.40
CA GLU E 89 18.45 -17.81 -48.75
C GLU E 89 19.84 -17.42 -48.26
N ASP E 90 20.51 -18.29 -47.52
CA ASP E 90 21.87 -18.03 -47.04
C ASP E 90 22.92 -18.55 -48.01
N THR E 91 22.80 -18.17 -49.28
CA THR E 91 23.74 -18.55 -50.33
C THR E 91 24.32 -17.26 -50.92
N ALA E 92 25.57 -16.97 -50.60
CA ALA E 92 26.19 -15.70 -50.97
C ALA E 92 27.70 -15.84 -50.87
N VAL E 93 28.41 -14.71 -50.96
CA VAL E 93 29.86 -14.66 -50.81
C VAL E 93 30.18 -13.84 -49.58
N TYR E 94 31.15 -14.30 -48.80
CA TYR E 94 31.50 -13.71 -47.51
C TYR E 94 32.89 -13.11 -47.56
N TYR E 95 33.04 -11.92 -46.98
CA TYR E 95 34.27 -11.16 -46.99
C TYR E 95 34.66 -10.77 -45.57
N CYS E 96 35.98 -10.68 -45.34
CA CYS E 96 36.55 -10.45 -44.02
C CYS E 96 36.66 -8.96 -43.69
N ALA E 97 37.42 -8.22 -44.50
CA ALA E 97 37.62 -6.78 -44.33
C ALA E 97 38.30 -6.43 -43.00
N ARG E 98 38.73 -5.18 -42.86
CA ARG E 98 39.44 -4.75 -41.66
C ARG E 98 39.33 -3.23 -41.52
N VAL E 99 38.94 -2.78 -40.34
CA VAL E 99 38.89 -1.36 -39.99
C VAL E 99 40.10 -1.05 -39.12
N PRO E 100 40.99 -0.16 -39.55
CA PRO E 100 42.26 0.03 -38.82
C PRO E 100 42.13 0.84 -37.53
N GLN E 101 41.26 1.84 -37.52
CA GLN E 101 41.13 2.77 -36.40
C GLN E 101 39.75 2.59 -35.77
N ALA E 102 39.71 1.86 -34.66
CA ALA E 102 38.46 1.60 -33.95
C ALA E 102 38.67 1.76 -32.46
N GLY E 103 37.65 2.32 -31.79
CA GLY E 103 37.65 2.47 -30.36
C GLY E 103 36.42 1.83 -29.74
N ALA E 104 36.33 1.93 -28.42
CA ALA E 104 35.25 1.29 -27.67
C ALA E 104 34.34 2.27 -26.96
N ALA E 105 34.88 3.15 -26.12
CA ALA E 105 34.09 3.95 -25.18
C ALA E 105 33.26 2.96 -24.38
N GLN E 106 31.94 3.04 -24.37
CA GLN E 106 31.13 2.10 -23.62
C GLN E 106 31.09 0.77 -24.37
N GLY E 107 30.20 -0.13 -23.95
CA GLY E 107 30.11 -1.47 -24.52
C GLY E 107 29.94 -1.53 -26.02
N HIS E 108 29.71 -0.39 -26.67
CA HIS E 108 29.54 -0.32 -28.11
C HIS E 108 30.88 -0.09 -28.79
N TYR E 109 30.85 0.07 -30.11
CA TYR E 109 32.04 0.31 -30.91
C TYR E 109 31.93 1.64 -31.63
N TYR E 110 33.09 2.25 -31.89
CA TYR E 110 33.17 3.52 -32.62
C TYR E 110 34.27 3.41 -33.66
N TYR E 111 33.94 3.81 -34.89
CA TYR E 111 34.85 3.71 -36.02
C TYR E 111 35.24 5.10 -36.51
N TYR E 112 36.51 5.27 -36.90
CA TYR E 112 37.00 6.53 -37.42
C TYR E 112 37.68 6.35 -38.78
N TYR E 113 37.41 5.24 -39.46
CA TYR E 113 38.01 4.96 -40.76
C TYR E 113 37.19 3.90 -41.45
N GLY E 114 37.37 3.80 -42.77
CA GLY E 114 36.71 2.79 -43.56
C GLY E 114 37.58 1.56 -43.77
N MET E 115 36.94 0.47 -44.17
CA MET E 115 37.68 -0.76 -44.42
C MET E 115 38.60 -0.60 -45.62
N ASP E 116 39.86 -1.00 -45.47
CA ASP E 116 40.87 -0.80 -46.49
C ASP E 116 41.44 -2.08 -47.06
N VAL E 117 41.55 -3.15 -46.27
CA VAL E 117 42.09 -4.42 -46.73
C VAL E 117 40.97 -5.45 -46.65
N TRP E 118 40.70 -6.11 -47.76
CA TRP E 118 39.62 -7.09 -47.86
C TRP E 118 40.20 -8.49 -48.05
N GLY E 119 39.35 -9.49 -47.83
CA GLY E 119 39.74 -10.87 -48.03
C GLY E 119 39.66 -11.29 -49.49
N GLN E 120 39.20 -12.50 -49.75
CA GLN E 120 39.07 -12.99 -51.11
C GLN E 120 37.67 -13.46 -51.45
N GLY E 121 36.95 -14.06 -50.50
CA GLY E 121 35.59 -14.51 -50.75
C GLY E 121 35.44 -16.01 -50.67
N THR E 122 34.45 -16.46 -49.91
CA THR E 122 34.15 -17.89 -49.75
C THR E 122 32.67 -18.10 -50.08
N THR E 123 32.41 -18.89 -51.12
CA THR E 123 31.03 -19.16 -51.54
C THR E 123 30.44 -20.30 -50.73
N VAL E 124 29.26 -20.10 -50.18
CA VAL E 124 28.55 -21.11 -49.41
C VAL E 124 27.22 -21.33 -50.12
N THR E 125 27.07 -22.49 -50.75
CA THR E 125 25.85 -22.82 -51.47
C THR E 125 25.03 -23.83 -50.66
N VAL E 126 23.81 -23.45 -50.30
CA VAL E 126 22.93 -24.30 -49.50
C VAL E 126 21.79 -24.76 -50.39
N SER E 127 21.63 -26.08 -50.52
CA SER E 127 20.60 -26.66 -51.37
C SER E 127 20.43 -28.13 -51.00
N SER E 128 19.64 -28.84 -51.78
CA SER E 128 19.40 -30.27 -51.57
C SER E 128 18.98 -30.95 -52.87
N GLU F 1 17.58 3.19 -38.24
CA GLU F 1 18.49 2.68 -39.25
C GLU F 1 18.54 3.62 -40.46
N ILE F 2 19.70 4.23 -40.67
CA ILE F 2 19.87 5.16 -41.78
C ILE F 2 19.89 4.38 -43.09
N VAL F 3 19.10 4.84 -44.06
CA VAL F 3 18.97 4.18 -45.36
C VAL F 3 19.50 5.15 -46.42
N LEU F 4 20.42 4.66 -47.25
CA LEU F 4 21.03 5.45 -48.30
C LEU F 4 20.47 5.02 -49.66
N THR F 5 20.11 6.00 -50.48
CA THR F 5 19.56 5.75 -51.81
C THR F 5 20.42 6.47 -52.84
N GLN F 6 20.82 5.75 -53.88
CA GLN F 6 21.60 6.32 -54.98
C GLN F 6 20.63 6.68 -56.10
N SER F 7 20.51 7.98 -56.37
CA SER F 7 19.47 8.47 -57.27
C SER F 7 19.59 7.94 -58.69
N PRO F 8 20.74 8.00 -59.37
CA PRO F 8 20.79 7.47 -60.74
C PRO F 8 21.03 5.96 -60.73
N GLY F 9 20.07 5.22 -61.27
CA GLY F 9 20.19 3.77 -61.27
C GLY F 9 21.30 3.26 -62.16
N THR F 10 21.47 3.88 -63.33
CA THR F 10 22.48 3.46 -64.29
C THR F 10 22.85 4.65 -65.17
N LEU F 11 24.15 4.85 -65.37
CA LEU F 11 24.66 5.96 -66.16
C LEU F 11 25.40 5.41 -67.37
N SER F 12 25.08 5.96 -68.54
CA SER F 12 25.76 5.63 -69.79
C SER F 12 26.45 6.90 -70.29
N LEU F 13 27.77 6.81 -70.52
CA LEU F 13 28.56 7.98 -70.87
C LEU F 13 29.52 7.58 -72.00
N SER F 14 30.45 8.48 -72.29
CA SER F 14 31.45 8.33 -73.33
C SER F 14 32.81 8.70 -72.76
N PRO F 15 33.89 8.20 -73.35
CA PRO F 15 35.23 8.55 -72.86
C PRO F 15 35.50 10.04 -72.95
N GLY F 16 36.22 10.56 -71.96
CA GLY F 16 36.57 11.96 -71.91
C GLY F 16 35.54 12.88 -71.28
N GLU F 17 34.38 12.35 -70.89
CA GLU F 17 33.33 13.15 -70.29
C GLU F 17 33.46 13.11 -68.76
N ARG F 18 32.47 13.67 -68.08
CA ARG F 18 32.45 13.70 -66.62
C ARG F 18 31.16 13.10 -66.10
N ALA F 19 31.24 12.49 -64.92
CA ALA F 19 30.11 11.83 -64.29
C ALA F 19 29.72 12.54 -63.00
N THR F 20 28.63 12.10 -62.41
CA THR F 20 28.12 12.66 -61.16
C THR F 20 27.22 11.64 -60.50
N LEU F 21 27.56 11.22 -59.28
CA LEU F 21 26.80 10.21 -58.56
C LEU F 21 26.37 10.76 -57.22
N SER F 22 25.15 10.43 -56.82
CA SER F 22 24.56 10.97 -55.59
C SER F 22 24.24 9.84 -54.62
N CYS F 23 24.22 10.19 -53.33
CA CYS F 23 23.91 9.22 -52.27
C CYS F 23 23.12 9.95 -51.19
N ARG F 24 21.79 9.83 -51.24
CA ARG F 24 20.92 10.54 -50.31
C ARG F 24 20.59 9.63 -49.11
N ALA F 25 20.64 10.21 -47.92
CA ALA F 25 20.37 9.49 -46.69
C ALA F 25 19.00 9.85 -46.13
N SER F 26 18.39 8.91 -45.42
CA SER F 26 17.09 9.15 -44.81
C SER F 26 17.18 10.19 -43.69
N GLN F 27 18.25 10.14 -42.90
CA GLN F 27 18.52 11.12 -41.85
C GLN F 27 19.81 11.86 -42.17
N SER F 28 20.27 12.68 -41.23
CA SER F 28 21.52 13.39 -41.36
C SER F 28 22.65 12.52 -40.81
N VAL F 29 23.68 12.31 -41.61
CA VAL F 29 24.80 11.48 -41.20
C VAL F 29 25.60 12.20 -40.11
N THR F 30 25.97 11.47 -39.07
CA THR F 30 26.66 12.06 -37.93
C THR F 30 28.10 12.42 -38.31
N SER F 31 28.45 13.69 -38.15
CA SER F 31 29.81 14.20 -38.36
C SER F 31 30.31 14.01 -39.79
N SER F 32 29.39 13.78 -40.73
CA SER F 32 29.71 13.65 -42.15
C SER F 32 30.75 12.55 -42.38
N TYR F 33 30.36 11.32 -42.03
CA TYR F 33 31.20 10.14 -42.20
C TYR F 33 30.65 9.32 -43.37
N LEU F 34 31.34 9.38 -44.51
CA LEU F 34 30.92 8.64 -45.69
C LEU F 34 32.16 8.15 -46.44
N ALA F 35 32.04 6.96 -47.02
CA ALA F 35 33.11 6.34 -47.78
C ALA F 35 32.56 5.84 -49.11
N TRP F 36 33.42 5.85 -50.13
CA TRP F 36 33.07 5.44 -51.48
C TRP F 36 33.91 4.25 -51.90
N TYR F 37 33.26 3.20 -52.38
CA TYR F 37 33.92 1.99 -52.84
C TYR F 37 33.65 1.76 -54.33
N GLN F 38 34.64 1.17 -55.00
CA GLN F 38 34.53 0.82 -56.42
C GLN F 38 34.83 -0.65 -56.57
N GLN F 39 33.89 -1.39 -57.17
CA GLN F 39 34.00 -2.83 -57.31
C GLN F 39 33.89 -3.22 -58.78
N LYS F 40 34.77 -4.14 -59.20
CA LYS F 40 34.81 -4.78 -60.50
C LYS F 40 34.38 -6.24 -60.37
N PRO F 41 33.84 -6.84 -61.44
CA PRO F 41 33.40 -8.24 -61.34
C PRO F 41 34.56 -9.16 -61.03
N GLY F 42 34.30 -10.15 -60.16
CA GLY F 42 35.30 -11.12 -59.80
C GLY F 42 36.37 -10.62 -58.84
N GLN F 43 36.21 -9.43 -58.28
CA GLN F 43 37.20 -8.86 -57.38
C GLN F 43 36.51 -8.19 -56.20
N ALA F 44 37.24 -8.11 -55.10
CA ALA F 44 36.74 -7.44 -53.91
C ALA F 44 36.70 -5.93 -54.12
N PRO F 45 35.86 -5.22 -53.36
CA PRO F 45 35.79 -3.76 -53.51
C PRO F 45 37.09 -3.08 -53.12
N ARG F 46 37.15 -1.77 -53.37
CA ARG F 46 38.33 -0.97 -53.10
C ARG F 46 37.90 0.40 -52.60
N LEU F 47 38.58 0.88 -51.55
CA LEU F 47 38.26 2.17 -50.98
C LEU F 47 38.92 3.29 -51.78
N LEU F 48 38.16 4.35 -52.05
CA LEU F 48 38.66 5.51 -52.78
C LEU F 48 38.65 6.78 -51.95
N ILE F 49 37.53 7.07 -51.28
CA ILE F 49 37.35 8.33 -50.57
C ILE F 49 36.72 8.04 -49.21
N TYR F 50 37.25 8.65 -48.16
CA TYR F 50 36.70 8.55 -46.81
C TYR F 50 36.54 9.95 -46.25
N GLY F 51 35.53 10.12 -45.39
CA GLY F 51 35.23 11.41 -44.82
C GLY F 51 34.52 12.36 -45.75
N ALA F 52 34.14 11.90 -46.95
CA ALA F 52 33.38 12.65 -47.95
C ALA F 52 34.22 13.73 -48.62
N SER F 53 35.41 13.98 -48.11
CA SER F 53 36.33 14.90 -48.75
C SER F 53 37.74 14.33 -48.91
N SER F 54 38.23 13.58 -47.93
CA SER F 54 39.59 13.08 -47.96
C SER F 54 39.73 11.94 -48.97
N ARG F 55 40.94 11.81 -49.51
CA ARG F 55 41.24 10.80 -50.52
C ARG F 55 42.41 9.95 -50.08
N VAL F 56 42.26 8.63 -50.21
CA VAL F 56 43.35 7.70 -49.89
C VAL F 56 44.49 7.92 -50.87
N THR F 57 45.72 7.80 -50.37
CA THR F 57 46.89 7.97 -51.21
C THR F 57 46.97 6.86 -52.25
N GLY F 58 47.50 7.21 -53.41
CA GLY F 58 47.59 6.28 -54.54
C GLY F 58 46.38 6.24 -55.44
N ILE F 59 45.32 6.98 -55.11
CA ILE F 59 44.12 7.04 -55.95
C ILE F 59 44.28 8.21 -56.92
N PRO F 60 44.07 7.98 -58.23
CA PRO F 60 44.20 9.07 -59.21
C PRO F 60 43.47 10.35 -58.84
N ASP F 61 43.91 11.47 -59.42
CA ASP F 61 43.41 12.79 -59.06
C ASP F 61 42.09 13.15 -59.75
N ARG F 62 41.59 12.31 -60.64
CA ARG F 62 40.33 12.61 -61.32
C ARG F 62 39.11 12.29 -60.48
N PHE F 63 39.27 11.63 -59.34
CA PHE F 63 38.16 11.33 -58.45
C PHE F 63 38.05 12.41 -57.39
N SER F 64 36.81 12.81 -57.09
CA SER F 64 36.59 13.80 -56.04
C SER F 64 35.22 13.57 -55.43
N GLY F 65 35.03 14.12 -54.22
CA GLY F 65 33.77 13.98 -53.54
C GLY F 65 33.46 15.23 -52.73
N SER F 66 32.18 15.41 -52.44
CA SER F 66 31.72 16.58 -51.70
C SER F 66 30.33 16.29 -51.14
N GLY F 67 29.78 17.26 -50.43
CA GLY F 67 28.46 17.16 -49.87
C GLY F 67 28.49 17.10 -48.35
N SER F 68 27.29 17.18 -47.78
CA SER F 68 27.10 17.20 -46.33
C SER F 68 25.61 17.04 -46.05
N GLY F 69 25.24 17.13 -44.78
CA GLY F 69 23.85 17.01 -44.38
C GLY F 69 23.27 15.67 -44.74
N THR F 70 22.34 15.65 -45.71
CA THR F 70 21.77 14.42 -46.23
C THR F 70 21.99 14.28 -47.73
N ASP F 71 22.92 15.02 -48.30
CA ASP F 71 23.19 14.99 -49.73
C ASP F 71 24.70 14.92 -49.96
N PHE F 72 25.15 13.86 -50.63
CA PHE F 72 26.56 13.64 -50.89
C PHE F 72 26.75 13.27 -52.36
N THR F 73 27.83 13.76 -52.96
CA THR F 73 28.07 13.62 -54.39
C THR F 73 29.52 13.21 -54.65
N LEU F 74 29.71 12.46 -55.72
CA LEU F 74 31.01 12.02 -56.19
C LEU F 74 31.14 12.35 -57.67
N THR F 75 32.34 12.78 -58.07
CA THR F 75 32.59 13.25 -59.43
C THR F 75 33.87 12.64 -59.98
N ILE F 76 33.81 12.25 -61.25
CA ILE F 76 34.98 11.85 -62.02
C ILE F 76 35.04 12.77 -63.23
N SER F 77 36.04 13.67 -63.24
CA SER F 77 36.04 14.73 -64.24
C SER F 77 36.39 14.21 -65.63
N ARG F 78 37.39 13.35 -65.74
CA ARG F 78 37.84 12.84 -67.03
C ARG F 78 37.78 11.31 -66.99
N LEU F 79 36.80 10.76 -67.68
CA LEU F 79 36.60 9.31 -67.67
C LEU F 79 37.70 8.60 -68.46
N GLU F 80 37.95 7.35 -68.08
CA GLU F 80 38.97 6.52 -68.69
C GLU F 80 38.40 5.12 -68.87
N PRO F 81 38.98 4.31 -69.77
CA PRO F 81 38.45 2.96 -69.98
C PRO F 81 38.47 2.09 -68.74
N GLU F 82 39.34 2.37 -67.77
CA GLU F 82 39.45 1.58 -66.56
C GLU F 82 38.49 2.03 -65.46
N ASP F 83 37.68 3.05 -65.71
CA ASP F 83 36.82 3.63 -64.70
C ASP F 83 35.40 3.06 -64.72
N PHE F 84 35.13 2.06 -65.54
CA PHE F 84 33.78 1.53 -65.70
C PHE F 84 33.61 0.32 -64.78
N ALA F 85 32.86 0.50 -63.70
CA ALA F 85 32.63 -0.53 -62.69
C ALA F 85 31.45 -0.08 -61.83
N VAL F 86 31.18 -0.80 -60.74
CA VAL F 86 30.10 -0.48 -59.84
C VAL F 86 30.64 0.36 -58.69
N TYR F 87 29.80 1.23 -58.14
CA TYR F 87 30.20 2.14 -57.08
C TYR F 87 29.19 2.08 -55.94
N TYR F 88 29.69 2.22 -54.71
CA TYR F 88 28.87 2.12 -53.51
C TYR F 88 29.24 3.22 -52.53
N CYS F 89 28.25 3.66 -51.74
CA CYS F 89 28.45 4.62 -50.66
C CYS F 89 28.08 3.98 -49.34
N GLN F 90 28.91 4.23 -48.32
CA GLN F 90 28.73 3.63 -47.00
C GLN F 90 28.88 4.68 -45.92
N GLN F 91 28.07 4.56 -44.87
CA GLN F 91 28.17 5.44 -43.71
C GLN F 91 28.62 4.64 -42.50
N TYR F 92 29.42 5.27 -41.64
CA TYR F 92 29.92 4.61 -40.43
C TYR F 92 29.87 5.54 -39.23
N GLY F 93 28.96 6.51 -39.23
CA GLY F 93 28.81 7.39 -38.09
C GLY F 93 27.98 6.83 -36.96
N SER F 94 27.28 5.74 -37.18
CA SER F 94 26.45 5.10 -36.17
C SER F 94 26.46 3.59 -36.41
N SER F 95 25.57 2.88 -35.73
CA SER F 95 25.42 1.45 -35.90
C SER F 95 23.97 1.11 -36.18
N PRO F 96 23.70 0.13 -37.06
CA PRO F 96 24.67 -0.66 -37.84
C PRO F 96 25.18 0.06 -39.07
N LEU F 97 26.32 -0.33 -39.61
CA LEU F 97 26.80 0.25 -40.86
C LEU F 97 25.92 -0.17 -42.02
N THR F 98 25.57 0.78 -42.87
CA THR F 98 24.66 0.54 -43.99
C THR F 98 25.33 0.95 -45.29
N PHE F 99 25.14 0.13 -46.32
CA PHE F 99 25.68 0.39 -47.64
C PHE F 99 24.61 1.00 -48.55
N GLY F 100 25.03 1.40 -49.74
CA GLY F 100 24.12 1.97 -50.71
C GLY F 100 23.38 0.91 -51.52
N GLY F 101 23.17 1.18 -52.80
CA GLY F 101 22.50 0.22 -53.66
C GLY F 101 23.27 -0.09 -54.93
N GLY F 102 24.25 0.73 -55.24
CA GLY F 102 25.04 0.54 -56.44
C GLY F 102 24.58 1.42 -57.58
N THR F 103 25.52 1.74 -58.47
CA THR F 103 25.23 2.57 -59.65
C THR F 103 26.17 2.15 -60.76
N LYS F 104 25.65 1.40 -61.72
CA LYS F 104 26.47 0.92 -62.82
C LYS F 104 26.89 2.07 -63.73
N VAL F 105 28.17 2.06 -64.11
CA VAL F 105 28.72 3.02 -65.06
C VAL F 105 29.47 2.20 -66.11
N GLU F 106 28.86 2.03 -67.28
CA GLU F 106 29.45 1.21 -68.32
C GLU F 106 28.95 1.67 -69.68
N ILE F 107 29.67 1.25 -70.72
CA ILE F 107 29.30 1.53 -72.10
C ILE F 107 28.87 0.28 -72.85
N LYS F 108 29.11 -0.91 -72.30
CA LYS F 108 28.74 -2.15 -72.95
C LYS F 108 27.47 -2.73 -72.33
N GLN G 1 9.04 61.32 30.37
CA GLN G 1 9.66 61.10 31.67
C GLN G 1 10.11 59.65 31.82
N VAL G 2 9.98 58.88 30.74
CA VAL G 2 10.39 57.48 30.75
C VAL G 2 11.91 57.40 30.64
N GLN G 3 12.53 56.67 31.56
CA GLN G 3 13.98 56.53 31.57
C GLN G 3 14.36 55.11 31.98
N LEU G 4 15.40 54.59 31.33
CA LEU G 4 15.91 53.25 31.59
C LEU G 4 17.37 53.34 32.03
N VAL G 5 17.73 52.54 33.03
CA VAL G 5 19.08 52.50 33.57
C VAL G 5 19.53 51.04 33.64
N GLN G 6 20.81 50.80 33.38
CA GLN G 6 21.37 49.46 33.36
C GLN G 6 22.39 49.30 34.48
N SER G 7 23.05 48.14 34.50
CA SER G 7 24.02 47.81 35.53
C SER G 7 25.41 48.30 35.09
N GLY G 8 26.45 47.88 35.82
CA GLY G 8 27.79 48.34 35.57
C GLY G 8 28.57 47.43 34.63
N ALA G 9 29.81 47.83 34.37
CA ALA G 9 30.67 47.10 33.45
C ALA G 9 31.06 45.74 34.02
N GLU G 10 31.43 44.83 33.12
CA GLU G 10 31.77 43.47 33.49
C GLU G 10 33.00 43.00 32.72
N VAL G 11 33.84 42.23 33.42
CA VAL G 11 34.98 41.56 32.82
C VAL G 11 34.81 40.06 33.04
N LYS G 12 35.00 39.27 31.99
CA LYS G 12 34.70 37.84 32.02
C LYS G 12 35.81 37.07 31.31
N LYS G 13 35.80 35.76 31.53
CA LYS G 13 36.72 34.81 30.92
C LYS G 13 35.94 33.91 29.98
N PRO G 14 36.59 33.39 28.93
CA PRO G 14 35.87 32.59 27.94
C PRO G 14 35.23 31.35 28.57
N GLY G 15 34.06 30.98 28.04
CA GLY G 15 33.31 29.84 28.52
C GLY G 15 32.29 30.16 29.59
N SER G 16 32.26 31.39 30.10
CA SER G 16 31.33 31.78 31.15
C SER G 16 30.05 32.36 30.53
N SER G 17 29.23 32.97 31.38
CA SER G 17 27.99 33.59 30.93
C SER G 17 27.80 34.91 31.68
N VAL G 18 27.06 35.83 31.06
CA VAL G 18 26.81 37.14 31.62
C VAL G 18 25.31 37.41 31.62
N LYS G 19 24.88 38.30 32.50
CA LYS G 19 23.48 38.68 32.63
C LYS G 19 23.41 40.18 32.88
N VAL G 20 22.70 40.90 32.01
CA VAL G 20 22.53 42.34 32.12
C VAL G 20 21.07 42.65 32.40
N SER G 21 20.84 43.73 33.15
CA SER G 21 19.50 44.12 33.57
C SER G 21 19.21 45.54 33.15
N CYS G 22 17.93 45.83 32.93
CA CYS G 22 17.46 47.13 32.47
C CYS G 22 16.21 47.49 33.27
N LYS G 23 16.27 48.60 33.99
CA LYS G 23 15.19 49.05 34.86
C LYS G 23 14.61 50.34 34.30
N ALA G 24 13.31 50.34 34.03
CA ALA G 24 12.62 51.49 33.43
C ALA G 24 11.65 52.06 34.44
N SER G 25 11.65 53.38 34.59
CA SER G 25 10.81 54.04 35.58
C SER G 25 10.12 55.25 34.94
N GLY G 26 8.82 55.38 35.19
CA GLY G 26 8.05 56.51 34.73
C GLY G 26 7.00 56.22 33.68
N GLY G 27 6.69 54.95 33.41
CA GLY G 27 5.71 54.63 32.39
C GLY G 27 5.03 53.32 32.68
N THR G 28 4.17 52.91 31.75
CA THR G 28 3.41 51.67 31.93
C THR G 28 4.32 50.45 31.86
N PHE G 29 5.19 50.38 30.84
CA PHE G 29 6.20 49.35 30.68
C PHE G 29 5.58 48.01 30.31
N ILE G 30 4.25 47.93 30.33
CA ILE G 30 3.56 46.66 30.12
C ILE G 30 3.31 46.40 28.65
N ASN G 31 2.92 47.42 27.88
CA ASN G 31 2.60 47.28 26.47
C ASN G 31 3.73 47.77 25.56
N TYR G 32 4.92 47.99 26.12
CA TYR G 32 6.07 48.42 25.35
C TYR G 32 6.75 47.23 24.68
N ALA G 33 7.73 47.55 23.83
CA ALA G 33 8.59 46.55 23.21
C ALA G 33 10.03 46.88 23.57
N VAL G 34 10.62 46.08 24.45
CA VAL G 34 11.99 46.30 24.92
C VAL G 34 12.93 45.46 24.08
N THR G 35 13.87 46.12 23.42
CA THR G 35 14.80 45.48 22.50
C THR G 35 16.18 45.36 23.13
N TRP G 36 17.14 44.88 22.35
CA TRP G 36 18.53 44.83 22.78
C TRP G 36 19.43 45.05 21.57
N VAL G 37 20.40 45.96 21.69
CA VAL G 37 21.26 46.34 20.57
C VAL G 37 22.71 46.23 21.01
N ARG G 38 23.55 45.71 20.12
CA ARG G 38 24.97 45.53 20.40
C ARG G 38 25.82 46.32 19.40
N GLN G 39 26.82 47.04 19.92
CA GLN G 39 27.73 47.82 19.08
C GLN G 39 29.17 47.42 19.43
N ALA G 40 29.88 46.89 18.45
CA ALA G 40 31.29 46.54 18.64
C ALA G 40 32.16 47.78 18.46
N PRO G 41 33.37 47.78 19.05
CA PRO G 41 34.25 48.95 18.89
C PRO G 41 34.63 49.17 17.43
N GLY G 42 34.47 50.40 16.98
CA GLY G 42 34.79 50.75 15.61
C GLY G 42 33.97 50.02 14.57
N GLN G 43 32.70 49.72 14.87
CA GLN G 43 31.83 48.99 13.97
C GLN G 43 30.46 49.62 14.01
N GLY G 44 29.47 48.93 13.45
CA GLY G 44 28.10 49.39 13.42
C GLY G 44 27.29 48.84 14.57
N LEU G 45 25.97 48.78 14.37
CA LEU G 45 25.04 48.29 15.37
C LEU G 45 24.39 47.00 14.89
N GLU G 46 23.96 46.19 15.84
CA GLU G 46 23.36 44.89 15.55
C GLU G 46 22.12 44.69 16.39
N TRP G 47 21.20 43.88 15.89
CA TRP G 47 19.96 43.55 16.59
C TRP G 47 20.07 42.16 17.21
N MET G 48 19.66 42.05 18.46
CA MET G 48 19.74 40.78 19.20
C MET G 48 18.36 40.18 19.48
N GLY G 49 17.45 40.95 20.07
CA GLY G 49 16.14 40.42 20.38
C GLY G 49 15.28 41.49 21.03
N GLY G 50 14.05 41.08 21.38
CA GLY G 50 13.10 41.96 22.01
C GLY G 50 11.99 41.17 22.67
N ILE G 51 11.23 41.86 23.51
CA ILE G 51 10.15 41.23 24.27
C ILE G 51 9.09 42.27 24.59
N ILE G 52 7.83 41.81 24.63
CA ILE G 52 6.69 42.56 25.14
C ILE G 52 6.27 41.93 26.46
N PRO G 53 6.40 42.62 27.58
CA PRO G 53 6.18 41.96 28.89
C PRO G 53 4.79 41.37 29.08
N ILE G 54 3.74 42.00 28.54
CA ILE G 54 2.39 41.50 28.78
C ILE G 54 2.16 40.16 28.08
N LEU G 55 2.75 39.99 26.89
CA LEU G 55 2.54 38.74 26.16
C LEU G 55 3.34 37.60 26.79
N GLY G 56 4.67 37.75 26.84
CA GLY G 56 5.51 36.77 27.47
C GLY G 56 6.30 35.87 26.54
N ILE G 57 6.34 36.16 25.25
CA ILE G 57 7.10 35.39 24.28
C ILE G 57 8.05 36.34 23.55
N PRO G 58 9.35 36.12 23.61
CA PRO G 58 10.30 37.00 22.93
C PRO G 58 10.61 36.54 21.52
N ASN G 59 11.28 37.42 20.77
CA ASN G 59 11.74 37.13 19.43
C ASN G 59 13.26 37.25 19.40
N TYR G 60 13.92 36.26 18.79
CA TYR G 60 15.37 36.19 18.74
C TYR G 60 15.86 36.27 17.29
N ALA G 61 17.06 36.81 17.13
CA ALA G 61 17.72 36.77 15.84
C ALA G 61 18.26 35.36 15.56
N GLN G 62 18.40 35.04 14.28
CA GLN G 62 18.84 33.70 13.90
C GLN G 62 20.27 33.43 14.35
N LYS G 63 21.14 34.44 14.27
CA LYS G 63 22.54 34.25 14.66
C LYS G 63 22.66 33.92 16.15
N PHE G 64 21.91 34.62 16.99
CA PHE G 64 21.94 34.38 18.44
C PHE G 64 20.78 33.47 18.86
N GLN G 65 20.82 32.24 18.37
CA GLN G 65 19.80 31.24 18.68
C GLN G 65 20.41 30.14 19.54
N GLY G 66 19.78 29.86 20.67
CA GLY G 66 20.30 28.90 21.62
C GLY G 66 21.38 29.44 22.53
N ARG G 67 21.77 30.70 22.36
CA ARG G 67 22.84 31.30 23.13
C ARG G 67 22.40 32.48 23.98
N VAL G 68 21.24 33.07 23.71
CA VAL G 68 20.76 34.25 24.43
C VAL G 68 19.37 33.95 24.97
N THR G 69 19.02 34.68 26.04
CA THR G 69 17.71 34.51 26.67
C THR G 69 17.26 35.84 27.24
N ILE G 70 16.05 36.27 26.87
CA ILE G 70 15.50 37.55 27.30
C ILE G 70 14.24 37.28 28.12
N THR G 71 14.19 37.83 29.33
CA THR G 71 13.03 37.69 30.21
C THR G 71 12.69 39.06 30.80
N ALA G 72 11.53 39.12 31.45
CA ALA G 72 11.08 40.37 32.07
C ALA G 72 10.36 40.06 33.37
N ASP G 73 10.41 41.02 34.28
CA ASP G 73 9.72 40.95 35.57
C ASP G 73 8.81 42.16 35.69
N LYS G 74 7.51 41.91 35.73
CA LYS G 74 6.53 42.99 35.73
C LYS G 74 6.42 43.65 37.09
N SER G 75 6.52 42.86 38.17
CA SER G 75 6.36 43.41 39.51
C SER G 75 7.44 44.43 39.83
N THR G 76 8.71 44.08 39.58
CA THR G 76 9.81 45.00 39.76
C THR G 76 10.11 45.82 38.52
N SER G 77 9.46 45.52 37.41
CA SER G 77 9.61 46.27 36.16
C SER G 77 11.07 46.31 35.70
N THR G 78 11.59 45.12 35.39
CA THR G 78 12.99 45.03 35.00
C THR G 78 13.18 43.89 33.99
N ALA G 79 13.95 44.17 32.94
CA ALA G 79 14.19 43.21 31.87
C ALA G 79 15.60 42.66 31.96
N TYR G 80 15.74 41.35 31.83
CA TYR G 80 17.02 40.67 31.90
C TYR G 80 17.39 40.05 30.56
N MET G 81 18.68 40.12 30.22
CA MET G 81 19.23 39.43 29.07
C MET G 81 20.44 38.63 29.50
N GLU G 82 20.47 37.35 29.15
CA GLU G 82 21.56 36.46 29.54
C GLU G 82 22.20 35.87 28.29
N LEU G 83 23.54 35.93 28.25
CA LEU G 83 24.34 35.42 27.15
C LEU G 83 25.29 34.37 27.69
N SER G 84 25.23 33.17 27.12
CA SER G 84 26.05 32.05 27.57
C SER G 84 27.07 31.66 26.49
N SER G 85 27.97 30.76 26.87
CA SER G 85 29.01 30.23 25.98
C SER G 85 29.81 31.37 25.34
N LEU G 86 30.48 32.12 26.20
CA LEU G 86 31.18 33.32 25.77
C LEU G 86 32.37 32.98 24.87
N ARG G 87 32.57 33.82 23.86
CA ARG G 87 33.74 33.79 22.99
C ARG G 87 34.52 35.09 23.17
N SER G 88 35.62 35.22 22.44
CA SER G 88 36.42 36.43 22.50
C SER G 88 35.89 37.53 21.59
N GLU G 89 34.93 37.23 20.74
CA GLU G 89 34.31 38.22 19.86
C GLU G 89 33.08 38.86 20.47
N ASP G 90 32.66 38.43 21.66
CA ASP G 90 31.52 39.02 22.34
C ASP G 90 31.95 40.12 23.30
N THR G 91 32.71 41.08 22.80
CA THR G 91 33.17 42.23 23.56
C THR G 91 32.67 43.49 22.85
N ALA G 92 31.67 44.14 23.44
CA ALA G 92 30.99 45.26 22.78
C ALA G 92 30.23 46.05 23.85
N VAL G 93 29.39 46.98 23.40
CA VAL G 93 28.55 47.77 24.28
C VAL G 93 27.09 47.44 23.98
N TYR G 94 26.29 47.29 25.03
CA TYR G 94 24.92 46.82 24.92
C TYR G 94 23.95 47.94 25.32
N TYR G 95 22.88 48.08 24.56
CA TYR G 95 21.89 49.13 24.72
C TYR G 95 20.49 48.53 24.83
N CYS G 96 19.64 49.21 25.61
CA CYS G 96 18.30 48.73 25.93
C CYS G 96 17.27 49.15 24.89
N ALA G 97 17.09 50.46 24.69
CA ALA G 97 16.16 51.02 23.71
C ALA G 97 14.70 50.66 24.02
N ARG G 98 13.76 51.30 23.33
CA ARG G 98 12.34 51.08 23.58
C ARG G 98 11.54 51.48 22.35
N VAL G 99 10.66 50.60 21.89
CA VAL G 99 9.73 50.87 20.80
C VAL G 99 8.36 51.13 21.41
N PRO G 100 7.77 52.31 21.22
CA PRO G 100 6.54 52.65 21.94
C PRO G 100 5.28 52.00 21.38
N GLN G 101 5.21 51.83 20.06
CA GLN G 101 4.01 51.33 19.39
C GLN G 101 4.34 49.98 18.75
N ALA G 102 3.92 48.90 19.40
CA ALA G 102 4.18 47.55 18.91
C ALA G 102 2.93 46.70 19.07
N GLY G 103 2.69 45.85 18.07
CA GLY G 103 1.59 44.91 18.11
C GLY G 103 2.10 43.48 17.91
N ALA G 104 1.15 42.55 17.92
CA ALA G 104 1.48 41.13 17.84
C ALA G 104 0.95 40.46 16.59
N ALA G 105 -0.36 40.53 16.34
CA ALA G 105 -1.04 39.72 15.33
C ALA G 105 -0.71 38.27 15.67
N GLN G 106 -0.08 37.50 14.79
CA GLN G 106 0.25 36.12 15.11
C GLN G 106 1.46 36.09 16.04
N GLY G 107 2.04 34.91 16.23
CA GLY G 107 3.16 34.74 17.15
C GLY G 107 4.36 35.65 16.93
N HIS G 108 4.36 36.39 15.82
CA HIS G 108 5.42 37.31 15.49
C HIS G 108 5.13 38.70 16.07
N TYR G 109 5.99 39.66 15.76
CA TYR G 109 5.86 41.03 16.23
C TYR G 109 5.76 41.98 15.04
N TYR G 110 5.07 43.11 15.27
CA TYR G 110 4.93 44.14 14.27
C TYR G 110 5.17 45.50 14.92
N TYR G 111 6.01 46.32 14.28
CA TYR G 111 6.39 47.62 14.81
C TYR G 111 5.87 48.72 13.90
N TYR G 112 5.42 49.81 14.52
CA TYR G 112 4.91 50.97 13.78
C TYR G 112 5.62 52.26 14.18
N TYR G 113 6.79 52.14 14.82
CA TYR G 113 7.54 53.31 15.26
C TYR G 113 8.99 52.88 15.50
N GLY G 114 9.88 53.87 15.55
CA GLY G 114 11.27 53.63 15.82
C GLY G 114 11.61 53.83 17.29
N MET G 115 12.76 53.31 17.70
CA MET G 115 13.19 53.45 19.08
C MET G 115 13.49 54.90 19.39
N ASP G 116 12.95 55.40 20.51
CA ASP G 116 13.07 56.80 20.87
C ASP G 116 13.84 57.05 22.15
N VAL G 117 13.76 56.16 23.13
CA VAL G 117 14.45 56.31 24.41
C VAL G 117 15.46 55.18 24.53
N TRP G 118 16.72 55.54 24.75
CA TRP G 118 17.81 54.58 24.83
C TRP G 118 18.38 54.53 26.26
N GLY G 119 19.14 53.48 26.52
CA GLY G 119 19.78 53.31 27.81
C GLY G 119 21.07 54.12 27.92
N GLN G 120 22.09 53.54 28.53
CA GLN G 120 23.36 54.23 28.70
C GLN G 120 24.54 53.44 28.16
N GLY G 121 24.51 52.11 28.27
CA GLY G 121 25.60 51.30 27.74
C GLY G 121 26.38 50.56 28.81
N THR G 122 26.52 49.25 28.65
CA THR G 122 27.27 48.41 29.57
C THR G 122 28.35 47.66 28.78
N THR G 123 29.61 47.91 29.12
CA THR G 123 30.72 47.26 28.43
C THR G 123 31.00 45.89 29.04
N VAL G 124 31.13 44.89 28.18
CA VAL G 124 31.43 43.52 28.61
C VAL G 124 32.75 43.14 27.93
N THR G 125 33.82 43.06 28.71
CA THR G 125 35.12 42.70 28.17
C THR G 125 35.44 41.25 28.50
N VAL G 126 35.59 40.43 27.47
CA VAL G 126 35.87 39.00 27.63
C VAL G 126 37.29 38.74 27.19
N SER G 127 38.11 38.21 28.10
CA SER G 127 39.51 37.94 27.80
C SER G 127 40.07 37.02 28.88
N SER G 128 41.38 36.80 28.83
CA SER G 128 42.07 35.95 29.80
C SER G 128 43.53 36.33 29.92
N GLU H 1 16.80 38.49 4.21
CA GLU H 1 17.32 39.56 5.05
C GLU H 1 17.69 40.79 4.22
N ILE H 2 16.95 41.87 4.44
CA ILE H 2 17.19 43.11 3.69
C ILE H 2 18.49 43.74 4.17
N VAL H 3 19.35 44.10 3.22
CA VAL H 3 20.66 44.69 3.50
C VAL H 3 20.66 46.12 2.98
N LEU H 4 21.03 47.06 3.84
CA LEU H 4 21.07 48.48 3.50
C LEU H 4 22.52 48.92 3.33
N THR H 5 22.81 49.62 2.24
CA THR H 5 24.15 50.12 1.95
C THR H 5 24.10 51.63 1.81
N GLN H 6 24.99 52.33 2.52
CA GLN H 6 25.11 53.77 2.45
C GLN H 6 26.19 54.10 1.42
N SER H 7 25.78 54.73 0.31
CA SER H 7 26.69 54.90 -0.82
C SER H 7 27.92 55.75 -0.50
N PRO H 8 27.80 56.94 0.09
CA PRO H 8 29.03 57.71 0.38
C PRO H 8 29.66 57.26 1.68
N GLY H 9 30.89 56.77 1.60
CA GLY H 9 31.57 56.29 2.79
C GLY H 9 31.90 57.39 3.78
N THR H 10 32.33 58.54 3.28
CA THR H 10 32.71 59.66 4.13
C THR H 10 32.57 60.95 3.34
N LEU H 11 31.96 61.96 3.96
CA LEU H 11 31.70 63.25 3.34
C LEU H 11 32.47 64.33 4.07
N SER H 12 33.20 65.15 3.32
CA SER H 12 33.90 66.31 3.85
C SER H 12 33.27 67.56 3.26
N LEU H 13 32.82 68.47 4.11
CA LEU H 13 32.09 69.64 3.67
C LEU H 13 32.60 70.86 4.44
N SER H 14 31.90 71.98 4.29
CA SER H 14 32.23 73.25 4.91
C SER H 14 30.98 73.83 5.53
N PRO H 15 31.13 74.70 6.54
CA PRO H 15 29.94 75.31 7.16
C PRO H 15 29.13 76.12 6.16
N GLY H 16 27.81 76.08 6.33
CA GLY H 16 26.90 76.81 5.47
C GLY H 16 26.50 76.10 4.20
N GLU H 17 27.06 74.93 3.91
CA GLU H 17 26.76 74.17 2.71
C GLU H 17 25.64 73.17 3.01
N ARG H 18 25.36 72.31 2.03
CA ARG H 18 24.32 71.29 2.17
C ARG H 18 24.91 69.92 1.92
N ALA H 19 24.30 68.91 2.52
CA ALA H 19 24.74 67.53 2.41
C ALA H 19 23.67 66.68 1.75
N THR H 20 24.02 65.42 1.49
CA THR H 20 23.09 64.47 0.88
C THR H 20 23.59 63.07 1.18
N LEU H 21 22.76 62.26 1.83
CA LEU H 21 23.13 60.91 2.22
C LEU H 21 22.11 59.93 1.67
N SER H 22 22.59 58.76 1.23
CA SER H 22 21.75 57.77 0.58
C SER H 22 21.78 56.46 1.36
N CYS H 23 20.70 55.69 1.23
CA CYS H 23 20.60 54.39 1.90
C CYS H 23 19.86 53.44 0.97
N ARG H 24 20.62 52.62 0.23
CA ARG H 24 20.05 51.72 -0.77
C ARG H 24 19.83 50.34 -0.15
N ALA H 25 18.65 49.76 -0.41
CA ALA H 25 18.28 48.46 0.11
C ALA H 25 18.37 47.39 -0.98
N SER H 26 18.66 46.16 -0.55
CA SER H 26 18.74 45.06 -1.50
C SER H 26 17.37 44.73 -2.09
N GLN H 27 16.32 44.84 -1.29
CA GLN H 27 14.94 44.64 -1.73
C GLN H 27 14.16 45.94 -1.55
N SER H 28 12.85 45.87 -1.76
CA SER H 28 11.97 47.01 -1.56
C SER H 28 11.43 46.97 -0.14
N VAL H 29 11.60 48.07 0.59
CA VAL H 29 11.15 48.13 1.97
C VAL H 29 9.62 48.13 2.00
N THR H 30 9.06 47.34 2.91
CA THR H 30 7.61 47.21 3.00
C THR H 30 6.99 48.47 3.58
N SER H 31 6.06 49.07 2.84
CA SER H 31 5.29 50.23 3.27
C SER H 31 6.16 51.44 3.56
N SER H 32 7.39 51.46 3.06
CA SER H 32 8.30 52.59 3.20
C SER H 32 8.51 52.95 4.67
N TYR H 33 9.08 52.00 5.41
CA TYR H 33 9.37 52.17 6.83
C TYR H 33 10.88 52.33 6.99
N LEU H 34 11.31 53.56 7.27
CA LEU H 34 12.73 53.86 7.43
C LEU H 34 12.90 54.93 8.49
N ALA H 35 13.96 54.79 9.29
CA ALA H 35 14.28 55.74 10.35
C ALA H 35 15.75 56.14 10.25
N TRP H 36 16.03 57.37 10.66
CA TRP H 36 17.37 57.93 10.60
C TRP H 36 17.85 58.28 12.01
N TYR H 37 19.04 57.84 12.36
CA TYR H 37 19.65 58.10 13.66
C TYR H 37 20.94 58.88 13.50
N GLN H 38 21.23 59.72 14.49
CA GLN H 38 22.46 60.50 14.54
C GLN H 38 23.16 60.22 15.86
N GLN H 39 24.42 59.79 15.79
CA GLN H 39 25.19 59.40 16.96
C GLN H 39 26.48 60.20 17.03
N LYS H 40 26.80 60.67 18.23
CA LYS H 40 28.03 61.35 18.60
C LYS H 40 28.87 60.44 19.49
N PRO H 41 30.19 60.61 19.50
CA PRO H 41 31.04 59.74 20.33
C PRO H 41 30.70 59.88 21.81
N GLY H 42 30.72 58.75 22.52
CA GLY H 42 30.44 58.74 23.93
C GLY H 42 28.99 58.96 24.31
N GLN H 43 28.06 58.75 23.37
CA GLN H 43 26.65 58.96 23.66
C GLN H 43 25.82 58.00 22.82
N ALA H 44 24.60 57.72 23.31
CA ALA H 44 23.68 56.86 22.61
C ALA H 44 23.11 57.57 21.39
N PRO H 45 22.62 56.82 20.39
CA PRO H 45 22.05 57.44 19.20
C PRO H 45 20.78 58.24 19.53
N ARG H 46 20.27 58.92 18.52
CA ARG H 46 19.11 59.78 18.67
C ARG H 46 18.27 59.72 17.39
N LEU H 47 16.96 59.57 17.56
CA LEU H 47 16.06 59.49 16.42
C LEU H 47 15.75 60.88 15.88
N LEU H 48 15.78 61.01 14.55
CA LEU H 48 15.47 62.27 13.88
C LEU H 48 14.26 62.17 12.97
N ILE H 49 14.20 61.14 12.14
CA ILE H 49 13.15 61.01 11.12
C ILE H 49 12.66 59.58 11.12
N TYR H 50 11.33 59.41 11.10
CA TYR H 50 10.70 58.10 10.98
C TYR H 50 9.68 58.15 9.85
N GLY H 51 9.49 57.00 9.20
CA GLY H 51 8.59 56.92 8.07
C GLY H 51 9.13 57.50 6.78
N ALA H 52 10.40 57.93 6.77
CA ALA H 52 11.11 58.44 5.61
C ALA H 52 10.62 59.84 5.21
N SER H 53 9.54 60.30 5.82
CA SER H 53 9.09 61.67 5.61
C SER H 53 8.78 62.41 6.90
N SER H 54 8.23 61.74 7.91
CA SER H 54 7.83 62.40 9.13
C SER H 54 9.03 62.74 9.99
N ARG H 55 8.89 63.79 10.80
CA ARG H 55 9.96 64.30 11.64
C ARG H 55 9.49 64.35 13.09
N VAL H 56 10.33 63.87 14.00
CA VAL H 56 10.03 63.94 15.42
C VAL H 56 10.04 65.39 15.87
N THR H 57 9.11 65.74 16.76
CA THR H 57 9.03 67.10 17.26
C THR H 57 10.28 67.46 18.05
N GLY H 58 10.67 68.73 17.97
CA GLY H 58 11.87 69.22 18.63
C GLY H 58 13.14 69.12 17.81
N ILE H 59 13.08 68.52 16.62
CA ILE H 59 14.24 68.40 15.74
C ILE H 59 14.29 69.61 14.82
N PRO H 60 15.42 70.31 14.73
CA PRO H 60 15.55 71.47 13.83
C PRO H 60 14.99 71.26 12.44
N ASP H 61 14.60 72.35 11.78
CA ASP H 61 13.93 72.31 10.49
C ASP H 61 14.89 72.13 9.31
N ARG H 62 16.21 72.13 9.56
CA ARG H 62 17.17 71.96 8.48
C ARG H 62 17.34 70.51 8.05
N PHE H 63 16.78 69.56 8.80
CA PHE H 63 16.85 68.15 8.44
C PHE H 63 15.61 67.76 7.64
N SER H 64 15.82 66.96 6.60
CA SER H 64 14.69 66.48 5.80
C SER H 64 15.05 65.13 5.20
N GLY H 65 14.02 64.39 4.80
CA GLY H 65 14.22 63.09 4.19
C GLY H 65 13.18 62.83 3.13
N SER H 66 13.52 61.92 2.22
CA SER H 66 12.63 61.58 1.11
C SER H 66 13.08 60.24 0.53
N GLY H 67 12.35 59.79 -0.47
CA GLY H 67 12.66 58.55 -1.16
C GLY H 67 11.60 57.49 -0.93
N SER H 68 11.74 56.40 -1.67
CA SER H 68 10.81 55.28 -1.64
C SER H 68 11.43 54.13 -2.41
N GLY H 69 10.66 53.05 -2.58
CA GLY H 69 11.14 51.88 -3.31
C GLY H 69 12.36 51.27 -2.66
N THR H 70 13.51 51.37 -3.33
CA THR H 70 14.78 50.91 -2.79
C THR H 70 15.81 52.03 -2.70
N ASP H 71 15.37 53.29 -2.75
CA ASP H 71 16.26 54.44 -2.70
C ASP H 71 15.72 55.47 -1.74
N PHE H 72 16.49 55.80 -0.71
CA PHE H 72 16.09 56.76 0.32
C PHE H 72 17.22 57.74 0.55
N THR H 73 16.87 59.01 0.78
CA THR H 73 17.85 60.08 0.86
C THR H 73 17.51 61.00 2.03
N LEU H 74 18.56 61.56 2.64
CA LEU H 74 18.45 62.51 3.73
C LEU H 74 19.28 63.74 3.38
N THR H 75 18.77 64.92 3.76
CA THR H 75 19.37 66.19 3.39
C THR H 75 19.43 67.12 4.60
N ILE H 76 20.54 67.84 4.71
CA ILE H 76 20.70 68.93 5.67
C ILE H 76 21.07 70.17 4.87
N SER H 77 20.12 71.10 4.75
CA SER H 77 20.30 72.22 3.82
C SER H 77 21.39 73.18 4.29
N ARG H 78 21.40 73.53 5.58
CA ARG H 78 22.34 74.50 6.11
C ARG H 78 23.11 73.85 7.26
N LEU H 79 24.37 73.52 7.01
CA LEU H 79 25.18 72.83 8.01
C LEU H 79 25.53 73.77 9.16
N GLU H 80 25.78 73.18 10.32
CA GLU H 80 26.11 73.91 11.53
C GLU H 80 27.22 73.15 12.25
N PRO H 81 27.97 73.82 13.13
CA PRO H 81 29.06 73.13 13.84
C PRO H 81 28.61 71.94 14.66
N GLU H 82 27.35 71.90 15.09
CA GLU H 82 26.83 70.81 15.90
C GLU H 82 26.31 69.64 15.07
N ASP H 83 26.38 69.72 13.75
CA ASP H 83 25.81 68.71 12.87
C ASP H 83 26.81 67.65 12.43
N PHE H 84 28.04 67.68 12.95
CA PHE H 84 29.09 66.77 12.52
C PHE H 84 29.11 65.55 13.45
N ALA H 85 28.63 64.42 12.96
CA ALA H 85 28.54 63.18 13.73
C ALA H 85 28.31 62.04 12.73
N VAL H 86 28.02 60.84 13.26
CA VAL H 86 27.76 59.68 12.43
C VAL H 86 26.26 59.53 12.24
N TYR H 87 25.86 58.97 11.11
CA TYR H 87 24.45 58.83 10.75
C TYR H 87 24.16 57.41 10.31
N TYR H 88 22.97 56.91 10.65
CA TYR H 88 22.58 55.54 10.36
C TYR H 88 21.14 55.51 9.84
N CYS H 89 20.87 54.54 8.97
CA CYS H 89 19.52 54.28 8.45
C CYS H 89 19.08 52.89 8.88
N GLN H 90 17.83 52.77 9.31
CA GLN H 90 17.28 51.51 9.80
C GLN H 90 15.91 51.27 9.17
N GLN H 91 15.60 49.99 8.93
CA GLN H 91 14.30 49.58 8.44
C GLN H 91 13.62 48.70 9.48
N TYR H 92 12.29 48.83 9.59
CA TYR H 92 11.52 48.03 10.53
C TYR H 92 10.22 47.52 9.91
N GLY H 93 10.20 47.34 8.60
CA GLY H 93 9.02 46.80 7.94
C GLY H 93 8.91 45.29 7.98
N SER H 94 9.95 44.60 8.39
CA SER H 94 9.96 43.14 8.49
C SER H 94 10.88 42.75 9.63
N SER H 95 11.22 41.45 9.68
CA SER H 95 12.14 40.94 10.68
C SER H 95 13.23 40.12 10.01
N PRO H 96 14.47 40.19 10.51
CA PRO H 96 14.93 41.01 11.64
C PRO H 96 15.20 42.46 11.25
N LEU H 97 15.20 43.38 12.22
CA LEU H 97 15.55 44.75 11.93
C LEU H 97 17.03 44.86 11.59
N THR H 98 17.34 45.61 10.53
CA THR H 98 18.70 45.75 10.04
C THR H 98 19.09 47.22 9.99
N PHE H 99 20.32 47.51 10.39
CA PHE H 99 20.86 48.86 10.38
C PHE H 99 21.72 49.06 9.13
N GLY H 100 22.15 50.31 8.94
CA GLY H 100 23.00 50.64 7.82
C GLY H 100 24.47 50.35 8.10
N GLY H 101 25.35 51.22 7.62
CA GLY H 101 26.77 51.03 7.84
C GLY H 101 27.45 52.26 8.41
N GLY H 102 26.78 53.40 8.36
CA GLY H 102 27.33 54.63 8.86
C GLY H 102 27.91 55.49 7.77
N THR H 103 27.93 56.81 8.00
CA THR H 103 28.48 57.76 7.04
C THR H 103 29.01 58.94 7.83
N LYS H 104 30.34 59.01 7.97
CA LYS H 104 30.96 60.09 8.74
C LYS H 104 30.81 61.42 8.01
N VAL H 105 30.46 62.45 8.76
CA VAL H 105 30.36 63.82 8.26
C VAL H 105 31.14 64.69 9.24
N GLU H 106 32.37 65.06 8.86
CA GLU H 106 33.21 65.85 9.76
C GLU H 106 34.20 66.65 8.93
N ILE H 107 34.77 67.68 9.58
CA ILE H 107 35.80 68.50 8.96
C ILE H 107 37.17 68.28 9.57
N LYS H 108 37.26 67.59 10.71
CA LYS H 108 38.53 67.32 11.37
C LYS H 108 38.99 65.90 11.11
N GLN I 14 -12.21 67.49 16.74
CA GLN I 14 -12.98 68.02 17.86
C GLN I 14 -12.69 67.20 19.13
N CYS I 15 -11.59 66.46 19.09
CA CYS I 15 -11.21 65.61 20.21
C CYS I 15 -10.23 66.33 21.14
N VAL I 16 -10.15 65.81 22.37
CA VAL I 16 -9.50 66.51 23.47
C VAL I 16 -8.52 65.55 24.15
N ASN I 17 -7.38 66.09 24.59
CA ASN I 17 -6.42 65.30 25.36
C ASN I 17 -6.95 65.04 26.77
N LEU I 18 -6.73 63.83 27.26
CA LEU I 18 -7.23 63.42 28.57
C LEU I 18 -6.13 62.93 29.49
N THR I 19 -5.25 62.05 29.03
CA THR I 19 -4.28 61.40 29.90
C THR I 19 -3.27 62.39 30.44
N THR I 20 -2.81 62.14 31.67
CA THR I 20 -1.81 62.98 32.32
C THR I 20 -1.15 62.17 33.42
N ARG I 21 0.18 62.30 33.53
CA ARG I 21 0.98 61.72 34.61
C ARG I 21 0.69 60.22 34.78
N THR I 22 0.99 59.47 33.73
CA THR I 22 0.88 58.02 33.78
C THR I 22 1.77 57.47 34.90
N GLN I 23 1.22 56.54 35.67
CA GLN I 23 1.88 56.07 36.89
C GLN I 23 1.53 54.59 37.08
N LEU I 24 1.65 54.13 38.34
CA LEU I 24 1.80 52.74 38.78
C LEU I 24 1.04 51.73 37.93
N PRO I 25 1.70 50.65 37.53
CA PRO I 25 1.08 49.67 36.62
C PRO I 25 -0.05 48.92 37.31
N PRO I 26 -0.87 48.20 36.54
CA PRO I 26 -2.02 47.48 37.14
C PRO I 26 -1.62 46.31 38.01
N ALA I 27 -2.62 45.60 38.52
CA ALA I 27 -2.42 44.44 39.39
C ALA I 27 -2.81 43.17 38.65
N TYR I 28 -2.63 42.02 39.32
CA TYR I 28 -2.83 40.72 38.70
C TYR I 28 -3.70 39.86 39.61
N THR I 29 -4.51 39.00 39.00
CA THR I 29 -5.45 38.19 39.77
C THR I 29 -5.45 36.77 39.23
N ASN I 30 -5.79 35.82 40.09
CA ASN I 30 -5.95 34.44 39.67
C ASN I 30 -7.21 34.30 38.80
N SER I 31 -7.22 33.27 37.96
CA SER I 31 -8.31 33.05 37.03
C SER I 31 -9.14 31.80 37.33
N PHE I 32 -8.61 30.87 38.11
CA PHE I 32 -9.31 29.63 38.48
C PHE I 32 -9.65 28.90 37.18
N THR I 33 -10.88 28.41 36.99
CA THR I 33 -11.29 27.73 35.77
C THR I 33 -12.35 28.58 35.10
N ARG I 34 -11.91 29.54 34.28
CA ARG I 34 -12.81 30.45 33.59
C ARG I 34 -12.39 30.58 32.14
N GLY I 35 -13.37 30.83 31.27
CA GLY I 35 -13.09 31.06 29.87
C GLY I 35 -13.23 29.83 28.99
N VAL I 36 -14.32 29.10 29.14
CA VAL I 36 -14.61 27.92 28.33
C VAL I 36 -15.83 28.24 27.48
N TYR I 37 -15.76 27.90 26.19
CA TYR I 37 -16.83 28.19 25.25
C TYR I 37 -17.15 26.94 24.44
N TYR I 38 -18.32 26.95 23.82
CA TYR I 38 -18.73 25.84 22.97
C TYR I 38 -17.95 25.88 21.65
N PRO I 39 -17.19 24.84 21.32
CA PRO I 39 -16.34 24.93 20.12
C PRO I 39 -17.11 24.86 18.80
N ASP I 40 -18.28 24.23 18.78
CA ASP I 40 -19.00 24.04 17.53
C ASP I 40 -20.50 24.05 17.83
N LYS I 41 -21.29 23.58 16.87
CA LYS I 41 -22.74 23.59 16.98
C LYS I 41 -23.32 22.18 16.90
N VAL I 42 -22.71 21.24 17.61
CA VAL I 42 -23.10 19.83 17.58
C VAL I 42 -23.65 19.45 18.95
N PHE I 43 -24.79 18.78 18.96
CA PHE I 43 -25.44 18.36 20.19
C PHE I 43 -24.92 16.99 20.63
N ARG I 44 -24.47 16.90 21.88
CA ARG I 44 -23.98 15.66 22.46
C ARG I 44 -24.60 15.47 23.83
N SER I 45 -24.76 14.22 24.24
CA SER I 45 -25.37 13.89 25.52
C SER I 45 -24.63 12.71 26.15
N SER I 46 -24.25 12.88 27.43
CA SER I 46 -23.62 11.82 28.22
C SER I 46 -22.38 11.26 27.52
N VAL I 47 -21.38 12.13 27.36
CA VAL I 47 -20.17 11.77 26.63
C VAL I 47 -19.03 12.65 27.09
N LEU I 48 -17.80 12.22 26.81
CA LEU I 48 -16.60 13.01 27.04
C LEU I 48 -15.91 13.24 25.70
N HIS I 49 -15.60 14.50 25.41
CA HIS I 49 -15.03 14.88 24.12
C HIS I 49 -13.69 15.57 24.33
N SER I 50 -12.69 15.13 23.56
CA SER I 50 -11.34 15.71 23.62
C SER I 50 -11.16 16.61 22.42
N THR I 51 -10.82 17.88 22.66
CA THR I 51 -10.72 18.85 21.59
C THR I 51 -9.47 19.72 21.77
N GLN I 52 -8.85 20.07 20.65
CA GLN I 52 -7.71 20.97 20.63
C GLN I 52 -8.15 22.29 20.00
N ASP I 53 -7.90 23.38 20.71
CA ASP I 53 -8.35 24.70 20.26
C ASP I 53 -7.49 25.76 20.94
N LEU I 54 -7.95 27.01 20.88
CA LEU I 54 -7.32 28.12 21.58
C LEU I 54 -8.10 28.39 22.86
N PHE I 55 -7.50 28.10 24.01
CA PHE I 55 -8.17 28.20 25.29
C PHE I 55 -7.33 29.05 26.24
N LEU I 56 -7.98 29.49 27.31
CA LEU I 56 -7.28 30.20 28.39
C LEU I 56 -6.84 29.20 29.44
N PRO I 57 -5.55 29.10 29.76
CA PRO I 57 -5.09 28.04 30.67
C PRO I 57 -5.65 28.20 32.07
N PHE I 58 -5.81 27.07 32.75
CA PHE I 58 -6.31 27.08 34.12
C PHE I 58 -5.27 27.63 35.07
N PHE I 59 -5.73 28.36 36.09
CA PHE I 59 -4.88 28.88 37.17
C PHE I 59 -3.73 29.72 36.61
N SER I 60 -4.11 30.81 35.95
CA SER I 60 -3.15 31.74 35.39
C SER I 60 -3.35 33.12 36.02
N ASN I 61 -2.60 34.10 35.52
CA ASN I 61 -2.68 35.48 36.00
C ASN I 61 -3.33 36.35 34.94
N VAL I 62 -4.40 37.04 35.31
CA VAL I 62 -5.11 37.95 34.42
C VAL I 62 -4.87 39.37 34.92
N THR I 63 -4.78 40.32 33.99
CA THR I 63 -4.43 41.68 34.35
C THR I 63 -5.68 42.49 34.68
N TRP I 64 -5.61 43.29 35.74
CA TRP I 64 -6.75 44.03 36.29
C TRP I 64 -6.47 45.52 36.13
N PHE I 65 -7.16 46.15 35.18
CA PHE I 65 -6.96 47.57 34.89
C PHE I 65 -8.01 48.42 35.58
N HIS I 66 -7.54 49.50 36.21
CA HIS I 66 -8.37 50.57 36.75
C HIS I 66 -8.35 51.69 35.72
N ALA I 67 -9.35 51.70 34.83
CA ALA I 67 -9.37 52.70 33.76
C ALA I 67 -9.48 54.11 34.32
N ILE I 68 -10.34 54.31 35.31
CA ILE I 68 -10.54 55.60 35.95
C ILE I 68 -10.47 55.42 37.45
N HIS I 69 -9.61 56.20 38.11
CA HIS I 69 -9.41 56.12 39.55
C HIS I 69 -9.69 57.48 40.17
N VAL I 70 -10.51 57.49 41.23
CA VAL I 70 -10.86 58.71 41.95
C VAL I 70 -10.27 58.58 43.35
N SER I 71 -9.21 59.34 43.62
CA SER I 71 -8.50 59.29 44.89
C SER I 71 -9.00 60.35 45.87
N GLY I 72 -8.91 61.63 45.48
CA GLY I 72 -9.30 62.72 46.35
C GLY I 72 -10.80 62.86 46.53
N THR I 76 -10.49 64.46 42.61
CA THR I 76 -9.44 64.25 41.61
C THR I 76 -9.78 63.09 40.70
N LYS I 77 -9.12 63.01 39.55
CA LYS I 77 -9.39 61.98 38.56
C LYS I 77 -8.08 61.51 37.96
N ARG I 78 -8.12 60.28 37.43
CA ARG I 78 -6.95 59.67 36.79
C ARG I 78 -7.45 58.84 35.61
N PHE I 79 -7.21 59.32 34.40
CA PHE I 79 -7.66 58.66 33.18
C PHE I 79 -6.48 58.05 32.45
N ASP I 80 -6.52 56.74 32.23
CA ASP I 80 -5.49 56.06 31.46
C ASP I 80 -6.04 54.73 30.97
N ASN I 81 -6.23 54.60 29.66
CA ASN I 81 -6.59 53.33 29.04
C ASN I 81 -5.60 53.07 27.91
N PRO I 82 -4.86 51.98 27.93
CA PRO I 82 -3.78 51.78 26.97
C PRO I 82 -4.23 51.02 25.71
N VAL I 83 -3.30 50.93 24.76
CA VAL I 83 -3.49 50.16 23.54
C VAL I 83 -2.69 48.87 23.67
N LEU I 84 -3.39 47.74 23.57
CA LEU I 84 -2.81 46.44 23.84
C LEU I 84 -2.75 45.58 22.58
N PRO I 85 -1.85 44.60 22.51
CA PRO I 85 -1.77 43.74 21.34
C PRO I 85 -2.93 42.75 21.27
N PHE I 86 -2.97 42.02 20.17
CA PHE I 86 -4.04 41.03 19.89
C PHE I 86 -3.35 39.81 19.28
N ASN I 87 -2.97 38.86 20.13
CA ASN I 87 -2.13 37.75 19.71
C ASN I 87 -2.94 36.63 19.05
N ASP I 88 -3.83 35.99 19.81
CA ASP I 88 -4.62 34.90 19.27
C ASP I 88 -6.08 35.00 19.70
N GLY I 89 -6.53 36.20 20.06
CA GLY I 89 -7.79 36.40 20.72
C GLY I 89 -7.60 36.85 22.16
N VAL I 90 -8.68 37.36 22.74
CA VAL I 90 -8.64 37.89 24.09
C VAL I 90 -9.89 37.46 24.85
N TYR I 91 -9.70 37.33 26.17
CA TYR I 91 -10.77 37.10 27.13
C TYR I 91 -10.93 38.37 27.95
N PHE I 92 -12.13 38.94 27.93
CA PHE I 92 -12.43 40.22 28.55
C PHE I 92 -13.49 40.01 29.62
N ALA I 93 -13.26 40.57 30.80
CA ALA I 93 -14.20 40.39 31.90
C ALA I 93 -14.49 41.74 32.55
N SER I 94 -15.76 41.96 32.91
CA SER I 94 -16.15 43.19 33.56
C SER I 94 -17.24 42.91 34.58
N THR I 95 -17.35 43.81 35.56
CA THR I 95 -18.39 43.71 36.57
C THR I 95 -18.99 45.06 36.94
N GLU I 96 -18.69 46.11 36.18
CA GLU I 96 -19.13 47.45 36.55
C GLU I 96 -20.64 47.60 36.35
N LYS I 97 -21.29 48.25 37.32
CA LYS I 97 -22.74 48.44 37.29
C LYS I 97 -23.08 49.84 36.83
N SER I 98 -22.90 50.08 35.53
CA SER I 98 -23.27 51.34 34.89
C SER I 98 -23.03 51.19 33.40
N ASN I 99 -23.39 52.23 32.65
CA ASN I 99 -23.18 52.28 31.20
C ASN I 99 -21.98 53.17 30.91
N ILE I 100 -20.79 52.59 31.01
CA ILE I 100 -19.54 53.27 30.70
C ILE I 100 -18.73 52.52 29.64
N ILE I 101 -18.52 51.23 29.83
CA ILE I 101 -17.87 50.41 28.82
C ILE I 101 -18.85 50.19 27.69
N ARG I 102 -18.58 50.80 26.53
CA ARG I 102 -19.57 50.87 25.46
C ARG I 102 -18.93 50.61 24.09
N GLY I 103 -18.11 49.57 23.99
CA GLY I 103 -17.67 49.15 22.67
C GLY I 103 -16.17 48.95 22.61
N TRP I 104 -15.68 48.73 21.39
CA TRP I 104 -14.28 48.39 21.16
C TRP I 104 -13.83 48.84 19.78
N ILE I 105 -12.51 48.94 19.64
CA ILE I 105 -11.84 49.28 18.38
C ILE I 105 -10.77 48.23 18.10
N PHE I 106 -10.71 47.75 16.86
CA PHE I 106 -9.69 46.80 16.43
C PHE I 106 -9.05 47.31 15.14
N GLY I 107 -7.74 47.11 15.01
CA GLY I 107 -7.06 47.50 13.80
C GLY I 107 -5.58 47.19 13.89
N THR I 108 -4.84 47.64 12.89
CA THR I 108 -3.39 47.49 12.87
C THR I 108 -2.68 48.83 12.94
N THR I 109 -2.97 49.75 12.02
CA THR I 109 -2.35 51.07 12.02
C THR I 109 -3.16 52.09 12.81
N LEU I 110 -4.48 51.88 12.91
CA LEU I 110 -5.38 52.81 13.59
C LEU I 110 -5.29 54.21 12.98
N ASP I 111 -5.16 54.26 11.65
CA ASP I 111 -5.09 55.51 10.91
C ASP I 111 -5.91 55.36 9.63
N SER I 112 -5.80 56.33 8.74
CA SER I 112 -6.59 56.36 7.51
C SER I 112 -5.95 55.61 6.36
N LYS I 113 -4.80 54.98 6.57
CA LYS I 113 -4.16 54.20 5.51
C LYS I 113 -4.67 52.77 5.44
N THR I 114 -5.46 52.32 6.42
CA THR I 114 -5.99 50.97 6.43
C THR I 114 -7.39 51.00 7.05
N GLN I 115 -8.07 49.86 7.00
CA GLN I 115 -9.40 49.72 7.55
C GLN I 115 -9.35 49.28 9.00
N SER I 116 -10.41 49.58 9.74
CA SER I 116 -10.48 49.24 11.15
C SER I 116 -11.92 48.91 11.54
N LEU I 117 -12.06 48.05 12.54
CA LEU I 117 -13.35 47.71 13.11
C LEU I 117 -13.80 48.80 14.07
N LEU I 118 -15.11 48.80 14.35
CA LEU I 118 -15.66 49.67 15.38
C LEU I 118 -16.97 49.07 15.87
N ILE I 119 -17.03 48.72 17.15
CA ILE I 119 -18.23 48.15 17.76
C ILE I 119 -18.72 49.13 18.82
N VAL I 120 -19.97 49.59 18.67
CA VAL I 120 -20.57 50.56 19.56
C VAL I 120 -21.91 50.04 20.05
N ASN I 121 -22.24 50.31 21.31
CA ASN I 121 -23.51 49.92 21.91
C ASN I 121 -24.06 51.14 22.63
N ASN I 122 -25.34 51.42 22.44
CA ASN I 122 -25.97 52.61 23.00
C ASN I 122 -27.33 52.31 23.61
N ALA I 123 -27.43 51.19 24.33
CA ALA I 123 -28.57 50.81 25.17
C ALA I 123 -29.85 50.55 24.38
N THR I 124 -29.83 50.75 23.07
CA THR I 124 -30.98 50.40 22.23
C THR I 124 -30.60 49.57 21.01
N ASN I 125 -29.39 49.71 20.48
CA ASN I 125 -28.94 48.93 19.35
C ASN I 125 -27.44 48.71 19.48
N VAL I 126 -26.94 47.69 18.80
CA VAL I 126 -25.51 47.48 18.64
C VAL I 126 -25.18 47.75 17.18
N VAL I 127 -24.18 48.59 16.96
CA VAL I 127 -23.74 48.99 15.63
C VAL I 127 -22.30 48.54 15.43
N ILE I 128 -22.08 47.75 14.38
CA ILE I 128 -20.76 47.25 14.02
C ILE I 128 -20.43 47.80 12.64
N LYS I 129 -19.31 48.50 12.53
CA LYS I 129 -18.89 49.06 11.25
C LYS I 129 -17.44 48.70 10.97
N VAL I 130 -17.12 48.59 9.69
CA VAL I 130 -15.75 48.33 9.23
C VAL I 130 -15.43 49.45 8.25
N CYS I 131 -14.83 50.53 8.76
CA CYS I 131 -14.48 51.63 7.87
C CYS I 131 -13.05 52.11 8.01
N GLU I 132 -12.68 53.08 7.18
CA GLU I 132 -11.33 53.65 7.17
C GLU I 132 -11.35 54.89 8.06
N PHE I 133 -11.35 54.63 9.36
CA PHE I 133 -11.41 55.72 10.33
C PHE I 133 -10.04 56.35 10.52
N GLN I 134 -10.03 57.56 11.07
CA GLN I 134 -8.82 58.24 11.52
C GLN I 134 -9.08 58.61 12.99
N PHE I 135 -8.72 57.69 13.88
CA PHE I 135 -9.01 57.88 15.30
C PHE I 135 -8.08 58.94 15.90
N CYS I 136 -8.58 59.63 16.92
CA CYS I 136 -7.74 60.54 17.68
C CYS I 136 -6.85 59.77 18.66
N ASN I 137 -6.02 60.51 19.37
CA ASN I 137 -5.11 59.95 20.35
C ASN I 137 -5.83 59.42 21.58
N ASP I 138 -6.91 60.07 22.00
CA ASP I 138 -7.69 59.67 23.17
C ASP I 138 -9.16 59.59 22.78
N PRO I 139 -9.58 58.54 22.08
CA PRO I 139 -10.98 58.44 21.65
C PRO I 139 -11.90 58.10 22.83
N PHE I 140 -13.04 58.78 22.87
CA PHE I 140 -14.08 58.48 23.85
C PHE I 140 -15.40 58.97 23.31
N LEU I 141 -16.49 58.45 23.88
CA LEU I 141 -17.84 58.77 23.46
C LEU I 141 -18.39 59.86 24.36
N GLY I 142 -18.87 60.95 23.76
CA GLY I 142 -19.36 62.07 24.53
C GLY I 142 -20.86 62.28 24.45
N VAL I 143 -21.56 62.06 25.56
CA VAL I 143 -22.98 62.37 25.66
C VAL I 143 -23.12 63.72 26.33
N TYR I 144 -23.83 64.64 25.68
CA TYR I 144 -23.96 66.02 26.14
C TYR I 144 -25.43 66.37 26.25
N TYR I 145 -25.88 66.71 27.45
CA TYR I 145 -27.27 67.03 27.68
C TYR I 145 -27.60 68.42 27.16
N HIS I 146 -28.81 68.57 26.61
CA HIS I 146 -29.26 69.85 26.08
C HIS I 146 -30.24 70.52 27.04
N ASN I 149 -32.05 69.40 29.95
CA ASN I 149 -32.01 67.94 29.93
C ASN I 149 -30.83 67.41 30.74
N LYS I 150 -30.90 66.13 31.11
CA LYS I 150 -29.82 65.46 31.82
C LYS I 150 -29.23 64.30 31.04
N SER I 151 -30.07 63.39 30.53
CA SER I 151 -29.64 62.26 29.74
C SER I 151 -30.51 62.17 28.49
N TRP I 152 -30.27 61.13 27.70
CA TRP I 152 -31.02 60.88 26.46
C TRP I 152 -30.93 62.07 25.51
N MET I 153 -29.70 62.39 25.11
CA MET I 153 -29.45 63.50 24.21
C MET I 153 -28.60 63.07 23.02
N GLU I 154 -28.14 64.03 22.22
CA GLU I 154 -27.34 63.73 21.04
C GLU I 154 -25.97 63.24 21.47
N SER I 155 -25.77 61.93 21.43
CA SER I 155 -24.48 61.32 21.78
C SER I 155 -23.52 61.55 20.63
N GLU I 156 -22.64 62.54 20.78
CA GLU I 156 -21.72 62.90 19.71
C GLU I 156 -20.65 61.82 19.56
N PHE I 157 -19.88 61.93 18.48
CA PHE I 157 -18.82 60.98 18.16
C PHE I 157 -17.48 61.71 18.17
N ARG I 158 -16.77 61.63 19.30
CA ARG I 158 -15.40 62.11 19.40
C ARG I 158 -14.40 61.00 19.10
N VAL I 159 -14.88 59.83 18.65
CA VAL I 159 -13.98 58.71 18.38
C VAL I 159 -13.07 59.01 17.19
N TYR I 160 -13.65 59.54 16.11
CA TYR I 160 -12.87 59.78 14.90
C TYR I 160 -13.16 61.14 14.30
N SER I 161 -12.59 61.41 13.13
CA SER I 161 -12.88 62.64 12.40
C SER I 161 -13.04 62.41 10.90
N SER I 162 -13.07 61.16 10.45
CA SER I 162 -13.18 60.87 9.03
C SER I 162 -13.61 59.41 8.85
N ALA I 163 -14.42 59.16 7.83
CA ALA I 163 -14.87 57.80 7.52
C ALA I 163 -15.22 57.76 6.03
N ASN I 164 -14.30 57.20 5.24
CA ASN I 164 -14.47 57.09 3.80
C ASN I 164 -14.24 55.66 3.35
N ASN I 165 -14.83 55.29 2.21
CA ASN I 165 -14.54 54.03 1.54
C ASN I 165 -14.71 52.84 2.50
N CYS I 166 -15.94 52.59 2.92
CA CYS I 166 -16.15 51.55 3.93
C CYS I 166 -17.35 50.69 3.58
N THR I 167 -17.17 49.37 3.77
CA THR I 167 -17.99 48.34 3.14
C THR I 167 -18.55 47.35 4.16
N PHE I 168 -19.11 47.83 5.27
CA PHE I 168 -19.79 46.93 6.20
C PHE I 168 -20.66 47.73 7.14
N GLU I 169 -21.70 47.09 7.65
CA GLU I 169 -22.62 47.66 8.61
C GLU I 169 -23.48 46.55 9.19
N TYR I 170 -23.68 46.59 10.50
CA TYR I 170 -24.49 45.57 11.18
C TYR I 170 -25.17 46.19 12.38
N VAL I 171 -26.50 46.13 12.40
CA VAL I 171 -27.31 46.68 13.48
C VAL I 171 -28.14 45.57 14.10
N SER I 172 -28.14 45.51 15.43
CA SER I 172 -28.89 44.44 16.11
C SER I 172 -29.22 44.88 17.53
N GLN I 173 -29.65 43.92 18.36
CA GLN I 173 -30.00 44.11 19.76
C GLN I 173 -28.74 44.23 20.62
N PRO I 174 -28.80 44.98 21.72
CA PRO I 174 -27.58 45.29 22.47
C PRO I 174 -26.87 44.06 23.01
N PHE I 175 -25.55 44.16 23.09
CA PHE I 175 -24.73 43.10 23.67
C PHE I 175 -24.83 43.09 25.19
N LEU I 176 -24.45 44.20 25.82
CA LEU I 176 -24.45 44.33 27.27
C LEU I 176 -25.87 44.69 27.73
N MET I 177 -26.72 43.67 27.78
CA MET I 177 -28.10 43.86 28.20
C MET I 177 -28.21 43.95 29.72
N LYS I 187 -23.23 41.38 40.59
CA LYS I 187 -23.65 42.58 39.89
C LYS I 187 -23.56 42.38 38.37
N ASN I 188 -24.01 41.21 37.91
CA ASN I 188 -24.04 40.85 36.50
C ASN I 188 -22.66 40.95 35.86
N LEU I 189 -21.77 40.09 36.38
CA LEU I 189 -20.46 39.89 35.75
C LEU I 189 -20.64 39.44 34.30
N ARG I 190 -19.89 40.08 33.41
CA ARG I 190 -19.99 39.85 31.98
C ARG I 190 -18.65 39.40 31.43
N GLU I 191 -18.67 38.36 30.61
CA GLU I 191 -17.47 37.79 30.02
C GLU I 191 -17.62 37.69 28.50
N PHE I 192 -16.54 38.04 27.81
CA PHE I 192 -16.49 38.04 26.35
C PHE I 192 -15.21 37.35 25.90
N VAL I 193 -15.30 36.68 24.74
CA VAL I 193 -14.15 36.06 24.10
C VAL I 193 -14.16 36.47 22.63
N PHE I 194 -13.02 36.96 22.14
CA PHE I 194 -12.91 37.45 20.76
C PHE I 194 -11.97 36.56 19.96
N LYS I 195 -12.30 36.33 18.69
CA LYS I 195 -11.43 35.56 17.83
C LYS I 195 -11.51 36.09 16.40
N ASN I 196 -10.44 35.86 15.65
CA ASN I 196 -10.34 36.32 14.26
C ASN I 196 -9.58 35.25 13.48
N ILE I 197 -10.31 34.43 12.71
CA ILE I 197 -9.73 33.31 11.97
C ILE I 197 -10.30 33.31 10.56
N ASP I 198 -9.41 33.26 9.56
CA ASP I 198 -9.79 33.06 8.16
C ASP I 198 -10.80 34.08 7.68
N GLY I 199 -10.58 35.35 8.03
CA GLY I 199 -11.49 36.40 7.63
C GLY I 199 -12.87 36.23 8.24
N TYR I 200 -12.91 35.91 9.54
CA TYR I 200 -14.16 35.73 10.25
C TYR I 200 -13.96 36.17 11.68
N PHE I 201 -14.69 37.20 12.12
CA PHE I 201 -14.60 37.70 13.48
C PHE I 201 -15.71 37.06 14.31
N LYS I 202 -15.31 36.27 15.31
CA LYS I 202 -16.23 35.50 16.13
C LYS I 202 -16.25 36.04 17.55
N ILE I 203 -17.45 36.16 18.11
CA ILE I 203 -17.64 36.70 19.46
C ILE I 203 -18.43 35.71 20.30
N TYR I 204 -17.98 35.51 21.54
CA TYR I 204 -18.70 34.71 22.52
C TYR I 204 -18.93 35.56 23.77
N SER I 205 -20.06 35.32 24.45
CA SER I 205 -20.43 36.16 25.58
C SER I 205 -21.21 35.35 26.60
N LYS I 206 -21.22 35.85 27.84
CA LYS I 206 -21.99 35.23 28.90
C LYS I 206 -22.14 36.19 30.07
N HIS I 207 -23.33 36.21 30.68
CA HIS I 207 -23.63 37.04 31.83
C HIS I 207 -24.00 36.15 33.02
N THR I 208 -23.59 36.56 34.23
CA THR I 208 -23.96 35.82 35.42
C THR I 208 -23.86 36.70 36.65
N PRO I 209 -24.77 36.59 37.62
CA PRO I 209 -24.71 37.44 38.81
C PRO I 209 -23.89 36.82 39.93
N ILE I 210 -23.11 37.67 40.60
CA ILE I 210 -22.18 37.26 41.64
C ILE I 210 -22.35 38.17 42.85
N ASN I 211 -21.59 37.87 43.91
CA ASN I 211 -21.64 38.66 45.13
C ASN I 211 -20.27 38.92 45.74
N LEU I 212 -19.18 38.63 45.05
CA LEU I 212 -17.85 38.85 45.59
C LEU I 212 -17.50 40.33 45.58
N VAL I 213 -16.55 40.70 46.44
CA VAL I 213 -16.13 42.10 46.55
C VAL I 213 -15.28 42.51 45.36
N ARG I 214 -14.11 41.88 45.22
CA ARG I 214 -13.26 42.12 44.05
C ARG I 214 -12.44 40.85 43.79
N ASP I 215 -12.94 40.00 42.91
CA ASP I 215 -12.28 38.75 42.54
C ASP I 215 -13.12 38.09 41.44
N LEU I 216 -12.58 37.01 40.89
CA LEU I 216 -13.32 36.18 39.94
C LEU I 216 -13.90 34.98 40.67
N PRO I 217 -15.18 34.66 40.45
CA PRO I 217 -15.82 33.59 41.23
C PRO I 217 -15.22 32.22 40.91
N GLN I 218 -15.34 31.33 41.89
CA GLN I 218 -14.84 29.96 41.77
C GLN I 218 -16.02 29.05 41.42
N GLY I 219 -16.33 28.99 40.13
CA GLY I 219 -17.42 28.17 39.63
C GLY I 219 -17.08 27.63 38.27
N PHE I 220 -18.09 27.46 37.43
CA PHE I 220 -17.89 26.97 36.07
C PHE I 220 -19.07 27.40 35.20
N SER I 221 -18.79 28.19 34.16
CA SER I 221 -19.80 28.59 33.19
C SER I 221 -19.19 28.50 31.79
N ALA I 222 -20.05 28.20 30.81
CA ALA I 222 -19.63 28.05 29.42
C ALA I 222 -20.22 29.18 28.59
N LEU I 223 -19.41 29.73 27.70
CA LEU I 223 -19.82 30.86 26.87
C LEU I 223 -20.47 30.37 25.59
N GLU I 224 -21.45 31.14 25.10
CA GLU I 224 -22.22 30.77 23.93
C GLU I 224 -21.96 31.73 22.78
N PRO I 225 -21.98 31.24 21.54
CA PRO I 225 -21.63 32.09 20.39
C PRO I 225 -22.62 33.24 20.22
N LEU I 226 -22.09 34.37 19.75
CA LEU I 226 -22.92 35.54 19.47
C LEU I 226 -22.95 35.90 17.99
N VAL I 227 -21.80 36.18 17.37
CA VAL I 227 -21.75 36.59 15.97
C VAL I 227 -20.49 36.04 15.32
N ASP I 228 -20.57 35.90 14.00
CA ASP I 228 -19.53 35.31 13.15
C ASP I 228 -19.31 36.19 11.92
N LEU I 229 -19.08 37.47 12.15
CA LEU I 229 -19.11 38.45 11.05
C LEU I 229 -18.04 38.15 10.01
N PRO I 230 -18.38 38.22 8.71
CA PRO I 230 -17.43 37.91 7.62
C PRO I 230 -16.65 39.12 7.12
N ILE I 231 -15.82 39.70 7.99
CA ILE I 231 -14.94 40.79 7.58
C ILE I 231 -13.69 40.21 6.94
N GLY I 232 -12.92 41.05 6.26
CA GLY I 232 -11.73 40.58 5.56
C GLY I 232 -10.47 41.37 5.82
N ILE I 233 -10.26 41.80 7.07
CA ILE I 233 -9.13 42.66 7.40
C ILE I 233 -8.13 41.93 8.29
N ASN I 234 -6.99 42.57 8.53
CA ASN I 234 -5.97 42.07 9.45
C ASN I 234 -6.10 42.85 10.76
N ILE I 235 -5.93 42.16 11.89
CA ILE I 235 -6.06 42.76 13.21
C ILE I 235 -4.80 42.48 14.02
N THR I 236 -4.23 43.51 14.60
CA THR I 236 -3.01 43.41 15.39
C THR I 236 -3.14 44.02 16.78
N ARG I 237 -3.85 45.13 16.93
CA ARG I 237 -4.04 45.82 18.19
C ARG I 237 -5.52 46.16 18.38
N PHE I 238 -5.88 46.45 19.62
CA PHE I 238 -7.25 46.73 20.00
C PHE I 238 -7.27 47.70 21.17
N GLN I 239 -8.41 48.37 21.35
CA GLN I 239 -8.57 49.35 22.40
C GLN I 239 -10.03 49.41 22.85
N THR I 240 -10.23 49.90 24.07
CA THR I 240 -11.53 49.91 24.72
C THR I 240 -12.09 51.33 24.78
N LEU I 241 -13.39 51.46 24.51
CA LEU I 241 -14.07 52.75 24.54
C LEU I 241 -14.79 52.97 25.87
N LEU I 242 -14.82 54.22 26.29
CA LEU I 242 -15.55 54.64 27.49
C LEU I 242 -16.31 55.92 27.19
N ALA I 243 -17.57 55.96 27.60
CA ALA I 243 -18.42 57.15 27.46
C ALA I 243 -18.58 57.77 28.84
N LEU I 244 -17.89 58.88 29.08
CA LEU I 244 -17.77 59.38 30.46
C LEU I 244 -18.98 60.22 30.87
N HIS I 245 -19.08 61.44 30.34
CA HIS I 245 -20.13 62.38 30.71
C HIS I 245 -19.99 63.67 29.91
N ARG I 246 -20.81 64.68 30.24
CA ARG I 246 -20.53 66.06 29.88
C ARG I 246 -21.13 66.95 30.95
N SER I 247 -20.28 67.61 31.74
CA SER I 247 -20.74 68.49 32.80
C SER I 247 -19.63 69.45 33.22
N SER I 255 -10.42 70.58 28.22
CA SER I 255 -9.57 69.51 28.72
C SER I 255 -10.18 68.83 29.94
N SER I 256 -10.72 69.63 30.85
CA SER I 256 -11.32 69.13 32.08
C SER I 256 -12.81 69.45 32.15
N GLY I 257 -13.48 69.46 31.01
CA GLY I 257 -14.91 69.75 30.97
C GLY I 257 -15.78 68.51 30.98
N TRP I 258 -15.20 67.37 31.35
CA TRP I 258 -15.92 66.10 31.37
C TRP I 258 -15.58 65.37 32.66
N THR I 259 -16.48 64.48 33.07
CA THR I 259 -16.33 63.74 34.32
C THR I 259 -16.71 62.28 34.09
N ALA I 260 -16.41 61.45 35.08
CA ALA I 260 -16.76 60.03 35.04
C ALA I 260 -16.67 59.48 36.46
N GLY I 261 -17.28 58.31 36.66
CA GLY I 261 -17.32 57.72 37.99
C GLY I 261 -16.20 56.76 38.32
N ALA I 262 -16.05 55.70 37.52
CA ALA I 262 -15.04 54.66 37.76
C ALA I 262 -15.12 53.64 36.64
N ALA I 263 -14.11 52.76 36.59
CA ALA I 263 -14.06 51.67 35.61
C ALA I 263 -12.91 50.74 35.98
N ALA I 264 -13.05 49.48 35.62
CA ALA I 264 -12.05 48.45 35.86
C ALA I 264 -12.44 47.21 35.07
N TYR I 265 -11.44 46.50 34.53
CA TYR I 265 -11.73 45.31 33.73
C TYR I 265 -10.56 44.36 33.78
N TYR I 266 -10.83 43.10 33.45
CA TYR I 266 -9.83 42.04 33.47
C TYR I 266 -9.56 41.55 32.06
N VAL I 267 -8.27 41.38 31.75
CA VAL I 267 -7.81 41.00 30.42
C VAL I 267 -6.96 39.73 30.54
N GLY I 268 -7.20 38.78 29.62
CA GLY I 268 -6.39 37.59 29.52
C GLY I 268 -6.21 37.17 28.07
N TYR I 269 -5.20 36.35 27.84
CA TYR I 269 -4.79 35.94 26.50
C TYR I 269 -4.94 34.43 26.33
N LEU I 270 -5.22 34.00 25.11
CA LEU I 270 -5.46 32.59 24.79
C LEU I 270 -4.23 31.95 24.19
N GLN I 271 -4.10 30.64 24.43
CA GLN I 271 -3.01 29.83 23.88
C GLN I 271 -3.56 28.53 23.32
N PRO I 272 -2.88 27.92 22.35
CA PRO I 272 -3.34 26.63 21.82
C PRO I 272 -3.15 25.49 22.81
N ARG I 273 -4.27 24.93 23.30
CA ARG I 273 -4.25 23.85 24.26
C ARG I 273 -5.20 22.74 23.83
N THR I 274 -5.24 21.68 24.64
CA THR I 274 -6.12 20.54 24.46
C THR I 274 -6.91 20.33 25.74
N PHE I 275 -8.23 20.21 25.62
CA PHE I 275 -9.14 20.07 26.75
C PHE I 275 -9.99 18.83 26.59
N LEU I 276 -10.50 18.36 27.73
CA LEU I 276 -11.44 17.23 27.77
C LEU I 276 -12.71 17.71 28.44
N LEU I 277 -13.80 17.78 27.68
CA LEU I 277 -15.07 18.32 28.14
C LEU I 277 -16.07 17.21 28.39
N LYS I 278 -17.01 17.47 29.29
CA LYS I 278 -18.03 16.49 29.67
C LYS I 278 -19.42 17.05 29.38
N TYR I 279 -20.24 16.26 28.69
CA TYR I 279 -21.62 16.63 28.42
C TYR I 279 -22.55 15.75 29.25
N ASN I 280 -23.59 16.35 29.81
CA ASN I 280 -24.56 15.61 30.60
C ASN I 280 -25.64 15.02 29.70
N GLU I 281 -26.66 14.40 30.33
CA GLU I 281 -27.73 13.80 29.54
C GLU I 281 -28.56 14.87 28.84
N ASN I 282 -28.68 16.05 29.43
CA ASN I 282 -29.25 17.21 28.78
C ASN I 282 -28.17 17.83 27.88
N GLY I 283 -28.41 19.03 27.37
CA GLY I 283 -27.55 19.57 26.35
C GLY I 283 -26.37 20.41 26.79
N THR I 284 -26.10 20.50 28.09
CA THR I 284 -25.15 21.46 28.63
C THR I 284 -23.78 20.83 28.89
N ILE I 285 -22.75 21.68 28.96
CA ILE I 285 -21.41 21.27 29.36
C ILE I 285 -21.28 21.48 30.86
N THR I 286 -20.74 20.48 31.55
CA THR I 286 -20.66 20.51 33.01
C THR I 286 -19.25 20.58 33.56
N ASP I 287 -18.28 19.89 32.96
CA ASP I 287 -16.94 19.83 33.52
C ASP I 287 -15.90 19.80 32.41
N ALA I 288 -14.68 20.20 32.76
CA ALA I 288 -13.58 20.22 31.81
C ALA I 288 -12.28 19.91 32.54
N VAL I 289 -11.33 19.35 31.79
CA VAL I 289 -10.02 18.99 32.31
C VAL I 289 -8.96 19.48 31.33
N ASP I 290 -7.94 20.17 31.85
CA ASP I 290 -6.84 20.68 31.05
C ASP I 290 -5.66 19.70 31.13
N CYS I 291 -5.25 19.18 29.98
CA CYS I 291 -4.21 18.14 29.96
C CYS I 291 -2.81 18.72 29.83
N ALA I 292 -2.50 19.74 30.63
CA ALA I 292 -1.12 20.20 30.75
C ALA I 292 -0.77 20.66 32.15
N LEU I 293 -1.69 20.57 33.12
CA LEU I 293 -1.44 21.16 34.44
C LEU I 293 -0.50 20.30 35.27
N ASP I 294 -0.68 18.98 35.23
CA ASP I 294 0.06 18.08 36.10
C ASP I 294 -0.04 16.68 35.53
N PRO I 295 0.79 15.74 36.00
CA PRO I 295 0.74 14.37 35.45
C PRO I 295 -0.61 13.70 35.61
N LEU I 296 -1.34 13.98 36.69
CA LEU I 296 -2.63 13.33 36.89
C LEU I 296 -3.63 13.73 35.80
N SER I 297 -3.63 15.00 35.40
CA SER I 297 -4.48 15.43 34.30
C SER I 297 -4.09 14.74 32.99
N GLU I 298 -2.79 14.56 32.76
CA GLU I 298 -2.35 13.85 31.57
C GLU I 298 -2.83 12.41 31.58
N THR I 299 -2.77 11.74 32.73
CA THR I 299 -3.28 10.37 32.82
C THR I 299 -4.79 10.33 32.57
N LYS I 300 -5.54 11.27 33.16
CA LYS I 300 -6.98 11.31 32.96
C LYS I 300 -7.32 11.52 31.49
N CYS I 301 -6.56 12.38 30.80
CA CYS I 301 -6.83 12.65 29.40
C CYS I 301 -6.42 11.50 28.49
N THR I 302 -5.33 10.80 28.82
CA THR I 302 -4.91 9.67 28.00
C THR I 302 -5.78 8.44 28.22
N LEU I 303 -6.47 8.35 29.36
CA LEU I 303 -7.44 7.28 29.58
C LEU I 303 -8.86 7.64 29.18
N LYS I 304 -9.10 8.90 28.79
CA LYS I 304 -10.43 9.38 28.41
C LYS I 304 -11.46 9.11 29.50
N SER I 305 -11.08 9.39 30.74
CA SER I 305 -11.97 9.18 31.87
C SER I 305 -11.62 10.17 32.98
N PHE I 306 -12.59 10.41 33.85
CA PHE I 306 -12.39 11.30 35.00
C PHE I 306 -11.93 10.54 36.24
N THR I 307 -11.87 9.21 36.19
CA THR I 307 -11.40 8.40 37.31
C THR I 307 -10.32 7.45 36.81
N VAL I 308 -9.33 7.20 37.66
CA VAL I 308 -8.19 6.35 37.34
C VAL I 308 -8.09 5.25 38.38
N GLU I 309 -7.90 4.02 37.92
CA GLU I 309 -7.66 2.90 38.82
C GLU I 309 -6.18 2.79 39.16
N LYS I 310 -5.88 2.01 40.20
CA LYS I 310 -4.51 1.84 40.65
C LYS I 310 -3.69 1.09 39.60
N GLY I 311 -2.49 1.60 39.33
CA GLY I 311 -1.61 0.97 38.38
C GLY I 311 -0.50 1.92 37.96
N ILE I 312 0.15 1.56 36.85
CA ILE I 312 1.20 2.39 36.25
C ILE I 312 0.90 2.53 34.77
N TYR I 313 0.82 3.77 34.30
CA TYR I 313 0.43 4.06 32.93
C TYR I 313 1.52 4.88 32.24
N GLN I 314 1.68 4.63 30.94
CA GLN I 314 2.62 5.36 30.11
C GLN I 314 1.89 6.50 29.42
N THR I 315 2.40 7.72 29.57
CA THR I 315 1.70 8.91 29.11
C THR I 315 2.38 9.59 27.93
N SER I 316 3.67 9.87 28.01
CA SER I 316 4.30 10.69 26.98
C SER I 316 5.79 10.36 26.90
N ASN I 317 6.49 11.09 26.03
CA ASN I 317 7.90 10.86 25.76
C ASN I 317 8.69 12.08 26.23
N PHE I 318 9.99 11.85 26.47
CA PHE I 318 10.89 12.88 26.97
C PHE I 318 12.06 13.02 26.00
N ARG I 319 12.36 14.26 25.62
CA ARG I 319 13.38 14.57 24.63
C ARG I 319 14.24 15.72 25.13
N VAL I 320 15.41 15.86 24.51
CA VAL I 320 16.34 16.96 24.79
C VAL I 320 16.51 17.77 23.50
N GLN I 321 16.53 19.12 23.64
CA GLN I 321 16.52 19.98 22.47
C GLN I 321 17.91 20.55 22.21
N PRO I 322 18.22 20.84 20.93
CA PRO I 322 19.53 21.42 20.61
C PRO I 322 19.71 22.80 21.22
N THR I 323 20.96 23.14 21.51
CA THR I 323 21.29 24.40 22.18
C THR I 323 22.12 25.34 21.31
N GLU I 324 22.49 24.95 20.09
CA GLU I 324 23.27 25.80 19.21
C GLU I 324 23.31 25.15 17.82
N SER I 325 24.00 25.81 16.90
CA SER I 325 24.19 25.32 15.53
C SER I 325 25.65 25.46 15.14
N ILE I 326 26.12 24.55 14.31
CA ILE I 326 27.53 24.47 13.94
C ILE I 326 27.65 24.20 12.45
N VAL I 327 28.53 24.93 11.78
CA VAL I 327 28.87 24.71 10.38
C VAL I 327 30.39 24.71 10.25
N ARG I 328 30.93 23.67 9.63
CA ARG I 328 32.38 23.53 9.46
C ARG I 328 32.69 23.23 8.00
N PHE I 329 33.64 23.97 7.45
CA PHE I 329 34.08 23.84 6.07
C PHE I 329 35.59 24.05 6.01
N PRO I 330 36.25 23.54 4.96
CA PRO I 330 37.71 23.74 4.84
C PRO I 330 38.10 25.19 4.66
N ASN I 331 39.40 25.46 4.62
CA ASN I 331 39.88 26.83 4.50
C ASN I 331 39.50 27.42 3.15
N ILE I 332 39.47 28.76 3.11
CA ILE I 332 39.08 29.49 1.91
C ILE I 332 40.35 29.84 1.14
N THR I 333 40.54 29.22 -0.02
CA THR I 333 41.68 29.49 -0.88
C THR I 333 41.19 29.60 -2.32
N ASN I 334 42.13 29.75 -3.25
CA ASN I 334 41.82 29.86 -4.68
C ASN I 334 40.83 30.99 -4.94
N LEU I 335 41.13 32.16 -4.38
CA LEU I 335 40.28 33.32 -4.58
C LEU I 335 40.25 33.72 -6.05
N CYS I 336 39.07 34.04 -6.54
CA CYS I 336 38.89 34.27 -7.97
C CYS I 336 39.24 35.72 -8.30
N PRO I 337 40.05 35.96 -9.34
CA PRO I 337 40.61 37.31 -9.58
C PRO I 337 39.57 38.33 -10.04
N PHE I 338 38.77 38.80 -9.08
CA PHE I 338 37.84 39.89 -9.35
C PHE I 338 38.51 41.26 -9.25
N GLY I 339 39.71 41.33 -8.70
CA GLY I 339 40.42 42.58 -8.57
C GLY I 339 41.14 43.06 -9.81
N GLU I 340 41.08 42.30 -10.90
CA GLU I 340 41.75 42.67 -12.14
C GLU I 340 40.84 43.44 -13.08
N VAL I 341 39.55 43.09 -13.14
CA VAL I 341 38.62 43.80 -14.01
C VAL I 341 38.08 45.08 -13.37
N PHE I 342 38.19 45.22 -12.05
CA PHE I 342 37.72 46.44 -11.38
C PHE I 342 38.86 47.42 -11.16
N ASN I 343 39.99 46.94 -10.64
CA ASN I 343 41.17 47.77 -10.41
C ASN I 343 42.15 47.53 -11.55
N ALA I 344 42.22 48.49 -12.48
CA ALA I 344 43.14 48.41 -13.61
C ALA I 344 43.39 49.81 -14.13
N THR I 345 44.66 50.13 -14.39
CA THR I 345 45.02 51.48 -14.81
C THR I 345 44.49 51.83 -16.20
N ARG I 346 44.20 50.83 -17.02
CA ARG I 346 43.71 51.04 -18.37
C ARG I 346 42.33 50.42 -18.54
N PHE I 347 41.45 51.14 -19.22
CA PHE I 347 40.09 50.68 -19.45
C PHE I 347 39.77 50.78 -20.94
N ALA I 348 38.88 49.90 -21.39
CA ALA I 348 38.56 49.77 -22.81
C ALA I 348 37.61 50.90 -23.23
N SER I 349 37.13 50.82 -24.47
CA SER I 349 36.23 51.81 -25.05
C SER I 349 34.84 51.19 -25.22
N VAL I 350 33.89 52.01 -25.70
CA VAL I 350 32.53 51.54 -25.90
C VAL I 350 32.47 50.56 -27.07
N TYR I 351 33.13 50.88 -28.17
CA TYR I 351 33.07 50.04 -29.37
C TYR I 351 33.97 48.82 -29.29
N ALA I 352 34.93 48.80 -28.38
CA ALA I 352 35.82 47.65 -28.18
C ALA I 352 35.81 47.30 -26.70
N TRP I 353 35.19 46.17 -26.37
CA TRP I 353 35.04 45.76 -24.97
C TRP I 353 36.33 45.09 -24.51
N ASN I 354 36.29 44.52 -23.30
CA ASN I 354 37.39 43.76 -22.72
C ASN I 354 36.84 42.49 -22.09
N ARG I 355 35.98 41.79 -22.82
CA ARG I 355 35.31 40.60 -22.29
C ARG I 355 36.31 39.58 -21.79
N LYS I 356 36.09 39.09 -20.58
CA LYS I 356 36.98 38.14 -19.92
C LYS I 356 36.17 36.98 -19.39
N ARG I 357 36.72 35.77 -19.56
CA ARG I 357 36.11 34.53 -19.11
C ARG I 357 36.67 34.15 -17.75
N ILE I 358 35.80 33.60 -16.90
CA ILE I 358 36.15 33.22 -15.54
C ILE I 358 35.55 31.85 -15.25
N SER I 359 36.39 30.93 -14.78
CA SER I 359 35.97 29.59 -14.40
C SER I 359 37.03 28.99 -13.50
N ASN I 360 36.62 27.96 -12.74
CA ASN I 360 37.50 27.24 -11.83
C ASN I 360 38.13 28.19 -10.81
N CYS I 361 37.26 28.84 -10.03
CA CYS I 361 37.69 29.77 -9.00
C CYS I 361 36.56 29.90 -7.98
N VAL I 362 36.84 30.62 -6.89
CA VAL I 362 35.87 30.88 -5.84
C VAL I 362 35.62 32.39 -5.82
N ALA I 363 34.39 32.79 -6.14
CA ALA I 363 34.05 34.19 -6.32
C ALA I 363 33.50 34.76 -5.02
N ASP I 364 34.07 35.89 -4.60
CA ASP I 364 33.65 36.58 -3.38
C ASP I 364 32.70 37.70 -3.79
N TYR I 365 31.41 37.38 -3.88
CA TYR I 365 30.42 38.36 -4.32
C TYR I 365 30.16 39.42 -3.25
N SER I 366 30.22 39.04 -1.97
CA SER I 366 29.84 39.95 -0.89
C SER I 366 30.75 41.17 -0.82
N VAL I 367 31.95 41.10 -1.39
CA VAL I 367 32.83 42.26 -1.41
C VAL I 367 32.24 43.35 -2.29
N LEU I 368 31.58 42.97 -3.39
CA LEU I 368 31.14 43.95 -4.38
C LEU I 368 29.98 44.80 -3.85
N TYR I 369 28.97 44.16 -3.26
CA TYR I 369 27.76 44.87 -2.87
C TYR I 369 27.81 45.40 -1.44
N ASN I 370 28.92 45.22 -0.73
CA ASN I 370 29.09 45.78 0.61
C ASN I 370 30.05 46.97 0.62
N SER I 371 30.40 47.50 -0.55
CA SER I 371 31.34 48.60 -0.66
C SER I 371 30.60 49.92 -0.87
N ALA I 372 31.06 50.96 -0.18
CA ALA I 372 30.48 52.29 -0.31
C ALA I 372 31.20 53.12 -1.36
N SER I 373 31.34 52.55 -2.56
CA SER I 373 31.99 53.26 -3.67
C SER I 373 31.31 53.04 -5.01
N PHE I 374 30.19 52.33 -5.07
CA PHE I 374 29.50 52.04 -6.32
C PHE I 374 28.17 52.79 -6.34
N SER I 375 27.94 53.55 -7.40
CA SER I 375 26.77 54.41 -7.52
C SER I 375 25.64 53.78 -8.33
N THR I 376 25.78 52.53 -8.77
CA THR I 376 24.73 51.88 -9.55
C THR I 376 24.91 50.38 -9.42
N PHE I 377 23.88 49.70 -8.88
CA PHE I 377 23.96 48.26 -8.67
C PHE I 377 22.65 47.56 -9.00
N LYS I 378 21.81 48.14 -9.87
CA LYS I 378 20.55 47.51 -10.24
C LYS I 378 20.80 46.14 -10.86
N CYS I 379 20.37 45.07 -10.18
CA CYS I 379 20.75 43.72 -10.58
C CYS I 379 19.50 42.93 -10.94
N TYR I 380 19.32 42.69 -12.24
CA TYR I 380 18.18 41.96 -12.78
C TYR I 380 18.48 40.47 -12.80
N GLY I 381 17.41 39.69 -12.97
CA GLY I 381 17.50 38.24 -13.11
C GLY I 381 17.60 37.46 -11.82
N VAL I 382 18.52 37.86 -10.94
CA VAL I 382 18.74 37.17 -9.67
C VAL I 382 18.80 38.21 -8.56
N SER I 383 18.68 37.74 -7.32
CA SER I 383 18.82 38.63 -6.18
C SER I 383 20.28 38.76 -5.79
N PRO I 384 20.71 39.96 -5.39
CA PRO I 384 22.14 40.16 -5.08
C PRO I 384 22.63 39.35 -3.90
N THR I 385 21.74 38.92 -3.00
CA THR I 385 22.16 38.21 -1.80
C THR I 385 22.24 36.70 -1.98
N LYS I 386 21.41 36.13 -2.87
CA LYS I 386 21.43 34.70 -3.09
C LYS I 386 22.54 34.25 -4.03
N LEU I 387 23.27 35.20 -4.63
CA LEU I 387 24.36 34.85 -5.53
C LEU I 387 25.45 34.06 -4.84
N ASN I 388 25.51 34.10 -3.52
CA ASN I 388 26.49 33.33 -2.76
C ASN I 388 26.09 31.87 -2.59
N ASP I 389 24.93 31.47 -3.09
CA ASP I 389 24.45 30.10 -2.98
C ASP I 389 24.03 29.58 -4.35
N LEU I 390 24.83 29.89 -5.38
CA LEU I 390 24.56 29.43 -6.73
C LEU I 390 25.88 29.04 -7.39
N CYS I 391 25.88 27.92 -8.11
CA CYS I 391 27.05 27.42 -8.80
C CYS I 391 26.81 27.45 -10.30
N PHE I 392 27.74 28.06 -11.03
CA PHE I 392 27.64 28.19 -12.48
C PHE I 392 28.86 27.54 -13.14
N THR I 393 28.82 27.46 -14.45
CA THR I 393 29.92 26.91 -15.24
C THR I 393 30.93 27.98 -15.64
N ASN I 394 30.45 29.11 -16.16
CA ASN I 394 31.33 30.16 -16.65
C ASN I 394 30.73 31.52 -16.31
N VAL I 395 31.62 32.51 -16.14
CA VAL I 395 31.21 33.89 -15.87
C VAL I 395 31.96 34.79 -16.84
N TYR I 396 31.22 35.70 -17.48
CA TYR I 396 31.80 36.63 -18.44
C TYR I 396 31.69 38.05 -17.90
N ALA I 397 32.78 38.82 -18.04
CA ALA I 397 32.84 40.19 -17.53
C ALA I 397 33.21 41.14 -18.66
N ASP I 398 32.48 42.25 -18.78
CA ASP I 398 32.73 43.28 -19.77
C ASP I 398 33.26 44.54 -19.07
N SER I 399 33.54 45.57 -19.87
CA SER I 399 34.13 46.79 -19.36
C SER I 399 33.90 47.94 -20.33
N PHE I 400 33.13 48.94 -19.91
CA PHE I 400 32.84 50.13 -20.70
C PHE I 400 33.25 51.38 -19.92
N VAL I 401 33.56 52.44 -20.67
CA VAL I 401 33.71 53.78 -20.13
C VAL I 401 32.86 54.72 -20.95
N ILE I 402 31.76 55.20 -20.37
CA ILE I 402 30.78 55.99 -21.13
C ILE I 402 30.48 57.29 -20.40
N ARG I 403 29.52 58.05 -20.92
CA ARG I 403 29.06 59.26 -20.25
C ARG I 403 28.07 58.91 -19.14
N GLY I 404 27.84 59.88 -18.25
CA GLY I 404 26.96 59.66 -17.13
C GLY I 404 25.48 59.65 -17.46
N ASP I 405 25.10 60.06 -18.67
CA ASP I 405 23.70 60.10 -19.06
C ASP I 405 23.18 58.78 -19.60
N GLU I 406 24.04 57.99 -20.24
CA GLU I 406 23.63 56.73 -20.86
C GLU I 406 23.79 55.53 -19.94
N VAL I 407 24.18 55.74 -18.67
CA VAL I 407 24.31 54.62 -17.74
C VAL I 407 22.99 53.91 -17.55
N ARG I 408 21.87 54.63 -17.69
CA ARG I 408 20.55 54.03 -17.59
C ARG I 408 20.19 53.20 -18.80
N GLN I 409 20.91 53.34 -19.92
CA GLN I 409 20.54 52.66 -21.16
C GLN I 409 21.02 51.22 -21.22
N ILE I 410 21.83 50.78 -20.27
CA ILE I 410 22.29 49.38 -20.23
C ILE I 410 21.25 48.62 -19.40
N ALA I 411 20.29 48.01 -20.09
CA ALA I 411 19.18 47.32 -19.45
C ALA I 411 18.63 46.29 -20.42
N PRO I 412 17.88 45.30 -19.94
CA PRO I 412 17.27 44.33 -20.86
C PRO I 412 16.37 44.98 -21.89
N GLY I 413 15.66 46.05 -21.54
CA GLY I 413 14.87 46.78 -22.51
C GLY I 413 15.20 48.26 -22.55
N GLN I 414 15.78 48.71 -23.67
CA GLN I 414 16.16 50.10 -23.86
C GLN I 414 16.61 50.28 -25.29
N THR I 415 16.52 51.52 -25.78
CA THR I 415 16.91 51.86 -27.13
C THR I 415 17.62 53.21 -27.13
N GLY I 416 18.38 53.46 -28.18
CA GLY I 416 19.10 54.70 -28.32
C GLY I 416 20.33 54.50 -29.21
N LYS I 417 21.32 55.35 -29.00
CA LYS I 417 22.56 55.26 -29.77
C LYS I 417 23.43 54.11 -29.26
N ILE I 418 23.84 54.18 -27.99
CA ILE I 418 24.68 53.14 -27.41
C ILE I 418 23.92 51.82 -27.33
N ALA I 419 22.63 51.88 -27.01
CA ALA I 419 21.84 50.67 -26.81
C ALA I 419 21.69 49.87 -28.11
N ASP I 420 21.53 50.55 -29.25
CA ASP I 420 21.25 49.87 -30.50
C ASP I 420 22.45 49.77 -31.43
N TYR I 421 23.49 50.57 -31.23
CA TYR I 421 24.62 50.61 -32.15
C TYR I 421 25.91 50.04 -31.56
N ASN I 422 26.20 50.32 -30.29
CA ASN I 422 27.46 49.89 -29.67
C ASN I 422 27.29 48.63 -28.84
N TYR I 423 26.39 48.66 -27.85
CA TYR I 423 26.19 47.53 -26.96
C TYR I 423 24.71 47.28 -26.76
N LYS I 424 24.29 46.03 -26.91
CA LYS I 424 22.90 45.63 -26.69
C LYS I 424 22.86 44.39 -25.82
N LEU I 425 21.76 44.24 -25.10
CA LEU I 425 21.57 43.13 -24.17
C LEU I 425 20.24 42.45 -24.45
N PRO I 426 20.15 41.15 -24.18
CA PRO I 426 18.88 40.43 -24.38
C PRO I 426 17.91 40.72 -23.25
N ASP I 427 16.73 40.12 -23.34
CA ASP I 427 15.68 40.30 -22.35
C ASP I 427 15.69 39.22 -21.26
N ASP I 428 16.67 38.32 -21.30
CA ASP I 428 16.86 37.29 -20.28
C ASP I 428 18.31 37.31 -19.79
N PHE I 429 18.78 38.51 -19.46
CA PHE I 429 20.20 38.72 -19.17
C PHE I 429 20.67 37.87 -17.99
N THR I 430 19.92 37.90 -16.88
CA THR I 430 20.30 37.20 -15.65
C THR I 430 21.70 37.59 -15.18
N GLY I 431 22.04 38.87 -15.33
CA GLY I 431 23.27 39.43 -14.82
C GLY I 431 23.04 40.86 -14.38
N CYS I 432 24.09 41.64 -14.12
CA CYS I 432 23.86 43.02 -13.76
C CYS I 432 25.09 43.89 -14.02
N VAL I 433 24.90 45.19 -13.75
CA VAL I 433 25.57 46.28 -14.45
C VAL I 433 26.34 47.18 -13.48
N ILE I 434 26.99 46.59 -12.47
CA ILE I 434 27.75 47.35 -11.49
C ILE I 434 28.58 48.43 -12.18
N ALA I 435 28.42 49.67 -11.74
CA ALA I 435 29.06 50.81 -12.38
C ALA I 435 29.29 51.89 -11.34
N TRP I 436 30.24 52.78 -11.63
CA TRP I 436 30.59 53.84 -10.70
C TRP I 436 31.20 55.01 -11.46
N ASN I 437 31.56 56.04 -10.71
CA ASN I 437 32.01 57.33 -11.24
C ASN I 437 33.49 57.53 -10.93
N SER I 438 34.21 58.09 -11.89
CA SER I 438 35.63 58.37 -11.71
C SER I 438 36.00 59.58 -12.57
N ASN I 439 36.34 60.69 -11.91
CA ASN I 439 36.70 61.92 -12.62
C ASN I 439 38.05 62.48 -12.21
N ASN I 440 38.61 62.11 -11.06
CA ASN I 440 39.89 62.63 -10.64
C ASN I 440 41.07 61.84 -11.19
N LEU I 441 40.82 60.72 -11.87
CA LEU I 441 41.89 59.89 -12.41
C LEU I 441 41.75 59.64 -13.90
N ASP I 442 40.53 59.47 -14.41
CA ASP I 442 40.32 59.21 -15.83
C ASP I 442 40.32 60.48 -16.68
N SER I 443 40.46 61.65 -16.06
CA SER I 443 40.52 62.91 -16.77
C SER I 443 41.76 63.68 -16.36
N LYS I 444 42.30 64.46 -17.28
CA LYS I 444 43.50 65.25 -17.05
C LYS I 444 43.16 66.73 -17.20
N VAL I 445 44.20 67.57 -17.13
CA VAL I 445 44.01 69.01 -17.29
C VAL I 445 43.52 69.33 -18.70
N GLY I 446 44.11 68.69 -19.70
CA GLY I 446 43.75 68.91 -21.09
C GLY I 446 42.61 68.07 -21.62
N GLY I 447 42.00 67.25 -20.78
CA GLY I 447 40.90 66.39 -21.21
C GLY I 447 41.31 65.02 -21.71
N ASN I 448 42.27 64.97 -22.64
CA ASN I 448 42.80 63.73 -23.20
C ASN I 448 41.68 62.90 -23.83
N TYR I 449 41.12 63.46 -24.89
CA TYR I 449 39.97 62.86 -25.57
C TYR I 449 40.37 61.59 -26.30
N ASN I 450 40.64 60.51 -25.56
CA ASN I 450 41.11 59.26 -26.13
C ASN I 450 40.06 58.16 -26.08
N TYR I 451 38.80 58.51 -25.86
CA TYR I 451 37.70 57.54 -25.82
C TYR I 451 36.78 57.82 -26.99
N LEU I 452 36.55 56.81 -27.83
CA LEU I 452 35.79 56.97 -29.06
C LEU I 452 34.51 56.14 -29.03
N TYR I 453 33.64 56.40 -30.00
CA TYR I 453 32.39 55.67 -30.14
C TYR I 453 31.85 55.90 -31.55
N ARG I 454 30.95 55.01 -31.96
CA ARG I 454 30.31 55.08 -33.26
C ARG I 454 28.96 55.81 -33.16
N LEU I 455 28.54 56.40 -34.28
CA LEU I 455 27.31 57.17 -34.33
C LEU I 455 26.32 56.68 -35.36
N PHE I 456 26.78 56.28 -36.55
CA PHE I 456 25.90 55.88 -37.64
C PHE I 456 26.19 54.44 -38.04
N ARG I 457 25.13 53.67 -38.24
CA ARG I 457 25.23 52.27 -38.66
C ARG I 457 24.19 51.99 -39.73
N LYS I 458 24.49 51.02 -40.59
CA LYS I 458 23.56 50.64 -41.65
C LYS I 458 22.35 49.89 -41.13
N SER I 459 22.44 49.29 -39.94
CA SER I 459 21.33 48.54 -39.37
C SER I 459 21.52 48.44 -37.87
N ASN I 460 20.45 48.08 -37.18
CA ASN I 460 20.51 47.90 -35.74
C ASN I 460 21.37 46.69 -35.38
N LEU I 461 22.17 46.84 -34.33
CA LEU I 461 23.06 45.79 -33.90
C LEU I 461 22.38 44.87 -32.90
N LYS I 462 22.36 43.58 -33.19
CA LYS I 462 21.75 42.61 -32.29
C LYS I 462 22.62 42.38 -31.06
N PRO I 463 22.02 41.93 -29.96
CA PRO I 463 22.80 41.72 -28.73
C PRO I 463 23.85 40.63 -28.90
N PHE I 464 24.91 40.74 -28.09
CA PHE I 464 26.00 39.77 -28.06
C PHE I 464 26.70 39.66 -29.41
N GLU I 465 26.99 40.81 -30.00
CA GLU I 465 27.70 40.87 -31.27
C GLU I 465 28.25 42.28 -31.47
N ARG I 466 29.54 42.36 -31.78
CA ARG I 466 30.18 43.65 -32.04
C ARG I 466 31.39 43.42 -32.93
N ASP I 467 31.61 44.36 -33.86
CA ASP I 467 32.75 44.33 -34.76
C ASP I 467 33.76 45.39 -34.38
N ILE I 468 35.03 45.12 -34.68
CA ILE I 468 36.08 46.10 -34.41
C ILE I 468 35.86 47.37 -35.23
N SER I 469 35.53 47.21 -36.51
CA SER I 469 35.27 48.35 -37.37
C SER I 469 34.15 48.05 -38.35
N PHE I 490 34.88 59.59 -41.54
CA PHE I 490 35.18 59.03 -40.23
C PHE I 490 33.91 58.53 -39.54
N PRO I 491 33.82 57.22 -39.31
CA PRO I 491 32.67 56.65 -38.61
C PRO I 491 32.76 56.69 -37.10
N LEU I 492 33.87 57.19 -36.55
CA LEU I 492 34.08 57.22 -35.10
C LEU I 492 34.30 58.66 -34.66
N GLN I 493 33.89 58.96 -33.43
CA GLN I 493 34.08 60.28 -32.85
C GLN I 493 34.46 60.12 -31.37
N SER I 494 35.25 61.07 -30.87
CA SER I 494 35.77 61.01 -29.51
C SER I 494 34.75 61.56 -28.50
N TYR I 495 35.04 61.32 -27.23
CA TYR I 495 34.26 61.84 -26.12
C TYR I 495 35.02 62.97 -25.43
N GLY I 496 34.30 64.04 -25.11
CA GLY I 496 34.91 65.20 -24.48
C GLY I 496 35.38 64.97 -23.06
N PHE I 497 34.45 64.73 -22.14
CA PHE I 497 34.76 64.49 -20.73
C PHE I 497 35.57 65.65 -20.13
N GLN I 498 35.12 66.87 -20.37
CA GLN I 498 35.81 68.03 -19.82
C GLN I 498 35.72 68.00 -18.29
N PRO I 499 36.83 68.18 -17.57
CA PRO I 499 36.79 68.05 -16.12
C PRO I 499 36.26 69.29 -15.41
N THR I 500 35.17 69.86 -15.94
CA THR I 500 34.45 70.92 -15.25
C THR I 500 32.94 70.80 -15.36
N ASN I 501 32.41 70.07 -16.32
CA ASN I 501 30.97 69.97 -16.52
C ASN I 501 30.31 69.22 -15.38
N GLY I 502 29.01 69.47 -15.20
CA GLY I 502 28.24 68.82 -14.18
C GLY I 502 27.97 67.36 -14.49
N VAL I 503 27.36 66.68 -13.52
CA VAL I 503 27.05 65.27 -13.68
C VAL I 503 26.07 65.08 -14.84
N GLY I 504 26.21 63.95 -15.53
CA GLY I 504 25.49 63.68 -16.76
C GLY I 504 26.36 63.67 -17.99
N TYR I 505 27.60 64.15 -17.88
CA TYR I 505 28.56 64.09 -18.97
C TYR I 505 29.93 63.61 -18.53
N GLN I 506 30.19 63.52 -17.22
CA GLN I 506 31.48 63.07 -16.73
C GLN I 506 31.67 61.57 -17.00
N PRO I 507 32.92 61.11 -17.08
CA PRO I 507 33.16 59.69 -17.36
C PRO I 507 32.61 58.79 -16.27
N TYR I 508 32.05 57.65 -16.68
CA TYR I 508 31.50 56.66 -15.77
C TYR I 508 31.93 55.28 -16.26
N ARG I 509 32.46 54.47 -15.34
CA ARG I 509 32.93 53.14 -15.69
C ARG I 509 31.85 52.11 -15.37
N VAL I 510 31.66 51.17 -16.29
CA VAL I 510 30.60 50.17 -16.21
C VAL I 510 31.22 48.78 -16.34
N VAL I 511 30.89 47.89 -15.42
CA VAL I 511 31.30 46.48 -15.48
C VAL I 511 30.05 45.63 -15.55
N VAL I 512 29.99 44.74 -16.53
CA VAL I 512 28.81 43.93 -16.81
C VAL I 512 29.19 42.46 -16.69
N LEU I 513 28.42 41.71 -15.91
CA LEU I 513 28.70 40.31 -15.63
C LEU I 513 27.54 39.43 -16.05
N SER I 514 27.88 38.24 -16.55
CA SER I 514 26.88 37.26 -16.97
C SER I 514 27.32 35.87 -16.51
N PHE I 515 26.33 35.06 -16.12
CA PHE I 515 26.56 33.70 -15.66
C PHE I 515 25.96 32.73 -16.66
N GLU I 516 26.67 31.63 -16.93
CA GLU I 516 26.19 30.66 -17.89
C GLU I 516 26.35 29.25 -17.34
N LEU I 517 25.39 28.38 -17.67
CA LEU I 517 25.40 26.98 -17.24
C LEU I 517 25.19 26.09 -18.46
N LEU I 518 26.24 25.40 -18.89
CA LEU I 518 26.13 24.38 -19.92
C LEU I 518 26.22 23.01 -19.26
N HIS I 519 26.26 21.96 -20.07
CA HIS I 519 26.38 20.59 -19.56
C HIS I 519 27.82 20.39 -19.11
N ALA I 520 28.10 20.76 -17.86
CA ALA I 520 29.44 20.70 -17.31
C ALA I 520 29.33 20.63 -15.79
N PRO I 521 30.39 20.17 -15.11
CA PRO I 521 30.33 20.03 -13.65
C PRO I 521 30.13 21.32 -12.87
N ALA I 522 30.07 22.49 -13.52
CA ALA I 522 29.77 23.76 -12.87
C ALA I 522 30.76 24.06 -11.75
N THR I 523 32.01 24.29 -12.17
CA THR I 523 33.10 24.48 -11.21
C THR I 523 32.89 25.71 -10.34
N VAL I 524 32.43 26.82 -10.94
CA VAL I 524 32.37 28.09 -10.21
C VAL I 524 31.32 28.02 -9.12
N CYS I 525 31.70 28.39 -7.90
CA CYS I 525 30.81 28.36 -6.75
C CYS I 525 31.20 29.47 -5.79
N GLY I 526 30.29 29.77 -4.86
CA GLY I 526 30.50 30.82 -3.89
C GLY I 526 31.18 30.34 -2.62
N PRO I 527 31.58 31.28 -1.77
CA PRO I 527 32.29 30.91 -0.54
C PRO I 527 31.35 30.31 0.50
N LYS I 528 31.96 29.59 1.45
CA LYS I 528 31.23 28.96 2.55
C LYS I 528 31.93 29.31 3.85
N LYS I 529 31.16 29.79 4.83
CA LYS I 529 31.71 30.23 6.10
C LYS I 529 31.58 29.12 7.15
N SER I 530 32.22 29.34 8.30
CA SER I 530 32.33 28.33 9.35
C SER I 530 31.93 28.94 10.70
N THR I 531 32.14 28.18 11.77
CA THR I 531 31.73 28.58 13.11
C THR I 531 32.84 28.16 14.08
N ASN I 532 32.60 28.23 15.39
CA ASN I 532 33.65 28.09 16.39
C ASN I 532 33.81 26.68 16.94
N LEU I 533 32.97 25.73 16.54
CA LEU I 533 33.09 24.32 16.93
C LEU I 533 33.01 24.16 18.46
N VAL I 534 31.81 24.43 18.98
CA VAL I 534 31.51 24.16 20.39
C VAL I 534 31.47 22.65 20.57
N LYS I 535 31.50 22.20 21.83
CA LYS I 535 31.60 20.77 22.11
C LYS I 535 30.83 20.41 23.37
N ASN I 536 30.56 19.11 23.52
CA ASN I 536 30.02 18.50 24.73
C ASN I 536 28.57 18.90 25.02
N LYS I 537 27.82 19.36 24.01
CA LYS I 537 26.41 19.65 24.16
C LYS I 537 25.65 19.08 22.96
N CYS I 538 24.40 18.69 23.18
CA CYS I 538 23.56 18.20 22.10
C CYS I 538 23.22 19.37 21.18
N VAL I 539 23.95 19.47 20.07
CA VAL I 539 23.83 20.57 19.13
C VAL I 539 23.54 20.01 17.74
N ASN I 540 23.42 20.91 16.77
CA ASN I 540 23.24 20.55 15.37
C ASN I 540 24.54 20.84 14.62
N PHE I 541 24.96 19.91 13.78
CA PHE I 541 26.22 20.06 13.07
C PHE I 541 26.02 19.88 11.57
N ASN I 542 26.86 20.57 10.80
CA ASN I 542 26.92 20.45 9.34
C ASN I 542 28.39 20.31 8.96
N PHE I 543 28.86 19.06 8.94
CA PHE I 543 30.26 18.75 8.65
C PHE I 543 30.40 18.47 7.16
N ASN I 544 30.74 19.50 6.39
CA ASN I 544 31.08 19.42 4.98
C ASN I 544 29.99 18.76 4.13
N GLY I 545 28.77 18.63 4.66
CA GLY I 545 27.71 17.99 3.93
C GLY I 545 26.95 16.96 4.75
N LEU I 546 27.46 16.66 5.95
CA LEU I 546 26.84 15.73 6.86
C LEU I 546 26.03 16.51 7.89
N THR I 547 24.72 16.29 7.92
CA THR I 547 23.82 16.97 8.84
C THR I 547 23.37 16.00 9.92
N GLY I 548 23.09 16.54 11.10
CA GLY I 548 22.62 15.73 12.20
C GLY I 548 22.67 16.49 13.50
N THR I 549 22.17 15.81 14.54
CA THR I 549 22.11 16.34 15.89
C THR I 549 22.79 15.37 16.84
N GLY I 550 23.47 15.90 17.84
CA GLY I 550 24.07 15.05 18.85
C GLY I 550 25.18 15.75 19.60
N VAL I 551 25.98 14.93 20.29
CA VAL I 551 27.05 15.39 21.16
C VAL I 551 28.37 14.89 20.59
N LEU I 552 29.37 15.75 20.58
CA LEU I 552 30.69 15.44 20.04
C LEU I 552 31.70 15.29 21.17
N THR I 553 32.70 14.43 20.95
CA THR I 553 33.73 14.19 21.94
C THR I 553 34.95 13.61 21.22
N GLU I 554 36.07 13.58 21.94
CA GLU I 554 37.32 13.08 21.38
C GLU I 554 37.26 11.57 21.19
N SER I 555 38.27 11.03 20.51
CA SER I 555 38.28 9.63 20.12
C SER I 555 39.68 9.06 20.26
N ASN I 556 39.78 7.75 20.07
CA ASN I 556 41.04 7.04 19.96
C ASN I 556 41.19 6.33 18.61
N LYS I 557 40.21 6.48 17.73
CA LYS I 557 40.28 5.84 16.42
C LYS I 557 41.31 6.53 15.53
N LYS I 558 41.84 5.78 14.57
CA LYS I 558 42.84 6.27 13.64
C LYS I 558 42.35 6.05 12.22
N PHE I 559 42.29 7.13 11.45
CA PHE I 559 41.86 7.07 10.06
C PHE I 559 43.07 7.02 9.14
N LEU I 560 42.91 6.31 8.03
CA LEU I 560 43.87 6.43 6.94
C LEU I 560 43.75 7.84 6.34
N PRO I 561 44.87 8.43 5.90
CA PRO I 561 44.84 9.86 5.58
C PRO I 561 44.17 10.18 4.24
N PHE I 562 43.06 9.51 3.95
CA PHE I 562 42.13 9.95 2.92
C PHE I 562 40.67 9.77 3.30
N GLN I 563 40.36 9.12 4.42
CA GLN I 563 39.00 8.84 4.82
C GLN I 563 38.44 9.99 5.64
N GLN I 564 37.16 10.30 5.41
CA GLN I 564 36.52 11.47 6.03
C GLN I 564 35.68 11.10 7.25
N PHE I 565 34.81 10.11 7.14
CA PHE I 565 33.93 9.73 8.23
C PHE I 565 33.87 8.21 8.34
N GLY I 566 33.19 7.74 9.38
CA GLY I 566 33.05 6.32 9.63
C GLY I 566 31.59 5.93 9.76
N ARG I 567 31.36 4.62 9.68
CA ARG I 567 30.00 4.08 9.70
C ARG I 567 29.95 2.84 10.57
N ASP I 568 28.77 2.56 11.10
CA ASP I 568 28.54 1.44 12.00
C ASP I 568 28.03 0.22 11.21
N ILE I 569 27.58 -0.80 11.94
CA ILE I 569 27.08 -2.01 11.30
C ILE I 569 25.82 -1.71 10.50
N ALA I 570 24.91 -0.92 11.07
CA ALA I 570 23.65 -0.59 10.42
C ALA I 570 23.75 0.64 9.52
N ASP I 571 24.95 0.97 9.06
CA ASP I 571 25.16 2.08 8.13
C ASP I 571 24.71 3.41 8.71
N THR I 572 25.02 3.64 9.99
CA THR I 572 24.77 4.92 10.65
C THR I 572 26.11 5.57 10.98
N THR I 573 26.19 6.87 10.72
CA THR I 573 27.45 7.60 10.95
C THR I 573 27.79 7.61 12.43
N ASP I 574 29.07 7.37 12.72
CA ASP I 574 29.57 7.28 14.08
C ASP I 574 30.63 8.32 14.39
N ALA I 575 31.59 8.52 13.49
CA ALA I 575 32.68 9.45 13.70
C ALA I 575 32.86 10.35 12.48
N VAL I 576 33.49 11.49 12.70
CA VAL I 576 33.76 12.47 11.67
C VAL I 576 35.15 13.05 11.88
N ARG I 577 35.63 13.80 10.89
CA ARG I 577 36.93 14.44 10.94
C ARG I 577 36.77 15.92 10.65
N ASP I 578 37.37 16.77 11.47
CA ASP I 578 37.24 18.21 11.30
C ASP I 578 38.04 18.65 10.08
N PRO I 579 37.40 19.36 9.12
CA PRO I 579 38.14 19.77 7.92
C PRO I 579 39.32 20.68 8.19
N GLN I 580 39.27 21.51 9.23
CA GLN I 580 40.30 22.51 9.46
C GLN I 580 41.39 22.06 10.43
N THR I 581 41.07 21.19 11.39
CA THR I 581 42.06 20.72 12.36
C THR I 581 42.47 19.27 12.15
N LEU I 582 41.75 18.52 11.31
CA LEU I 582 42.09 17.13 10.98
C LEU I 582 42.15 16.25 12.23
N GLU I 583 41.12 16.37 13.06
CA GLU I 583 40.98 15.55 14.26
C GLU I 583 39.68 14.76 14.20
N ILE I 584 39.66 13.63 14.89
CA ILE I 584 38.55 12.69 14.84
C ILE I 584 37.62 12.96 16.02
N LEU I 585 36.32 13.04 15.73
CA LEU I 585 35.30 13.28 16.74
C LEU I 585 34.22 12.22 16.66
N ASP I 586 33.62 11.90 17.80
CA ASP I 586 32.49 10.98 17.87
C ASP I 586 31.17 11.72 17.79
N ILE I 587 30.10 10.94 17.60
CA ILE I 587 28.74 11.45 17.57
C ILE I 587 27.89 10.56 18.45
N THR I 588 27.28 11.14 19.49
CA THR I 588 26.44 10.39 20.41
C THR I 588 25.10 11.08 20.53
N PRO I 589 23.99 10.37 20.31
CA PRO I 589 22.68 11.02 20.41
C PRO I 589 22.40 11.51 21.83
N CYS I 590 21.73 12.66 21.91
CA CYS I 590 21.36 13.20 23.21
C CYS I 590 20.11 12.48 23.73
N SER I 591 19.84 12.66 25.02
CA SER I 591 18.96 11.77 25.76
C SER I 591 17.54 11.77 25.19
N PHE I 592 16.84 10.66 25.47
CA PHE I 592 15.48 10.41 25.00
C PHE I 592 14.93 9.24 25.80
N GLY I 593 13.62 9.25 26.01
CA GLY I 593 13.01 8.17 26.77
C GLY I 593 11.51 8.37 26.91
N GLY I 594 10.92 7.65 27.88
CA GLY I 594 9.51 7.71 28.14
C GLY I 594 9.23 8.06 29.59
N VAL I 595 7.98 8.48 29.83
CA VAL I 595 7.53 8.92 31.15
C VAL I 595 6.36 8.06 31.58
N SER I 596 6.41 7.56 32.81
CA SER I 596 5.33 6.77 33.37
C SER I 596 4.88 7.39 34.69
N VAL I 597 3.59 7.21 34.99
CA VAL I 597 2.97 7.77 36.19
C VAL I 597 2.47 6.63 37.05
N ILE I 598 2.86 6.65 38.33
CA ILE I 598 2.44 5.65 39.31
C ILE I 598 1.47 6.32 40.27
N THR I 599 0.26 5.78 40.37
CA THR I 599 -0.78 6.36 41.20
C THR I 599 -1.58 5.27 41.91
N PRO I 600 -2.03 5.53 43.13
CA PRO I 600 -3.04 4.65 43.74
C PRO I 600 -4.42 4.95 43.17
N GLY I 601 -5.47 4.40 43.78
CA GLY I 601 -6.81 4.69 43.32
C GLY I 601 -7.13 6.17 43.42
N THR I 602 -8.03 6.63 42.54
CA THR I 602 -8.34 8.06 42.48
C THR I 602 -9.12 8.55 43.69
N ASN I 603 -9.91 7.68 44.33
CA ASN I 603 -10.63 8.11 45.52
C ASN I 603 -9.75 8.12 46.76
N THR I 604 -8.68 7.32 46.78
CA THR I 604 -7.81 7.23 47.94
C THR I 604 -6.99 8.49 48.14
N SER I 605 -6.33 8.97 47.09
CA SER I 605 -5.47 10.13 47.19
C SER I 605 -5.26 10.72 45.81
N ASN I 606 -4.71 11.94 45.77
CA ASN I 606 -4.42 12.64 44.53
C ASN I 606 -2.93 12.79 44.28
N GLN I 607 -2.10 12.05 45.00
CA GLN I 607 -0.66 12.10 44.82
C GLN I 607 -0.21 11.08 43.78
N VAL I 608 0.90 11.39 43.12
CA VAL I 608 1.47 10.53 42.08
C VAL I 608 2.98 10.52 42.20
N ALA I 609 3.60 9.56 41.53
CA ALA I 609 5.05 9.49 41.37
C ALA I 609 5.37 9.37 39.89
N VAL I 610 6.53 9.86 39.49
CA VAL I 610 6.90 9.92 38.08
C VAL I 610 8.18 9.12 37.86
N LEU I 611 8.15 8.22 36.88
CA LEU I 611 9.30 7.42 36.50
C LEU I 611 9.77 7.85 35.12
N TYR I 612 11.04 8.25 35.02
CA TYR I 612 11.68 8.55 33.75
C TYR I 612 12.48 7.32 33.36
N GLN I 613 12.18 6.76 32.19
CA GLN I 613 12.75 5.47 31.82
C GLN I 613 14.16 5.62 31.25
N ASP I 614 15.05 4.72 31.70
CA ASP I 614 16.40 4.54 31.14
C ASP I 614 17.21 5.83 31.03
N VAL I 615 16.87 6.83 31.84
CA VAL I 615 17.55 8.12 31.80
C VAL I 615 18.24 8.34 33.13
N ASN I 616 19.57 8.47 33.09
CA ASN I 616 20.33 8.95 34.23
C ASN I 616 19.90 10.38 34.53
N CYS I 617 19.21 10.58 35.65
CA CYS I 617 18.56 11.86 35.91
C CYS I 617 19.40 12.77 36.79
N THR I 618 20.72 12.70 36.64
CA THR I 618 21.57 13.85 36.93
C THR I 618 21.46 14.91 35.84
N GLU I 619 20.77 14.59 34.74
CA GLU I 619 20.55 15.50 33.63
C GLU I 619 19.08 15.82 33.40
N VAL I 620 18.21 15.38 34.30
CA VAL I 620 16.78 15.70 34.16
C VAL I 620 16.58 17.20 34.39
N PRO I 621 15.75 17.88 33.59
CA PRO I 621 15.52 19.30 33.84
C PRO I 621 14.94 19.61 35.21
N VAL I 622 14.09 18.73 35.74
CA VAL I 622 13.49 18.94 37.05
C VAL I 622 14.53 18.79 38.15
N GLY I 639 9.18 18.14 42.21
CA GLY I 639 10.39 18.04 43.00
C GLY I 639 10.18 17.32 44.32
N SER I 640 10.70 16.11 44.42
CA SER I 640 10.58 15.30 45.63
C SER I 640 11.81 14.42 45.74
N ASN I 641 11.73 13.38 46.56
CA ASN I 641 12.83 12.44 46.70
C ASN I 641 13.17 11.81 45.36
N VAL I 642 14.47 11.77 45.04
CA VAL I 642 14.97 11.25 43.78
C VAL I 642 15.68 9.93 44.06
N PHE I 643 15.31 8.88 43.32
CA PHE I 643 15.89 7.56 43.54
C PHE I 643 16.16 6.88 42.22
N GLN I 644 17.38 6.38 42.04
CA GLN I 644 17.83 5.84 40.76
C GLN I 644 17.72 4.32 40.78
N THR I 645 17.04 3.76 39.77
CA THR I 645 16.80 2.33 39.66
C THR I 645 17.53 1.83 38.41
N ARG I 646 17.42 0.52 38.15
CA ARG I 646 17.94 -0.02 36.90
C ARG I 646 16.99 0.14 35.74
N ALA I 647 15.78 0.65 35.99
CA ALA I 647 14.79 0.89 34.95
C ALA I 647 14.60 2.37 34.66
N GLY I 648 15.47 3.23 35.18
CA GLY I 648 15.37 4.66 35.05
C GLY I 648 15.54 5.32 36.40
N CYS I 649 14.71 6.33 36.67
CA CYS I 649 14.72 6.91 38.00
C CYS I 649 13.35 7.45 38.37
N LEU I 650 13.11 7.52 39.67
CA LEU I 650 11.81 7.78 40.26
C LEU I 650 11.85 9.08 41.07
N ILE I 651 10.82 9.91 40.87
CA ILE I 651 10.65 11.16 41.62
C ILE I 651 9.29 11.11 42.29
N GLY I 652 9.27 11.27 43.61
CA GLY I 652 8.04 11.28 44.37
C GLY I 652 7.85 10.14 45.33
N ALA I 653 8.84 9.27 45.51
CA ALA I 653 8.71 8.11 46.38
C ALA I 653 9.91 7.99 47.29
N GLU I 654 9.70 7.41 48.47
CA GLU I 654 10.74 7.20 49.46
C GLU I 654 11.19 5.74 49.44
N HIS I 655 12.49 5.53 49.53
CA HIS I 655 13.08 4.19 49.46
C HIS I 655 13.10 3.60 50.87
N VAL I 656 12.11 2.76 51.16
CA VAL I 656 12.03 2.06 52.44
C VAL I 656 13.05 0.92 52.43
N ASN I 657 13.31 0.35 53.61
CA ASN I 657 14.36 -0.66 53.75
C ASN I 657 13.82 -2.06 54.01
N ASN I 658 12.51 -2.21 54.20
CA ASN I 658 11.92 -3.52 54.43
C ASN I 658 11.55 -4.15 53.08
N SER I 659 10.79 -5.25 53.11
CA SER I 659 10.38 -5.92 51.88
C SER I 659 9.03 -6.59 52.11
N TYR I 660 8.09 -6.35 51.19
CA TYR I 660 6.78 -6.96 51.25
C TYR I 660 6.44 -7.61 49.91
N GLU I 661 5.21 -8.07 49.75
CA GLU I 661 4.76 -8.58 48.47
C GLU I 661 4.61 -7.43 47.48
N CYS I 662 4.77 -7.74 46.20
CA CYS I 662 4.68 -6.73 45.16
C CYS I 662 3.25 -6.25 44.99
N ASP I 663 3.09 -4.93 44.87
CA ASP I 663 1.79 -4.31 44.64
C ASP I 663 1.71 -3.69 43.26
N ILE I 664 2.63 -2.80 42.92
CA ILE I 664 2.70 -2.20 41.58
C ILE I 664 4.08 -2.49 41.01
N PRO I 665 4.19 -3.35 39.99
CA PRO I 665 5.51 -3.65 39.42
C PRO I 665 6.11 -2.42 38.74
N ILE I 666 7.43 -2.30 38.84
CA ILE I 666 8.19 -1.23 38.21
C ILE I 666 9.27 -1.78 37.30
N GLY I 667 10.04 -2.75 37.78
CA GLY I 667 11.08 -3.38 36.99
C GLY I 667 12.28 -3.78 37.85
N ALA I 668 13.04 -4.75 37.35
CA ALA I 668 14.28 -5.21 37.98
C ALA I 668 14.08 -5.64 39.42
N GLY I 669 12.86 -6.06 39.77
CA GLY I 669 12.57 -6.49 41.11
C GLY I 669 12.20 -5.38 42.08
N ILE I 670 11.78 -4.22 41.59
CA ILE I 670 11.41 -3.08 42.43
C ILE I 670 9.90 -2.88 42.33
N CYS I 671 9.26 -2.74 43.49
CA CYS I 671 7.83 -2.50 43.56
C CYS I 671 7.55 -1.23 44.35
N ALA I 672 6.35 -0.70 44.21
CA ALA I 672 5.93 0.51 44.89
C ALA I 672 4.52 0.35 45.44
N SER I 673 4.23 1.05 46.53
CA SER I 673 2.93 0.92 47.17
C SER I 673 2.64 2.15 48.03
N TYR I 674 1.35 2.34 48.31
CA TYR I 674 0.87 3.44 49.15
C TYR I 674 0.80 2.94 50.58
N GLN I 675 1.57 3.55 51.47
CA GLN I 675 1.75 3.04 52.83
C GLN I 675 1.34 4.10 53.85
N THR I 676 1.03 3.63 55.06
CA THR I 676 0.58 4.48 56.16
C THR I 676 1.59 4.40 57.30
N GLN I 677 2.20 5.54 57.63
CA GLN I 677 3.11 5.63 58.77
C GLN I 677 3.42 7.09 59.09
N SER I 686 0.57 10.09 58.75
CA SER I 686 0.66 10.58 57.39
C SER I 686 0.79 9.41 56.40
N GLN I 687 0.45 9.67 55.14
CA GLN I 687 0.50 8.67 54.09
C GLN I 687 1.51 9.11 53.03
N SER I 688 2.09 8.11 52.34
CA SER I 688 3.08 8.40 51.32
C SER I 688 3.19 7.20 50.39
N ILE I 689 4.04 7.34 49.37
CA ILE I 689 4.32 6.29 48.40
C ILE I 689 5.74 5.81 48.64
N ILE I 690 5.92 4.50 48.77
CA ILE I 690 7.21 3.91 49.09
C ILE I 690 7.58 2.92 47.99
N ALA I 691 8.90 2.76 47.80
CA ALA I 691 9.45 1.81 46.84
C ALA I 691 10.40 0.88 47.57
N TYR I 692 10.36 -0.40 47.21
CA TYR I 692 11.12 -1.42 47.91
C TYR I 692 11.44 -2.54 46.92
N THR I 693 12.13 -3.57 47.43
CA THR I 693 12.46 -4.77 46.67
C THR I 693 11.54 -5.90 47.11
N MET I 694 10.89 -6.55 46.15
CA MET I 694 9.90 -7.57 46.45
C MET I 694 10.53 -8.80 47.10
N SER I 695 9.76 -9.44 47.96
CA SER I 695 10.16 -10.69 48.60
C SER I 695 9.42 -11.86 47.95
N LEU I 696 9.96 -13.06 48.16
CA LEU I 696 9.44 -14.25 47.52
C LEU I 696 8.62 -15.14 48.45
N GLY I 697 8.86 -15.09 49.76
CA GLY I 697 8.11 -15.93 50.67
C GLY I 697 8.78 -15.98 52.04
N ALA I 698 8.32 -16.92 52.84
CA ALA I 698 8.80 -17.13 54.20
C ALA I 698 9.54 -18.44 54.31
N GLU I 699 10.61 -18.45 55.10
CA GLU I 699 11.44 -19.65 55.22
C GLU I 699 10.68 -20.75 55.96
N ASN I 700 10.78 -21.97 55.44
CA ASN I 700 10.09 -23.13 56.01
C ASN I 700 11.03 -24.33 56.05
N SER I 701 12.22 -24.14 56.62
CA SER I 701 13.18 -25.23 56.75
C SER I 701 12.56 -26.43 57.46
N VAL I 702 12.71 -27.60 56.86
CA VAL I 702 12.09 -28.83 57.36
C VAL I 702 13.08 -29.57 58.23
N ALA I 703 12.57 -30.19 59.30
CA ALA I 703 13.40 -30.93 60.25
C ALA I 703 13.70 -32.31 59.65
N TYR I 704 14.73 -32.36 58.81
CA TYR I 704 15.12 -33.60 58.16
C TYR I 704 16.04 -34.43 59.05
N SER I 705 15.76 -35.72 59.11
CA SER I 705 16.63 -36.70 59.75
C SER I 705 16.50 -38.01 58.97
N ASN I 706 17.23 -39.03 59.40
CA ASN I 706 17.13 -40.35 58.78
C ASN I 706 16.31 -41.32 59.62
N ASN I 707 15.61 -40.84 60.64
CA ASN I 707 14.87 -41.72 61.54
C ASN I 707 13.49 -41.18 61.91
N SER I 708 13.06 -40.05 61.34
CA SER I 708 11.81 -39.41 61.71
C SER I 708 10.90 -39.29 60.51
N ILE I 709 9.61 -39.55 60.73
CA ILE I 709 8.59 -39.42 59.71
C ILE I 709 7.40 -38.68 60.31
N ALA I 710 6.64 -38.00 59.46
CA ALA I 710 5.47 -37.25 59.88
C ALA I 710 4.24 -37.77 59.14
N ILE I 711 3.18 -38.06 59.91
CA ILE I 711 1.96 -38.64 59.35
C ILE I 711 0.76 -37.82 59.78
N PRO I 712 -0.09 -37.39 58.86
CA PRO I 712 -1.25 -36.56 59.24
C PRO I 712 -2.29 -37.38 60.00
N THR I 713 -3.12 -36.65 60.76
CA THR I 713 -4.16 -37.27 61.58
C THR I 713 -5.56 -36.71 61.34
N ASN I 714 -5.74 -35.83 60.37
CA ASN I 714 -7.07 -35.28 60.08
C ASN I 714 -7.09 -34.80 58.65
N PHE I 715 -8.29 -34.47 58.16
CA PHE I 715 -8.43 -34.06 56.77
C PHE I 715 -9.45 -32.94 56.65
N THR I 716 -9.39 -32.24 55.51
CA THR I 716 -10.35 -31.22 55.13
C THR I 716 -10.77 -31.43 53.68
N ILE I 717 -11.97 -30.95 53.36
CA ILE I 717 -12.53 -31.02 52.02
C ILE I 717 -12.55 -29.61 51.45
N SER I 718 -11.99 -29.45 50.25
CA SER I 718 -11.81 -28.14 49.64
C SER I 718 -12.49 -28.10 48.28
N VAL I 719 -13.09 -26.95 47.97
CA VAL I 719 -13.74 -26.71 46.69
C VAL I 719 -13.17 -25.44 46.08
N THR I 720 -12.69 -25.53 44.84
CA THR I 720 -12.12 -24.40 44.11
C THR I 720 -12.83 -24.22 42.79
N THR I 721 -12.58 -23.10 42.12
CA THR I 721 -13.24 -22.76 40.88
C THR I 721 -12.22 -22.44 39.79
N GLU I 722 -12.64 -22.63 38.54
CA GLU I 722 -11.81 -22.34 37.38
C GLU I 722 -12.71 -21.86 36.24
N ILE I 723 -12.27 -20.84 35.52
CA ILE I 723 -13.09 -20.18 34.49
C ILE I 723 -12.36 -20.25 33.16
N LEU I 724 -13.09 -20.65 32.10
CA LEU I 724 -12.48 -20.77 30.78
C LEU I 724 -13.38 -20.23 29.68
N PRO I 725 -12.89 -19.32 28.83
CA PRO I 725 -13.68 -18.88 27.68
C PRO I 725 -13.72 -19.95 26.60
N VAL I 726 -14.81 -19.93 25.81
CA VAL I 726 -15.03 -21.00 24.84
C VAL I 726 -15.24 -20.44 23.43
N SER I 727 -15.77 -19.24 23.31
CA SER I 727 -16.13 -18.71 21.99
C SER I 727 -16.21 -17.19 22.06
N MET I 728 -16.43 -16.58 20.89
CA MET I 728 -16.57 -15.13 20.77
C MET I 728 -17.74 -14.84 19.82
N THR I 729 -17.86 -13.58 19.41
CA THR I 729 -19.00 -13.11 18.63
C THR I 729 -18.75 -13.25 17.13
N LYS I 730 -19.80 -13.62 16.41
CA LYS I 730 -19.74 -13.78 14.96
C LYS I 730 -20.20 -12.50 14.29
N THR I 731 -19.30 -11.86 13.54
CA THR I 731 -19.61 -10.62 12.83
C THR I 731 -19.27 -10.78 11.36
N SER I 732 -19.89 -9.94 10.52
CA SER I 732 -19.58 -9.93 9.10
C SER I 732 -19.63 -8.50 8.58
N VAL I 733 -18.75 -8.20 7.64
CA VAL I 733 -18.61 -6.88 7.05
C VAL I 733 -18.66 -7.02 5.53
N ASP I 734 -19.38 -6.12 4.87
CA ASP I 734 -19.47 -6.12 3.41
C ASP I 734 -18.39 -5.20 2.84
N CYS I 735 -17.51 -5.77 2.02
CA CYS I 735 -16.38 -5.00 1.51
C CYS I 735 -16.81 -3.88 0.58
N THR I 736 -17.66 -4.19 -0.41
CA THR I 736 -18.07 -3.20 -1.39
C THR I 736 -18.83 -2.05 -0.76
N MET I 737 -19.77 -2.35 0.14
CA MET I 737 -20.54 -1.29 0.77
C MET I 737 -19.69 -0.49 1.76
N TYR I 738 -18.73 -1.14 2.43
CA TYR I 738 -17.85 -0.40 3.33
C TYR I 738 -16.96 0.57 2.57
N ILE I 739 -16.42 0.16 1.43
CA ILE I 739 -15.49 1.01 0.70
C ILE I 739 -16.23 2.08 -0.09
N CYS I 740 -17.08 1.66 -1.03
CA CYS I 740 -17.82 2.58 -1.89
C CYS I 740 -19.31 2.48 -1.54
N GLY I 741 -19.79 3.40 -0.72
CA GLY I 741 -21.19 3.43 -0.36
C GLY I 741 -22.09 3.84 -1.51
N ASP I 742 -22.87 2.88 -2.01
CA ASP I 742 -23.88 3.03 -3.06
C ASP I 742 -23.52 4.06 -4.13
N SER I 743 -22.28 4.01 -4.61
CA SER I 743 -21.81 4.87 -5.68
C SER I 743 -21.35 4.01 -6.84
N THR I 744 -21.91 4.26 -8.03
CA THR I 744 -21.61 3.41 -9.18
C THR I 744 -20.22 3.70 -9.73
N GLU I 745 -19.83 4.98 -9.77
CA GLU I 745 -18.50 5.33 -10.27
C GLU I 745 -17.38 4.89 -9.34
N CYS I 746 -17.64 4.78 -8.03
CA CYS I 746 -16.66 4.19 -7.13
C CYS I 746 -16.59 2.68 -7.29
N SER I 747 -17.75 2.04 -7.46
CA SER I 747 -17.80 0.59 -7.64
C SER I 747 -17.20 0.15 -8.97
N ASN I 748 -17.22 1.00 -10.00
CA ASN I 748 -16.58 0.68 -11.26
C ASN I 748 -15.06 0.80 -11.19
N LEU I 749 -14.55 1.74 -10.40
CA LEU I 749 -13.12 1.82 -10.17
C LEU I 749 -12.62 0.73 -9.24
N LEU I 750 -13.45 0.27 -8.30
CA LEU I 750 -13.06 -0.82 -7.42
C LEU I 750 -12.92 -2.14 -8.14
N LEU I 751 -13.50 -2.28 -9.34
CA LEU I 751 -13.48 -3.54 -10.07
C LEU I 751 -12.11 -3.85 -10.69
N GLN I 752 -11.20 -2.88 -10.73
CA GLN I 752 -9.90 -3.10 -11.36
C GLN I 752 -8.88 -3.74 -10.44
N TYR I 753 -9.20 -3.94 -9.17
CA TYR I 753 -8.25 -4.49 -8.20
C TYR I 753 -8.34 -6.00 -8.06
N GLY I 754 -9.23 -6.66 -8.77
CA GLY I 754 -9.29 -8.11 -8.76
C GLY I 754 -10.32 -8.64 -7.78
N SER I 755 -9.91 -9.60 -6.96
CA SER I 755 -10.80 -10.32 -6.04
C SER I 755 -10.34 -10.17 -4.60
N PHE I 756 -10.04 -8.94 -4.18
CA PHE I 756 -9.53 -8.71 -2.83
C PHE I 756 -10.63 -8.89 -1.78
N CYS I 757 -11.87 -8.55 -2.13
CA CYS I 757 -12.95 -8.57 -1.14
C CYS I 757 -13.46 -9.98 -0.85
N THR I 758 -13.46 -10.84 -1.88
CA THR I 758 -13.95 -12.21 -1.71
C THR I 758 -13.13 -12.99 -0.70
N GLN I 759 -11.80 -12.80 -0.70
CA GLN I 759 -10.95 -13.48 0.28
C GLN I 759 -11.30 -13.06 1.70
N LEU I 760 -11.52 -11.76 1.92
CA LEU I 760 -11.91 -11.28 3.24
C LEU I 760 -13.23 -11.88 3.68
N ASN I 761 -14.22 -11.90 2.77
CA ASN I 761 -15.51 -12.48 3.09
C ASN I 761 -15.37 -13.97 3.44
N ARG I 762 -14.55 -14.70 2.69
CA ARG I 762 -14.32 -16.12 2.96
C ARG I 762 -13.68 -16.34 4.32
N ALA I 763 -12.66 -15.53 4.66
CA ALA I 763 -12.01 -15.69 5.96
C ALA I 763 -12.98 -15.43 7.11
N LEU I 764 -13.77 -14.36 7.01
CA LEU I 764 -14.74 -14.08 8.07
C LEU I 764 -15.80 -15.18 8.17
N THR I 765 -16.26 -15.70 7.05
CA THR I 765 -17.21 -16.81 7.07
C THR I 765 -16.61 -18.04 7.75
N GLY I 766 -15.34 -18.34 7.45
CA GLY I 766 -14.69 -19.46 8.10
C GLY I 766 -14.59 -19.30 9.61
N ILE I 767 -14.23 -18.10 10.08
CA ILE I 767 -14.19 -17.84 11.51
C ILE I 767 -15.57 -18.06 12.14
N ALA I 768 -16.60 -17.50 11.50
CA ALA I 768 -17.95 -17.64 12.04
C ALA I 768 -18.37 -19.09 12.10
N VAL I 769 -18.00 -19.89 11.10
CA VAL I 769 -18.32 -21.31 11.12
C VAL I 769 -17.59 -22.04 12.25
N GLU I 770 -16.32 -21.71 12.47
CA GLU I 770 -15.54 -22.38 13.52
C GLU I 770 -16.11 -22.09 14.90
N GLN I 771 -16.69 -20.90 15.08
CA GLN I 771 -17.19 -20.52 16.40
C GLN I 771 -18.31 -21.43 16.92
N ASP I 772 -18.99 -22.18 16.05
CA ASP I 772 -20.03 -23.08 16.52
C ASP I 772 -19.50 -24.47 16.87
N LYS I 773 -18.56 -24.98 16.07
CA LYS I 773 -17.87 -26.21 16.42
C LYS I 773 -17.17 -26.07 17.76
N ASN I 774 -16.68 -24.87 18.07
CA ASN I 774 -16.04 -24.66 19.37
C ASN I 774 -16.97 -25.02 20.53
N THR I 775 -18.22 -24.58 20.47
CA THR I 775 -19.17 -24.91 21.54
C THR I 775 -19.65 -26.35 21.46
N GLN I 776 -19.86 -26.86 20.24
CA GLN I 776 -20.37 -28.22 20.09
C GLN I 776 -19.39 -29.25 20.63
N GLU I 777 -18.08 -29.06 20.40
CA GLU I 777 -17.11 -30.03 20.90
C GLU I 777 -16.99 -30.02 22.42
N VAL I 778 -17.41 -28.95 23.08
CA VAL I 778 -17.30 -28.87 24.54
C VAL I 778 -18.56 -29.38 25.23
N PHE I 779 -19.74 -28.87 24.84
CA PHE I 779 -20.91 -29.17 25.66
C PHE I 779 -21.63 -30.46 25.26
N ALA I 780 -21.66 -30.80 23.97
CA ALA I 780 -22.40 -31.96 23.50
C ALA I 780 -21.54 -33.22 23.62
N GLN I 781 -21.50 -33.76 24.84
CA GLN I 781 -20.75 -34.98 25.13
C GLN I 781 -21.65 -36.14 25.53
N VAL I 782 -22.96 -35.94 25.62
CA VAL I 782 -23.91 -37.00 25.94
C VAL I 782 -25.07 -36.92 24.97
N LYS I 783 -25.51 -38.07 24.49
CA LYS I 783 -26.63 -38.16 23.56
C LYS I 783 -27.94 -38.55 24.25
N GLN I 784 -27.97 -38.49 25.58
CA GLN I 784 -29.16 -38.83 26.35
C GLN I 784 -29.36 -37.77 27.42
N ILE I 785 -30.60 -37.64 27.88
CA ILE I 785 -30.98 -36.65 28.89
C ILE I 785 -31.35 -37.40 30.16
N TYR I 786 -30.68 -37.06 31.27
CA TYR I 786 -30.90 -37.71 32.55
C TYR I 786 -31.61 -36.77 33.50
N LYS I 787 -32.33 -37.35 34.46
CA LYS I 787 -33.06 -36.60 35.47
C LYS I 787 -32.76 -37.15 36.86
N THR I 788 -32.84 -36.27 37.86
CA THR I 788 -32.69 -36.64 39.25
C THR I 788 -34.02 -37.14 39.81
N PRO I 789 -34.00 -37.97 40.84
CA PRO I 789 -35.25 -38.45 41.43
C PRO I 789 -36.02 -37.31 42.08
N PRO I 790 -37.35 -37.42 42.17
CA PRO I 790 -38.13 -36.34 42.79
C PRO I 790 -37.75 -36.06 44.24
N ILE I 791 -37.33 -37.07 45.00
CA ILE I 791 -36.93 -36.91 46.38
C ILE I 791 -35.41 -36.88 46.46
N LYS I 792 -34.87 -35.93 47.21
CA LYS I 792 -33.43 -35.71 47.32
C LYS I 792 -32.95 -36.25 48.67
N ASP I 793 -32.59 -37.54 48.68
CA ASP I 793 -32.04 -38.20 49.87
C ASP I 793 -30.72 -38.85 49.46
N PHE I 794 -29.63 -38.08 49.55
CA PHE I 794 -28.31 -38.53 49.13
C PHE I 794 -27.39 -38.80 50.31
N GLY I 795 -27.96 -39.20 51.44
CA GLY I 795 -27.16 -39.57 52.60
C GLY I 795 -26.66 -38.44 53.46
N GLY I 796 -27.02 -37.20 53.14
CA GLY I 796 -26.59 -36.07 53.95
C GLY I 796 -26.00 -34.94 53.15
N PHE I 797 -25.81 -35.15 51.85
CA PHE I 797 -25.25 -34.13 50.97
C PHE I 797 -26.37 -33.29 50.38
N ASN I 798 -26.08 -31.99 50.20
CA ASN I 798 -27.08 -30.99 49.82
C ASN I 798 -26.59 -30.32 48.55
N PHE I 799 -27.14 -30.74 47.40
CA PHE I 799 -26.76 -30.21 46.10
C PHE I 799 -27.71 -29.13 45.60
N SER I 800 -28.41 -28.46 46.51
CA SER I 800 -29.43 -27.48 46.11
C SER I 800 -28.83 -26.27 45.41
N GLN I 801 -27.57 -25.96 45.65
CA GLN I 801 -26.98 -24.75 45.10
C GLN I 801 -26.50 -24.92 43.66
N ILE I 802 -26.49 -26.14 43.13
CA ILE I 802 -26.04 -26.38 41.76
C ILE I 802 -27.11 -26.99 40.88
N LEU I 803 -28.20 -27.53 41.45
CA LEU I 803 -29.29 -28.06 40.65
C LEU I 803 -30.28 -26.97 40.29
N PRO I 804 -30.99 -27.10 39.16
CA PRO I 804 -31.96 -26.08 38.78
C PRO I 804 -33.16 -26.07 39.71
N ASP I 805 -33.79 -24.90 39.82
CA ASP I 805 -35.00 -24.73 40.61
C ASP I 805 -36.18 -24.46 39.70
N PRO I 806 -37.27 -25.23 39.82
CA PRO I 806 -38.41 -25.04 38.92
C PRO I 806 -39.12 -23.71 39.07
N SER I 807 -38.93 -23.00 40.20
CA SER I 807 -39.64 -21.76 40.42
C SER I 807 -39.25 -20.70 39.39
N LYS I 808 -37.97 -20.57 39.08
CA LYS I 808 -37.52 -19.55 38.16
C LYS I 808 -37.97 -19.87 36.74
N PRO I 809 -38.44 -18.88 35.98
CA PRO I 809 -38.84 -19.14 34.59
C PRO I 809 -37.72 -19.64 33.71
N SER I 810 -36.48 -19.20 33.94
CA SER I 810 -35.37 -19.55 33.08
C SER I 810 -34.76 -20.92 33.39
N LYS I 811 -35.12 -21.53 34.52
CA LYS I 811 -34.64 -22.85 34.91
C LYS I 811 -33.11 -22.88 34.98
N ARG I 812 -32.57 -22.06 35.87
CA ARG I 812 -31.13 -21.98 36.09
C ARG I 812 -30.83 -22.13 37.57
N SER I 813 -29.67 -22.69 37.87
CA SER I 813 -29.25 -22.90 39.25
C SER I 813 -28.95 -21.55 39.91
N PRO I 814 -29.02 -21.49 41.24
CA PRO I 814 -28.72 -20.23 41.93
C PRO I 814 -27.33 -19.69 41.64
N ILE I 815 -26.34 -20.57 41.45
CA ILE I 815 -24.98 -20.12 41.17
C ILE I 815 -24.90 -19.51 39.77
N GLU I 816 -25.56 -20.14 38.79
CA GLU I 816 -25.55 -19.64 37.43
C GLU I 816 -26.20 -18.25 37.33
N ASP I 817 -27.19 -17.96 38.18
CA ASP I 817 -27.80 -16.64 38.19
C ASP I 817 -26.77 -15.56 38.54
N LEU I 818 -25.91 -15.83 39.52
CA LEU I 818 -24.88 -14.87 39.88
C LEU I 818 -23.93 -14.61 38.71
N LEU I 819 -23.54 -15.66 38.00
CA LEU I 819 -22.63 -15.50 36.86
C LEU I 819 -23.29 -14.75 35.72
N PHE I 820 -24.58 -14.98 35.47
CA PHE I 820 -25.22 -14.34 34.33
C PHE I 820 -25.48 -12.86 34.57
N ASN I 821 -25.89 -12.48 35.78
CA ASN I 821 -26.03 -11.06 36.08
C ASN I 821 -24.76 -10.50 36.72
N LYS I 822 -23.62 -10.82 36.11
CA LYS I 822 -22.34 -10.23 36.51
C LYS I 822 -21.47 -9.82 35.33
N VAL I 823 -21.67 -10.38 34.14
CA VAL I 823 -20.89 -10.03 32.96
C VAL I 823 -21.79 -9.20 32.06
N THR I 824 -21.44 -7.93 31.89
CA THR I 824 -22.25 -7.02 31.10
C THR I 824 -21.41 -6.28 30.07
N PHE I 852 -25.43 0.80 9.08
CA PHE I 852 -24.24 0.88 9.92
C PHE I 852 -23.00 0.48 9.14
N ASN I 853 -22.91 0.95 7.89
CA ASN I 853 -21.78 0.72 6.99
C ASN I 853 -21.62 -0.75 6.63
N GLY I 854 -22.66 -1.57 6.80
CA GLY I 854 -22.62 -2.95 6.34
C GLY I 854 -22.13 -3.96 7.35
N LEU I 855 -22.06 -3.61 8.64
CA LEU I 855 -21.64 -4.53 9.68
C LEU I 855 -22.87 -5.22 10.26
N THR I 856 -22.81 -6.54 10.38
CA THR I 856 -23.91 -7.29 10.97
C THR I 856 -23.37 -8.35 11.90
N VAL I 857 -24.22 -8.79 12.84
CA VAL I 857 -23.89 -9.79 13.84
C VAL I 857 -24.89 -10.92 13.73
N LEU I 858 -24.39 -12.17 13.63
CA LEU I 858 -25.22 -13.35 13.46
C LEU I 858 -25.48 -14.02 14.81
N PRO I 859 -26.63 -14.69 14.96
CA PRO I 859 -26.94 -15.34 16.24
C PRO I 859 -26.38 -16.75 16.30
N PRO I 860 -25.99 -17.21 17.49
CA PRO I 860 -25.49 -18.58 17.61
C PRO I 860 -26.58 -19.61 17.41
N LEU I 861 -26.15 -20.82 17.02
CA LEU I 861 -27.11 -21.88 16.72
C LEU I 861 -27.72 -22.45 17.99
N LEU I 862 -26.95 -22.55 19.07
CA LEU I 862 -27.42 -23.10 20.34
C LEU I 862 -27.80 -21.95 21.26
N THR I 863 -29.07 -21.92 21.66
CA THR I 863 -29.55 -20.87 22.56
C THR I 863 -29.06 -21.13 23.98
N ASP I 864 -29.18 -20.10 24.83
CA ASP I 864 -28.72 -20.21 26.20
C ASP I 864 -29.56 -21.17 27.04
N GLU I 865 -30.73 -21.57 26.55
CA GLU I 865 -31.59 -22.48 27.28
C GLU I 865 -31.34 -23.95 26.93
N MET I 866 -30.47 -24.23 25.95
CA MET I 866 -30.09 -25.60 25.63
C MET I 866 -28.77 -25.98 26.28
N ILE I 867 -27.84 -25.04 26.40
CA ILE I 867 -26.60 -25.28 27.12
C ILE I 867 -26.88 -25.63 28.57
N ALA I 868 -27.85 -24.96 29.18
CA ALA I 868 -28.27 -25.29 30.54
C ALA I 868 -28.86 -26.69 30.63
N GLN I 869 -29.63 -27.12 29.63
CA GLN I 869 -30.13 -28.48 29.61
C GLN I 869 -28.99 -29.49 29.53
N TYR I 870 -27.99 -29.22 28.69
CA TYR I 870 -26.83 -30.11 28.59
C TYR I 870 -26.09 -30.19 29.93
N THR I 871 -25.85 -29.04 30.56
CA THR I 871 -25.14 -29.02 31.84
C THR I 871 -25.94 -29.76 32.92
N SER I 872 -27.26 -29.56 32.96
CA SER I 872 -28.10 -30.27 33.90
C SER I 872 -28.10 -31.77 33.65
N ALA I 873 -28.10 -32.20 32.39
CA ALA I 873 -27.98 -33.62 32.09
C ALA I 873 -26.68 -34.20 32.61
N LEU I 874 -25.56 -33.51 32.40
CA LEU I 874 -24.29 -33.98 32.95
C LEU I 874 -24.32 -34.06 34.47
N LEU I 875 -24.83 -33.02 35.13
CA LEU I 875 -24.88 -33.00 36.59
C LEU I 875 -25.76 -34.12 37.13
N ALA I 876 -26.91 -34.36 36.50
CA ALA I 876 -27.80 -35.42 36.95
C ALA I 876 -27.28 -36.81 36.64
N GLY I 877 -26.48 -36.96 35.59
CA GLY I 877 -25.87 -38.24 35.31
C GLY I 877 -24.73 -38.56 36.25
N THR I 878 -24.00 -37.53 36.69
CA THR I 878 -22.88 -37.75 37.60
C THR I 878 -23.35 -38.29 38.95
N ILE I 879 -24.43 -37.72 39.50
CA ILE I 879 -24.83 -38.05 40.87
C ILE I 879 -25.38 -39.48 40.96
N THR I 880 -26.22 -39.87 40.01
CA THR I 880 -26.94 -41.13 40.13
C THR I 880 -26.13 -42.34 39.71
N SER I 881 -25.14 -42.18 38.83
CA SER I 881 -24.39 -43.30 38.30
C SER I 881 -22.91 -43.26 38.67
N GLY I 882 -22.25 -42.13 38.50
CA GLY I 882 -20.83 -42.04 38.78
C GLY I 882 -20.02 -41.82 37.52
N TRP I 883 -19.03 -42.67 37.28
CA TRP I 883 -18.25 -42.63 36.05
C TRP I 883 -18.67 -43.72 35.06
N THR I 884 -19.75 -44.45 35.36
CA THR I 884 -20.17 -45.56 34.51
C THR I 884 -20.98 -45.10 33.30
N PHE I 885 -21.47 -43.86 33.29
CA PHE I 885 -22.28 -43.38 32.19
C PHE I 885 -21.46 -42.76 31.07
N GLY I 886 -20.15 -42.67 31.22
CA GLY I 886 -19.26 -42.17 30.20
C GLY I 886 -18.53 -43.23 29.42
N ALA I 887 -18.73 -44.51 29.73
CA ALA I 887 -18.07 -45.60 29.03
C ALA I 887 -19.03 -46.75 28.75
N GLY I 888 -20.30 -46.45 28.56
CA GLY I 888 -21.30 -47.46 28.27
C GLY I 888 -22.64 -47.12 28.88
N PRO I 889 -23.44 -48.14 29.18
CA PRO I 889 -24.73 -47.90 29.83
C PRO I 889 -24.57 -47.39 31.25
N ALA I 890 -25.56 -46.65 31.71
CA ALA I 890 -25.52 -46.05 33.04
C ALA I 890 -25.98 -47.06 34.08
N LEU I 891 -25.20 -47.20 35.15
CA LEU I 891 -25.50 -48.11 36.25
C LEU I 891 -25.62 -47.31 37.54
N GLN I 892 -26.67 -47.58 38.31
CA GLN I 892 -26.94 -46.80 39.51
C GLN I 892 -26.19 -47.37 40.72
N ILE I 893 -25.87 -46.49 41.66
CA ILE I 893 -25.13 -46.84 42.87
C ILE I 893 -25.37 -45.75 43.91
N PRO I 894 -25.56 -46.11 45.18
CA PRO I 894 -25.74 -45.08 46.22
C PRO I 894 -24.54 -44.15 46.31
N PHE I 895 -24.82 -42.88 46.60
CA PHE I 895 -23.77 -41.86 46.68
C PHE I 895 -22.75 -42.13 47.77
N PRO I 896 -23.14 -42.46 49.02
CA PRO I 896 -22.11 -42.79 50.02
C PRO I 896 -21.25 -43.97 49.63
N MET I 897 -21.78 -44.91 48.85
CA MET I 897 -20.98 -46.03 48.39
C MET I 897 -20.01 -45.61 47.29
N GLN I 898 -20.39 -44.60 46.49
CA GLN I 898 -19.50 -44.10 45.45
C GLN I 898 -18.38 -43.25 46.04
N MET I 899 -18.69 -42.54 47.14
CA MET I 899 -17.64 -41.76 47.79
C MET I 899 -16.55 -42.65 48.36
N ALA I 900 -16.90 -43.85 48.84
CA ALA I 900 -15.88 -44.80 49.27
C ALA I 900 -15.03 -45.27 48.09
N TYR I 901 -15.67 -45.51 46.93
CA TYR I 901 -14.91 -45.86 45.73
C TYR I 901 -13.90 -44.78 45.38
N ARG I 902 -14.32 -43.52 45.44
CA ARG I 902 -13.40 -42.42 45.14
C ARG I 902 -12.35 -42.22 46.22
N PHE I 903 -12.65 -42.58 47.48
CA PHE I 903 -11.63 -42.57 48.52
C PHE I 903 -10.57 -43.63 48.30
N ASN I 904 -10.96 -44.81 47.80
CA ASN I 904 -9.99 -45.87 47.53
C ASN I 904 -9.01 -45.48 46.43
N GLY I 905 -9.41 -44.54 45.55
CA GLY I 905 -8.56 -44.18 44.43
C GLY I 905 -7.42 -43.24 44.73
N ILE I 906 -7.32 -42.75 45.96
CA ILE I 906 -6.25 -41.85 46.37
C ILE I 906 -5.33 -42.46 47.42
N GLY I 907 -5.63 -43.67 47.89
CA GLY I 907 -4.77 -44.36 48.83
C GLY I 907 -5.31 -44.51 50.24
N VAL I 908 -6.54 -44.07 50.51
CA VAL I 908 -7.14 -44.15 51.82
C VAL I 908 -8.18 -45.26 51.83
N THR I 909 -8.17 -46.07 52.88
CA THR I 909 -9.11 -47.18 52.99
C THR I 909 -10.54 -46.67 53.09
N GLN I 910 -11.48 -47.54 52.71
CA GLN I 910 -12.89 -47.14 52.62
C GLN I 910 -13.61 -47.18 53.95
N ASN I 911 -13.01 -47.73 55.00
CA ASN I 911 -13.64 -47.69 56.32
C ASN I 911 -13.46 -46.35 57.01
N VAL I 912 -12.62 -45.46 56.45
CA VAL I 912 -12.46 -44.13 57.02
C VAL I 912 -13.72 -43.29 56.79
N LEU I 913 -14.31 -43.40 55.60
CA LEU I 913 -15.48 -42.58 55.28
C LEU I 913 -16.71 -43.02 56.05
N TYR I 914 -16.94 -44.33 56.17
CA TYR I 914 -18.14 -44.83 56.81
C TYR I 914 -18.20 -44.47 58.29
N GLU I 915 -17.07 -44.18 58.91
CA GLU I 915 -17.03 -43.79 60.32
C GLU I 915 -16.89 -42.29 60.52
N ASN I 916 -16.87 -41.52 59.44
CA ASN I 916 -16.84 -40.05 59.52
C ASN I 916 -17.79 -39.43 58.50
N GLN I 917 -18.95 -40.04 58.29
CA GLN I 917 -19.84 -39.60 57.22
C GLN I 917 -20.44 -38.23 57.50
N LYS I 918 -20.95 -38.01 58.71
CA LYS I 918 -21.62 -36.75 59.03
C LYS I 918 -20.65 -35.57 58.97
N LEU I 919 -19.44 -35.74 59.50
CA LEU I 919 -18.46 -34.67 59.46
C LEU I 919 -18.07 -34.32 58.02
N ILE I 920 -17.89 -35.33 57.17
CA ILE I 920 -17.54 -35.07 55.78
C ILE I 920 -18.68 -34.36 55.06
N ALA I 921 -19.93 -34.78 55.31
CA ALA I 921 -21.06 -34.10 54.69
C ALA I 921 -21.16 -32.65 55.14
N ASN I 922 -20.96 -32.39 56.43
CA ASN I 922 -21.00 -31.02 56.93
C ASN I 922 -19.90 -30.17 56.31
N GLN I 923 -18.69 -30.73 56.22
CA GLN I 923 -17.59 -29.99 55.58
C GLN I 923 -17.89 -29.69 54.13
N PHE I 924 -18.44 -30.67 53.40
CA PHE I 924 -18.77 -30.43 51.99
C PHE I 924 -19.82 -29.33 51.83
N ASN I 925 -20.87 -29.37 52.66
CA ASN I 925 -21.91 -28.35 52.57
C ASN I 925 -21.36 -26.97 52.92
N SER I 926 -20.56 -26.89 53.99
CA SER I 926 -19.98 -25.60 54.37
C SER I 926 -19.05 -25.07 53.27
N ALA I 927 -18.25 -25.95 52.66
CA ALA I 927 -17.33 -25.52 51.62
C ALA I 927 -18.05 -25.06 50.37
N ILE I 928 -19.13 -25.75 49.98
CA ILE I 928 -19.86 -25.33 48.79
C ILE I 928 -20.71 -24.10 49.06
N GLY I 929 -21.04 -23.83 50.33
CA GLY I 929 -21.81 -22.65 50.65
C GLY I 929 -21.05 -21.33 50.61
N LYS I 930 -19.73 -21.37 50.49
CA LYS I 930 -18.93 -20.16 50.47
C LYS I 930 -18.53 -19.72 49.06
N ILE I 931 -18.91 -20.47 48.03
CA ILE I 931 -18.54 -20.10 46.67
C ILE I 931 -19.31 -18.86 46.22
N GLN I 932 -20.60 -18.79 46.57
CA GLN I 932 -21.43 -17.66 46.17
C GLN I 932 -20.90 -16.36 46.76
N ASP I 933 -20.50 -16.37 48.03
CA ASP I 933 -19.96 -15.17 48.64
C ASP I 933 -18.68 -14.72 47.95
N SER I 934 -17.79 -15.67 47.64
CA SER I 934 -16.53 -15.33 46.98
C SER I 934 -16.77 -14.75 45.59
N LEU I 935 -17.76 -15.29 44.87
CA LEU I 935 -18.04 -14.77 43.53
C LEU I 935 -18.73 -13.41 43.59
N SER I 936 -19.70 -13.25 44.48
CA SER I 936 -20.48 -12.01 44.50
C SER I 936 -19.70 -10.85 45.09
N SER I 937 -18.97 -11.08 46.19
CA SER I 937 -18.29 -9.99 46.86
C SER I 937 -17.18 -9.40 45.99
N THR I 938 -16.36 -10.25 45.38
CA THR I 938 -15.31 -9.78 44.50
C THR I 938 -15.88 -9.51 43.11
N PRO I 939 -15.79 -8.28 42.61
CA PRO I 939 -16.39 -7.97 41.31
C PRO I 939 -15.52 -8.42 40.14
N SER I 940 -14.20 -8.45 40.33
CA SER I 940 -13.26 -8.80 39.27
C SER I 940 -13.01 -10.30 39.16
N ALA I 941 -13.91 -11.13 39.69
CA ALA I 941 -13.72 -12.57 39.61
C ALA I 941 -13.76 -13.06 38.17
N LEU I 942 -14.71 -12.57 37.38
CA LEU I 942 -14.85 -12.99 35.99
C LEU I 942 -14.12 -12.02 35.06
N GLY I 943 -12.81 -11.89 35.30
CA GLY I 943 -12.00 -11.01 34.47
C GLY I 943 -11.56 -11.61 33.16
N LYS I 944 -11.53 -12.94 33.06
CA LYS I 944 -11.14 -13.58 31.81
C LYS I 944 -12.28 -13.53 30.78
N LEU I 945 -13.52 -13.68 31.22
CA LEU I 945 -14.64 -13.63 30.29
C LEU I 945 -14.93 -12.20 29.85
N GLN I 946 -14.87 -11.25 30.77
CA GLN I 946 -15.04 -9.84 30.40
C GLN I 946 -13.69 -9.24 30.00
N ASP I 947 -13.03 -9.92 29.08
CA ASP I 947 -11.81 -9.43 28.45
C ASP I 947 -11.77 -9.63 26.95
N VAL I 948 -12.51 -10.60 26.41
CA VAL I 948 -12.67 -10.71 24.96
C VAL I 948 -13.81 -9.84 24.45
N VAL I 949 -14.76 -9.47 25.32
CA VAL I 949 -15.80 -8.53 24.93
C VAL I 949 -15.24 -7.14 24.71
N ASN I 950 -14.36 -6.71 25.62
CA ASN I 950 -13.74 -5.39 25.48
C ASN I 950 -12.82 -5.32 24.27
N GLN I 951 -12.06 -6.39 24.03
CA GLN I 951 -11.12 -6.39 22.91
C GLN I 951 -11.86 -6.47 21.57
N ASN I 952 -12.97 -7.21 21.52
CA ASN I 952 -13.69 -7.36 20.26
C ASN I 952 -14.44 -6.08 19.90
N ALA I 953 -15.08 -5.44 20.89
CA ALA I 953 -15.82 -4.21 20.62
C ALA I 953 -14.90 -3.06 20.24
N GLN I 954 -13.82 -2.85 21.00
CA GLN I 954 -12.93 -1.73 20.74
C GLN I 954 -12.31 -1.82 19.35
N ALA I 955 -11.84 -3.01 18.96
CA ALA I 955 -11.26 -3.16 17.63
C ALA I 955 -12.29 -2.87 16.54
N LEU I 956 -13.58 -2.97 16.85
CA LEU I 956 -14.60 -2.56 15.89
C LEU I 956 -14.68 -1.05 15.76
N ASN I 957 -14.61 -0.33 16.88
CA ASN I 957 -14.77 1.11 16.84
C ASN I 957 -13.72 1.76 15.96
N THR I 958 -12.45 1.36 16.11
CA THR I 958 -11.38 1.91 15.30
C THR I 958 -11.64 1.72 13.81
N LEU I 959 -12.41 0.69 13.45
CA LEU I 959 -12.78 0.53 12.04
C LEU I 959 -13.67 1.69 11.59
N VAL I 960 -14.75 1.95 12.31
CA VAL I 960 -15.72 2.94 11.86
C VAL I 960 -15.09 4.33 11.84
N LYS I 961 -14.31 4.67 12.87
CA LYS I 961 -13.65 5.95 12.93
C LYS I 961 -12.63 6.16 11.82
N GLN I 962 -12.30 5.11 11.05
CA GLN I 962 -11.42 5.28 9.91
C GLN I 962 -12.16 5.73 8.66
N LEU I 963 -13.46 5.96 8.74
CA LEU I 963 -14.22 6.47 7.60
C LEU I 963 -14.21 8.00 7.53
N SER I 964 -13.51 8.68 8.43
CA SER I 964 -13.47 10.13 8.48
C SER I 964 -12.03 10.65 8.36
N SER I 965 -11.27 10.05 7.44
CA SER I 965 -9.88 10.45 7.22
C SER I 965 -9.68 10.82 5.76
N ASN I 966 -8.92 11.90 5.52
CA ASN I 966 -8.68 12.35 4.16
C ASN I 966 -7.83 11.36 3.37
N PHE I 967 -6.83 10.76 4.03
CA PHE I 967 -5.90 9.82 3.39
C PHE I 967 -5.16 10.47 2.21
N GLY I 968 -4.99 11.78 2.26
CA GLY I 968 -4.32 12.53 1.21
C GLY I 968 -5.23 13.25 0.24
N ALA I 969 -6.54 13.02 0.32
CA ALA I 969 -7.48 13.70 -0.55
C ALA I 969 -7.89 15.04 0.05
N ILE I 970 -8.90 15.68 -0.53
CA ILE I 970 -9.37 16.97 -0.04
C ILE I 970 -10.56 16.85 0.91
N SER I 971 -11.26 15.72 0.90
CA SER I 971 -12.39 15.53 1.80
C SER I 971 -12.61 14.03 2.00
N SER I 972 -13.31 13.71 3.08
CA SER I 972 -13.64 12.33 3.42
C SER I 972 -15.03 11.92 2.98
N VAL I 973 -15.75 12.79 2.26
CA VAL I 973 -17.12 12.51 1.82
C VAL I 973 -17.09 12.30 0.31
N LEU I 974 -17.64 11.16 -0.13
CA LEU I 974 -17.66 10.85 -1.55
C LEU I 974 -18.61 11.76 -2.31
N ASN I 975 -19.80 12.02 -1.74
CA ASN I 975 -20.78 12.83 -2.43
C ASN I 975 -20.36 14.29 -2.51
N ASP I 976 -19.54 14.75 -1.55
CA ASP I 976 -19.08 16.13 -1.57
C ASP I 976 -18.13 16.38 -2.73
N ILE I 977 -17.13 15.51 -2.90
CA ILE I 977 -16.19 15.65 -4.00
C ILE I 977 -16.87 15.34 -5.33
N LEU I 978 -17.77 14.36 -5.34
CA LEU I 978 -18.40 13.94 -6.58
C LEU I 978 -19.28 15.03 -7.20
N SER I 979 -19.68 16.03 -6.43
CA SER I 979 -20.52 17.11 -6.93
C SER I 979 -19.77 18.43 -7.04
N ARG I 980 -18.44 18.41 -7.02
CA ARG I 980 -17.67 19.64 -7.06
C ARG I 980 -16.45 19.55 -7.98
N LEU I 981 -16.30 18.49 -8.77
CA LEU I 981 -15.14 18.34 -9.62
C LEU I 981 -15.53 17.61 -10.90
N ASP I 982 -14.72 17.81 -11.94
CA ASP I 982 -14.96 17.19 -13.23
C ASP I 982 -14.56 15.72 -13.21
N PRO I 983 -15.20 14.89 -14.03
CA PRO I 983 -14.91 13.45 -14.04
C PRO I 983 -13.45 13.13 -14.31
N PRO I 984 -12.76 13.87 -15.21
CA PRO I 984 -11.32 13.59 -15.39
C PRO I 984 -10.51 13.80 -14.12
N GLU I 985 -10.89 14.74 -13.27
CA GLU I 985 -10.17 15.01 -12.03
C GLU I 985 -10.80 14.36 -10.81
N ALA I 986 -12.04 13.90 -10.90
CA ALA I 986 -12.69 13.24 -9.77
C ALA I 986 -12.28 11.78 -9.62
N GLU I 987 -11.60 11.21 -10.62
CA GLU I 987 -11.17 9.82 -10.56
C GLU I 987 -9.76 9.67 -10.01
N VAL I 988 -9.13 10.76 -9.58
CA VAL I 988 -7.78 10.72 -9.02
C VAL I 988 -7.83 10.77 -7.49
N GLN I 989 -8.67 11.65 -6.93
CA GLN I 989 -8.76 11.76 -5.48
C GLN I 989 -9.54 10.59 -4.88
N ILE I 990 -10.39 9.95 -5.68
CA ILE I 990 -11.18 8.83 -5.17
C ILE I 990 -10.29 7.63 -4.87
N ASP I 991 -9.26 7.41 -5.70
CA ASP I 991 -8.38 6.26 -5.54
C ASP I 991 -7.62 6.28 -4.22
N ARG I 992 -7.25 7.46 -3.72
CA ARG I 992 -6.61 7.56 -2.41
C ARG I 992 -7.51 7.04 -1.31
N LEU I 993 -8.78 7.46 -1.30
CA LEU I 993 -9.74 6.95 -0.34
C LEU I 993 -9.92 5.44 -0.49
N ILE I 994 -9.99 4.96 -1.72
CA ILE I 994 -10.17 3.52 -1.95
C ILE I 994 -9.01 2.74 -1.36
N THR I 995 -7.78 3.18 -1.63
CA THR I 995 -6.61 2.48 -1.12
C THR I 995 -6.55 2.49 0.41
N GLY I 996 -6.79 3.66 1.01
CA GLY I 996 -6.75 3.75 2.45
C GLY I 996 -7.79 2.87 3.12
N ARG I 997 -9.02 2.89 2.59
CA ARG I 997 -10.08 2.07 3.17
C ARG I 997 -9.82 0.58 2.98
N LEU I 998 -9.25 0.20 1.83
CA LEU I 998 -8.90 -1.20 1.63
C LEU I 998 -7.85 -1.68 2.62
N GLN I 999 -6.81 -0.86 2.85
CA GLN I 999 -5.79 -1.24 3.83
C GLN I 999 -6.38 -1.32 5.24
N SER I 1000 -7.22 -0.35 5.61
CA SER I 1000 -7.85 -0.38 6.93
C SER I 1000 -8.75 -1.59 7.09
N LEU I 1001 -9.36 -2.07 6.02
CA LEU I 1001 -10.17 -3.28 6.08
C LEU I 1001 -9.33 -4.55 6.17
N GLN I 1002 -8.17 -4.58 5.49
CA GLN I 1002 -7.30 -5.75 5.56
C GLN I 1002 -6.68 -5.96 6.94
N THR I 1003 -6.26 -4.87 7.59
CA THR I 1003 -5.63 -5.01 8.90
C THR I 1003 -6.57 -5.66 9.91
N TYR I 1004 -7.86 -5.27 9.87
CA TYR I 1004 -8.84 -5.83 10.79
C TYR I 1004 -8.99 -7.33 10.61
N VAL I 1005 -9.06 -7.80 9.36
CA VAL I 1005 -9.21 -9.23 9.11
C VAL I 1005 -7.98 -10.00 9.57
N THR I 1006 -6.79 -9.47 9.30
CA THR I 1006 -5.58 -10.15 9.76
C THR I 1006 -5.55 -10.28 11.27
N GLN I 1007 -5.83 -9.19 11.98
CA GLN I 1007 -5.84 -9.23 13.44
C GLN I 1007 -6.94 -10.15 13.98
N GLN I 1008 -8.09 -10.22 13.32
CA GLN I 1008 -9.15 -11.12 13.75
C GLN I 1008 -8.76 -12.58 13.59
N LEU I 1009 -8.10 -12.94 12.48
CA LEU I 1009 -7.60 -14.31 12.35
C LEU I 1009 -6.60 -14.64 13.46
N ILE I 1010 -5.65 -13.73 13.71
CA ILE I 1010 -4.66 -13.99 14.76
C ILE I 1010 -5.33 -14.16 16.12
N ARG I 1011 -6.34 -13.33 16.41
CA ARG I 1011 -7.03 -13.44 17.70
C ARG I 1011 -7.83 -14.73 17.79
N ALA I 1012 -8.54 -15.10 16.73
CA ALA I 1012 -9.34 -16.32 16.74
C ALA I 1012 -8.49 -17.58 16.81
N ALA I 1013 -7.20 -17.48 16.50
CA ALA I 1013 -6.34 -18.66 16.59
C ALA I 1013 -6.18 -19.21 18.00
N GLU I 1014 -6.53 -18.46 19.05
CA GLU I 1014 -6.26 -18.89 20.42
C GLU I 1014 -7.52 -19.26 21.20
N ILE I 1015 -8.69 -18.76 20.82
CA ILE I 1015 -9.92 -19.22 21.44
C ILE I 1015 -10.11 -20.71 21.17
N ARG I 1016 -9.68 -21.18 20.00
CA ARG I 1016 -9.68 -22.60 19.71
C ARG I 1016 -8.76 -23.37 20.65
N ALA I 1017 -7.58 -22.82 20.95
CA ALA I 1017 -6.67 -23.46 21.90
C ALA I 1017 -7.30 -23.57 23.29
N SER I 1018 -7.99 -22.54 23.72
CA SER I 1018 -8.69 -22.60 25.01
C SER I 1018 -9.86 -23.58 25.01
N ALA I 1019 -10.63 -23.64 23.92
CA ALA I 1019 -11.75 -24.57 23.84
C ALA I 1019 -11.29 -26.02 23.69
N ASN I 1020 -10.08 -26.25 23.19
CA ASN I 1020 -9.53 -27.60 23.15
C ASN I 1020 -9.03 -28.06 24.51
N LEU I 1021 -8.80 -27.15 25.45
CA LEU I 1021 -8.46 -27.51 26.82
C LEU I 1021 -9.69 -27.67 27.69
N ALA I 1022 -10.71 -26.83 27.47
CA ALA I 1022 -11.96 -27.01 28.20
C ALA I 1022 -12.60 -28.36 27.91
N ALA I 1023 -12.55 -28.81 26.65
CA ALA I 1023 -13.11 -30.11 26.28
C ALA I 1023 -12.36 -31.26 26.93
N THR I 1024 -11.04 -31.14 27.10
CA THR I 1024 -10.28 -32.18 27.78
C THR I 1024 -10.55 -32.18 29.28
N LYS I 1025 -10.67 -31.01 29.90
CA LYS I 1025 -11.03 -30.96 31.31
C LYS I 1025 -12.43 -31.49 31.58
N MET I 1026 -13.35 -31.31 30.63
CA MET I 1026 -14.67 -31.92 30.78
C MET I 1026 -14.60 -33.45 30.72
N SER I 1027 -13.73 -33.99 29.87
CA SER I 1027 -13.64 -35.44 29.70
C SER I 1027 -12.89 -36.13 30.83
N GLU I 1028 -11.85 -35.50 31.38
CA GLU I 1028 -11.00 -36.19 32.36
C GLU I 1028 -11.31 -35.84 33.80
N CYS I 1029 -11.84 -34.65 34.09
CA CYS I 1029 -12.15 -34.29 35.46
C CYS I 1029 -13.60 -34.58 35.83
N VAL I 1030 -14.53 -34.40 34.88
CA VAL I 1030 -15.96 -34.54 35.17
C VAL I 1030 -16.43 -35.97 34.95
N LEU I 1031 -16.00 -36.61 33.86
CA LEU I 1031 -16.44 -37.96 33.54
C LEU I 1031 -15.57 -39.04 34.17
N GLY I 1032 -14.55 -38.67 34.94
CA GLY I 1032 -13.70 -39.64 35.59
C GLY I 1032 -12.91 -39.00 36.70
N GLN I 1033 -12.00 -39.79 37.27
CA GLN I 1033 -11.12 -39.34 38.34
C GLN I 1033 -9.69 -39.31 37.81
N SER I 1034 -9.02 -38.18 38.03
CA SER I 1034 -7.72 -37.91 37.42
C SER I 1034 -6.59 -38.16 38.41
N LYS I 1035 -5.45 -38.61 37.88
CA LYS I 1035 -4.23 -38.77 38.65
C LYS I 1035 -3.15 -37.75 38.29
N ARG I 1036 -3.36 -36.96 37.24
CA ARG I 1036 -2.40 -35.93 36.89
C ARG I 1036 -2.38 -34.84 37.95
N VAL I 1037 -1.17 -34.40 38.31
CA VAL I 1037 -0.99 -33.46 39.41
C VAL I 1037 -1.34 -32.07 38.95
N ASP I 1038 -2.14 -31.36 39.76
CA ASP I 1038 -2.50 -29.96 39.54
C ASP I 1038 -3.26 -29.76 38.23
N PHE I 1039 -4.00 -30.79 37.79
CA PHE I 1039 -4.83 -30.66 36.60
C PHE I 1039 -6.26 -30.24 36.98
N CYS I 1040 -6.95 -31.08 37.76
CA CYS I 1040 -8.26 -30.74 38.30
C CYS I 1040 -8.12 -30.26 39.75
N GLY I 1041 -7.50 -29.09 39.90
CA GLY I 1041 -7.36 -28.46 41.20
C GLY I 1041 -6.10 -28.85 41.93
N LYS I 1042 -5.92 -28.22 43.10
CA LYS I 1042 -4.75 -28.42 43.94
C LYS I 1042 -5.12 -29.31 45.11
N GLY I 1043 -4.51 -30.49 45.18
CA GLY I 1043 -4.77 -31.50 46.19
C GLY I 1043 -4.94 -32.85 45.54
N TYR I 1044 -5.63 -33.75 46.24
CA TYR I 1044 -5.97 -35.06 45.70
C TYR I 1044 -7.39 -35.02 45.16
N HIS I 1045 -7.52 -35.22 43.86
CA HIS I 1045 -8.79 -35.02 43.18
C HIS I 1045 -9.86 -35.99 43.67
N LEU I 1046 -11.05 -35.45 43.95
CA LEU I 1046 -12.22 -36.27 44.24
C LEU I 1046 -13.31 -36.11 43.20
N MET I 1047 -13.81 -34.90 42.96
CA MET I 1047 -14.94 -34.71 42.05
C MET I 1047 -14.80 -33.37 41.33
N SER I 1048 -15.69 -33.13 40.37
CA SER I 1048 -15.74 -31.88 39.62
C SER I 1048 -17.15 -31.69 39.07
N PHE I 1049 -17.59 -30.44 39.05
CA PHE I 1049 -18.94 -30.08 38.59
C PHE I 1049 -18.88 -28.92 37.60
N PRO I 1050 -19.64 -29.00 36.51
CA PRO I 1050 -19.67 -27.92 35.52
C PRO I 1050 -20.81 -26.94 35.72
N GLN I 1051 -20.54 -25.70 35.29
CA GLN I 1051 -21.56 -24.65 35.19
C GLN I 1051 -21.26 -23.84 33.93
N SER I 1052 -22.29 -23.16 33.41
CA SER I 1052 -22.19 -22.39 32.19
C SER I 1052 -22.20 -20.91 32.51
N ALA I 1053 -21.47 -20.13 31.70
CA ALA I 1053 -21.39 -18.69 31.82
C ALA I 1053 -21.42 -18.10 30.41
N PRO I 1054 -21.78 -16.83 30.27
CA PRO I 1054 -21.81 -16.22 28.93
C PRO I 1054 -20.48 -16.37 28.22
N HIS I 1055 -20.49 -17.15 27.13
CA HIS I 1055 -19.30 -17.41 26.32
C HIS I 1055 -18.20 -18.10 27.12
N GLY I 1056 -18.58 -18.99 28.02
CA GLY I 1056 -17.56 -19.68 28.79
C GLY I 1056 -18.13 -20.73 29.72
N VAL I 1057 -17.22 -21.43 30.38
CA VAL I 1057 -17.56 -22.52 31.29
C VAL I 1057 -16.83 -22.30 32.61
N VAL I 1058 -17.39 -22.87 33.68
CA VAL I 1058 -16.84 -22.78 35.02
C VAL I 1058 -16.81 -24.17 35.62
N PHE I 1059 -15.69 -24.53 36.24
CA PHE I 1059 -15.51 -25.84 36.87
C PHE I 1059 -15.34 -25.65 38.37
N LEU I 1060 -16.02 -26.49 39.16
CA LEU I 1060 -15.86 -26.55 40.60
C LEU I 1060 -15.20 -27.87 40.94
N HIS I 1061 -13.99 -27.80 41.49
CA HIS I 1061 -13.19 -28.98 41.79
C HIS I 1061 -13.25 -29.25 43.29
N VAL I 1062 -13.55 -30.50 43.66
CA VAL I 1062 -13.61 -30.93 45.04
C VAL I 1062 -12.45 -31.89 45.29
N THR I 1063 -11.59 -31.54 46.25
CA THR I 1063 -10.36 -32.26 46.53
C THR I 1063 -10.28 -32.63 48.01
N TYR I 1064 -9.12 -33.14 48.41
CA TYR I 1064 -8.88 -33.67 49.75
C TYR I 1064 -7.54 -33.16 50.26
N VAL I 1065 -7.51 -32.62 51.47
CA VAL I 1065 -6.27 -32.04 52.01
C VAL I 1065 -5.96 -32.62 53.39
N PRO I 1066 -4.74 -33.10 53.64
CA PRO I 1066 -4.39 -33.58 54.98
C PRO I 1066 -4.11 -32.43 55.94
N ALA I 1067 -4.10 -32.77 57.23
CA ALA I 1067 -3.86 -31.78 58.27
C ALA I 1067 -3.57 -32.48 59.59
N GLN I 1068 -3.05 -31.70 60.55
CA GLN I 1068 -2.76 -32.13 61.92
C GLN I 1068 -1.76 -33.30 61.95
N GLU I 1069 -0.55 -32.97 61.54
CA GLU I 1069 0.55 -33.92 61.47
C GLU I 1069 1.02 -34.30 62.87
N LYS I 1070 1.97 -35.22 62.95
CA LYS I 1070 2.56 -35.64 64.22
C LYS I 1070 4.00 -36.08 63.98
N ASN I 1071 4.57 -36.76 64.97
CA ASN I 1071 5.98 -37.14 64.99
C ASN I 1071 6.12 -38.61 65.36
N PHE I 1072 6.97 -39.33 64.62
CA PHE I 1072 7.21 -40.74 64.88
C PHE I 1072 8.62 -41.12 64.48
N THR I 1073 9.06 -42.28 64.97
CA THR I 1073 10.34 -42.88 64.61
C THR I 1073 10.09 -44.09 63.72
N THR I 1074 10.88 -44.20 62.65
CA THR I 1074 10.63 -45.20 61.61
C THR I 1074 11.81 -46.14 61.47
N ALA I 1075 11.53 -47.31 60.88
CA ALA I 1075 12.52 -48.33 60.59
C ALA I 1075 12.19 -48.96 59.24
N PRO I 1076 13.18 -49.48 58.52
CA PRO I 1076 12.91 -50.06 57.21
C PRO I 1076 12.45 -51.50 57.25
N ALA I 1077 12.86 -52.25 58.28
CA ALA I 1077 12.52 -53.66 58.37
C ALA I 1077 12.59 -54.10 59.83
N ILE I 1078 12.02 -55.26 60.10
CA ILE I 1078 11.98 -55.86 61.44
C ILE I 1078 12.62 -57.24 61.36
N CYS I 1079 13.64 -57.48 62.18
CA CYS I 1079 14.38 -58.74 62.16
C CYS I 1079 13.86 -59.64 63.27
N HIS I 1080 13.08 -60.64 62.89
CA HIS I 1080 12.70 -61.73 63.79
C HIS I 1080 13.84 -62.74 63.83
N ASP I 1081 13.59 -63.94 64.36
CA ASP I 1081 14.67 -64.90 64.54
C ASP I 1081 15.20 -65.37 63.19
N GLY I 1082 16.24 -64.70 62.70
CA GLY I 1082 16.89 -65.07 61.46
C GLY I 1082 16.19 -64.65 60.19
N LYS I 1083 15.10 -63.89 60.29
CA LYS I 1083 14.33 -63.48 59.12
C LYS I 1083 14.04 -61.99 59.17
N ALA I 1084 13.89 -61.41 57.98
CA ALA I 1084 13.58 -59.99 57.83
C ALA I 1084 12.18 -59.84 57.27
N HIS I 1085 11.34 -59.05 57.96
CA HIS I 1085 9.96 -58.84 57.58
C HIS I 1085 9.79 -57.43 57.04
N PHE I 1086 9.17 -57.31 55.86
CA PHE I 1086 8.86 -56.05 55.22
C PHE I 1086 7.36 -55.79 55.24
N PRO I 1087 6.93 -54.54 55.36
CA PRO I 1087 5.49 -54.25 55.42
C PRO I 1087 4.83 -54.44 54.07
N ARG I 1088 3.63 -55.04 54.09
CA ARG I 1088 2.94 -55.36 52.85
C ARG I 1088 2.39 -54.11 52.18
N GLU I 1089 1.70 -53.26 52.95
CA GLU I 1089 1.04 -52.09 52.38
C GLU I 1089 1.23 -50.80 53.16
N GLY I 1090 1.93 -50.83 54.30
CA GLY I 1090 2.01 -49.66 55.16
C GLY I 1090 3.45 -49.28 55.47
N VAL I 1091 3.65 -48.80 56.69
CA VAL I 1091 4.94 -48.30 57.15
C VAL I 1091 5.02 -48.51 58.65
N PHE I 1092 6.23 -48.77 59.13
CA PHE I 1092 6.50 -49.00 60.54
C PHE I 1092 6.69 -47.68 61.27
N VAL I 1093 6.08 -47.56 62.45
CA VAL I 1093 6.20 -46.37 63.29
C VAL I 1093 6.33 -46.81 64.75
N SER I 1094 6.73 -45.87 65.59
CA SER I 1094 6.87 -46.12 67.01
C SER I 1094 6.43 -44.89 67.80
N ASN I 1095 5.97 -45.13 69.02
CA ASN I 1095 5.55 -44.05 69.93
C ASN I 1095 6.47 -43.96 71.14
N GLY I 1096 7.67 -44.53 71.04
CA GLY I 1096 8.63 -44.46 72.12
C GLY I 1096 9.04 -45.80 72.68
N THR I 1097 8.08 -46.70 72.84
CA THR I 1097 8.37 -48.02 73.41
C THR I 1097 7.89 -49.16 72.53
N HIS I 1098 6.76 -49.01 71.85
CA HIS I 1098 6.17 -50.08 71.06
C HIS I 1098 6.11 -49.69 69.59
N TRP I 1099 6.07 -50.71 68.74
CA TRP I 1099 6.11 -50.54 67.29
C TRP I 1099 4.76 -50.95 66.69
N PHE I 1100 4.33 -50.20 65.68
CA PHE I 1100 3.08 -50.47 64.98
C PHE I 1100 3.31 -50.32 63.47
N VAL I 1101 2.33 -50.78 62.70
CA VAL I 1101 2.32 -50.61 61.25
C VAL I 1101 1.04 -49.87 60.87
N THR I 1102 1.18 -48.82 60.08
CA THR I 1102 0.05 -47.98 59.72
C THR I 1102 0.06 -47.69 58.23
N GLN I 1103 -1.08 -47.21 57.72
CA GLN I 1103 -1.13 -46.76 56.34
C GLN I 1103 -0.45 -45.40 56.21
N ARG I 1104 -0.16 -45.02 54.96
CA ARG I 1104 0.73 -43.90 54.72
C ARG I 1104 0.03 -42.55 54.79
N ASN I 1105 -1.26 -42.49 54.47
CA ASN I 1105 -1.97 -41.22 54.38
C ASN I 1105 -2.88 -40.94 55.58
N PHE I 1106 -2.88 -41.80 56.59
CA PHE I 1106 -3.76 -41.61 57.73
C PHE I 1106 -3.20 -42.44 58.89
N TYR I 1107 -3.27 -41.87 60.10
CA TYR I 1107 -2.72 -42.55 61.26
C TYR I 1107 -3.72 -43.57 61.79
N GLU I 1108 -3.34 -44.84 61.80
CA GLU I 1108 -4.16 -45.93 62.30
C GLU I 1108 -3.26 -47.11 62.68
N PRO I 1109 -2.74 -47.13 63.90
CA PRO I 1109 -1.76 -48.17 64.27
C PRO I 1109 -2.43 -49.51 64.50
N GLN I 1110 -1.76 -50.57 64.06
CA GLN I 1110 -2.19 -51.94 64.29
C GLN I 1110 -1.01 -52.78 64.73
N ILE I 1111 -1.30 -53.87 65.43
CA ILE I 1111 -0.26 -54.76 65.94
C ILE I 1111 0.34 -55.55 64.78
N ILE I 1112 1.67 -55.66 64.78
CA ILE I 1112 2.36 -56.35 63.70
C ILE I 1112 2.09 -57.84 63.79
N THR I 1113 1.67 -58.42 62.66
CA THR I 1113 1.41 -59.86 62.59
C THR I 1113 2.04 -60.44 61.33
N THR I 1114 1.73 -61.70 61.03
CA THR I 1114 2.22 -62.35 59.82
C THR I 1114 1.29 -62.16 58.63
N ASP I 1115 0.21 -61.38 58.79
CA ASP I 1115 -0.75 -61.14 57.73
C ASP I 1115 -0.62 -59.76 57.12
N ASN I 1116 0.32 -58.94 57.60
CA ASN I 1116 0.59 -57.63 56.99
C ASN I 1116 2.08 -57.45 56.71
N THR I 1117 2.87 -58.52 56.76
CA THR I 1117 4.29 -58.47 56.48
C THR I 1117 4.67 -59.69 55.65
N PHE I 1118 5.76 -59.55 54.90
CA PHE I 1118 6.29 -60.66 54.11
C PHE I 1118 7.79 -60.78 54.33
N VAL I 1119 8.29 -62.03 54.25
CA VAL I 1119 9.66 -62.36 54.57
C VAL I 1119 10.50 -62.38 53.31
N SER I 1120 11.73 -61.85 53.40
CA SER I 1120 12.66 -61.90 52.28
C SER I 1120 14.08 -61.83 52.84
N GLY I 1121 14.75 -62.97 52.91
CA GLY I 1121 16.15 -63.00 53.31
C GLY I 1121 16.35 -63.08 54.81
N ASN I 1122 17.52 -62.61 55.23
CA ASN I 1122 17.92 -62.57 56.63
C ASN I 1122 18.41 -61.18 56.99
N CYS I 1123 18.35 -60.86 58.28
CA CYS I 1123 18.66 -59.52 58.77
C CYS I 1123 20.18 -59.35 58.92
N ASP I 1124 20.85 -59.35 57.77
CA ASP I 1124 22.29 -59.08 57.74
C ASP I 1124 22.74 -58.22 56.57
N VAL I 1125 21.82 -57.73 55.73
CA VAL I 1125 22.20 -56.96 54.55
C VAL I 1125 21.56 -55.57 54.62
N VAL I 1126 20.43 -55.45 55.30
CA VAL I 1126 19.70 -54.20 55.36
C VAL I 1126 20.34 -53.29 56.40
N ILE I 1127 20.44 -52.01 56.08
CA ILE I 1127 21.02 -51.00 56.97
C ILE I 1127 19.89 -50.33 57.72
N GLY I 1128 19.92 -50.44 59.04
CA GLY I 1128 18.89 -49.86 59.88
C GLY I 1128 17.84 -50.84 60.40
N ILE I 1129 18.03 -52.14 60.18
CA ILE I 1129 17.06 -53.13 60.64
C ILE I 1129 17.08 -53.19 62.17
N VAL I 1130 15.89 -53.30 62.76
CA VAL I 1130 15.74 -53.24 64.21
C VAL I 1130 15.22 -54.59 64.71
N ASN I 1131 15.12 -54.71 66.03
CA ASN I 1131 14.74 -55.94 66.71
C ASN I 1131 13.34 -55.80 67.29
N ASN I 1132 12.51 -56.80 67.08
CA ASN I 1132 11.16 -56.85 67.64
C ASN I 1132 10.62 -58.27 67.49
N THR I 1133 9.34 -58.45 67.79
CA THR I 1133 8.67 -59.74 67.68
C THR I 1133 7.44 -59.61 66.79
N VAL I 1134 7.12 -60.69 66.09
CA VAL I 1134 5.99 -60.74 65.18
C VAL I 1134 5.00 -61.77 65.69
N TYR I 1135 3.74 -61.37 65.84
CA TYR I 1135 2.73 -62.23 66.41
C TYR I 1135 2.12 -63.13 65.34
N ASP I 1136 1.98 -64.41 65.64
CA ASP I 1136 1.43 -65.39 64.73
C ASP I 1136 0.02 -65.78 65.19
N PRO I 1137 -1.03 -65.50 64.40
CA PRO I 1137 -2.40 -65.74 64.84
C PRO I 1137 -2.89 -67.17 64.59
N LEU I 1138 -2.03 -68.15 64.89
CA LEU I 1138 -2.43 -69.54 64.77
C LEU I 1138 -2.16 -70.34 66.04
N GLN I 1139 -1.06 -70.06 66.74
CA GLN I 1139 -0.72 -70.83 67.93
C GLN I 1139 -1.74 -70.72 69.05
N PRO I 1140 -2.25 -69.53 69.42
CA PRO I 1140 -3.27 -69.48 70.48
C PRO I 1140 -4.53 -70.27 70.14
N GLU I 1141 -4.84 -70.45 68.85
CA GLU I 1141 -6.00 -71.25 68.48
C GLU I 1141 -5.83 -72.70 68.90
N LEU I 1142 -4.62 -73.25 68.74
CA LEU I 1142 -4.35 -74.62 69.14
C LEU I 1142 -2.95 -74.75 69.72
C1 NAG J . -26.42 -10.18 -57.73
C2 NAG J . -26.58 -9.98 -59.22
C3 NAG J . -25.23 -9.75 -59.89
C4 NAG J . -24.51 -8.59 -59.22
C5 NAG J . -24.40 -8.85 -57.72
C6 NAG J . -23.80 -7.70 -56.97
C7 NAG J . -28.48 -10.96 -60.43
C8 NAG J . -29.08 -9.59 -60.41
N2 NAG J . -27.28 -11.09 -59.84
O3 NAG J . -25.41 -9.48 -61.28
O4 NAG J . -23.23 -8.38 -59.81
O5 NAG J . -25.70 -9.08 -57.17
O6 NAG J . -24.12 -6.46 -57.57
O7 NAG J . -29.06 -11.91 -60.94
C1 NAG J . -23.29 -7.15 -60.58
C2 NAG J . -21.91 -6.81 -61.16
C3 NAG J . -21.99 -5.52 -61.96
C4 NAG J . -23.08 -5.61 -63.02
C5 NAG J . -24.41 -6.03 -62.39
C6 NAG J . -25.49 -6.27 -63.42
C7 NAG J . -19.98 -7.66 -59.90
C8 NAG J . -19.02 -7.40 -58.78
N2 NAG J . -20.91 -6.72 -60.11
O3 NAG J . -20.73 -5.26 -62.57
O4 NAG J . -23.24 -4.34 -63.64
O5 NAG J . -24.25 -7.25 -61.65
O6 NAG J . -24.94 -6.73 -64.65
O7 NAG J . -19.93 -8.68 -60.57
C1 NAG K . -23.25 9.86 -32.46
C2 NAG K . -22.92 11.31 -32.86
C3 NAG K . -21.88 11.90 -31.89
C4 NAG K . -22.32 11.71 -30.44
C5 NAG K . -22.75 10.28 -30.17
C6 NAG K . -23.41 10.12 -28.83
C7 NAG K . -21.46 10.68 -34.75
C8 NAG K . -21.15 10.95 -36.19
N2 NAG K . -22.46 11.40 -34.23
O3 NAG K . -21.76 13.29 -32.17
O4 NAG K . -21.27 12.08 -29.56
O5 NAG K . -23.72 9.85 -31.13
O6 NAG K . -24.54 10.97 -28.71
O7 NAG K . -20.84 9.84 -34.11
C1 NAG K . -21.71 13.24 -28.81
C2 NAG K . -21.02 13.29 -27.44
C3 NAG K . -21.49 14.52 -26.66
C4 NAG K . -21.33 15.78 -27.51
C5 NAG K . -21.95 15.61 -28.88
C6 NAG K . -21.67 16.77 -29.81
C7 NAG K . -20.39 11.54 -25.83
C8 NAG K . -20.82 10.29 -25.13
N2 NAG K . -21.28 12.08 -26.68
O3 NAG K . -20.72 14.63 -25.47
O4 NAG K . -22.00 16.86 -26.86
O5 NAG K . -21.43 14.44 -29.53
O6 NAG K . -22.47 17.90 -29.48
O7 NAG K . -19.28 12.03 -25.65
C1 BMA K . -21.04 17.75 -26.30
C2 BMA K . -21.53 19.19 -26.59
C3 BMA K . -20.87 20.22 -25.67
C4 BMA K . -20.81 19.72 -24.23
C5 BMA K . -20.10 18.37 -24.18
C6 BMA K . -19.95 17.82 -22.78
O2 BMA K . -22.94 19.29 -26.37
O3 BMA K . -21.57 21.46 -25.71
O4 BMA K . -20.09 20.64 -23.42
O5 BMA K . -20.92 17.46 -24.91
O6 BMA K . -19.95 18.92 -21.88
C1 MAN K . -20.78 22.44 -26.40
C2 MAN K . -20.07 23.31 -25.33
C3 MAN K . -21.09 24.18 -24.61
C4 MAN K . -21.99 24.95 -25.60
C5 MAN K . -22.63 23.96 -26.57
C6 MAN K . -23.48 24.64 -27.63
O2 MAN K . -19.15 24.23 -25.93
O3 MAN K . -20.47 25.09 -23.71
O4 MAN K . -22.99 25.65 -24.90
O5 MAN K . -21.60 23.22 -27.25
O6 MAN K . -24.18 23.64 -28.35
C1 NAG L . -14.55 -34.09 -31.09
C2 NAG L . -15.90 -34.85 -31.20
C3 NAG L . -15.66 -36.37 -31.10
C4 NAG L . -14.61 -36.83 -32.09
C5 NAG L . -13.33 -36.03 -31.87
C6 NAG L . -12.24 -36.38 -32.86
C7 NAG L . -18.12 -34.69 -30.16
C8 NAG L . -18.91 -34.15 -29.02
N2 NAG L . -16.82 -34.40 -30.16
O3 NAG L . -16.88 -37.06 -31.33
O4 NAG L . -14.35 -38.22 -31.91
O5 NAG L . -13.61 -34.64 -32.03
O6 NAG L . -12.47 -35.77 -34.13
O7 NAG L . -18.64 -35.37 -31.05
C1 NAG L . -14.58 -38.94 -33.15
C2 NAG L . -13.69 -40.19 -33.16
C3 NAG L . -13.92 -40.99 -34.43
C4 NAG L . -15.40 -41.31 -34.60
C5 NAG L . -16.23 -40.03 -34.53
C6 NAG L . -17.71 -40.29 -34.58
C7 NAG L . -11.41 -40.59 -32.37
C8 NAG L . -10.00 -40.07 -32.32
N2 NAG L . -12.29 -39.83 -33.02
O3 NAG L . -13.17 -42.20 -34.37
O4 NAG L . -15.62 -41.96 -35.85
O5 NAG L . -15.97 -39.34 -33.31
O6 NAG L . -18.03 -41.38 -35.44
O7 NAG L . -11.72 -41.65 -31.84
C1 NAG M . -40.18 30.96 7.38
C2 NAG M . -40.38 31.04 8.89
C3 NAG M . -41.62 30.25 9.31
C4 NAG M . -42.83 30.66 8.48
C5 NAG M . -42.52 30.67 6.98
C6 NAG M . -43.63 31.28 6.15
C7 NAG M . -38.59 31.23 10.56
C8 NAG M . -37.38 30.58 11.16
N2 NAG M . -39.20 30.55 9.58
O3 NAG M . -41.89 30.47 10.69
O4 NAG M . -43.88 29.73 8.72
O5 NAG M . -41.34 31.45 6.72
O6 NAG M . -44.25 32.38 6.81
O7 NAG M . -39.00 32.32 10.94
C1 NAG M . -44.98 30.41 9.37
C2 NAG M . -46.07 29.38 9.72
C3 NAG M . -47.22 30.04 10.47
C4 NAG M . -46.69 30.83 11.66
C5 NAG M . -45.59 31.79 11.22
C6 NAG M . -44.95 32.53 12.38
C7 NAG M . -47.13 29.03 7.43
C8 NAG M . -47.38 30.51 7.28
N2 NAG M . -46.54 28.60 8.57
O3 NAG M . -48.13 29.04 10.93
O4 NAG M . -47.75 31.58 12.25
O5 NAG M . -44.54 31.07 10.56
O6 NAG M . -45.91 32.94 13.33
O7 NAG M . -47.47 28.24 6.56
C1 NAG N . -40.42 46.78 -12.56
C2 NAG N . -39.93 45.47 -11.94
C3 NAG N . -40.69 44.29 -12.54
C4 NAG N . -42.20 44.50 -12.39
C5 NAG N . -42.59 45.84 -13.01
C6 NAG N . -44.06 46.18 -12.82
C7 NAG N . -37.74 44.57 -11.33
C8 NAG N . -36.28 44.51 -11.68
N2 NAG N . -38.50 45.30 -12.14
O3 NAG N . -40.29 43.09 -11.88
O4 NAG N . -42.93 43.46 -13.05
O5 NAG N . -41.84 46.90 -12.39
O6 NAG N . -44.30 47.56 -12.96
O7 NAG N . -38.20 43.99 -10.34
C1 NAG N . -43.29 42.44 -12.09
C2 NAG N . -44.73 41.99 -12.33
C3 NAG N . -45.09 40.86 -11.37
C4 NAG N . -44.07 39.73 -11.46
C5 NAG N . -42.66 40.28 -11.24
C6 NAG N . -41.58 39.24 -11.43
C7 NAG N . -46.86 43.13 -12.77
C8 NAG N . -47.69 44.35 -12.52
N2 NAG N . -45.65 43.10 -12.19
O3 NAG N . -46.39 40.36 -11.69
O4 NAG N . -44.34 38.75 -10.47
O5 NAG N . -42.40 41.32 -12.20
O6 NAG N . -42.05 38.14 -12.21
O7 NAG N . -47.26 42.20 -13.48
C1 NAG O . -32.87 -46.08 52.79
C2 NAG O . -32.27 -46.23 54.17
C3 NAG O . -33.33 -46.72 55.15
C4 NAG O . -34.54 -45.79 55.11
C5 NAG O . -35.00 -45.54 53.67
C6 NAG O . -36.05 -44.47 53.57
C7 NAG O . -29.88 -46.73 54.44
C8 NAG O . -28.81 -47.78 54.37
N2 NAG O . -31.12 -47.13 54.15
O3 NAG O . -32.78 -46.76 56.46
O4 NAG O . -35.61 -46.41 55.83
O5 NAG O . -33.91 -45.12 52.83
O6 NAG O . -35.54 -43.21 53.97
O7 NAG O . -29.63 -45.56 54.73
C1 NAG O . -35.81 -45.86 57.15
C2 NAG O . -37.10 -46.48 57.70
C3 NAG O . -37.38 -45.95 59.10
C4 NAG O . -36.18 -46.21 60.00
C5 NAG O . -34.92 -45.62 59.38
C6 NAG O . -33.67 -45.95 60.17
C7 NAG O . -38.96 -47.20 56.25
C8 NAG O . -38.55 -48.60 56.59
N2 NAG O . -38.23 -46.22 56.82
O3 NAG O . -38.53 -46.59 59.62
O4 NAG O . -36.41 -45.61 61.29
O5 NAG O . -34.72 -46.14 58.05
O6 NAG O . -32.58 -45.11 59.80
O7 NAG O . -39.90 -46.95 55.52
C1 NAG P . -22.32 -62.40 25.63
C2 NAG P . -23.24 -63.62 25.84
C3 NAG P . -22.99 -64.65 24.76
C4 NAG P . -23.18 -64.02 23.39
C5 NAG P . -22.29 -62.78 23.26
C6 NAG P . -22.50 -62.02 21.96
C7 NAG P . -24.12 -64.70 27.86
C8 NAG P . -23.80 -65.30 29.19
N2 NAG P . -23.09 -64.23 27.16
O3 NAG P . -23.87 -65.76 24.92
O4 NAG P . -22.80 -64.98 22.40
O5 NAG P . -22.55 -61.86 24.33
O6 NAG P . -22.06 -60.68 22.06
O7 NAG P . -25.27 -64.67 27.42
C1 NAG P . -23.93 -65.40 21.59
C2 NAG P . -23.36 -66.02 20.31
C3 NAG P . -24.50 -66.43 19.40
C4 NAG P . -25.47 -67.36 20.12
C5 NAG P . -25.92 -66.74 21.45
C6 NAG P . -26.75 -67.69 22.29
C7 NAG P . -21.20 -65.39 19.34
C8 NAG P . -20.42 -64.33 18.64
N2 NAG P . -22.47 -65.09 19.64
O3 NAG P . -23.97 -67.09 18.26
O4 NAG P . -26.62 -67.59 19.31
O5 NAG P . -24.80 -66.36 22.24
O6 NAG P . -26.05 -68.91 22.51
O7 NAG P . -20.70 -66.49 19.62
C1 BMA P . -26.60 -68.90 18.72
C2 BMA P . -27.77 -69.70 19.33
C3 BMA P . -27.96 -71.03 18.59
C4 BMA P . -28.01 -70.83 17.08
C5 BMA P . -26.75 -70.09 16.62
C6 BMA P . -26.73 -69.83 15.13
O2 BMA P . -29.00 -68.99 19.20
O3 BMA P . -29.14 -71.71 19.02
O4 BMA P . -28.10 -72.08 16.41
O5 BMA P . -26.69 -68.82 17.30
O6 BMA P . -25.42 -69.41 14.75
C1 NAG Q . -7.56 -64.71 8.40
C2 NAG Q . -7.65 -66.18 8.03
C3 NAG Q . -7.77 -66.31 6.51
C4 NAG Q . -8.91 -65.45 5.96
C5 NAG Q . -9.03 -64.07 6.60
C6 NAG Q . -10.40 -63.48 6.40
C7 NAG Q . -6.64 -68.17 9.04
C8 NAG Q . -5.36 -68.84 9.46
N2 NAG Q . -6.52 -66.93 8.53
O3 NAG Q . -7.99 -67.68 6.19
O4 NAG Q . -8.65 -65.30 4.57
O5 NAG Q . -8.78 -64.06 8.02
O6 NAG Q . -10.36 -62.05 6.46
O7 NAG Q . -7.73 -68.71 9.18
C1 NAG Q . -9.77 -65.78 3.75
C2 NAG Q . -9.45 -65.77 2.26
C3 NAG Q . -10.66 -66.26 1.47
C4 NAG Q . -11.20 -67.58 2.04
C5 NAG Q . -11.26 -67.59 3.57
C6 NAG Q . -11.46 -68.99 4.13
C7 NAG Q . -9.71 -63.33 1.87
C8 NAG Q . -9.07 -62.12 1.28
N2 NAG Q . -9.01 -64.48 1.77
O3 NAG Q . -10.32 -66.41 0.11
O4 NAG Q . -12.55 -67.73 1.62
O5 NAG Q . -10.06 -67.10 4.16
O6 NAG Q . -10.66 -69.94 3.43
O7 NAG Q . -10.81 -63.29 2.43
C1 BMA Q . -12.68 -68.53 0.44
C2 BMA Q . -13.41 -69.83 0.86
C3 BMA Q . -13.92 -70.59 -0.36
C4 BMA Q . -14.67 -69.64 -1.32
C5 BMA Q . -13.74 -68.49 -1.71
C6 BMA Q . -14.40 -67.50 -2.65
O2 BMA Q . -14.54 -69.54 1.66
O3 BMA Q . -14.76 -71.67 0.01
O4 BMA Q . -15.09 -70.34 -2.48
O5 BMA Q . -13.40 -67.78 -0.52
O6 BMA Q . -13.43 -66.53 -3.03
C1 NAG R . -30.27 -67.18 45.58
C2 NAG R . -31.47 -68.02 45.16
C3 NAG R . -31.54 -69.30 45.99
C4 NAG R . -30.21 -70.05 45.95
C5 NAG R . -29.05 -69.11 46.28
C6 NAG R . -27.68 -69.73 46.08
C7 NAG R . -33.42 -66.81 44.26
C8 NAG R . -34.66 -66.05 44.59
N2 NAG R . -32.71 -67.26 45.31
O3 NAG R . -32.58 -70.13 45.50
O4 NAG R . -30.24 -71.11 46.89
O5 NAG R . -29.09 -67.94 45.44
O6 NAG R . -27.31 -70.51 47.21
O7 NAG R . -33.07 -67.02 43.10
C1 NAG R . -29.90 -72.38 46.29
C2 NAG R . -29.85 -73.43 47.40
C3 NAG R . -29.51 -74.79 46.81
C4 NAG R . -30.46 -75.14 45.68
C5 NAG R . -30.50 -74.02 44.65
C6 NAG R . -31.53 -74.26 43.56
C7 NAG R . -29.09 -73.34 49.73
C8 NAG R . -28.01 -72.88 50.66
N2 NAG R . -28.90 -73.05 48.44
O3 NAG R . -29.58 -75.77 47.84
O4 NAG R . -30.04 -76.35 45.06
O5 NAG R . -30.84 -72.78 45.29
O6 NAG R . -32.85 -74.26 44.10
O7 NAG R . -30.08 -73.93 50.13
C1 NAG S . -28.37 -58.09 64.47
C2 NAG S . -29.60 -57.20 64.62
C3 NAG S . -29.53 -56.44 65.95
C4 NAG S . -29.26 -57.40 67.12
C5 NAG S . -28.13 -58.38 66.82
C6 NAG S . -28.05 -59.51 67.84
C7 NAG S . -30.85 -55.69 63.14
C8 NAG S . -30.76 -54.75 61.97
N2 NAG S . -29.71 -56.28 63.51
O3 NAG S . -30.73 -55.73 66.17
O4 NAG S . -28.87 -56.65 68.27
O5 NAG S . -28.32 -59.00 65.54
O6 NAG S . -28.64 -60.69 67.32
O7 NAG S . -31.91 -55.89 63.73
C1 NAG S . -29.93 -56.77 69.24
C2 NAG S . -29.47 -56.35 70.64
C3 NAG S . -30.66 -56.32 71.61
C4 NAG S . -31.81 -55.51 71.03
C5 NAG S . -32.14 -55.99 69.62
C6 NAG S . -33.19 -55.15 68.93
C7 NAG S . -27.23 -56.85 71.54
C8 NAG S . -26.31 -57.91 72.02
N2 NAG S . -28.44 -57.25 71.14
O3 NAG S . -30.25 -55.76 72.85
O4 NAG S . -32.96 -55.65 71.86
O5 NAG S . -30.97 -55.92 68.81
O6 NAG S . -32.70 -54.68 67.69
O7 NAG S . -26.89 -55.67 71.49
C1 NAG T . 58.89 20.24 -15.12
C2 NAG T . 60.04 21.19 -15.49
C3 NAG T . 59.85 22.54 -14.82
C4 NAG T . 58.48 23.10 -15.19
C5 NAG T . 57.39 22.11 -14.80
C6 NAG T . 56.01 22.55 -15.19
C7 NAG T . 62.32 20.45 -16.00
C8 NAG T . 62.06 20.91 -17.40
N2 NAG T . 61.32 20.61 -15.13
O3 NAG T . 60.87 23.43 -15.24
O4 NAG T . 58.28 24.37 -14.56
O5 NAG T . 57.63 20.85 -15.45
O6 NAG T . 55.97 23.01 -16.54
O7 NAG T . 63.41 19.97 -15.67
C1 NAG T . 58.22 25.32 -15.65
C2 NAG T . 57.76 26.67 -15.12
C3 NAG T . 57.66 27.67 -16.28
C4 NAG T . 58.99 27.74 -17.02
C5 NAG T . 59.46 26.36 -17.44
C6 NAG T . 60.85 26.37 -18.04
C7 NAG T . 56.37 26.65 -13.10
C8 NAG T . 54.98 26.50 -12.56
N2 NAG T . 56.49 26.55 -14.43
O3 NAG T . 57.30 28.94 -15.77
O4 NAG T . 58.84 28.55 -18.18
O5 NAG T . 59.51 25.48 -16.30
O6 NAG T . 61.68 27.34 -17.40
O7 NAG T . 57.33 26.85 -12.38
C1 NAG U . 29.71 12.55 -25.58
C2 NAG U . 29.18 13.46 -26.68
C3 NAG U . 27.67 13.64 -26.55
C4 NAG U . 26.97 12.29 -26.49
C5 NAG U . 27.59 11.43 -25.39
C6 NAG U . 27.04 10.02 -25.39
C7 NAG U . 29.85 15.63 -25.68
C8 NAG U . 30.63 16.88 -25.90
N2 NAG U . 29.87 14.74 -26.68
O3 NAG U . 27.19 14.39 -27.66
O4 NAG U . 25.57 12.46 -26.23
O5 NAG U . 29.00 11.30 -25.59
O6 NAG U . 27.19 9.42 -26.66
O7 NAG U . 29.23 15.42 -24.64
C1 NAG U . 24.75 12.10 -27.37
C2 NAG U . 23.42 11.54 -26.87
C3 NAG U . 22.51 11.19 -28.04
C4 NAG U . 22.36 12.39 -28.98
C5 NAG U . 23.73 12.91 -29.40
C6 NAG U . 23.65 14.18 -30.21
C7 NAG U . 22.75 10.02 -25.06
C8 NAG U . 23.12 8.81 -24.26
N2 NAG U . 23.63 10.39 -26.00
O3 NAG U . 21.23 10.81 -27.55
O4 NAG U . 21.65 11.99 -30.14
O5 NAG U . 24.52 13.22 -28.24
O6 NAG U . 23.22 13.91 -31.54
O7 NAG U . 21.71 10.64 -24.86
C1 BMA U . 20.28 12.47 -30.16
C2 BMA U . 20.00 12.99 -31.61
C3 BMA U . 18.49 13.14 -31.89
C4 BMA U . 17.69 11.96 -31.36
C5 BMA U . 17.99 11.77 -29.87
C6 BMA U . 17.17 10.64 -29.25
O2 BMA U . 20.49 12.09 -32.58
O3 BMA U . 18.23 13.29 -33.28
O4 BMA U . 16.30 12.17 -31.53
O5 BMA U . 19.38 11.44 -29.74
O6 BMA U . 15.95 10.53 -29.98
C1 MAN U . 17.80 14.63 -33.60
C2 MAN U . 16.26 14.69 -33.52
C3 MAN U . 15.65 13.81 -34.62
C4 MAN U . 16.21 14.20 -35.99
C5 MAN U . 17.75 14.15 -35.98
C6 MAN U . 18.37 14.65 -37.26
O2 MAN U . 15.77 16.00 -33.77
O3 MAN U . 14.23 13.89 -34.62
O4 MAN U . 15.74 13.30 -36.98
O5 MAN U . 18.25 14.99 -34.89
O6 MAN U . 19.77 14.43 -37.20
C1 NAG V . 46.46 -0.45 13.71
C2 NAG V . 47.59 -1.44 13.35
C3 NAG V . 48.23 -1.99 14.64
C4 NAG V . 48.63 -0.87 15.61
C5 NAG V . 47.44 0.04 15.87
C6 NAG V . 47.83 1.27 16.68
C7 NAG V . 47.83 -3.51 12.05
C8 NAG V . 47.10 -4.53 11.21
N2 NAG V . 47.08 -2.52 12.53
O3 NAG V . 49.38 -2.74 14.31
O4 NAG V . 49.07 -1.44 16.84
O5 NAG V . 46.94 0.53 14.63
O6 NAG V . 48.30 2.29 15.81
O7 NAG V . 49.04 -3.60 12.28
C1 NAG V . 50.40 -0.98 17.15
C2 NAG V . 50.58 -0.91 18.67
C3 NAG V . 52.00 -0.49 19.02
C4 NAG V . 53.00 -1.40 18.33
C5 NAG V . 52.75 -1.42 16.83
C6 NAG V . 53.64 -2.39 16.10
C7 NAG V . 49.05 -0.22 20.46
C8 NAG V . 48.08 0.83 20.93
N2 NAG V . 49.61 -0.01 19.26
O3 NAG V . 52.17 -0.53 20.43
O4 NAG V . 54.33 -0.94 18.57
O5 NAG V . 51.40 -1.84 16.59
O6 NAG V . 54.96 -2.36 16.60
O7 NAG V . 49.32 -1.21 21.14
C1 NAG W . -0.44 -17.61 -47.97
C2 NAG W . -1.44 -18.74 -48.14
C3 NAG W . -0.69 -20.07 -48.28
C4 NAG W . 0.35 -19.99 -49.39
C5 NAG W . 1.23 -18.75 -49.22
C6 NAG W . 2.16 -18.52 -50.39
C7 NAG W . -3.68 -19.05 -47.19
C8 NAG W . -4.51 -19.04 -45.94
N2 NAG W . -2.38 -18.78 -47.03
O3 NAG W . -1.62 -21.12 -48.54
O4 NAG W . 1.18 -21.13 -49.33
O5 NAG W . 0.42 -17.57 -49.09
O6 NAG W . 1.58 -18.91 -51.63
O7 NAG W . -4.17 -19.31 -48.29
C1 NAG W . 1.00 -22.02 -50.45
C2 NAG W . 1.87 -23.26 -50.17
C3 NAG W . 1.69 -24.33 -51.25
C4 NAG W . 0.21 -24.63 -51.44
C5 NAG W . -0.56 -23.35 -51.72
C6 NAG W . -2.04 -23.56 -51.86
C7 NAG W . 4.18 -22.39 -50.79
C8 NAG W . 3.71 -22.03 -52.17
N2 NAG W . 3.29 -22.95 -49.94
O3 NAG W . 2.38 -25.52 -50.87
O4 NAG W . 0.03 -25.54 -52.52
O5 NAG W . -0.37 -22.43 -50.63
O6 NAG W . -2.33 -24.69 -52.68
O7 NAG W . 5.34 -22.18 -50.44
C1 NAG X . 5.42 2.52 -62.88
C2 NAG X . 5.41 1.87 -61.49
C3 NAG X . 6.82 1.39 -61.13
C4 NAG X . 7.37 0.48 -62.22
C5 NAG X . 7.30 1.20 -63.57
C6 NAG X . 7.73 0.32 -64.72
C7 NAG X . 4.37 2.37 -59.32
C8 NAG X . 3.90 3.46 -58.40
N2 NAG X . 4.90 2.79 -60.48
O3 NAG X . 6.76 0.71 -59.88
O4 NAG X . 8.72 0.14 -61.95
O5 NAG X . 5.95 1.60 -63.84
O6 NAG X . 7.01 0.64 -65.91
O7 NAG X . 4.26 1.18 -59.04
C1 NAG X . 8.78 -1.10 -61.22
C2 NAG X . 9.95 -1.95 -61.72
C3 NAG X . 10.07 -3.23 -60.90
C4 NAG X . 10.15 -2.90 -59.41
C5 NAG X . 8.97 -2.02 -59.01
C6 NAG X . 9.05 -1.55 -57.57
C7 NAG X . 10.82 -2.35 -63.98
C8 NAG X . 10.49 -2.69 -65.40
N2 NAG X . 9.80 -2.27 -63.13
O3 NAG X . 11.23 -3.95 -61.29
O4 NAG X . 10.12 -4.10 -58.64
O5 NAG X . 8.94 -0.83 -59.82
O6 NAG X . 10.32 -0.99 -57.28
O7 NAG X . 11.98 -2.14 -63.62
C1 NAG Y . 1.97 -74.06 21.14
C2 NAG Y . 0.90 -75.02 21.60
C3 NAG Y . 1.34 -76.45 21.30
C4 NAG Y . 1.70 -76.60 19.83
C5 NAG Y . 2.68 -75.50 19.40
C6 NAG Y . 2.90 -75.48 17.90
C7 NAG Y . -0.54 -74.28 23.44
C8 NAG Y . -0.71 -74.19 24.92
N2 NAG Y . 0.59 -74.84 23.01
O3 NAG Y . 0.29 -77.35 21.64
O4 NAG Y . 2.32 -77.86 19.61
O5 NAG Y . 2.17 -74.20 19.76
O6 NAG Y . 1.79 -76.03 17.22
O7 NAG Y . -1.40 -73.84 22.66
C1 NAG Y . 1.40 -78.79 19.02
C2 NAG Y . 2.14 -80.11 18.82
C3 NAG Y . 1.20 -81.16 18.25
C4 NAG Y . -0.05 -81.29 19.11
C5 NAG Y . -0.70 -79.93 19.28
C6 NAG Y . -1.88 -79.95 20.24
C7 NAG Y . 4.56 -80.01 18.40
C8 NAG Y . 4.73 -80.29 19.87
N2 NAG Y . 3.30 -79.94 17.96
O3 NAG Y . 1.88 -82.41 18.18
O4 NAG Y . -0.97 -82.19 18.50
O5 NAG Y . 0.25 -79.00 19.83
O6 NAG Y . -1.72 -78.99 21.26
O7 NAG Y . 5.53 -79.85 17.66
C1 NAG Z . 24.21 -55.96 37.55
C2 NAG Z . 25.24 -56.95 38.07
C3 NAG Z . 26.33 -56.21 38.87
C4 NAG Z . 26.92 -55.07 38.05
C5 NAG Z . 25.81 -54.16 37.52
C6 NAG Z . 26.31 -53.08 36.60
C7 NAG Z . 24.45 -59.24 38.48
C8 NAG Z . 23.79 -60.17 39.45
N2 NAG Z . 24.63 -57.98 38.89
O3 NAG Z . 27.35 -57.13 39.23
O4 NAG Z . 27.80 -54.31 38.85
O5 NAG Z . 24.85 -54.95 36.78
O6 NAG Z . 25.23 -52.36 36.02
O7 NAG Z . 24.81 -59.61 37.37
C1 NAG Z . 29.16 -54.42 38.35
C2 NAG Z . 30.02 -53.38 39.06
C3 NAG Z . 31.47 -53.49 38.59
C4 NAG Z . 31.98 -54.92 38.75
C5 NAG Z . 31.02 -55.90 38.07
C6 NAG Z . 31.39 -57.35 38.29
C7 NAG Z . 29.26 -51.16 39.80
C8 NAG Z . 28.74 -49.82 39.39
N2 NAG Z . 29.51 -52.03 38.83
O3 NAG Z . 32.28 -52.59 39.35
O4 NAG Z . 33.27 -55.03 38.16
O5 NAG Z . 29.70 -55.73 38.59
O6 NAG Z . 31.37 -57.68 39.68
O7 NAG Z . 29.45 -51.45 40.98
C1 BMA Z . 34.28 -55.16 39.18
C2 BMA Z . 34.78 -56.62 39.19
C3 BMA Z . 35.99 -56.77 40.10
C4 BMA Z . 37.05 -55.72 39.79
C5 BMA Z . 36.42 -54.31 39.90
C6 BMA Z . 37.41 -53.21 39.59
O2 BMA Z . 35.17 -57.03 37.89
O3 BMA Z . 36.56 -58.08 39.98
O4 BMA Z . 38.13 -55.82 40.71
O5 BMA Z . 35.34 -54.25 38.94
O6 BMA Z . 36.79 -51.97 39.92
C1 NAG AA . 30.01 -35.32 46.40
C2 NAG AA . 31.10 -35.53 47.47
C3 NAG AA . 32.24 -34.53 47.25
C4 NAG AA . 32.75 -34.62 45.82
C5 NAG AA . 31.59 -34.47 44.83
C6 NAG AA . 31.98 -34.68 43.40
C7 NAG AA . 30.74 -36.31 49.77
C8 NAG AA . 30.08 -36.01 51.09
N2 NAG AA . 30.55 -35.40 48.82
O3 NAG AA . 33.30 -34.76 48.17
O4 NAG AA . 33.71 -33.60 45.59
O5 NAG AA . 30.58 -35.45 45.11
O6 NAG AA . 31.05 -34.06 42.52
O7 NAG AA . 31.41 -37.33 49.60
C1 NAG AA . 34.97 -34.14 45.10
C2 NAG AA . 35.95 -33.00 44.96
C3 NAG AA . 37.27 -33.50 44.40
C4 NAG AA . 37.81 -34.67 45.23
C5 NAG AA . 36.74 -35.73 45.45
C6 NAG AA . 37.16 -36.79 46.45
C7 NAG AA . 35.06 -32.05 42.84
C8 NAG AA . 34.52 -30.82 42.18
N2 NAG AA . 35.41 -31.92 44.13
O3 NAG AA . 38.21 -32.43 44.41
O4 NAG AA . 38.87 -35.29 44.52
O5 NAG AA . 35.53 -35.15 45.97
O6 NAG AA . 37.85 -36.23 47.56
O7 NAG AA . 35.20 -33.11 42.23
C1 BMA AA . 40.17 -34.83 44.93
C2 BMA AA . 40.93 -36.05 45.51
C3 BMA AA . 42.40 -35.72 45.72
C4 BMA AA . 43.00 -35.07 44.48
C5 BMA AA . 42.21 -33.82 44.10
C6 BMA AA . 42.74 -33.13 42.85
O2 BMA AA . 40.88 -37.14 44.60
O3 BMA AA . 43.16 -36.87 46.08
O4 BMA AA . 44.35 -34.71 44.71
O5 BMA AA . 40.85 -34.23 43.84
O6 BMA AA . 42.07 -31.90 42.69
C1 NAG BA . 16.26 -75.99 38.35
C2 NAG BA . 17.57 -76.76 38.19
C3 NAG BA . 17.65 -77.87 39.25
C4 NAG BA . 17.41 -77.32 40.64
C5 NAG BA . 16.12 -76.48 40.68
C6 NAG BA . 15.90 -75.76 41.99
C7 NAG BA . 18.56 -76.86 35.95
C8 NAG BA . 18.56 -77.55 34.62
N2 NAG BA . 17.70 -77.31 36.86
O3 NAG BA . 18.94 -78.48 39.18
O4 NAG BA . 17.29 -78.40 41.56
O5 NAG BA . 16.16 -75.47 39.66
O6 NAG BA . 15.28 -76.61 42.95
O7 NAG BA . 19.31 -75.92 36.20
C1 NAG BA . 18.17 -78.25 42.69
C2 NAG BA . 17.89 -79.40 43.66
C3 NAG BA . 18.80 -79.30 44.88
C4 NAG BA . 20.26 -79.23 44.43
C5 NAG BA . 20.45 -78.11 43.42
C6 NAG BA . 21.85 -78.05 42.85
C7 NAG BA . 15.81 -80.52 44.31
C8 NAG BA . 14.37 -80.34 44.72
N2 NAG BA . 16.49 -79.40 44.07
O3 NAG BA . 18.60 -80.43 45.71
O4 NAG BA . 21.10 -78.99 45.56
O5 NAG BA . 19.56 -78.28 42.31
O6 NAG BA . 22.14 -79.22 42.08
O7 NAG BA . 16.31 -81.63 44.20
C1 NAG CA . -2.79 -83.81 34.48
C2 NAG CA . -2.76 -84.46 33.12
C3 NAG CA . -4.07 -85.21 32.88
C4 NAG CA . -4.31 -86.23 33.98
C5 NAG CA . -4.26 -85.53 35.34
C6 NAG CA . -4.33 -86.51 36.50
C7 NAG CA . -1.86 -83.78 30.95
C8 NAG CA . -1.70 -82.67 29.97
N2 NAG CA . -2.52 -83.48 32.08
O3 NAG CA . -4.02 -85.84 31.60
O4 NAG CA . -5.61 -86.78 33.84
O5 NAG CA . -3.03 -84.82 35.49
O6 NAG CA . -3.27 -87.46 36.47
O7 NAG CA . -1.43 -84.91 30.73
C1 NAG CA . -5.62 -88.08 33.23
C2 NAG CA . -7.06 -88.60 33.32
C3 NAG CA . -7.16 -89.97 32.67
C4 NAG CA . -6.66 -89.91 31.23
C5 NAG CA . -5.22 -89.38 31.22
C6 NAG CA . -4.64 -89.25 29.83
C7 NAG CA . -8.70 -88.19 35.09
C8 NAG CA . -9.01 -88.33 36.55
N2 NAG CA . -7.51 -88.65 34.69
O3 NAG CA . -8.51 -90.42 32.70
O4 NAG CA . -6.69 -91.19 30.63
O5 NAG CA . -5.18 -88.09 31.84
O6 NAG CA . -4.41 -87.90 29.46
O7 NAG CA . -9.50 -87.70 34.30
C1 NAG DA . -29.07 54.04 19.63
C2 NAG DA . -29.72 55.41 19.46
C3 NAG DA . -30.71 55.40 18.29
C4 NAG DA . -30.02 54.92 17.03
C5 NAG DA . -29.43 53.54 17.27
C6 NAG DA . -28.67 52.99 16.09
C7 NAG DA . -30.10 56.98 21.32
C8 NAG DA . -29.06 57.85 20.68
N2 NAG DA . -30.38 55.83 20.68
O3 NAG DA . -31.24 56.71 18.11
O4 NAG DA . -30.92 54.90 15.93
O5 NAG DA . -28.49 53.62 18.36
O6 NAG DA . -27.87 53.99 15.46
O7 NAG DA . -30.68 57.30 22.35
C1 NAG DA . -30.50 55.93 15.01
C2 NAG DA . -31.24 55.77 13.68
C3 NAG DA . -30.84 56.86 12.71
C4 NAG DA . -31.02 58.23 13.34
C5 NAG DA . -30.31 58.30 14.69
C6 NAG DA . -30.56 59.60 15.43
C7 NAG DA . -31.96 53.52 12.99
C8 NAG DA . -31.54 52.22 12.38
N2 NAG DA . -31.01 54.44 13.11
O3 NAG DA . -31.61 56.76 11.52
O4 NAG DA . -30.50 59.24 12.48
O5 NAG DA . -30.75 57.24 15.54
O6 NAG DA . -31.89 60.05 15.23
O7 NAG DA . -33.11 53.72 13.37
C1 NAG EA . -2.62 40.52 6.10
C2 NAG EA . -2.12 41.36 4.92
C3 NAG EA . -1.63 40.45 3.79
C4 NAG EA . -0.59 39.46 4.31
C5 NAG EA . -1.16 38.69 5.51
C6 NAG EA . -0.15 37.77 6.15
C7 NAG EA . -4.32 41.89 3.93
C8 NAG EA . -5.23 43.00 3.49
N2 NAG EA . -3.15 42.28 4.43
O3 NAG EA . -1.04 41.24 2.76
O4 NAG EA . -0.24 38.54 3.28
O5 NAG EA . -1.58 39.62 6.52
O6 NAG EA . 0.88 38.49 6.78
O7 NAG EA . -4.64 40.71 3.82
C1 NAG EA . 1.14 38.72 2.90
C2 NAG EA . 1.73 37.34 2.57
C3 NAG EA . 3.20 37.50 2.14
C4 NAG EA . 3.32 38.50 1.02
C5 NAG EA . 2.65 39.82 1.39
C6 NAG EA . 2.62 40.81 0.25
C7 NAG EA . 1.47 35.11 3.57
C8 NAG EA . 1.37 34.33 4.84
N2 NAG EA . 1.62 36.44 3.70
O3 NAG EA . 3.69 36.22 1.73
O4 NAG EA . 4.70 38.77 0.76
O5 NAG EA . 1.29 39.58 1.77
O6 NAG EA . 3.82 41.56 0.19
O7 NAG EA . 1.42 34.58 2.46
C1 BMA EA . 5.15 38.14 -0.46
C2 BMA EA . 6.06 39.19 -1.19
C3 BMA EA . 6.96 38.54 -2.26
C4 BMA EA . 7.55 37.21 -1.77
C5 BMA EA . 6.43 36.30 -1.31
C6 BMA EA . 6.94 34.93 -0.88
O2 BMA EA . 6.94 39.82 -0.27
O3 BMA EA . 8.02 39.42 -2.65
O4 BMA EA . 8.27 36.58 -2.83
O5 BMA EA . 5.81 36.92 -0.18
O6 BMA EA . 8.11 34.63 -1.62
C1 MAN EA . 7.79 39.91 -3.99
C2 MAN EA . 8.45 38.93 -4.97
C3 MAN EA . 9.97 38.95 -4.77
C4 MAN EA . 10.51 40.38 -4.87
C5 MAN EA . 9.77 41.30 -3.88
C6 MAN EA . 10.16 42.75 -4.02
O2 MAN EA . 8.24 39.33 -6.32
O3 MAN EA . 10.63 38.10 -5.70
O4 MAN EA . 11.89 40.39 -4.57
O5 MAN EA . 8.34 41.21 -4.11
O6 MAN EA . 9.53 43.49 -2.99
C1 NAG FA . -32.78 18.20 30.68
C2 NAG FA . -32.64 18.63 32.17
C3 NAG FA . -33.62 17.85 33.05
C4 NAG FA . -35.04 17.96 32.51
C5 NAG FA . -35.06 17.46 31.08
C6 NAG FA . -36.43 17.56 30.43
C7 NAG FA . -30.79 18.97 33.76
C8 NAG FA . -29.36 18.66 34.07
N2 NAG FA . -31.27 18.44 32.63
O3 NAG FA . -33.57 18.35 34.38
O4 NAG FA . -35.92 17.19 33.33
O5 NAG FA . -34.17 18.24 30.29
O6 NAG FA . -36.67 18.88 29.95
O7 NAG FA . -31.48 19.67 34.49
C1 NAG FA . -36.99 18.03 33.85
C2 NAG FA . -38.22 17.15 34.11
C3 NAG FA . -39.35 17.99 34.69
C4 NAG FA . -38.87 18.72 35.94
C5 NAG FA . -37.61 19.53 35.63
C6 NAG FA . -37.02 20.19 36.85
C7 NAG FA . -39.23 15.30 32.86
C8 NAG FA . -39.61 14.77 31.51
N2 NAG FA . -38.65 16.50 32.88
O3 NAG FA . -40.45 17.14 35.01
O4 NAG FA . -39.89 19.60 36.41
O5 NAG FA . -36.60 18.67 35.10
O6 NAG FA . -38.04 20.67 37.73
O7 NAG FA . -39.43 14.65 33.89
C1 NAG GA . 43.24 26.19 7.92
C2 NAG GA . 44.37 25.19 8.15
C3 NAG GA . 44.76 25.18 9.63
C4 NAG GA . 45.05 26.58 10.12
C5 NAG GA . 43.93 27.55 9.74
C6 NAG GA . 44.25 29.00 10.06
C7 NAG GA . 44.70 23.15 6.82
C8 NAG GA . 44.15 21.79 6.48
N2 NAG GA . 43.99 23.86 7.70
O3 NAG GA . 45.89 24.34 9.80
O4 NAG GA . 45.17 26.56 11.54
O5 NAG GA . 43.65 27.48 8.34
O6 NAG GA . 45.61 29.29 9.80
O7 NAG GA . 45.73 23.58 6.32
C1 NAG GA . 46.49 26.95 11.97
C2 NAG GA . 46.52 26.89 13.51
C3 NAG GA . 47.91 27.21 14.05
C4 NAG GA . 48.97 26.36 13.37
C5 NAG GA . 48.84 26.48 11.85
C6 NAG GA . 49.81 25.59 11.10
C7 NAG GA . 45.27 29.02 14.12
C8 NAG GA . 46.23 29.85 13.31
N2 NAG GA . 45.48 27.68 14.16
O3 NAG GA . 47.93 26.98 15.46
O4 NAG GA . 50.26 26.77 13.77
O5 NAG GA . 47.52 26.11 11.43
O6 NAG GA . 51.09 25.60 11.71
O7 NAG GA . 44.34 29.52 14.72
C1 NAG HA . 40.70 48.08 -5.49
C2 NAG HA . 40.05 46.87 -4.81
C3 NAG HA . 39.36 47.29 -3.52
C4 NAG HA . 40.33 48.03 -2.62
C5 NAG HA . 40.94 49.21 -3.38
C6 NAG HA . 41.99 49.95 -2.57
C7 NAG HA . 38.78 44.91 -5.59
C8 NAG HA . 37.79 44.39 -6.59
N2 NAG HA . 39.11 46.20 -5.70
O3 NAG HA . 38.85 46.12 -2.87
O4 NAG HA . 39.66 48.51 -1.45
O5 NAG HA . 41.58 48.73 -4.57
O6 NAG HA . 43.03 50.43 -3.42
O7 NAG HA . 39.25 44.20 -4.70
C1 NAG HA . 39.89 47.60 -0.36
C2 NAG HA . 40.23 48.38 0.91
C3 NAG HA . 40.40 47.43 2.09
C4 NAG HA . 39.18 46.53 2.23
C5 NAG HA . 38.88 45.83 0.91
C6 NAG HA . 37.61 45.02 0.95
C7 NAG HA . 41.68 50.30 1.41
C8 NAG HA . 42.97 51.00 1.09
N2 NAG HA . 41.43 49.18 0.72
O3 NAG HA . 40.60 48.17 3.28
O4 NAG HA . 39.41 45.55 3.24
O5 NAG HA . 38.72 46.80 -0.14
O6 NAG HA . 36.46 45.85 0.99
O7 NAG HA . 40.90 50.73 2.25
C1 NAG IA . 21.35 -41.65 60.89
C2 NAG IA . 21.82 -43.07 61.12
C3 NAG IA . 22.44 -43.19 62.51
C4 NAG IA . 23.51 -42.13 62.73
C5 NAG IA . 23.01 -40.74 62.32
C6 NAG IA . 24.11 -39.70 62.31
C7 NAG IA . 20.70 -44.95 60.00
C8 NAG IA . 19.50 -45.84 59.98
N2 NAG IA . 20.73 -44.02 60.97
O3 NAG IA . 23.01 -44.50 62.67
O4 NAG IA . 23.85 -42.09 64.11
O5 NAG IA . 22.45 -40.77 61.00
O6 NAG IA . 25.32 -40.24 61.81
O7 NAG IA . 21.61 -45.07 59.18
C1 NAG IA . 25.21 -42.53 64.31
C2 NAG IA . 25.52 -42.39 65.80
C3 NAG IA . 26.94 -42.88 66.08
C4 NAG IA . 27.13 -44.31 65.55
C5 NAG IA . 26.73 -44.37 64.08
C6 NAG IA . 26.76 -45.78 63.53
C7 NAG IA . 24.55 -40.65 67.23
C8 NAG IA . 23.78 -41.76 67.89
N2 NAG IA . 25.36 -41.02 66.24
O3 NAG IA . 27.17 -42.85 67.47
O4 NAG IA . 28.48 -44.70 65.70
O5 NAG IA . 25.38 -43.90 63.91
O6 NAG IA . 25.51 -46.14 62.93
O7 NAG IA . 24.43 -39.49 67.59
C1 NAG JA . -10.75 -32.85 62.34
C2 NAG JA . -10.90 -33.07 63.84
C3 NAG JA . -12.35 -32.83 64.27
C4 NAG JA . -12.83 -31.45 63.81
C5 NAG JA . -12.60 -31.31 62.30
C6 NAG JA . -12.94 -29.95 61.77
C7 NAG JA . -9.87 -34.69 65.38
C8 NAG JA . -9.50 -36.13 65.59
N2 NAG JA . -10.48 -34.41 64.22
O3 NAG JA . -12.45 -32.92 65.69
O4 NAG JA . -14.21 -31.31 64.09
O5 NAG JA . -11.22 -31.54 62.00
O6 NAG JA . -12.31 -29.69 60.53
O7 NAG JA . -9.61 -33.83 66.20
C1 NAG JA . -14.42 -30.18 64.98
C2 NAG JA . -15.85 -29.67 64.78
C3 NAG JA . -16.13 -28.50 65.71
C4 NAG JA . -15.82 -28.89 67.15
C5 NAG JA . -14.40 -29.44 67.26
C6 NAG JA . -14.06 -29.96 68.64
C7 NAG JA . -17.09 -29.76 62.66
C8 NAG JA . -17.17 -29.25 61.25
N2 NAG JA . -16.08 -29.29 63.39
O3 NAG JA . -17.50 -28.12 65.59
O4 NAG JA . -15.95 -27.75 68.00
O5 NAG JA . -14.23 -30.53 66.35
O6 NAG JA . -14.81 -31.11 68.96
O7 NAG JA . -17.90 -30.57 63.11
C1 BMA JA . -17.14 -27.86 68.80
C2 BMA JA . -16.72 -28.07 70.27
C3 BMA JA . -17.94 -28.00 71.19
C4 BMA JA . -18.80 -26.77 70.90
C5 BMA JA . -19.17 -26.72 69.41
C6 BMA JA . -19.99 -25.50 69.04
O2 BMA JA . -15.83 -27.04 70.70
O3 BMA JA . -17.57 -28.02 72.56
O4 BMA JA . -19.98 -26.80 71.69
O5 BMA JA . -17.95 -26.69 68.65
O6 BMA JA . -20.48 -25.68 67.72
C1 NAG KA . -30.30 -27.72 51.38
C2 NAG KA . -31.48 -28.00 52.31
C3 NAG KA . -32.52 -26.88 52.19
C4 NAG KA . -31.88 -25.52 52.39
C5 NAG KA . -30.68 -25.35 51.45
C6 NAG KA . -29.90 -24.08 51.69
C7 NAG KA . -32.40 -30.18 52.97
C8 NAG KA . -33.01 -31.46 52.48
N2 NAG KA . -32.08 -29.29 52.02
O3 NAG KA . -33.55 -27.08 53.15
O4 NAG KA . -32.86 -24.50 52.12
O5 NAG KA . -29.77 -26.44 51.66
O6 NAG KA . -28.86 -23.92 50.72
O7 NAG KA . -32.20 -29.96 54.16
C1 NAG KA . -32.88 -23.48 53.13
C2 NAG KA . -33.80 -22.35 52.64
C3 NAG KA . -33.82 -21.21 53.65
C4 NAG KA . -34.15 -21.72 55.06
C5 NAG KA . -33.29 -22.94 55.42
C6 NAG KA . -33.74 -23.60 56.71
C7 NAG KA . -32.23 -21.29 51.04
C8 NAG KA . -32.03 -20.88 49.62
N2 NAG KA . -33.40 -21.87 51.33
O3 NAG KA . -34.78 -20.25 53.23
O4 NAG KA . -33.86 -20.71 56.01
O5 NAG KA . -33.36 -23.94 54.40
O6 NAG KA . -35.09 -24.01 56.64
O7 NAG KA . -31.37 -21.12 51.90
C1 BMA KA . -34.98 -19.83 56.27
C2 BMA KA . -35.33 -19.95 57.77
C3 BMA KA . -36.32 -18.85 58.18
C4 BMA KA . -35.87 -17.48 57.68
C5 BMA KA . -35.66 -17.52 56.17
C6 BMA KA . -35.19 -16.19 55.62
O2 BMA KA . -34.17 -19.75 58.57
O3 BMA KA . -36.53 -18.82 59.59
O4 BMA KA . -36.85 -16.50 58.01
O5 BMA KA . -34.66 -18.50 55.89
O6 BMA KA . -35.60 -16.11 54.25
C1 NAG LA . 2.69 -46.15 73.28
C2 NAG LA . 2.53 -45.55 74.67
C3 NAG LA . 2.29 -46.66 75.70
C4 NAG LA . 1.13 -47.56 75.28
C5 NAG LA . 1.34 -48.04 73.84
C6 NAG LA . 0.14 -48.80 73.29
C7 NAG LA . 3.67 -43.42 75.11
C8 NAG LA . 4.96 -42.78 75.49
N2 NAG LA . 3.69 -44.76 75.03
O3 NAG LA . 2.01 -46.07 76.97
O4 NAG LA . 1.10 -48.69 76.15
O5 NAG LA . 1.53 -46.92 72.97
O6 NAG LA . 0.19 -50.18 73.68
O7 NAG LA . 2.66 -42.77 74.86
C1 NAG LA . -0.21 -48.89 76.72
C2 NAG LA . -0.18 -50.18 77.54
C3 NAG LA . -1.54 -50.43 78.17
C4 NAG LA . -1.99 -49.22 78.97
C5 NAG LA . -1.93 -47.96 78.11
C6 NAG LA . -2.24 -46.70 78.89
C7 NAG LA . 0.93 -52.33 77.18
C8 NAG LA . 1.26 -53.42 76.20
N2 NAG LA . 0.22 -51.31 76.71
O3 NAG LA . -1.47 -51.58 79.02
O4 NAG LA . -3.32 -49.40 79.44
O5 NAG LA . -0.62 -47.79 77.56
O6 NAG LA . -1.25 -46.43 79.87
O7 NAG LA . 1.30 -52.39 78.36
C1 NAG MA . 18.78 -58.51 67.81
C2 NAG MA . 20.06 -57.68 67.96
C3 NAG MA . 21.27 -58.51 67.51
C4 NAG MA . 21.31 -59.84 68.25
C5 NAG MA . 19.97 -60.56 68.12
C6 NAG MA . 19.90 -61.82 68.96
C7 NAG MA . 20.67 -55.34 67.53
C8 NAG MA . 20.46 -54.15 66.64
N2 NAG MA . 19.99 -56.44 67.20
O3 NAG MA . 22.47 -57.77 67.77
O4 NAG MA . 22.32 -60.66 67.68
O5 NAG MA . 18.91 -59.71 68.56
O6 NAG MA . 19.32 -61.56 70.23
O7 NAG MA . 21.42 -55.31 68.50
C1 NAG MA . 23.45 -60.74 68.56
C2 NAG MA . 24.40 -61.82 68.02
C3 NAG MA . 25.65 -61.90 68.89
C4 NAG MA . 26.30 -60.53 69.02
C5 NAG MA . 25.29 -59.51 69.52
C6 NAG MA . 25.82 -58.10 69.56
C7 NAG MA . 23.62 -63.81 66.83
C8 NAG MA . 22.90 -65.13 66.95
N2 NAG MA . 23.74 -63.11 67.97
O3 NAG MA . 26.57 -62.82 68.32
O4 NAG MA . 27.40 -60.59 69.95
O5 NAG MA . 24.14 -59.49 68.65
O6 NAG MA . 25.14 -57.26 68.66
O7 NAG MA . 24.08 -63.41 65.77
C1 NAG NA . -45.35 -13.28 -21.95
C2 NAG NA . -45.14 -13.00 -20.47
C3 NAG NA . -46.18 -13.74 -19.64
C4 NAG NA . -47.58 -13.41 -20.12
C5 NAG NA . -47.70 -13.65 -21.63
C6 NAG NA . -49.02 -13.21 -22.20
C7 NAG NA . -42.95 -12.50 -19.49
C8 NAG NA . -43.45 -11.10 -19.29
N2 NAG NA . -43.79 -13.36 -20.06
O3 NAG NA . -46.02 -13.39 -18.26
O4 NAG NA . -48.52 -14.22 -19.44
O5 NAG NA . -46.68 -12.92 -22.32
O6 NAG NA . -48.84 -12.30 -23.28
O7 NAG NA . -41.81 -12.83 -19.15
C1 NAG OA . -18.83 13.89 -47.78
C2 NAG OA . -19.33 15.29 -47.46
C3 NAG OA . -18.56 15.85 -46.27
C4 NAG OA . -18.66 14.89 -45.09
C5 NAG OA . -18.25 13.48 -45.50
C6 NAG OA . -18.46 12.45 -44.41
C7 NAG OA . -20.33 16.61 -49.27
C8 NAG OA . -20.07 17.53 -50.43
N2 NAG OA . -19.25 16.18 -48.60
O3 NAG OA . -19.09 17.11 -45.92
O4 NAG OA . -17.80 15.34 -44.04
O5 NAG OA . -19.00 13.05 -46.65
O6 NAG OA . -19.78 12.53 -43.87
O7 NAG OA . -21.46 16.27 -48.96
C1 NAG PA . -28.50 -38.29 -4.99
C2 NAG PA . -28.01 -39.72 -5.21
C3 NAG PA . -28.10 -40.50 -3.91
C4 NAG PA . -27.36 -39.76 -2.80
C5 NAG PA . -27.81 -38.30 -2.72
C6 NAG PA . -26.98 -37.48 -1.75
C7 NAG PA . -30.06 -40.60 -6.28
C8 NAG PA . -30.61 -41.32 -7.47
N2 NAG PA . -28.74 -40.40 -6.27
O3 NAG PA . -27.53 -41.79 -4.09
O4 NAG PA . -27.60 -40.40 -1.55
O5 NAG PA . -27.70 -37.66 -4.00
O6 NAG PA . -26.04 -38.31 -1.06
O7 NAG PA . -30.79 -40.23 -5.35
C1 NAG QA . -42.47 -6.38 12.48
C2 NAG QA . -42.52 -6.24 14.01
C3 NAG QA . -43.97 -6.15 14.48
C4 NAG QA . -44.71 -5.05 13.75
C5 NAG QA . -44.59 -5.25 12.23
C6 NAG QA . -45.20 -4.12 11.43
C7 NAG QA . -40.53 -7.33 14.93
C8 NAG QA . -39.98 -8.55 15.61
N2 NAG QA . -41.83 -7.34 14.66
O3 NAG QA . -44.00 -5.91 15.88
O4 NAG QA . -46.09 -5.06 14.11
O5 NAG QA . -43.20 -5.31 11.87
O6 NAG QA . -44.62 -2.87 11.78
O7 NAG QA . -39.81 -6.38 14.64
C1 NAG RA . -48.24 -26.78 16.47
C2 NAG RA . -49.55 -26.75 15.67
C3 NAG RA . -50.42 -25.55 16.07
C4 NAG RA . -50.58 -25.53 17.59
C5 NAG RA . -49.20 -25.56 18.25
C6 NAG RA . -49.27 -25.48 19.75
C7 NAG RA . -48.74 -25.82 13.52
C8 NAG RA . -48.65 -26.07 12.05
N2 NAG RA . -49.33 -26.79 14.23
O3 NAG RA . -51.68 -25.65 15.43
O4 NAG RA . -51.30 -24.36 17.94
O5 NAG RA . -48.53 -26.78 17.88
O6 NAG RA . -50.30 -24.55 20.10
O7 NAG RA . -48.30 -24.81 14.04
C1 NAG SA . -34.71 -53.08 39.21
C2 NAG SA . -35.84 -53.22 38.18
C3 NAG SA . -37.20 -53.02 38.82
C4 NAG SA . -37.28 -53.83 40.10
C5 NAG SA . -36.32 -53.25 41.13
C6 NAG SA . -35.68 -54.29 42.02
C7 NAG SA . -35.64 -50.98 37.14
C8 NAG SA . -35.43 -50.24 35.85
N2 NAG SA . -35.65 -52.32 37.05
O3 NAG SA . -38.22 -53.42 37.92
O4 NAG SA . -38.61 -53.79 40.63
O5 NAG SA . -35.25 -52.53 40.47
O6 NAG SA . -35.71 -55.58 41.41
O7 NAG SA . -35.78 -50.39 38.21
C1 NAG TA . 45.22 -17.21 -21.02
C2 NAG TA . 44.01 -18.11 -20.70
C3 NAG TA . 44.45 -19.56 -20.57
C4 NAG TA . 45.21 -19.98 -21.82
C5 NAG TA . 46.34 -18.98 -22.12
C6 NAG TA . 47.06 -19.28 -23.42
C7 NAG TA . 42.03 -17.27 -19.50
C8 NAG TA . 41.33 -17.33 -20.83
N2 NAG TA . 43.31 -17.65 -19.50
O3 NAG TA . 43.30 -20.37 -20.38
O4 NAG TA . 45.77 -21.27 -21.63
O5 NAG TA . 45.82 -17.64 -22.22
O6 NAG TA . 47.45 -18.08 -24.06
O7 NAG TA . 41.46 -16.90 -18.49
C1 NAG UA . 35.99 26.66 -27.36
C2 NAG UA . 35.07 26.84 -28.57
C3 NAG UA . 33.61 26.70 -28.16
C4 NAG UA . 33.41 25.36 -27.46
C5 NAG UA . 34.36 25.26 -26.26
C6 NAG UA . 34.27 23.94 -25.54
C7 NAG UA . 35.92 28.27 -30.39
C8 NAG UA . 36.07 29.66 -30.91
N2 NAG UA . 35.30 28.13 -29.22
O3 NAG UA . 32.76 26.80 -29.29
O4 NAG UA . 32.06 25.25 -27.02
O5 NAG UA . 35.70 25.41 -26.72
O6 NAG UA . 33.69 22.93 -26.36
O7 NAG UA . 36.34 27.30 -31.02
C1 NAG VA . 37.48 -28.56 11.58
C2 NAG VA . 38.15 -28.49 12.94
C3 NAG VA . 37.79 -29.71 13.77
C4 NAG VA . 36.28 -29.88 13.84
C5 NAG VA . 35.66 -29.85 12.44
C6 NAG VA . 34.15 -29.85 12.45
C7 NAG VA . 40.40 -29.22 12.23
C8 NAG VA . 41.86 -28.86 12.23
N2 NAG VA . 39.59 -28.34 12.83
O3 NAG VA . 38.32 -29.58 15.09
O4 NAG VA . 35.95 -31.12 14.46
O5 NAG VA . 36.06 -28.65 11.74
O6 NAG VA . 33.64 -29.12 13.56
O7 NAG VA . 39.99 -30.24 11.70
C1 NAG WA . 15.50 -36.94 -20.12
C2 NAG WA . 14.34 -37.94 -20.06
C3 NAG WA . 14.63 -39.14 -20.97
C4 NAG WA . 14.97 -38.68 -22.38
C5 NAG WA . 16.12 -37.67 -22.33
C6 NAG WA . 16.44 -37.08 -23.69
C7 NAG WA . 13.26 -37.74 -17.88
C8 NAG WA . 13.11 -38.33 -16.51
N2 NAG WA . 14.07 -38.38 -18.71
O3 NAG WA . 13.50 -40.00 -21.00
O4 NAG WA . 15.36 -39.80 -23.18
O5 NAG WA . 15.76 -36.58 -21.48
O6 NAG WA . 15.33 -36.38 -24.23
O7 NAG WA . 12.66 -36.71 -18.22
C1 NAG XA . 25.64 -51.95 -7.63
C2 NAG XA . 26.65 -52.08 -8.76
C3 NAG XA . 25.92 -52.33 -10.07
C4 NAG XA . 24.98 -53.52 -9.92
C5 NAG XA . 24.13 -53.42 -8.65
C6 NAG XA . 23.35 -54.69 -8.38
C7 NAG XA . 27.16 -49.66 -8.99
C8 NAG XA . 28.25 -48.65 -9.06
N2 NAG XA . 27.54 -50.93 -8.85
O3 NAG XA . 26.88 -52.58 -11.10
O4 NAG XA . 24.12 -53.57 -11.05
O5 NAG XA . 24.93 -53.15 -7.48
O6 NAG XA . 22.43 -54.95 -9.43
O7 NAG XA . 25.96 -49.34 -9.04
C1 NAG YA . 16.20 -68.73 23.98
C2 NAG YA . 17.62 -68.65 23.38
C3 NAG YA . 17.89 -69.83 22.46
C4 NAG YA . 17.43 -71.11 23.12
C5 NAG YA . 15.91 -71.11 23.24
C6 NAG YA . 15.40 -71.80 24.48
C7 NAG YA . 17.15 -66.97 21.62
C8 NAG YA . 17.55 -65.63 21.06
N2 NAG YA . 17.84 -67.38 22.70
O3 NAG YA . 19.28 -69.90 22.17
O4 NAG YA . 17.84 -72.24 22.36
O5 NAG YA . 15.41 -69.76 23.26
O6 NAG YA . 16.40 -71.86 25.49
O7 NAG YA . 16.26 -67.64 21.13
C1 NAG ZA . 0.95 34.56 39.03
C2 NAG ZA . 1.91 33.39 38.82
C3 NAG ZA . 2.50 32.95 40.16
C4 NAG ZA . 3.13 34.13 40.89
C5 NAG ZA . 2.11 35.27 41.01
C6 NAG ZA . 2.71 36.51 41.63
C7 NAG ZA . 1.68 31.75 37.01
C8 NAG ZA . 2.92 32.36 36.42
N2 NAG ZA . 1.24 32.29 38.15
O3 NAG ZA . 3.47 31.94 39.93
O4 NAG ZA . 3.55 33.73 42.18
O5 NAG ZA . 1.63 35.63 39.72
O6 NAG ZA . 2.59 37.62 40.75
O7 NAG ZA . 1.10 30.81 36.47
C1 NAG AB . -11.48 51.93 -1.73
C2 NAG AB . -10.21 52.32 -2.47
C3 NAG AB . -9.74 51.18 -3.36
C4 NAG AB . -9.59 49.90 -2.53
C5 NAG AB . -10.87 49.60 -1.79
C6 NAG AB . -10.74 48.42 -0.85
C7 NAG AB . -10.21 54.76 -2.78
C8 NAG AB . -10.47 55.89 -3.73
N2 NAG AB . -10.42 53.54 -3.26
O3 NAG AB . -8.50 51.52 -3.97
O4 NAG AB . -9.26 48.81 -3.39
O5 NAG AB . -11.25 50.73 -0.97
O6 NAG AB . -9.65 48.59 0.05
O7 NAG AB . -9.84 54.95 -1.63
C1 NAG BB . -12.40 3.65 46.80
C2 NAG BB . -13.71 3.11 47.37
C3 NAG BB . -13.43 1.85 48.19
C4 NAG BB . -12.66 0.83 47.36
C5 NAG BB . -11.42 1.48 46.74
C6 NAG BB . -10.70 0.56 45.78
C7 NAG BB . -13.92 4.70 49.24
C8 NAG BB . -14.82 5.71 49.90
N2 NAG BB . -14.42 4.10 48.16
O3 NAG BB . -14.67 1.29 48.62
O4 NAG BB . -12.25 -0.25 48.19
O5 NAG BB . -11.78 2.65 45.99
O6 NAG BB . -11.60 -0.31 45.12
O7 NAG BB . -12.80 4.46 49.68
C1 NAG CB . 24.96 9.10 36.04
C2 NAG CB . 26.02 8.00 36.10
C3 NAG CB . 27.11 8.35 37.11
C4 NAG CB . 27.70 9.72 36.79
C5 NAG CB . 26.59 10.76 36.71
C6 NAG CB . 27.09 12.13 36.29
C7 NAG CB . 24.94 5.87 35.53
C8 NAG CB . 24.35 4.60 36.06
N2 NAG CB . 25.41 6.72 36.44
O3 NAG CB . 28.13 7.36 37.06
O4 NAG CB . 28.64 10.09 37.79
O5 NAG CB . 25.60 10.36 35.75
O6 NAG CB . 27.68 12.08 35.00
O7 NAG CB . 24.98 6.12 34.32
C1 NAG DB . 18.65 1.48 54.87
C2 NAG DB . 18.79 2.86 55.54
C3 NAG DB . 20.09 3.53 55.10
C4 NAG DB . 21.28 2.61 55.33
C5 NAG DB . 21.03 1.26 54.67
C6 NAG DB . 22.13 0.25 54.95
C7 NAG DB . 17.24 4.10 54.06
C8 NAG DB . 16.03 4.98 54.02
N2 NAG DB . 17.64 3.70 55.28
O3 NAG DB . 20.26 4.74 55.83
O4 NAG DB . 22.46 3.20 54.78
O5 NAG DB . 19.81 0.69 55.15
O6 NAG DB . 23.41 0.80 54.71
O7 NAG DB . 17.84 3.78 53.04
C1 NAG EB . 9.14 -33.39 65.82
C2 NAG EB . 8.90 -32.08 66.60
C3 NAG EB . 10.05 -31.78 67.54
C4 NAG EB . 10.45 -33.06 68.27
C5 NAG EB . 11.07 -34.02 67.28
C6 NAG EB . 10.80 -35.48 67.62
C7 NAG EB . 9.55 -30.49 64.81
C8 NAG EB . 9.09 -29.32 63.99
N2 NAG EB . 8.65 -30.95 65.69
O3 NAG EB . 9.66 -30.78 68.47
O4 NAG EB . 11.39 -32.75 69.29
O5 NAG EB . 10.56 -33.79 65.95
O6 NAG EB . 9.64 -35.61 68.43
O7 NAG EB . 10.66 -30.98 64.67
#